data_9DTY
#
_entry.id   9DTY
#
_cell.length_a   183.960
_cell.length_b   203.630
_cell.length_c   206.950
_cell.angle_alpha   90.000
_cell.angle_beta   90.000
_cell.angle_gamma   90.000
#
_symmetry.space_group_name_H-M   'P 21 21 2'
#
loop_
_entity.id
_entity.type
_entity.pdbx_description
1 polymer 'Isoform Short of Probable global transcription activator SNF2L2'
2 polymer 'von Hippel-Lindau disease tumor suppressor'
3 polymer Elongin-C
4 polymer Elongin-B
5 non-polymer "(4R)-4-hydroxy-1-[(2R)-2-(3-{[(2S)-1-{(3R)-3-[(2M,6aS,11S)-2-(2-hydroxyphenyl)-5,6,6a,7,9,10-hexahydro-8H-pyrazino[1',2':4,5]pyrazino[2,3-c]pyridazin-8-yl]pyrrolidin-1-yl}propan-2-yl]oxy}-1,2-oxazol-5-yl)-3-methylbutanoyl]-N-{(1S)-1-[4-(4-methyl-1,3-thiazol-5-yl)phenyl]ethyl}-L-prolinamide"
6 non-polymer 'CITRIC ACID'
7 non-polymer 'ACETATE ION'
8 water water
#
loop_
_entity_poly.entity_id
_entity_poly.type
_entity_poly.pdbx_seq_one_letter_code
_entity_poly.pdbx_strand_id
1 'polypeptide(L)'
;SAEKLSPNPPKLTKQMNAIIDTVINYKDSSGRQLSEVFIQLPSRKELPEYYELIRKPVDFKKIKERIRNHKYRSLGDLEK
DVMLLCHNAQTFNLEGSQIYEDSIVLQSVFKSARQKIAKE
;
A,E,I,M,Q,U,Y,c,g,k
2 'polypeptide(L)'
;GMEAGRPRPVLRSVNSREPSQVIFCNRSPRVVLPVWLNFDGEPQPYPTLPPGTGRRIHSYRGHLWLFRDAGTHDGLLVNQ
TELFVPSLNVDGQPIFANITLPVYTLKERCLQVVRSLVKPENYRRLDIVRSLYEDLEDHPNVQKDLERLTQERIAHQRMG
D
;
B,F,J,N,R,V,Z,d,h,l
3 'polypeptide(L)'
;MYVKLISSDGHEFIVKREHALTSGTIKAMLSGPGQFAENETNEVNFREIPSHVLSKVCMYFTYKVRYTNSSTEIPEFPIA
PEIALELLMAANFLDC
;
C,G,K,O,S,W,a,e,i,m
4 'polypeptide(L)'
;MDVFLMIRRHKTTIFTDAKESSTVFELKRIVEGILKRPPDEQRLYKDDQLLDDGKTLGECGFTSQTARPQAPATVGLAFR
ADDTFEALCIEPFSSPPELPDVMK
;
D,H,L,P,T,X,b,f,j,n
#
# COMPACT_ATOMS: atom_id res chain seq x y z
N LEU A 12 25.87 42.08 -28.69
CA LEU A 12 24.84 41.42 -29.56
C LEU A 12 24.87 39.89 -29.29
N THR A 13 26.06 39.27 -29.34
CA THR A 13 26.12 37.78 -29.19
C THR A 13 25.55 37.45 -27.81
N LYS A 14 25.87 38.26 -26.80
CA LYS A 14 25.38 38.06 -25.40
C LYS A 14 23.85 38.15 -25.42
N GLN A 15 23.27 39.12 -26.12
CA GLN A 15 21.79 39.31 -26.20
C GLN A 15 21.21 38.11 -26.96
N MET A 16 21.92 37.65 -28.01
CA MET A 16 21.44 36.50 -28.82
C MET A 16 21.48 35.32 -27.86
N ASN A 17 22.53 35.19 -27.04
CA ASN A 17 22.61 34.07 -26.04
C ASN A 17 21.45 34.28 -25.05
N ALA A 18 21.16 35.52 -24.64
CA ALA A 18 20.11 35.74 -23.61
C ALA A 18 18.78 35.33 -24.26
N ILE A 19 18.44 35.96 -25.39
CA ILE A 19 17.13 35.68 -26.08
C ILE A 19 17.01 34.16 -26.26
N ILE A 20 18.03 33.48 -26.80
CA ILE A 20 17.91 32.03 -27.17
C ILE A 20 17.89 31.17 -25.88
N ASP A 21 18.66 31.58 -24.83
CA ASP A 21 18.72 30.81 -23.55
C ASP A 21 17.42 31.02 -22.75
N THR A 22 16.79 32.19 -22.80
CA THR A 22 15.48 32.47 -22.11
C THR A 22 14.38 31.57 -22.71
N VAL A 23 14.34 31.41 -24.03
CA VAL A 23 13.31 30.58 -24.75
C VAL A 23 13.48 29.10 -24.36
N ILE A 24 14.72 28.63 -24.24
CA ILE A 24 15.07 27.21 -23.89
C ILE A 24 14.75 26.96 -22.41
N ASN A 25 15.25 27.82 -21.51
CA ASN A 25 15.12 27.70 -20.03
C ASN A 25 13.65 27.90 -19.61
N TYR A 26 12.83 28.48 -20.48
CA TYR A 26 11.40 28.85 -20.19
C TYR A 26 10.61 27.59 -19.84
N LYS A 27 10.05 27.57 -18.62
CA LYS A 27 9.11 26.55 -18.11
C LYS A 27 7.71 27.16 -18.04
N ASP A 28 6.66 26.38 -18.37
CA ASP A 28 5.24 26.80 -18.29
C ASP A 28 4.79 26.69 -16.82
N SER A 29 3.50 26.87 -16.55
CA SER A 29 2.93 27.06 -15.18
C SER A 29 2.64 25.71 -14.49
N SER A 30 3.14 24.59 -15.03
CA SER A 30 3.16 23.26 -14.37
C SER A 30 4.61 22.82 -14.05
N GLY A 31 5.60 23.64 -14.43
CA GLY A 31 7.03 23.45 -14.08
C GLY A 31 7.83 22.75 -15.19
N ARG A 32 7.15 22.26 -16.25
CA ARG A 32 7.77 21.49 -17.35
C ARG A 32 8.42 22.45 -18.37
N GLN A 33 9.64 22.12 -18.81
CA GLN A 33 10.42 22.86 -19.84
C GLN A 33 9.91 22.43 -21.22
N LEU A 34 9.57 23.41 -22.09
CA LEU A 34 8.94 23.16 -23.42
C LEU A 34 9.98 22.76 -24.46
N SER A 35 11.17 23.37 -24.40
CA SER A 35 12.27 23.24 -25.41
C SER A 35 12.91 21.85 -25.39
N GLU A 36 12.65 21.04 -24.36
CA GLU A 36 13.19 19.66 -24.13
C GLU A 36 13.10 18.82 -25.41
N VAL A 37 12.04 18.96 -26.20
CA VAL A 37 11.86 18.22 -27.48
C VAL A 37 12.58 19.01 -28.58
N PHE A 38 12.57 20.34 -28.49
CA PHE A 38 13.13 21.22 -29.56
C PHE A 38 14.64 21.36 -29.43
N ILE A 39 15.27 20.65 -28.47
CA ILE A 39 16.75 20.81 -28.20
C ILE A 39 17.50 20.22 -29.40
N GLN A 40 17.30 18.93 -29.73
CA GLN A 40 18.00 18.22 -30.82
C GLN A 40 16.95 17.48 -31.68
N LEU A 41 17.07 17.64 -32.99
CA LEU A 41 16.20 16.99 -33.99
C LEU A 41 16.43 15.48 -33.98
N PRO A 42 15.49 14.71 -34.56
CA PRO A 42 15.60 13.25 -34.61
C PRO A 42 16.42 12.83 -35.86
N SER A 43 17.06 11.65 -35.80
CA SER A 43 17.84 11.13 -36.96
C SER A 43 16.85 10.74 -38.05
N ARG A 44 17.22 10.83 -39.33
CA ARG A 44 16.27 10.47 -40.44
C ARG A 44 15.90 8.99 -40.27
N LYS A 45 16.88 8.15 -39.93
CA LYS A 45 16.70 6.71 -39.59
C LYS A 45 15.52 6.57 -38.62
N GLU A 46 15.51 7.37 -37.54
CA GLU A 46 14.42 7.39 -36.53
C GLU A 46 13.09 7.79 -37.20
N LEU A 47 13.02 9.01 -37.73
CA LEU A 47 11.75 9.62 -38.24
C LEU A 47 11.99 10.18 -39.65
N PRO A 48 11.79 9.33 -40.69
CA PRO A 48 11.92 9.76 -42.08
C PRO A 48 10.76 10.66 -42.58
N GLU A 49 9.54 10.55 -42.04
CA GLU A 49 8.38 11.32 -42.55
C GLU A 49 8.63 12.82 -42.29
N TYR A 50 9.22 13.18 -41.15
CA TYR A 50 9.47 14.59 -40.78
C TYR A 50 10.38 15.23 -41.83
N TYR A 51 11.43 14.52 -42.26
CA TYR A 51 12.43 15.09 -43.18
C TYR A 51 11.78 15.24 -44.56
N GLU A 52 10.95 14.34 -44.96
CA GLU A 52 10.30 14.42 -46.28
C GLU A 52 9.34 15.63 -46.23
N LEU A 53 8.62 15.81 -45.13
CA LEU A 53 7.62 16.92 -44.98
C LEU A 53 8.35 18.26 -44.87
N ILE A 54 9.47 18.32 -44.11
CA ILE A 54 10.12 19.61 -43.69
C ILE A 54 11.29 19.99 -44.62
N ARG A 55 11.21 21.15 -45.24
CA ARG A 55 12.22 21.68 -46.21
C ARG A 55 13.55 21.96 -45.46
N LYS A 56 13.47 22.64 -44.32
CA LYS A 56 14.67 23.21 -43.65
C LYS A 56 14.71 22.70 -42.19
N PRO A 57 15.12 21.43 -41.97
CA PRO A 57 15.22 20.91 -40.60
C PRO A 57 16.23 21.78 -39.81
N VAL A 58 15.72 22.49 -38.80
CA VAL A 58 16.58 23.28 -37.86
C VAL A 58 16.06 23.09 -36.42
N ASP A 59 16.98 22.99 -35.45
CA ASP A 59 16.63 22.81 -34.02
C ASP A 59 17.14 24.02 -33.19
N PHE A 60 17.21 23.88 -31.86
CA PHE A 60 17.62 24.98 -30.95
C PHE A 60 19.14 24.94 -30.70
N LYS A 61 19.83 23.82 -31.00
CA LYS A 61 21.31 23.74 -30.93
C LYS A 61 21.84 24.32 -32.24
N LYS A 62 21.26 23.94 -33.37
CA LYS A 62 21.66 24.43 -34.72
C LYS A 62 21.65 25.95 -34.69
N ILE A 63 20.85 26.60 -33.84
CA ILE A 63 20.69 28.06 -33.73
C ILE A 63 21.79 28.63 -32.81
N LYS A 64 22.11 27.94 -31.71
CA LYS A 64 23.19 28.40 -30.78
C LYS A 64 24.52 28.18 -31.52
N GLU A 65 24.60 27.10 -32.30
CA GLU A 65 25.84 26.80 -33.11
C GLU A 65 26.05 28.02 -34.01
N ARG A 66 24.99 28.44 -34.71
CA ARG A 66 25.05 29.61 -35.59
C ARG A 66 25.52 30.74 -34.68
N ILE A 67 24.86 30.92 -33.53
CA ILE A 67 25.19 32.10 -32.64
C ILE A 67 26.65 31.99 -32.18
N ARG A 68 27.14 30.80 -31.83
CA ARG A 68 28.57 30.67 -31.42
C ARG A 68 29.39 31.06 -32.65
N ASN A 69 29.01 30.62 -33.83
CA ASN A 69 29.70 31.04 -35.09
C ASN A 69 29.25 32.49 -35.39
N HIS A 70 28.26 33.00 -34.65
CA HIS A 70 27.63 34.33 -34.94
C HIS A 70 27.15 34.32 -36.41
N LYS A 71 26.60 33.18 -36.87
CA LYS A 71 26.12 33.08 -38.29
C LYS A 71 24.99 34.12 -38.44
N TYR A 72 24.12 34.30 -37.46
CA TYR A 72 23.03 35.29 -37.50
C TYR A 72 23.70 36.64 -37.61
N ARG A 73 23.17 37.53 -38.45
CA ARG A 73 23.75 38.90 -38.63
C ARG A 73 22.98 39.84 -37.69
N SER A 74 21.72 40.09 -37.94
CA SER A 74 20.89 40.97 -37.05
C SER A 74 20.06 40.06 -36.13
N LEU A 75 19.25 40.68 -35.25
CA LEU A 75 18.29 39.98 -34.36
C LEU A 75 17.02 39.61 -35.14
N GLY A 76 16.87 40.11 -36.36
CA GLY A 76 15.78 39.77 -37.30
C GLY A 76 16.08 38.53 -38.12
N ASP A 77 17.36 38.11 -38.19
CA ASP A 77 17.83 36.90 -38.91
C ASP A 77 17.78 35.68 -37.97
N LEU A 78 18.06 35.91 -36.68
CA LEU A 78 17.89 34.90 -35.57
C LEU A 78 16.41 34.55 -35.43
N GLU A 79 15.52 35.54 -35.56
CA GLU A 79 14.04 35.39 -35.42
C GLU A 79 13.46 34.62 -36.62
N LYS A 80 13.97 34.88 -37.82
CA LYS A 80 13.48 34.31 -39.12
C LYS A 80 13.58 32.78 -39.11
N ASP A 81 14.55 32.20 -38.38
CA ASP A 81 14.84 30.73 -38.34
C ASP A 81 14.31 30.08 -37.05
N VAL A 82 13.95 30.87 -36.02
CA VAL A 82 13.20 30.39 -34.81
C VAL A 82 11.72 30.25 -35.18
N MET A 83 11.22 31.14 -36.05
CA MET A 83 9.84 31.07 -36.62
C MET A 83 9.78 29.91 -37.62
N LEU A 84 10.89 29.60 -38.31
CA LEU A 84 10.97 28.54 -39.35
C LEU A 84 10.85 27.14 -38.72
N LEU A 85 11.54 26.87 -37.61
CA LEU A 85 11.47 25.56 -36.89
C LEU A 85 10.14 25.43 -36.15
N CYS A 86 9.70 26.52 -35.49
CA CYS A 86 8.43 26.57 -34.72
C CYS A 86 7.26 26.38 -35.69
N HIS A 87 7.39 26.88 -36.93
CA HIS A 87 6.41 26.68 -38.04
C HIS A 87 6.64 25.32 -38.72
N ASN A 88 7.89 24.83 -38.79
CA ASN A 88 8.19 23.46 -39.28
C ASN A 88 7.49 22.45 -38.38
N ALA A 89 7.51 22.64 -37.07
CA ALA A 89 6.88 21.76 -36.07
C ALA A 89 5.37 21.75 -36.31
N GLN A 90 4.76 22.93 -36.42
CA GLN A 90 3.29 23.09 -36.64
C GLN A 90 2.87 22.36 -37.90
N THR A 91 3.63 22.48 -38.97
CA THR A 91 3.27 21.81 -40.24
C THR A 91 3.23 20.30 -40.08
N PHE A 92 4.29 19.78 -39.48
CA PHE A 92 4.44 18.31 -39.30
C PHE A 92 3.49 17.71 -38.28
N ASN A 93 3.28 18.38 -37.15
CA ASN A 93 2.44 17.82 -36.09
C ASN A 93 0.94 18.07 -36.27
N LEU A 94 0.18 17.29 -35.52
CA LEU A 94 -1.28 17.43 -35.49
C LEU A 94 -1.64 18.68 -34.72
N GLU A 95 -2.67 19.37 -35.20
CA GLU A 95 -3.16 20.57 -34.50
C GLU A 95 -3.63 20.13 -33.12
N GLY A 96 -3.23 20.88 -32.09
CA GLY A 96 -3.65 20.57 -30.71
C GLY A 96 -2.77 19.50 -30.07
N SER A 97 -1.71 19.08 -30.73
CA SER A 97 -0.69 18.16 -30.14
C SER A 97 0.10 18.93 -29.08
N GLN A 98 0.79 18.19 -28.20
CA GLN A 98 1.67 18.73 -27.14
C GLN A 98 2.75 19.61 -27.78
N ILE A 99 3.34 19.16 -28.89
CA ILE A 99 4.52 19.78 -29.54
C ILE A 99 4.07 21.00 -30.35
N TYR A 100 2.85 20.96 -30.90
CA TYR A 100 2.28 22.02 -31.77
C TYR A 100 2.11 23.31 -30.98
N GLU A 101 1.41 23.26 -29.85
CA GLU A 101 0.99 24.44 -29.04
C GLU A 101 2.16 25.03 -28.27
N ASP A 102 3.28 24.30 -28.12
CA ASP A 102 4.51 24.77 -27.45
C ASP A 102 5.38 25.56 -28.43
N SER A 103 5.37 25.21 -29.72
CA SER A 103 6.01 25.99 -30.81
C SER A 103 5.20 27.27 -31.08
N ILE A 104 3.92 27.31 -30.68
CA ILE A 104 3.03 28.50 -30.65
C ILE A 104 3.42 29.39 -29.45
N VAL A 105 3.79 28.76 -28.33
CA VAL A 105 4.24 29.45 -27.07
C VAL A 105 5.72 29.87 -27.22
N LEU A 106 6.57 29.04 -27.86
CA LEU A 106 8.02 29.33 -28.06
C LEU A 106 8.22 30.50 -29.03
N GLN A 107 7.25 30.77 -29.91
CA GLN A 107 7.22 31.96 -30.81
C GLN A 107 6.78 33.20 -30.02
N SER A 108 5.91 33.01 -29.02
CA SER A 108 5.32 34.07 -28.15
C SER A 108 6.30 34.44 -27.02
N VAL A 109 7.18 33.51 -26.61
CA VAL A 109 8.22 33.70 -25.55
C VAL A 109 9.52 34.21 -26.19
N PHE A 110 9.74 33.98 -27.48
CA PHE A 110 10.88 34.54 -28.26
C PHE A 110 10.58 36.00 -28.64
N LYS A 111 9.31 36.31 -28.94
CA LYS A 111 8.85 37.67 -29.36
C LYS A 111 8.72 38.61 -28.16
N SER A 112 8.68 38.08 -26.92
CA SER A 112 8.70 38.86 -25.66
C SER A 112 10.12 38.94 -25.09
N ALA A 113 10.97 37.95 -25.39
CA ALA A 113 12.38 37.86 -24.93
C ALA A 113 13.27 38.79 -25.77
N ARG A 114 13.03 38.89 -27.08
CA ARG A 114 13.76 39.82 -27.98
C ARG A 114 13.33 41.28 -27.70
N GLN A 115 12.08 41.47 -27.25
CA GLN A 115 11.48 42.82 -27.02
C GLN A 115 11.95 43.40 -25.69
N LYS A 116 12.49 42.57 -24.78
CA LYS A 116 13.00 42.98 -23.45
C LYS A 116 14.51 43.30 -23.52
N ILE A 117 15.28 42.45 -24.23
CA ILE A 117 16.78 42.53 -24.30
C ILE A 117 17.20 43.63 -25.30
N ALA A 118 16.58 43.68 -26.48
CA ALA A 118 16.99 44.55 -27.62
C ALA A 118 16.59 46.01 -27.38
N LYS A 119 15.63 46.27 -26.49
CA LYS A 119 15.15 47.65 -26.13
C LYS A 119 14.76 47.72 -24.65
N GLU A 120 15.75 47.89 -23.77
CA GLU A 120 15.58 48.23 -22.32
C GLU A 120 16.92 48.70 -21.76
N VAL B 10 -6.83 19.52 -23.98
CA VAL B 10 -6.44 19.21 -22.58
C VAL B 10 -6.29 17.68 -22.42
N LEU B 11 -7.29 16.89 -22.82
CA LEU B 11 -7.24 15.40 -22.69
C LEU B 11 -6.68 14.78 -23.97
N ARG B 12 -5.39 14.48 -23.97
CA ARG B 12 -4.68 13.91 -25.15
C ARG B 12 -3.47 13.11 -24.65
N SER B 13 -3.03 12.14 -25.45
CA SER B 13 -1.72 11.46 -25.28
C SER B 13 -0.61 12.51 -25.38
N VAL B 14 0.58 12.17 -24.91
CA VAL B 14 1.80 13.02 -25.03
C VAL B 14 2.88 12.20 -25.75
N ASN B 15 3.38 12.70 -26.86
CA ASN B 15 4.44 12.02 -27.65
C ASN B 15 5.62 11.87 -26.72
N SER B 16 6.13 10.67 -26.47
CA SER B 16 7.01 10.46 -25.29
C SER B 16 8.34 9.80 -25.67
N ARG B 17 8.32 8.81 -26.56
CA ARG B 17 9.56 8.11 -27.03
C ARG B 17 9.95 7.06 -25.98
N GLU B 18 9.29 7.03 -24.83
CA GLU B 18 9.61 6.05 -23.74
C GLU B 18 8.51 5.01 -23.68
N PRO B 19 8.81 3.75 -24.07
CA PRO B 19 7.81 2.68 -24.06
C PRO B 19 7.32 2.36 -22.64
N SER B 20 6.06 1.99 -22.52
CA SER B 20 5.44 1.53 -21.26
C SER B 20 4.60 0.29 -21.57
N GLN B 21 5.13 -0.90 -21.26
CA GLN B 21 4.33 -2.15 -21.48
C GLN B 21 3.21 -2.10 -20.45
N VAL B 22 2.02 -2.52 -20.85
CA VAL B 22 0.78 -2.47 -20.05
C VAL B 22 0.06 -3.81 -20.19
N ILE B 23 -0.75 -4.19 -19.21
CA ILE B 23 -1.61 -5.41 -19.28
C ILE B 23 -3.07 -4.95 -19.22
N PHE B 24 -3.79 -5.05 -20.32
CA PHE B 24 -5.24 -4.80 -20.37
C PHE B 24 -5.94 -6.05 -19.89
N CYS B 25 -6.55 -6.00 -18.71
CA CYS B 25 -7.28 -7.14 -18.11
C CYS B 25 -8.77 -6.80 -18.09
N ASN B 26 -9.57 -7.54 -18.86
CA ASN B 26 -11.02 -7.30 -18.98
C ASN B 26 -11.70 -8.19 -17.95
N ARG B 27 -12.04 -7.59 -16.81
CA ARG B 27 -12.81 -8.25 -15.73
C ARG B 27 -14.22 -7.64 -15.72
N SER B 28 -14.73 -7.33 -16.90
CA SER B 28 -16.18 -7.04 -17.12
C SER B 28 -16.80 -8.24 -17.81
N PRO B 29 -18.13 -8.40 -17.77
CA PRO B 29 -18.81 -9.49 -18.47
C PRO B 29 -18.95 -9.18 -19.98
N ARG B 30 -18.53 -7.98 -20.38
CA ARG B 30 -18.75 -7.43 -21.74
C ARG B 30 -17.50 -7.53 -22.59
N VAL B 31 -17.69 -7.45 -23.90
CA VAL B 31 -16.56 -7.26 -24.86
C VAL B 31 -16.11 -5.81 -24.71
N VAL B 32 -14.80 -5.60 -24.50
CA VAL B 32 -14.26 -4.27 -24.13
C VAL B 32 -13.57 -3.68 -25.36
N LEU B 33 -13.88 -2.42 -25.66
CA LEU B 33 -13.23 -1.64 -26.72
C LEU B 33 -12.24 -0.69 -26.07
N PRO B 34 -10.92 -0.99 -26.14
CA PRO B 34 -9.92 -0.04 -25.72
C PRO B 34 -9.93 1.13 -26.70
N VAL B 35 -9.87 2.35 -26.17
CA VAL B 35 -9.93 3.61 -26.94
C VAL B 35 -8.72 4.46 -26.56
N TRP B 36 -7.74 4.55 -27.47
CA TRP B 36 -6.54 5.39 -27.27
C TRP B 36 -6.81 6.82 -27.74
N LEU B 37 -6.67 7.80 -26.85
CA LEU B 37 -6.67 9.22 -27.26
C LEU B 37 -5.32 9.49 -27.93
N ASN B 38 -5.37 9.98 -29.17
CA ASN B 38 -4.19 10.35 -29.99
C ASN B 38 -3.66 11.70 -29.48
N PHE B 39 -2.65 12.25 -30.14
CA PHE B 39 -1.91 13.44 -29.65
C PHE B 39 -2.82 14.67 -29.77
N ASP B 40 -3.65 14.70 -30.81
CA ASP B 40 -4.62 15.78 -31.05
C ASP B 40 -5.80 15.60 -30.09
N GLY B 41 -5.95 14.40 -29.51
CA GLY B 41 -6.98 14.10 -28.51
C GLY B 41 -8.24 13.59 -29.17
N GLU B 42 -8.10 12.87 -30.29
CA GLU B 42 -9.24 12.23 -30.98
C GLU B 42 -9.27 10.76 -30.59
N PRO B 43 -10.42 10.26 -30.09
CA PRO B 43 -10.58 8.83 -29.79
C PRO B 43 -10.21 7.95 -30.99
N GLN B 44 -9.42 6.90 -30.75
CA GLN B 44 -9.02 5.89 -31.75
C GLN B 44 -9.42 4.50 -31.26
N PRO B 45 -10.46 3.88 -31.84
CA PRO B 45 -10.82 2.50 -31.50
C PRO B 45 -9.66 1.52 -31.74
N TYR B 46 -9.47 0.58 -30.82
CA TYR B 46 -8.44 -0.49 -30.91
C TYR B 46 -9.09 -1.85 -30.79
N PRO B 47 -8.35 -2.95 -31.09
CA PRO B 47 -8.89 -4.30 -31.07
C PRO B 47 -9.57 -4.66 -29.75
N THR B 48 -10.68 -5.40 -29.82
CA THR B 48 -11.55 -5.65 -28.63
C THR B 48 -10.96 -6.79 -27.79
N LEU B 49 -11.19 -6.71 -26.48
CA LEU B 49 -10.85 -7.75 -25.48
C LEU B 49 -12.12 -8.52 -25.12
N PRO B 50 -12.18 -9.85 -25.36
CA PRO B 50 -13.31 -10.65 -24.92
C PRO B 50 -13.41 -10.66 -23.40
N PRO B 51 -14.60 -10.90 -22.82
CA PRO B 51 -14.74 -10.93 -21.38
C PRO B 51 -13.79 -11.96 -20.77
N GLY B 52 -13.16 -11.59 -19.65
CA GLY B 52 -12.32 -12.50 -18.86
C GLY B 52 -10.99 -12.77 -19.55
N THR B 53 -10.51 -11.86 -20.39
CA THR B 53 -9.23 -12.04 -21.09
C THR B 53 -8.27 -10.96 -20.62
N GLY B 54 -7.00 -11.14 -20.88
CA GLY B 54 -5.96 -10.15 -20.60
C GLY B 54 -4.89 -10.24 -21.68
N ARG B 55 -4.34 -9.11 -22.06
CA ARG B 55 -3.27 -9.06 -23.08
C ARG B 55 -2.18 -8.11 -22.61
N ARG B 56 -0.95 -8.41 -22.92
CA ARG B 56 0.15 -7.43 -22.75
C ARG B 56 0.14 -6.59 -24.02
N ILE B 57 0.18 -5.27 -23.90
CA ILE B 57 0.11 -4.39 -25.09
C ILE B 57 1.29 -3.42 -24.97
N HIS B 58 1.88 -3.04 -26.09
N HIS B 58 1.88 -3.04 -26.09
CA HIS B 58 3.00 -2.07 -26.11
CA HIS B 58 3.01 -2.07 -26.11
C HIS B 58 2.40 -0.67 -26.27
C HIS B 58 2.40 -0.68 -26.28
N SER B 59 2.53 0.15 -25.24
CA SER B 59 2.08 1.54 -25.24
C SER B 59 3.25 2.41 -24.80
N TYR B 60 3.04 3.72 -24.65
CA TYR B 60 4.12 4.65 -24.28
C TYR B 60 3.71 5.44 -23.03
N ARG B 61 4.70 5.96 -22.32
CA ARG B 61 4.46 6.79 -21.12
C ARG B 61 3.62 8.01 -21.53
N GLY B 62 2.65 8.35 -20.69
CA GLY B 62 1.86 9.59 -20.87
C GLY B 62 0.72 9.41 -21.86
N HIS B 63 0.68 8.28 -22.55
CA HIS B 63 -0.44 7.95 -23.48
C HIS B 63 -1.70 7.74 -22.66
N LEU B 64 -2.78 8.37 -23.07
CA LEU B 64 -4.06 8.36 -22.33
C LEU B 64 -5.00 7.35 -22.99
N TRP B 65 -5.56 6.41 -22.23
CA TRP B 65 -6.50 5.38 -22.73
C TRP B 65 -7.87 5.51 -22.05
N LEU B 66 -8.86 4.81 -22.61
CA LEU B 66 -10.26 4.83 -22.13
C LEU B 66 -10.92 3.52 -22.57
N PHE B 67 -11.81 2.93 -21.81
CA PHE B 67 -12.40 1.61 -22.17
C PHE B 67 -13.93 1.68 -22.21
N ARG B 68 -14.55 0.86 -23.07
CA ARG B 68 -16.01 0.86 -23.30
C ARG B 68 -16.51 -0.50 -23.81
N ASP B 69 -17.80 -0.73 -23.60
CA ASP B 69 -18.52 -1.93 -24.12
C ASP B 69 -18.56 -1.79 -25.64
N ALA B 70 -17.81 -2.60 -26.37
CA ALA B 70 -17.72 -2.46 -27.85
C ALA B 70 -19.15 -2.40 -28.48
N GLY B 71 -20.04 -3.26 -28.02
CA GLY B 71 -21.42 -3.35 -28.54
C GLY B 71 -22.28 -2.13 -28.29
N THR B 72 -22.37 -1.67 -27.05
CA THR B 72 -23.35 -0.62 -26.64
C THR B 72 -22.69 0.75 -26.56
N HIS B 73 -21.35 0.84 -26.47
CA HIS B 73 -20.54 2.04 -26.22
C HIS B 73 -20.80 2.56 -24.79
N ASP B 74 -21.35 1.71 -23.93
CA ASP B 74 -21.51 1.96 -22.47
C ASP B 74 -20.13 2.25 -21.85
N GLY B 75 -20.12 3.10 -20.81
CA GLY B 75 -18.90 3.48 -20.08
C GLY B 75 -18.40 2.36 -19.16
N LEU B 76 -17.10 2.08 -19.18
CA LEU B 76 -16.43 1.16 -18.25
C LEU B 76 -15.45 1.93 -17.36
N LEU B 77 -14.77 1.23 -16.45
CA LEU B 77 -13.78 1.85 -15.51
C LEU B 77 -12.47 1.08 -15.61
N VAL B 78 -11.36 1.76 -15.36
CA VAL B 78 -10.02 1.11 -15.36
C VAL B 78 -9.28 1.57 -14.08
N ASN B 79 -9.03 0.63 -13.17
CA ASN B 79 -8.38 0.91 -11.87
C ASN B 79 -9.28 1.93 -11.16
N GLN B 80 -10.58 1.63 -11.10
CA GLN B 80 -11.59 2.38 -10.34
C GLN B 80 -11.72 3.82 -10.85
N THR B 81 -11.20 4.16 -12.02
CA THR B 81 -11.37 5.52 -12.59
C THR B 81 -11.70 5.39 -14.08
N GLU B 82 -11.88 6.53 -14.76
CA GLU B 82 -12.41 6.59 -16.14
C GLU B 82 -11.31 6.64 -17.18
N LEU B 83 -10.16 7.23 -16.84
CA LEU B 83 -9.00 7.31 -17.76
C LEU B 83 -7.84 6.49 -17.17
N PHE B 84 -7.04 5.88 -18.04
CA PHE B 84 -5.82 5.15 -17.67
C PHE B 84 -4.64 5.79 -18.39
N VAL B 85 -3.59 6.15 -17.63
CA VAL B 85 -2.33 6.70 -18.20
C VAL B 85 -1.16 5.97 -17.60
N PRO B 86 -0.46 5.09 -18.35
CA PRO B 86 0.59 4.29 -17.78
C PRO B 86 1.73 5.18 -17.25
N SER B 87 2.15 4.88 -16.03
CA SER B 87 3.30 5.55 -15.42
C SER B 87 4.56 4.99 -16.09
N LEU B 88 5.71 5.61 -15.89
CA LEU B 88 6.97 5.03 -16.38
C LEU B 88 7.15 3.67 -15.70
N ASN B 89 7.54 2.66 -16.48
CA ASN B 89 7.77 1.32 -15.91
C ASN B 89 8.92 1.39 -14.91
N VAL B 90 8.77 0.68 -13.79
CA VAL B 90 9.87 0.57 -12.81
C VAL B 90 10.48 -0.82 -12.97
N ASP B 91 11.77 -0.86 -13.28
CA ASP B 91 12.56 -2.11 -13.39
C ASP B 91 11.98 -3.02 -14.49
N GLY B 92 11.30 -2.48 -15.51
CA GLY B 92 10.77 -3.26 -16.63
C GLY B 92 9.47 -3.98 -16.31
N GLN B 93 8.99 -3.91 -15.07
CA GLN B 93 7.77 -4.67 -14.73
C GLN B 93 6.61 -3.95 -15.40
N PRO B 94 5.62 -4.70 -15.88
CA PRO B 94 4.47 -4.12 -16.55
C PRO B 94 3.45 -3.52 -15.58
N ILE B 95 2.90 -2.38 -16.00
CA ILE B 95 1.75 -1.73 -15.34
C ILE B 95 0.49 -2.51 -15.77
N PHE B 96 -0.53 -2.45 -14.92
CA PHE B 96 -1.76 -3.27 -15.06
C PHE B 96 -2.97 -2.34 -15.13
N ALA B 97 -3.79 -2.54 -16.14
CA ALA B 97 -5.06 -1.82 -16.35
C ALA B 97 -6.22 -2.80 -16.11
N ASN B 98 -6.88 -2.67 -14.98
CA ASN B 98 -7.97 -3.57 -14.56
C ASN B 98 -9.29 -2.93 -15.00
N ILE B 99 -9.95 -3.52 -15.99
CA ILE B 99 -11.16 -2.94 -16.63
C ILE B 99 -12.39 -3.61 -16.03
N THR B 100 -13.31 -2.83 -15.49
CA THR B 100 -14.49 -3.39 -14.79
C THR B 100 -15.75 -2.60 -15.09
N LEU B 101 -16.90 -3.22 -14.92
CA LEU B 101 -18.19 -2.50 -14.86
C LEU B 101 -18.04 -1.38 -13.84
N PRO B 102 -18.66 -0.22 -14.06
CA PRO B 102 -19.00 0.69 -12.98
C PRO B 102 -20.33 0.26 -12.36
N VAL B 103 -20.70 0.92 -11.25
CA VAL B 103 -22.08 0.75 -10.69
C VAL B 103 -22.97 1.73 -11.43
N TYR B 104 -23.62 1.27 -12.51
CA TYR B 104 -24.55 2.13 -13.30
C TYR B 104 -25.74 2.49 -12.41
N THR B 105 -26.29 3.70 -12.59
CA THR B 105 -27.61 4.06 -12.01
C THR B 105 -28.63 3.01 -12.47
N LEU B 106 -29.63 2.72 -11.66
CA LEU B 106 -30.70 1.75 -12.02
C LEU B 106 -31.33 2.19 -13.35
N LYS B 107 -31.57 3.49 -13.50
CA LYS B 107 -32.16 4.06 -14.74
C LYS B 107 -31.25 3.70 -15.91
N GLU B 108 -30.03 4.22 -15.92
CA GLU B 108 -29.06 4.01 -17.04
C GLU B 108 -28.99 2.50 -17.31
N ARG B 109 -28.98 1.68 -16.28
CA ARG B 109 -28.87 0.21 -16.45
C ARG B 109 -30.10 -0.30 -17.17
N CYS B 110 -31.29 0.15 -16.77
CA CYS B 110 -32.58 -0.25 -17.41
C CYS B 110 -32.55 0.14 -18.88
N LEU B 111 -32.21 1.41 -19.16
CA LEU B 111 -32.06 1.91 -20.55
C LEU B 111 -31.21 0.91 -21.32
N GLN B 112 -30.02 0.59 -20.83
CA GLN B 112 -29.10 -0.40 -21.44
C GLN B 112 -29.90 -1.63 -21.89
N VAL B 113 -30.75 -2.18 -21.02
CA VAL B 113 -31.40 -3.49 -21.26
C VAL B 113 -32.49 -3.28 -22.32
N VAL B 114 -33.31 -2.26 -22.15
CA VAL B 114 -34.43 -1.90 -23.08
C VAL B 114 -33.81 -1.67 -24.47
N ARG B 115 -32.83 -0.77 -24.56
CA ARG B 115 -32.05 -0.49 -25.78
C ARG B 115 -31.59 -1.79 -26.45
N SER B 116 -31.20 -2.81 -25.66
CA SER B 116 -30.64 -4.07 -26.18
C SER B 116 -31.73 -5.01 -26.69
N LEU B 117 -33.00 -4.79 -26.30
CA LEU B 117 -34.13 -5.70 -26.60
C LEU B 117 -35.02 -5.14 -27.71
N VAL B 118 -35.15 -3.80 -27.78
CA VAL B 118 -36.12 -3.07 -28.66
C VAL B 118 -35.34 -2.33 -29.75
N LYS B 119 -35.77 -2.46 -31.01
CA LYS B 119 -35.16 -1.74 -32.16
C LYS B 119 -35.44 -0.24 -32.00
N PRO B 120 -34.49 0.64 -32.35
CA PRO B 120 -34.61 2.06 -32.02
C PRO B 120 -35.88 2.73 -32.55
N GLU B 121 -36.33 2.26 -33.72
CA GLU B 121 -37.57 2.73 -34.40
C GLU B 121 -38.82 2.33 -33.60
N ASN B 122 -38.69 1.43 -32.62
CA ASN B 122 -39.84 0.91 -31.84
C ASN B 122 -39.85 1.52 -30.44
N TYR B 123 -38.80 2.25 -30.04
CA TYR B 123 -38.78 2.98 -28.75
C TYR B 123 -40.13 3.74 -28.65
N ARG B 124 -40.63 4.21 -29.80
CA ARG B 124 -41.90 4.98 -29.90
C ARG B 124 -43.12 4.14 -29.52
N ARG B 125 -43.04 2.82 -29.51
CA ARG B 125 -44.19 1.91 -29.26
C ARG B 125 -44.34 1.61 -27.76
N LEU B 126 -43.30 1.87 -26.97
CA LEU B 126 -43.30 1.61 -25.51
C LEU B 126 -44.20 2.63 -24.82
N ASP B 127 -45.09 2.18 -23.93
CA ASP B 127 -46.06 3.05 -23.21
C ASP B 127 -45.32 3.72 -22.05
N ILE B 128 -44.36 4.60 -22.38
CA ILE B 128 -43.50 5.27 -21.39
C ILE B 128 -43.59 6.80 -21.59
N VAL B 129 -43.00 7.53 -20.65
CA VAL B 129 -43.00 9.01 -20.69
C VAL B 129 -42.17 9.50 -21.89
N ARG B 130 -42.48 10.68 -22.41
CA ARG B 130 -41.76 11.21 -23.59
C ARG B 130 -40.30 11.42 -23.25
N SER B 131 -40.04 11.87 -22.04
CA SER B 131 -38.64 12.14 -21.60
C SER B 131 -37.86 10.83 -21.74
N LEU B 132 -38.48 9.73 -21.34
CA LEU B 132 -37.78 8.43 -21.40
C LEU B 132 -37.46 8.11 -22.85
N TYR B 133 -38.37 8.37 -23.77
CA TYR B 133 -38.07 8.11 -25.22
C TYR B 133 -36.74 8.82 -25.56
N GLU B 134 -36.63 10.11 -25.20
CA GLU B 134 -35.42 10.90 -25.55
C GLU B 134 -34.21 10.20 -24.91
N ASP B 135 -34.31 9.83 -23.62
CA ASP B 135 -33.23 9.16 -22.85
C ASP B 135 -32.80 7.88 -23.59
N LEU B 136 -33.78 7.07 -24.00
CA LEU B 136 -33.54 5.82 -24.75
C LEU B 136 -32.73 6.16 -26.01
N GLU B 137 -33.13 7.21 -26.73
CA GLU B 137 -32.55 7.59 -28.04
C GLU B 137 -31.13 8.13 -27.85
N ASP B 138 -30.88 8.82 -26.74
CA ASP B 138 -29.55 9.35 -26.39
C ASP B 138 -28.62 8.16 -26.05
N HIS B 139 -28.11 7.48 -27.06
CA HIS B 139 -27.17 6.37 -26.83
C HIS B 139 -25.86 6.92 -26.27
N PRO B 140 -25.19 6.18 -25.37
CA PRO B 140 -23.92 6.63 -24.80
C PRO B 140 -22.89 6.79 -25.92
N ASN B 141 -21.84 7.57 -25.67
CA ASN B 141 -20.95 8.08 -26.74
C ASN B 141 -19.64 8.60 -26.13
N VAL B 142 -18.51 8.12 -26.64
CA VAL B 142 -17.12 8.47 -26.20
C VAL B 142 -16.98 10.00 -26.18
N GLN B 143 -17.41 10.68 -27.24
CA GLN B 143 -17.17 12.15 -27.43
C GLN B 143 -17.96 12.93 -26.38
N LYS B 144 -19.26 12.66 -26.24
CA LYS B 144 -20.12 13.30 -25.22
C LYS B 144 -19.45 13.18 -23.85
N ASP B 145 -18.93 11.98 -23.53
CA ASP B 145 -18.31 11.64 -22.24
C ASP B 145 -16.98 12.37 -22.10
N LEU B 146 -16.22 12.51 -23.19
CA LEU B 146 -14.93 13.26 -23.20
C LEU B 146 -15.20 14.73 -22.85
N GLU B 147 -16.24 15.31 -23.45
CA GLU B 147 -16.66 16.73 -23.21
C GLU B 147 -16.94 16.89 -21.72
N ARG B 148 -17.74 15.99 -21.14
CA ARG B 148 -18.10 15.97 -19.70
C ARG B 148 -16.83 15.90 -18.85
N LEU B 149 -15.88 15.02 -19.19
CA LEU B 149 -14.65 14.76 -18.41
C LEU B 149 -13.78 16.01 -18.40
N THR B 150 -13.78 16.79 -19.50
CA THR B 150 -13.04 18.07 -19.60
C THR B 150 -13.60 19.06 -18.58
N GLN B 151 -14.92 19.26 -18.56
CA GLN B 151 -15.60 20.22 -17.66
C GLN B 151 -15.39 19.79 -16.20
N GLU B 152 -15.21 18.49 -15.95
CA GLU B 152 -14.96 17.92 -14.61
C GLU B 152 -13.50 18.16 -14.20
N ARG B 153 -12.63 18.48 -15.16
CA ARG B 153 -11.19 18.79 -14.92
C ARG B 153 -10.96 20.30 -14.88
N ILE B 154 -11.82 21.08 -15.53
CA ILE B 154 -11.83 22.58 -15.46
C ILE B 154 -12.52 23.01 -14.16
N ALA B 155 -13.29 22.10 -13.54
CA ALA B 155 -14.01 22.32 -12.26
C ALA B 155 -13.13 21.96 -11.06
N HIS B 156 -12.10 21.13 -11.27
CA HIS B 156 -11.04 20.75 -10.31
C HIS B 156 -9.89 21.77 -10.34
N GLN B 157 -9.87 22.64 -11.36
CA GLN B 157 -8.97 23.82 -11.45
C GLN B 157 -9.74 25.09 -11.06
N MET C 1 -31.56 4.06 10.73
CA MET C 1 -32.65 3.12 11.10
C MET C 1 -33.03 2.25 9.88
N TYR C 2 -34.29 1.83 9.77
CA TYR C 2 -34.89 1.18 8.58
C TYR C 2 -36.04 2.07 8.05
N VAL C 3 -36.51 1.78 6.84
CA VAL C 3 -37.59 2.54 6.16
C VAL C 3 -38.51 1.56 5.40
N LYS C 4 -39.79 1.90 5.30
CA LYS C 4 -40.86 1.03 4.76
C LYS C 4 -41.34 1.61 3.44
N LEU C 5 -41.09 0.88 2.34
CA LEU C 5 -41.64 1.20 1.01
C LEU C 5 -42.81 0.25 0.75
N ILE C 6 -43.94 0.80 0.31
CA ILE C 6 -45.22 0.04 0.11
C ILE C 6 -45.64 0.12 -1.35
N SER C 7 -45.77 -1.04 -2.00
CA SER C 7 -46.12 -1.19 -3.43
C SER C 7 -47.63 -0.99 -3.62
N SER C 8 -48.05 -0.79 -4.87
CA SER C 8 -49.45 -0.60 -5.31
C SER C 8 -50.33 -1.72 -4.72
N ASP C 9 -49.94 -2.97 -4.93
CA ASP C 9 -50.68 -4.17 -4.46
C ASP C 9 -50.56 -4.25 -2.94
N GLY C 10 -49.80 -3.39 -2.31
CA GLY C 10 -49.79 -3.28 -0.83
C GLY C 10 -48.78 -4.16 -0.10
N HIS C 11 -47.78 -4.71 -0.79
CA HIS C 11 -46.62 -5.39 -0.15
C HIS C 11 -45.83 -4.34 0.64
N GLU C 12 -45.26 -4.71 1.77
CA GLU C 12 -44.38 -3.83 2.56
C GLU C 12 -42.93 -4.29 2.35
N PHE C 13 -42.03 -3.34 2.09
CA PHE C 13 -40.57 -3.59 1.94
C PHE C 13 -39.80 -2.79 2.99
N ILE C 14 -39.20 -3.46 3.95
CA ILE C 14 -38.40 -2.80 5.02
C ILE C 14 -36.93 -2.87 4.58
N VAL C 15 -36.32 -1.72 4.27
CA VAL C 15 -34.90 -1.63 3.83
C VAL C 15 -34.20 -0.54 4.66
N LYS C 16 -32.89 -0.67 4.86
CA LYS C 16 -32.09 0.34 5.63
C LYS C 16 -32.36 1.72 5.01
N ARG C 17 -32.38 2.76 5.84
CA ARG C 17 -32.66 4.17 5.42
C ARG C 17 -31.65 4.57 4.35
N GLU C 18 -30.37 4.33 4.62
CA GLU C 18 -29.26 4.76 3.73
C GLU C 18 -29.40 4.09 2.38
N HIS C 19 -29.81 2.81 2.37
CA HIS C 19 -30.07 2.04 1.12
C HIS C 19 -31.12 2.76 0.27
N ALA C 20 -32.22 3.17 0.90
CA ALA C 20 -33.37 3.84 0.25
C ALA C 20 -32.91 5.18 -0.32
N LEU C 21 -32.15 5.96 0.44
CA LEU C 21 -31.73 7.35 0.09
C LEU C 21 -31.00 7.38 -1.25
N THR C 22 -30.54 6.23 -1.75
CA THR C 22 -29.88 6.12 -3.08
C THR C 22 -30.87 6.68 -4.12
N SER C 23 -32.11 6.87 -3.74
CA SER C 23 -33.16 7.37 -4.66
C SER C 23 -33.38 8.85 -4.34
N GLY C 24 -33.12 9.76 -5.28
CA GLY C 24 -33.27 11.20 -4.99
C GLY C 24 -34.71 11.50 -4.60
N THR C 25 -35.66 10.87 -5.26
CA THR C 25 -37.10 11.14 -5.03
C THR C 25 -37.46 10.66 -3.63
N ILE C 26 -36.91 9.54 -3.17
CA ILE C 26 -37.18 9.06 -1.78
C ILE C 26 -36.50 10.04 -0.81
N LYS C 27 -35.24 10.38 -1.08
CA LYS C 27 -34.46 11.37 -0.30
C LYS C 27 -35.33 12.61 -0.09
N ALA C 28 -35.97 13.12 -1.15
CA ALA C 28 -36.85 14.31 -1.12
C ALA C 28 -38.04 14.06 -0.19
N MET C 29 -38.72 12.92 -0.35
CA MET C 29 -39.97 12.57 0.39
C MET C 29 -39.68 12.41 1.89
N LEU C 30 -38.49 11.92 2.24
CA LEU C 30 -38.10 11.67 3.65
C LEU C 30 -37.48 12.93 4.25
N SER C 31 -37.65 14.12 3.66
CA SER C 31 -36.95 15.38 3.97
C SER C 31 -37.97 16.51 3.89
N THR C 41 -40.92 10.28 9.66
CA THR C 41 -41.26 9.69 8.34
C THR C 41 -40.37 8.46 8.08
N ASN C 42 -40.90 7.26 8.32
CA ASN C 42 -40.27 5.99 7.87
C ASN C 42 -41.09 5.29 6.80
N GLU C 43 -42.22 5.86 6.32
CA GLU C 43 -43.14 5.20 5.34
C GLU C 43 -43.11 6.01 4.03
N VAL C 44 -43.21 5.33 2.88
CA VAL C 44 -43.54 5.96 1.58
C VAL C 44 -44.40 4.97 0.78
N ASN C 45 -45.46 5.47 0.13
CA ASN C 45 -46.44 4.63 -0.61
C ASN C 45 -46.32 4.94 -2.10
N PHE C 46 -46.15 3.92 -2.94
CA PHE C 46 -46.07 4.04 -4.42
C PHE C 46 -47.30 3.41 -5.05
N ARG C 47 -48.30 4.23 -5.40
CA ARG C 47 -49.60 3.75 -5.93
C ARG C 47 -49.45 3.14 -7.33
N GLU C 48 -48.37 3.49 -8.05
CA GLU C 48 -48.19 3.13 -9.48
C GLU C 48 -47.06 2.11 -9.66
N ILE C 49 -46.40 1.67 -8.57
CA ILE C 49 -45.30 0.68 -8.64
C ILE C 49 -45.78 -0.64 -8.05
N PRO C 50 -45.87 -1.72 -8.85
CA PRO C 50 -46.20 -3.03 -8.31
C PRO C 50 -45.04 -3.64 -7.51
N SER C 51 -45.29 -4.70 -6.76
CA SER C 51 -44.29 -5.37 -5.89
C SER C 51 -43.14 -5.96 -6.73
N HIS C 52 -43.42 -6.70 -7.79
CA HIS C 52 -42.34 -7.42 -8.52
C HIS C 52 -41.34 -6.36 -8.98
N VAL C 53 -41.78 -5.11 -9.11
CA VAL C 53 -40.87 -3.99 -9.52
C VAL C 53 -40.18 -3.43 -8.28
N LEU C 54 -40.95 -2.98 -7.28
CA LEU C 54 -40.39 -2.30 -6.09
C LEU C 54 -39.45 -3.26 -5.35
N SER C 55 -39.74 -4.55 -5.34
CA SER C 55 -38.85 -5.61 -4.80
C SER C 55 -37.47 -5.47 -5.48
N LYS C 56 -37.44 -5.45 -6.81
CA LYS C 56 -36.19 -5.36 -7.59
C LYS C 56 -35.52 -4.00 -7.37
N VAL C 57 -36.30 -2.93 -7.21
CA VAL C 57 -35.74 -1.57 -6.96
C VAL C 57 -34.90 -1.64 -5.68
N CYS C 58 -35.39 -2.33 -4.64
CA CYS C 58 -34.66 -2.53 -3.37
C CYS C 58 -33.38 -3.31 -3.65
N MET C 59 -33.51 -4.47 -4.29
CA MET C 59 -32.35 -5.31 -4.70
C MET C 59 -31.26 -4.42 -5.32
N TYR C 60 -31.63 -3.41 -6.10
CA TYR C 60 -30.64 -2.47 -6.68
C TYR C 60 -29.97 -1.71 -5.53
N PHE C 61 -30.74 -1.14 -4.60
CA PHE C 61 -30.18 -0.39 -3.43
C PHE C 61 -29.12 -1.27 -2.76
N THR C 62 -29.46 -2.52 -2.42
CA THR C 62 -28.55 -3.55 -1.86
C THR C 62 -27.26 -3.57 -2.68
N TYR C 63 -27.38 -3.78 -4.00
CA TYR C 63 -26.29 -3.86 -5.01
C TYR C 63 -25.46 -2.57 -4.97
N LYS C 64 -26.10 -1.43 -5.22
CA LYS C 64 -25.40 -0.13 -5.35
C LYS C 64 -24.58 0.11 -4.08
N VAL C 65 -25.24 0.01 -2.93
CA VAL C 65 -24.61 0.31 -1.61
C VAL C 65 -23.37 -0.57 -1.47
N ARG C 66 -23.50 -1.87 -1.78
CA ARG C 66 -22.45 -2.87 -1.54
C ARG C 66 -21.24 -2.68 -2.49
N TYR C 67 -21.50 -2.44 -3.76
CA TYR C 67 -20.43 -2.55 -4.80
C TYR C 67 -19.85 -1.20 -5.16
N THR C 68 -20.49 -0.08 -4.80
CA THR C 68 -19.89 1.27 -5.02
C THR C 68 -18.57 1.30 -4.27
N ASN C 69 -17.49 1.75 -4.93
CA ASN C 69 -16.13 1.83 -4.34
C ASN C 69 -15.54 0.45 -4.03
N SER C 70 -15.83 -0.54 -4.88
CA SER C 70 -15.25 -1.89 -4.71
C SER C 70 -14.22 -2.08 -5.82
N SER C 71 -12.97 -2.22 -5.45
CA SER C 71 -11.84 -2.19 -6.42
C SER C 71 -11.72 -3.39 -7.38
N THR C 72 -11.75 -4.62 -6.88
CA THR C 72 -11.40 -5.80 -7.71
C THR C 72 -12.34 -6.05 -8.90
N GLU C 73 -13.63 -6.04 -8.70
CA GLU C 73 -14.59 -6.61 -9.70
C GLU C 73 -15.99 -6.32 -9.26
N ILE C 74 -16.85 -5.95 -10.23
CA ILE C 74 -18.29 -5.68 -9.99
C ILE C 74 -19.05 -6.62 -10.92
N PRO C 75 -20.16 -7.24 -10.45
CA PRO C 75 -20.98 -8.08 -11.29
C PRO C 75 -22.16 -7.29 -11.89
N GLU C 76 -22.51 -7.66 -13.10
CA GLU C 76 -23.60 -6.96 -13.86
C GLU C 76 -24.91 -7.10 -13.09
N PHE C 77 -25.64 -6.00 -12.86
CA PHE C 77 -26.97 -6.00 -12.19
C PHE C 77 -28.01 -6.52 -13.18
N PRO C 78 -28.51 -7.76 -13.02
CA PRO C 78 -29.31 -8.39 -14.06
C PRO C 78 -30.72 -7.82 -14.03
N ILE C 79 -31.36 -7.71 -15.20
CA ILE C 79 -32.79 -7.31 -15.36
C ILE C 79 -33.39 -8.21 -16.44
N ALA C 80 -34.39 -9.02 -16.08
CA ALA C 80 -35.06 -9.93 -17.03
C ALA C 80 -35.93 -9.11 -17.97
N PRO C 81 -36.01 -9.48 -19.26
CA PRO C 81 -36.89 -8.80 -20.22
C PRO C 81 -38.30 -8.51 -19.67
N GLU C 82 -38.91 -9.48 -18.99
CA GLU C 82 -40.31 -9.45 -18.51
C GLU C 82 -40.53 -8.22 -17.63
N ILE C 83 -39.49 -7.76 -16.93
CA ILE C 83 -39.61 -6.68 -15.90
C ILE C 83 -39.01 -5.37 -16.42
N ALA C 84 -38.26 -5.42 -17.52
CA ALA C 84 -37.35 -4.35 -17.98
C ALA C 84 -38.07 -3.00 -18.08
N LEU C 85 -39.22 -2.97 -18.75
CA LEU C 85 -39.92 -1.70 -19.10
C LEU C 85 -40.44 -1.04 -17.82
N GLU C 86 -41.19 -1.79 -17.01
CA GLU C 86 -41.81 -1.30 -15.76
C GLU C 86 -40.73 -0.82 -14.79
N LEU C 87 -39.59 -1.51 -14.77
CA LEU C 87 -38.43 -1.16 -13.92
C LEU C 87 -37.88 0.18 -14.40
N LEU C 88 -37.69 0.33 -15.72
CA LEU C 88 -37.19 1.59 -16.35
C LEU C 88 -38.11 2.74 -15.93
N MET C 89 -39.42 2.52 -16.00
CA MET C 89 -40.41 3.52 -15.56
C MET C 89 -40.13 3.86 -14.09
N ALA C 90 -40.21 2.85 -13.22
CA ALA C 90 -39.99 2.98 -11.76
C ALA C 90 -38.65 3.67 -11.51
N ALA C 91 -37.59 3.18 -12.16
CA ALA C 91 -36.23 3.73 -12.03
C ALA C 91 -36.28 5.25 -12.25
N ASN C 92 -36.89 5.70 -13.35
CA ASN C 92 -36.88 7.14 -13.72
C ASN C 92 -37.67 7.91 -12.65
N PHE C 93 -38.82 7.40 -12.22
CA PHE C 93 -39.65 8.05 -11.21
C PHE C 93 -38.83 8.21 -9.91
N LEU C 94 -38.13 7.19 -9.52
CA LEU C 94 -37.33 7.16 -8.27
C LEU C 94 -36.07 8.00 -8.38
N ASP C 95 -35.45 8.11 -9.55
CA ASP C 95 -34.17 8.84 -9.72
C ASP C 95 -33.01 7.94 -9.24
N CYS C 96 -33.27 6.68 -8.97
CA CYS C 96 -32.22 5.70 -8.59
C CYS C 96 -31.41 5.37 -9.85
N MET D 1 -16.96 -13.36 2.61
CA MET D 1 -18.10 -12.64 1.98
C MET D 1 -19.35 -12.72 2.88
N ASP D 2 -20.26 -11.77 2.70
CA ASP D 2 -21.58 -11.67 3.36
C ASP D 2 -22.65 -12.47 2.59
N VAL D 3 -23.83 -12.61 3.18
CA VAL D 3 -25.04 -13.19 2.53
C VAL D 3 -26.19 -12.17 2.60
N PHE D 4 -26.89 -12.00 1.48
CA PHE D 4 -27.96 -11.01 1.28
C PHE D 4 -29.30 -11.74 1.22
N LEU D 5 -30.27 -11.33 2.03
CA LEU D 5 -31.47 -12.16 2.32
C LEU D 5 -32.72 -11.27 2.26
N MET D 6 -33.84 -11.89 1.87
CA MET D 6 -35.19 -11.33 2.04
C MET D 6 -36.01 -12.20 2.98
N ILE D 7 -36.48 -11.66 4.10
CA ILE D 7 -37.32 -12.47 5.04
C ILE D 7 -38.75 -12.04 4.77
N ARG D 8 -39.65 -12.90 4.35
CA ARG D 8 -40.98 -12.41 3.89
C ARG D 8 -42.17 -13.03 4.61
N ARG D 9 -42.48 -12.63 5.83
CA ARG D 9 -43.69 -13.17 6.48
C ARG D 9 -44.89 -12.49 5.87
N HIS D 10 -45.84 -13.25 5.39
CA HIS D 10 -47.10 -12.74 4.83
C HIS D 10 -46.84 -11.61 3.82
N LYS D 11 -47.49 -10.48 3.99
CA LYS D 11 -47.31 -9.37 3.04
C LYS D 11 -45.94 -8.70 3.18
N THR D 12 -45.39 -8.69 4.36
CA THR D 12 -44.13 -8.05 4.67
C THR D 12 -42.88 -8.73 4.10
N THR D 13 -41.90 -7.93 3.74
CA THR D 13 -40.61 -8.37 3.17
C THR D 13 -39.50 -7.47 3.75
N ILE D 14 -38.53 -8.08 4.43
CA ILE D 14 -37.36 -7.38 5.03
C ILE D 14 -36.10 -7.64 4.21
N PHE D 15 -35.40 -6.60 3.79
CA PHE D 15 -34.14 -6.69 3.02
C PHE D 15 -32.98 -6.46 3.98
N THR D 16 -32.10 -7.41 4.17
CA THR D 16 -30.96 -7.31 5.12
C THR D 16 -29.84 -8.30 4.76
N ASP D 17 -28.65 -8.00 5.27
CA ASP D 17 -27.42 -8.80 5.07
C ASP D 17 -27.03 -9.36 6.43
N ALA D 18 -26.07 -10.28 6.45
CA ALA D 18 -25.49 -10.98 7.59
C ALA D 18 -24.18 -11.61 7.12
N LYS D 19 -23.38 -12.15 8.03
CA LYS D 19 -22.09 -12.79 7.69
C LYS D 19 -22.37 -14.23 7.23
N GLU D 20 -21.58 -14.72 6.27
CA GLU D 20 -21.58 -16.14 5.83
C GLU D 20 -21.47 -17.00 7.10
N SER D 21 -20.62 -16.58 8.05
CA SER D 21 -20.22 -17.33 9.26
C SER D 21 -21.32 -17.26 10.32
N SER D 22 -22.16 -16.21 10.34
CA SER D 22 -22.91 -15.79 11.57
C SER D 22 -24.06 -16.78 11.84
N THR D 23 -24.90 -16.51 12.85
CA THR D 23 -25.88 -17.49 13.38
C THR D 23 -27.32 -17.07 13.08
N VAL D 24 -28.17 -18.08 12.90
CA VAL D 24 -29.63 -17.91 12.67
C VAL D 24 -30.21 -17.06 13.81
N PHE D 25 -29.69 -17.21 15.02
CA PHE D 25 -30.14 -16.43 16.21
C PHE D 25 -29.88 -14.94 15.98
N GLU D 26 -28.66 -14.56 15.58
CA GLU D 26 -28.29 -13.15 15.32
C GLU D 26 -29.29 -12.54 14.32
N LEU D 27 -29.75 -13.32 13.35
CA LEU D 27 -30.72 -12.88 12.32
C LEU D 27 -32.07 -12.59 13.00
N LYS D 28 -32.52 -13.50 13.88
CA LYS D 28 -33.77 -13.34 14.66
C LYS D 28 -33.72 -12.03 15.45
N ARG D 29 -32.54 -11.70 15.98
CA ARG D 29 -32.31 -10.47 16.79
C ARG D 29 -32.52 -9.23 15.89
N ILE D 30 -32.02 -9.29 14.65
CA ILE D 30 -32.18 -8.16 13.70
C ILE D 30 -33.69 -7.97 13.43
N VAL D 31 -34.44 -9.06 13.25
CA VAL D 31 -35.91 -9.07 13.03
C VAL D 31 -36.58 -8.47 14.27
N GLU D 32 -36.15 -8.90 15.46
CA GLU D 32 -36.64 -8.37 16.76
C GLU D 32 -36.52 -6.85 16.73
N GLY D 33 -35.34 -6.34 16.35
CA GLY D 33 -35.04 -4.90 16.26
C GLY D 33 -36.03 -4.14 15.40
N ILE D 34 -36.59 -4.79 14.38
CA ILE D 34 -37.43 -4.11 13.36
C ILE D 34 -38.92 -4.35 13.65
N LEU D 35 -39.30 -5.61 13.85
CA LEU D 35 -40.72 -6.01 14.00
C LEU D 35 -41.12 -6.10 15.48
N LYS D 36 -40.18 -5.91 16.40
CA LYS D 36 -40.42 -5.82 17.87
C LYS D 36 -41.07 -7.13 18.33
N ARG D 37 -40.45 -8.26 18.00
CA ARG D 37 -40.89 -9.59 18.53
C ARG D 37 -39.66 -10.45 18.77
N PRO D 38 -39.41 -10.86 20.03
CA PRO D 38 -38.22 -11.62 20.39
C PRO D 38 -37.96 -12.92 19.65
N PRO D 39 -36.68 -13.39 19.66
CA PRO D 39 -36.27 -14.59 18.93
C PRO D 39 -37.04 -15.88 19.24
N ASP D 40 -37.62 -15.99 20.45
CA ASP D 40 -38.37 -17.19 20.90
C ASP D 40 -39.82 -17.14 20.38
N GLU D 41 -40.25 -16.03 19.78
CA GLU D 41 -41.61 -15.87 19.19
C GLU D 41 -41.51 -16.00 17.66
N GLN D 42 -40.28 -16.02 17.12
CA GLN D 42 -40.10 -16.20 15.64
C GLN D 42 -39.35 -17.51 15.39
N ARG D 43 -39.73 -18.22 14.34
CA ARG D 43 -39.05 -19.41 13.81
C ARG D 43 -38.77 -19.09 12.34
N LEU D 44 -37.55 -19.32 11.84
CA LEU D 44 -37.17 -18.90 10.48
C LEU D 44 -37.00 -20.12 9.59
N TYR D 45 -37.63 -20.09 8.42
CA TYR D 45 -37.58 -21.27 7.49
C TYR D 45 -36.82 -20.91 6.21
N LYS D 46 -36.03 -21.85 5.77
CA LYS D 46 -35.43 -21.82 4.43
C LYS D 46 -36.30 -22.81 3.70
N ASP D 47 -36.97 -22.35 2.65
CA ASP D 47 -37.90 -23.21 1.88
C ASP D 47 -38.95 -23.71 2.86
N ASP D 48 -39.18 -25.02 2.92
CA ASP D 48 -40.24 -25.57 3.79
C ASP D 48 -39.78 -26.07 5.16
N GLN D 49 -38.49 -25.95 5.48
CA GLN D 49 -37.94 -26.48 6.74
C GLN D 49 -37.34 -25.40 7.64
N LEU D 50 -37.62 -25.47 8.92
CA LEU D 50 -37.15 -24.47 9.92
C LEU D 50 -35.65 -24.55 10.15
N LEU D 51 -35.03 -23.40 10.41
CA LEU D 51 -33.58 -23.29 10.73
C LEU D 51 -33.44 -23.05 12.24
N ASP D 52 -32.63 -23.85 12.94
CA ASP D 52 -32.40 -23.72 14.40
C ASP D 52 -31.54 -22.50 14.71
N ASP D 53 -31.85 -21.83 15.81
CA ASP D 53 -31.13 -20.62 16.33
C ASP D 53 -29.61 -20.85 16.31
N GLY D 54 -29.12 -22.09 16.45
CA GLY D 54 -27.69 -22.38 16.68
C GLY D 54 -26.83 -22.46 15.41
N LYS D 55 -27.45 -22.67 14.23
CA LYS D 55 -26.70 -23.06 13.02
C LYS D 55 -26.03 -21.82 12.39
N THR D 56 -24.87 -22.05 11.76
CA THR D 56 -24.10 -21.09 10.94
C THR D 56 -24.83 -20.98 9.59
N LEU D 57 -24.94 -19.76 9.05
CA LEU D 57 -25.78 -19.53 7.85
C LEU D 57 -25.24 -20.43 6.74
N GLY D 58 -23.93 -20.60 6.73
CA GLY D 58 -23.25 -21.52 5.80
C GLY D 58 -23.86 -22.90 5.84
N GLU D 59 -24.03 -23.49 7.03
CA GLU D 59 -24.56 -24.86 7.24
C GLU D 59 -26.02 -24.94 6.80
N CYS D 60 -26.78 -23.83 6.90
CA CYS D 60 -28.20 -23.76 6.47
C CYS D 60 -28.29 -23.82 4.94
N GLY D 61 -27.25 -23.38 4.23
CA GLY D 61 -27.17 -23.41 2.76
C GLY D 61 -26.80 -22.07 2.15
N PHE D 62 -26.91 -20.97 2.91
CA PHE D 62 -26.71 -19.60 2.37
C PHE D 62 -25.21 -19.37 2.18
N THR D 63 -24.77 -19.02 0.97
CA THR D 63 -23.38 -18.68 0.62
C THR D 63 -23.43 -17.44 -0.28
N SER D 64 -22.28 -16.88 -0.63
CA SER D 64 -22.08 -15.82 -1.65
C SER D 64 -22.78 -16.19 -2.95
N GLN D 65 -22.76 -17.47 -3.35
CA GLN D 65 -23.19 -17.89 -4.71
C GLN D 65 -24.71 -18.05 -4.77
N THR D 66 -25.43 -18.02 -3.65
CA THR D 66 -26.90 -18.13 -3.61
C THR D 66 -27.55 -16.91 -2.96
N ALA D 67 -26.77 -16.01 -2.36
CA ALA D 67 -27.36 -14.90 -1.53
C ALA D 67 -26.63 -13.61 -1.88
N ARG D 68 -26.59 -13.29 -3.17
CA ARG D 68 -25.90 -12.09 -3.73
C ARG D 68 -26.81 -10.88 -3.54
N PRO D 69 -26.27 -9.64 -3.45
CA PRO D 69 -27.08 -8.45 -3.19
C PRO D 69 -28.23 -8.21 -4.15
N GLN D 70 -28.03 -8.58 -5.43
CA GLN D 70 -29.00 -8.38 -6.54
C GLN D 70 -29.87 -9.63 -6.75
N ALA D 71 -29.57 -10.73 -6.06
CA ALA D 71 -30.37 -11.97 -6.07
C ALA D 71 -30.44 -12.49 -4.64
N PRO D 72 -31.04 -11.72 -3.71
CA PRO D 72 -31.07 -12.11 -2.30
C PRO D 72 -31.81 -13.45 -2.15
N ALA D 73 -31.30 -14.31 -1.27
CA ALA D 73 -31.94 -15.59 -0.89
C ALA D 73 -33.15 -15.28 -0.01
N THR D 74 -34.23 -16.03 -0.16
CA THR D 74 -35.52 -15.75 0.53
C THR D 74 -35.71 -16.68 1.74
N VAL D 75 -35.71 -16.12 2.95
CA VAL D 75 -35.93 -16.85 4.22
C VAL D 75 -37.37 -16.58 4.67
N GLY D 76 -38.15 -17.63 4.90
CA GLY D 76 -39.53 -17.55 5.42
C GLY D 76 -39.61 -17.23 6.91
N LEU D 77 -40.62 -16.45 7.33
CA LEU D 77 -40.80 -16.05 8.75
C LEU D 77 -42.19 -16.41 9.26
N ALA D 78 -42.28 -16.94 10.51
CA ALA D 78 -43.56 -17.22 11.17
C ALA D 78 -43.64 -16.50 12.53
N PHE D 79 -44.76 -15.82 12.75
CA PHE D 79 -45.00 -14.99 13.95
C PHE D 79 -45.95 -15.76 14.88
N ARG D 80 -45.91 -15.44 16.18
CA ARG D 80 -46.56 -16.29 17.20
C ARG D 80 -47.98 -15.76 17.63
N ALA D 81 -49.03 -16.53 17.44
CA ALA D 81 -50.29 -16.29 18.12
C ALA D 81 -49.91 -16.82 19.47
N ASP D 82 -50.48 -16.29 20.55
CA ASP D 82 -50.14 -16.70 21.94
C ASP D 82 -50.35 -18.24 22.02
N ASP D 83 -51.44 -18.76 21.48
CA ASP D 83 -51.72 -20.22 21.58
C ASP D 83 -50.70 -20.99 20.71
N THR D 84 -50.42 -20.51 19.50
CA THR D 84 -49.55 -21.29 18.58
C THR D 84 -48.66 -20.34 17.81
N PHE D 85 -47.46 -20.77 17.45
CA PHE D 85 -46.59 -19.94 16.60
C PHE D 85 -47.23 -20.18 15.25
N GLU D 86 -47.67 -19.12 14.61
CA GLU D 86 -48.46 -19.27 13.33
C GLU D 86 -47.64 -19.92 12.20
N ALA D 87 -48.35 -20.72 11.39
CA ALA D 87 -47.73 -21.46 10.28
C ALA D 87 -47.16 -20.47 9.26
N LEU D 88 -46.07 -20.87 8.63
CA LEU D 88 -45.34 -20.03 7.67
C LEU D 88 -46.27 -19.51 6.58
N CYS D 89 -46.48 -18.21 6.55
CA CYS D 89 -47.28 -17.54 5.50
C CYS D 89 -46.39 -16.57 4.73
N ILE D 90 -46.23 -16.72 3.41
CA ILE D 90 -45.51 -15.75 2.53
C ILE D 90 -46.53 -15.27 1.50
N GLU D 91 -46.53 -13.98 1.15
CA GLU D 91 -47.51 -13.41 0.18
C GLU D 91 -46.81 -13.27 -1.18
N PRO D 92 -47.32 -13.91 -2.26
CA PRO D 92 -46.65 -13.81 -3.56
C PRO D 92 -46.62 -12.38 -4.12
N PHE D 93 -45.51 -12.01 -4.79
CA PHE D 93 -45.35 -10.69 -5.42
C PHE D 93 -46.21 -10.57 -6.68
N SER D 94 -46.48 -9.34 -7.11
CA SER D 94 -47.27 -9.07 -8.34
C SER D 94 -46.64 -9.71 -9.59
N SER D 95 -47.45 -10.26 -10.50
CA SER D 95 -46.96 -10.86 -11.76
C SER D 95 -46.54 -9.79 -12.76
N PRO D 96 -45.51 -10.06 -13.60
CA PRO D 96 -45.14 -9.17 -14.69
C PRO D 96 -46.00 -9.44 -15.92
N PRO D 97 -46.28 -8.41 -16.75
CA PRO D 97 -47.09 -8.58 -17.96
C PRO D 97 -46.37 -9.47 -18.97
N GLU D 98 -47.13 -10.24 -19.74
CA GLU D 98 -46.62 -11.09 -20.85
C GLU D 98 -45.58 -10.30 -21.65
N LEU D 99 -44.48 -10.93 -22.06
CA LEU D 99 -43.35 -10.21 -22.71
C LEU D 99 -43.85 -9.59 -24.00
N PRO D 100 -43.82 -8.25 -24.17
CA PRO D 100 -44.32 -7.61 -25.39
C PRO D 100 -43.59 -8.13 -26.64
N ASP D 101 -44.29 -8.27 -27.78
CA ASP D 101 -43.68 -8.85 -29.01
C ASP D 101 -42.49 -7.99 -29.45
N VAL D 102 -42.44 -6.75 -29.02
CA VAL D 102 -41.34 -5.83 -29.47
C VAL D 102 -40.02 -6.36 -28.93
N MET D 103 -39.98 -6.96 -27.75
CA MET D 103 -38.75 -7.41 -27.07
C MET D 103 -38.40 -8.87 -27.41
N LYS D 104 -39.04 -9.50 -28.39
CA LYS D 104 -38.77 -10.91 -28.77
C LYS D 104 -37.74 -10.97 -29.92
N LEU E 12 43.73 -26.77 -36.23
CA LEU E 12 42.45 -26.72 -35.47
C LEU E 12 41.69 -25.43 -35.82
N THR E 13 42.37 -24.28 -35.92
CA THR E 13 41.77 -22.95 -36.27
C THR E 13 41.20 -23.00 -37.70
N LYS E 14 41.88 -23.68 -38.63
CA LYS E 14 41.43 -23.84 -40.05
C LYS E 14 40.15 -24.67 -40.06
N GLN E 15 40.10 -25.74 -39.26
CA GLN E 15 38.93 -26.64 -39.10
C GLN E 15 37.77 -25.88 -38.42
N MET E 16 38.06 -25.09 -37.38
CA MET E 16 37.04 -24.34 -36.60
C MET E 16 36.38 -23.26 -37.49
N ASN E 17 37.15 -22.67 -38.42
CA ASN E 17 36.66 -21.63 -39.36
C ASN E 17 35.78 -22.27 -40.44
N ALA E 18 36.19 -23.43 -40.97
CA ALA E 18 35.44 -24.21 -41.99
C ALA E 18 34.04 -24.56 -41.46
N ILE E 19 33.93 -24.95 -40.18
CA ILE E 19 32.64 -25.36 -39.53
C ILE E 19 31.77 -24.12 -39.29
N ILE E 20 32.33 -23.03 -38.73
CA ILE E 20 31.56 -21.81 -38.36
C ILE E 20 31.15 -21.06 -39.64
N ASP E 21 32.00 -21.03 -40.67
CA ASP E 21 31.72 -20.33 -41.96
C ASP E 21 30.68 -21.10 -42.77
N THR E 22 30.68 -22.45 -42.74
CA THR E 22 29.67 -23.30 -43.44
C THR E 22 28.27 -23.05 -42.85
N VAL E 23 28.15 -22.93 -41.53
CA VAL E 23 26.85 -22.72 -40.83
C VAL E 23 26.30 -21.33 -41.19
N ILE E 24 27.15 -20.31 -41.29
CA ILE E 24 26.78 -18.90 -41.64
C ILE E 24 26.39 -18.82 -43.12
N ASN E 25 27.25 -19.33 -44.02
CA ASN E 25 27.07 -19.26 -45.49
C ASN E 25 25.90 -20.13 -45.94
N TYR E 26 25.44 -21.05 -45.08
CA TYR E 26 24.37 -22.05 -45.39
C TYR E 26 23.06 -21.33 -45.74
N LYS E 27 22.57 -21.57 -46.96
CA LYS E 27 21.25 -21.11 -47.48
C LYS E 27 20.32 -22.32 -47.57
N ASP E 28 19.03 -22.13 -47.25
CA ASP E 28 17.98 -23.18 -47.35
C ASP E 28 17.54 -23.28 -48.82
N SER E 29 16.50 -24.07 -49.11
CA SER E 29 16.10 -24.49 -50.49
C SER E 29 15.20 -23.44 -51.17
N SER E 30 15.10 -22.22 -50.62
CA SER E 30 14.49 -21.03 -51.28
C SER E 30 15.56 -19.95 -51.57
N GLY E 31 16.82 -20.19 -51.19
CA GLY E 31 17.98 -19.33 -51.51
C GLY E 31 18.34 -18.37 -50.39
N ARG E 32 17.49 -18.26 -49.35
CA ARG E 32 17.67 -17.30 -48.22
C ARG E 32 18.70 -17.84 -47.21
N GLN E 33 19.60 -16.96 -46.76
CA GLN E 33 20.63 -17.26 -45.71
C GLN E 33 19.98 -17.15 -44.34
N LEU E 34 20.15 -18.16 -43.48
CA LEU E 34 19.46 -18.28 -42.15
C LEU E 34 20.18 -17.44 -41.10
N SER E 35 21.51 -17.39 -41.15
CA SER E 35 22.40 -16.78 -40.13
C SER E 35 22.28 -15.25 -40.10
N GLU E 36 21.70 -14.65 -41.15
CA GLU E 36 21.56 -13.17 -41.38
C GLU E 36 21.03 -12.47 -40.11
N VAL E 37 20.10 -13.10 -39.38
CA VAL E 37 19.55 -12.42 -38.16
C VAL E 37 20.73 -12.23 -37.18
N PHE E 38 21.68 -13.14 -37.19
CA PHE E 38 22.76 -13.23 -36.15
C PHE E 38 24.00 -12.55 -36.75
N ARG E 44 20.67 -3.76 -26.04
CA ARG E 44 19.68 -3.89 -24.93
C ARG E 44 18.64 -2.77 -25.08
N LYS E 45 19.11 -1.56 -25.41
CA LYS E 45 18.28 -0.36 -25.72
C LYS E 45 17.17 -0.78 -26.70
N GLU E 46 17.53 -1.46 -27.79
CA GLU E 46 16.57 -1.97 -28.82
C GLU E 46 15.59 -2.96 -28.15
N LEU E 47 16.08 -4.11 -27.63
CA LEU E 47 15.15 -5.15 -27.14
C LEU E 47 15.57 -5.62 -25.75
N PRO E 48 15.10 -4.92 -24.69
CA PRO E 48 15.43 -5.27 -23.29
C PRO E 48 14.90 -6.63 -22.81
N GLU E 49 13.96 -7.24 -23.54
CA GLU E 49 13.28 -8.51 -23.16
C GLU E 49 14.25 -9.69 -23.34
N TYR E 50 15.11 -9.67 -24.37
CA TYR E 50 16.18 -10.70 -24.51
C TYR E 50 17.14 -10.48 -23.32
N TYR E 51 17.34 -9.21 -22.94
CA TYR E 51 18.34 -8.81 -21.89
C TYR E 51 17.67 -8.88 -20.51
N GLU E 52 16.70 -9.78 -20.36
CA GLU E 52 15.99 -10.08 -19.09
C GLU E 52 15.69 -11.58 -19.01
N LEU E 53 15.49 -12.25 -20.16
CA LEU E 53 15.00 -13.66 -20.25
C LEU E 53 16.15 -14.63 -20.56
N ILE E 54 17.12 -14.23 -21.38
CA ILE E 54 18.30 -15.02 -21.78
C ILE E 54 19.50 -14.68 -20.88
N ARG E 55 20.08 -15.73 -20.28
CA ARG E 55 21.13 -15.68 -19.23
C ARG E 55 22.48 -15.28 -19.83
N LYS E 56 22.95 -16.01 -20.85
CA LYS E 56 24.33 -15.92 -21.41
C LYS E 56 24.28 -15.52 -22.89
N PRO E 57 24.10 -14.20 -23.18
CA PRO E 57 24.03 -13.63 -24.51
C PRO E 57 25.32 -13.74 -25.34
N VAL E 58 25.16 -13.89 -26.65
CA VAL E 58 26.24 -13.88 -27.68
C VAL E 58 25.57 -13.48 -29.01
N ASP E 59 26.39 -12.98 -29.94
CA ASP E 59 25.98 -12.51 -31.28
C ASP E 59 26.72 -13.31 -32.37
N ILE E 63 31.12 -14.99 -31.81
CA ILE E 63 31.48 -16.43 -31.96
C ILE E 63 32.86 -16.54 -32.63
N LYS E 64 33.11 -15.81 -33.74
CA LYS E 64 34.43 -15.87 -34.44
C LYS E 64 35.48 -15.25 -33.50
N GLU E 65 35.12 -14.18 -32.78
CA GLU E 65 35.96 -13.45 -31.79
C GLU E 65 36.70 -14.45 -30.89
N ARG E 66 35.98 -15.48 -30.42
CA ARG E 66 36.51 -16.49 -29.45
C ARG E 66 37.31 -17.59 -30.18
N ILE E 67 37.23 -17.65 -31.52
CA ILE E 67 38.05 -18.57 -32.37
C ILE E 67 39.43 -17.93 -32.62
N ARG E 68 39.50 -16.60 -32.70
CA ARG E 68 40.76 -15.83 -32.87
C ARG E 68 41.50 -15.71 -31.52
N ASN E 69 40.76 -15.54 -30.42
CA ASN E 69 41.32 -15.39 -29.04
C ASN E 69 41.67 -16.76 -28.44
N HIS E 70 41.25 -17.85 -29.09
CA HIS E 70 41.56 -19.26 -28.73
C HIS E 70 40.98 -19.61 -27.35
N LYS E 71 39.77 -19.12 -27.04
CA LYS E 71 39.04 -19.41 -25.77
C LYS E 71 38.48 -20.84 -25.80
N TYR E 72 38.02 -21.30 -26.96
CA TYR E 72 37.56 -22.69 -27.21
C TYR E 72 38.78 -23.60 -27.40
N ARG E 73 38.92 -24.63 -26.55
CA ARG E 73 40.13 -25.49 -26.47
C ARG E 73 39.98 -26.70 -27.41
N SER E 74 38.75 -27.16 -27.65
CA SER E 74 38.41 -28.30 -28.54
C SER E 74 37.24 -27.92 -29.46
N LEU E 75 36.85 -28.84 -30.34
CA LEU E 75 35.67 -28.69 -31.25
C LEU E 75 34.38 -28.98 -30.48
N GLY E 76 34.47 -29.51 -29.26
CA GLY E 76 33.35 -29.75 -28.34
C GLY E 76 33.00 -28.52 -27.50
N ASP E 77 33.92 -27.55 -27.41
CA ASP E 77 33.75 -26.26 -26.67
C ASP E 77 33.14 -25.21 -27.60
N LEU E 78 33.49 -25.26 -28.91
CA LEU E 78 32.88 -24.44 -29.99
C LEU E 78 31.41 -24.83 -30.16
N GLU E 79 31.10 -26.14 -30.06
CA GLU E 79 29.73 -26.71 -30.21
C GLU E 79 28.85 -26.32 -29.02
N LYS E 80 29.42 -26.33 -27.80
CA LYS E 80 28.71 -26.08 -26.51
C LYS E 80 28.06 -24.69 -26.50
N ASP E 81 28.64 -23.71 -27.20
CA ASP E 81 28.20 -22.28 -27.24
C ASP E 81 27.42 -21.95 -28.53
N VAL E 82 27.48 -22.80 -29.57
CA VAL E 82 26.60 -22.71 -30.78
C VAL E 82 25.24 -23.31 -30.42
N MET E 83 25.22 -24.35 -29.58
CA MET E 83 23.98 -24.95 -29.02
C MET E 83 23.36 -23.99 -28.00
N LEU E 84 24.18 -23.18 -27.30
CA LEU E 84 23.72 -22.22 -26.24
C LEU E 84 23.03 -21.04 -26.96
N LEU E 85 23.63 -20.60 -28.10
CA LEU E 85 23.11 -19.47 -28.93
C LEU E 85 21.81 -19.89 -29.66
N CYS E 86 21.72 -21.10 -30.13
CA CYS E 86 20.59 -21.67 -30.88
C CYS E 86 19.48 -21.97 -29.88
N HIS E 87 19.82 -22.44 -28.68
CA HIS E 87 18.88 -22.75 -27.57
C HIS E 87 18.39 -21.46 -26.88
N ASN E 88 19.21 -20.40 -26.83
CA ASN E 88 18.80 -19.11 -26.20
C ASN E 88 17.90 -18.37 -27.20
N ALA E 89 17.72 -18.90 -28.40
CA ALA E 89 16.90 -18.26 -29.46
C ALA E 89 15.54 -18.94 -29.28
N GLN E 90 15.58 -20.27 -29.18
CA GLN E 90 14.38 -21.12 -28.99
C GLN E 90 13.66 -20.73 -27.70
N THR E 91 14.39 -20.44 -26.62
CA THR E 91 13.83 -20.02 -25.30
C THR E 91 13.01 -18.75 -25.45
N PHE E 92 13.62 -17.69 -25.97
CA PHE E 92 13.05 -16.34 -26.12
C PHE E 92 11.83 -16.25 -27.02
N ASN E 93 11.87 -16.90 -28.18
CA ASN E 93 10.76 -16.76 -29.16
C ASN E 93 9.91 -18.03 -29.13
N LEU E 94 8.60 -17.84 -29.23
CA LEU E 94 7.65 -18.96 -29.10
C LEU E 94 7.74 -19.93 -30.30
N TYR E 100 13.11 -19.36 -34.70
CA TYR E 100 13.07 -20.58 -33.85
C TYR E 100 13.51 -21.80 -34.65
N GLU E 101 12.90 -22.05 -35.81
CA GLU E 101 13.18 -23.31 -36.57
C GLU E 101 14.56 -23.22 -37.24
N ASP E 102 15.04 -22.03 -37.52
CA ASP E 102 16.37 -21.85 -38.18
C ASP E 102 17.48 -22.17 -37.19
N SER E 103 17.29 -21.88 -35.90
CA SER E 103 18.21 -22.28 -34.80
C SER E 103 18.12 -23.80 -34.56
N ILE E 104 17.00 -24.43 -34.99
CA ILE E 104 16.82 -25.91 -35.03
C ILE E 104 17.58 -26.48 -36.23
N VAL E 105 17.61 -25.75 -37.36
CA VAL E 105 18.35 -26.11 -38.60
C VAL E 105 19.84 -25.77 -38.44
N LEU E 106 20.19 -24.65 -37.79
CA LEU E 106 21.60 -24.21 -37.57
C LEU E 106 22.33 -25.15 -36.61
N GLN E 107 21.60 -25.87 -35.74
CA GLN E 107 22.13 -26.93 -34.85
C GLN E 107 22.36 -28.23 -35.66
N SER E 108 21.51 -28.47 -36.67
CA SER E 108 21.51 -29.66 -37.55
C SER E 108 22.55 -29.49 -38.68
N VAL E 109 22.88 -28.25 -39.06
CA VAL E 109 23.88 -27.90 -40.11
C VAL E 109 25.26 -27.74 -39.47
N PHE E 110 25.33 -27.45 -38.16
CA PHE E 110 26.60 -27.40 -37.38
C PHE E 110 27.04 -28.82 -37.02
N LYS E 111 26.07 -29.71 -36.74
CA LYS E 111 26.32 -31.12 -36.33
C LYS E 111 26.67 -32.00 -37.55
N SER E 112 26.39 -31.54 -38.77
CA SER E 112 26.79 -32.20 -40.05
C SER E 112 28.08 -31.58 -40.60
N ALA E 113 28.34 -30.30 -40.28
CA ALA E 113 29.54 -29.53 -40.72
C ALA E 113 30.76 -29.94 -39.90
N ARG E 114 30.59 -30.17 -38.58
CA ARG E 114 31.68 -30.64 -37.68
C ARG E 114 31.99 -32.11 -37.98
N GLN E 115 31.01 -32.88 -38.44
CA GLN E 115 31.11 -34.34 -38.68
C GLN E 115 31.82 -34.62 -40.02
N LYS E 116 31.90 -33.62 -40.91
CA LYS E 116 32.55 -33.73 -42.25
C LYS E 116 34.03 -33.28 -42.15
N ILE E 117 34.30 -32.17 -41.43
CA ILE E 117 35.65 -31.53 -41.34
C ILE E 117 36.54 -32.30 -40.35
N ALA E 118 36.01 -32.66 -39.16
CA ALA E 118 36.77 -33.24 -38.04
C ALA E 118 37.14 -34.71 -38.29
N LYS E 119 36.42 -35.40 -39.20
CA LYS E 119 36.67 -36.82 -39.55
C LYS E 119 36.36 -37.07 -41.04
N GLU E 120 37.31 -36.74 -41.92
CA GLU E 120 37.32 -37.12 -43.36
C GLU E 120 38.74 -36.96 -43.93
N PRO F 9 6.34 -22.35 -40.45
CA PRO F 9 5.33 -21.30 -40.68
C PRO F 9 5.49 -20.60 -42.03
N VAL F 10 4.77 -21.14 -43.02
CA VAL F 10 4.94 -20.65 -44.42
C VAL F 10 4.61 -19.16 -44.45
N LEU F 11 3.51 -18.79 -43.80
CA LEU F 11 3.01 -17.39 -43.91
C LEU F 11 3.40 -16.72 -42.63
N ARG F 12 4.41 -15.83 -42.63
CA ARG F 12 4.83 -15.13 -41.41
C ARG F 12 5.65 -13.91 -41.81
N SER F 13 5.67 -12.89 -40.98
CA SER F 13 6.56 -11.73 -41.13
C SER F 13 8.00 -12.22 -41.10
N VAL F 14 8.93 -11.40 -41.58
CA VAL F 14 10.40 -11.69 -41.46
C VAL F 14 11.07 -10.52 -40.72
N ASN F 15 11.70 -10.77 -39.60
CA ASN F 15 12.37 -9.68 -38.83
C ASN F 15 13.42 -9.07 -39.77
N SER F 16 13.37 -7.77 -40.01
CA SER F 16 14.21 -7.15 -41.07
C SER F 16 15.04 -5.98 -40.50
N ARG F 17 14.43 -5.16 -39.65
CA ARG F 17 15.05 -3.97 -39.01
C ARG F 17 15.20 -2.82 -40.03
N GLU F 18 14.68 -3.04 -41.25
CA GLU F 18 14.58 -1.99 -42.31
C GLU F 18 13.13 -1.51 -42.40
N PRO F 19 12.85 -0.27 -41.95
CA PRO F 19 11.50 0.25 -41.90
C PRO F 19 10.90 0.40 -43.31
N SER F 20 9.59 0.21 -43.43
CA SER F 20 8.83 0.43 -44.67
C SER F 20 7.56 1.23 -44.38
N GLN F 21 7.55 2.52 -44.66
CA GLN F 21 6.37 3.40 -44.59
C GLN F 21 5.29 2.84 -45.52
N VAL F 22 4.05 2.73 -45.04
CA VAL F 22 2.93 2.16 -45.83
C VAL F 22 1.71 3.08 -45.67
N ILE F 23 0.81 3.09 -46.66
CA ILE F 23 -0.49 3.81 -46.55
C ILE F 23 -1.61 2.78 -46.64
N PHE F 24 -2.29 2.52 -45.52
CA PHE F 24 -3.51 1.68 -45.51
C PHE F 24 -4.66 2.57 -45.96
N CYS F 25 -5.21 2.29 -47.13
CA CYS F 25 -6.36 3.02 -47.70
C CYS F 25 -7.57 2.09 -47.73
N ASN F 26 -8.59 2.39 -46.94
CA ASN F 26 -9.81 1.54 -46.87
C ASN F 26 -10.80 1.98 -47.94
N ARG F 27 -10.86 1.25 -49.05
CA ARG F 27 -11.83 1.57 -50.13
C ARG F 27 -12.98 0.57 -50.12
N SER F 28 -13.26 0.01 -48.94
CA SER F 28 -14.46 -0.84 -48.74
C SER F 28 -15.49 0.00 -47.99
N PRO F 29 -16.78 -0.41 -48.00
CA PRO F 29 -17.83 0.27 -47.26
C PRO F 29 -17.82 -0.12 -45.78
N ARG F 30 -16.90 -1.00 -45.42
CA ARG F 30 -16.85 -1.68 -44.09
C ARG F 30 -15.76 -1.05 -43.23
N VAL F 31 -15.86 -1.22 -41.92
CA VAL F 31 -14.74 -0.93 -40.98
C VAL F 31 -13.72 -2.04 -41.16
N VAL F 32 -12.46 -1.70 -41.37
CA VAL F 32 -11.39 -2.66 -41.75
C VAL F 32 -10.51 -2.94 -40.54
N LEU F 33 -10.29 -4.22 -40.24
CA LEU F 33 -9.34 -4.67 -39.19
C LEU F 33 -8.05 -5.11 -39.88
N PRO F 34 -6.98 -4.30 -39.82
CA PRO F 34 -5.68 -4.75 -40.28
C PRO F 34 -5.17 -5.81 -39.31
N VAL F 35 -4.63 -6.89 -39.85
CA VAL F 35 -4.14 -8.08 -39.09
C VAL F 35 -2.70 -8.34 -39.51
N TRP F 36 -1.75 -8.03 -38.65
CA TRP F 36 -0.30 -8.28 -38.89
C TRP F 36 0.05 -9.70 -38.46
N LEU F 37 0.56 -10.51 -39.39
CA LEU F 37 1.15 -11.82 -39.01
C LEU F 37 2.51 -11.51 -38.38
N ASN F 38 2.69 -12.02 -37.16
CA ASN F 38 3.94 -11.91 -36.36
C ASN F 38 4.95 -12.92 -36.93
N PHE F 39 6.12 -13.06 -36.29
CA PHE F 39 7.26 -13.83 -36.84
C PHE F 39 6.90 -15.33 -36.79
N ASP F 40 6.17 -15.75 -35.78
CA ASP F 40 5.70 -17.15 -35.67
C ASP F 40 4.54 -17.37 -36.62
N GLY F 41 3.91 -16.30 -37.10
CA GLY F 41 2.82 -16.35 -38.07
C GLY F 41 1.47 -16.43 -37.37
N GLU F 42 1.37 -15.81 -36.20
CA GLU F 42 0.09 -15.72 -35.44
C GLU F 42 -0.56 -14.37 -35.72
N PRO F 43 -1.83 -14.35 -36.16
CA PRO F 43 -2.55 -13.12 -36.42
C PRO F 43 -2.52 -12.16 -35.22
N GLN F 44 -2.22 -10.89 -35.46
CA GLN F 44 -2.22 -9.84 -34.41
C GLN F 44 -3.14 -8.69 -34.81
N PRO F 45 -4.33 -8.55 -34.21
CA PRO F 45 -5.22 -7.44 -34.50
C PRO F 45 -4.57 -6.07 -34.26
N TYR F 46 -4.83 -5.12 -35.15
CA TYR F 46 -4.36 -3.72 -35.08
C TYR F 46 -5.55 -2.77 -35.15
N PRO F 47 -5.35 -1.47 -34.84
CA PRO F 47 -6.43 -0.48 -34.83
C PRO F 47 -7.22 -0.45 -36.15
N THR F 48 -8.54 -0.28 -36.08
CA THR F 48 -9.44 -0.36 -37.25
C THR F 48 -9.38 0.93 -38.08
N LEU F 49 -9.59 0.79 -39.39
CA LEU F 49 -9.74 1.88 -40.39
C LEU F 49 -11.22 2.07 -40.70
N PRO F 50 -11.81 3.26 -40.44
CA PRO F 50 -13.19 3.53 -40.84
C PRO F 50 -13.30 3.51 -42.35
N PRO F 51 -14.50 3.25 -42.92
CA PRO F 51 -14.67 3.23 -44.37
C PRO F 51 -14.26 4.59 -44.94
N GLY F 52 -13.55 4.55 -46.08
CA GLY F 52 -13.16 5.75 -46.81
C GLY F 52 -12.07 6.55 -46.14
N THR F 53 -11.21 5.95 -45.30
CA THR F 53 -10.08 6.70 -44.73
C THR F 53 -8.78 6.06 -45.20
N GLY F 54 -7.69 6.80 -45.03
CA GLY F 54 -6.34 6.33 -45.31
C GLY F 54 -5.38 6.85 -44.27
N ARG F 55 -4.48 6.01 -43.81
CA ARG F 55 -3.55 6.33 -42.72
C ARG F 55 -2.15 5.88 -43.10
N ARG F 56 -1.15 6.68 -42.75
CA ARG F 56 0.25 6.27 -42.95
C ARG F 56 0.64 5.45 -41.72
N ILE F 57 1.23 4.28 -41.89
CA ILE F 57 1.53 3.38 -40.76
C ILE F 57 2.99 2.96 -40.90
N HIS F 58 3.67 2.68 -39.80
CA HIS F 58 5.07 2.22 -39.81
C HIS F 58 5.08 0.70 -39.68
N SER F 59 5.60 0.05 -40.69
CA SER F 59 5.78 -1.41 -40.76
C SER F 59 7.23 -1.64 -41.24
N TYR F 60 7.64 -2.89 -41.37
CA TYR F 60 9.04 -3.15 -41.81
C TYR F 60 8.99 -3.96 -43.10
N ARG F 61 10.09 -3.98 -43.84
CA ARG F 61 10.21 -4.76 -45.08
C ARG F 61 9.94 -6.25 -44.77
N GLY F 62 9.17 -6.92 -45.63
CA GLY F 62 8.96 -8.38 -45.49
C GLY F 62 7.84 -8.69 -44.50
N HIS F 63 7.38 -7.71 -43.73
CA HIS F 63 6.27 -7.94 -42.78
C HIS F 63 5.01 -8.27 -43.59
N LEU F 64 4.27 -9.26 -43.15
CA LEU F 64 3.09 -9.78 -43.88
C LEU F 64 1.82 -9.27 -43.18
N TRP F 65 0.91 -8.66 -43.93
CA TRP F 65 -0.39 -8.15 -43.41
C TRP F 65 -1.59 -8.83 -44.08
N LEU F 66 -2.75 -8.64 -43.45
CA LEU F 66 -4.03 -9.23 -43.89
C LEU F 66 -5.14 -8.32 -43.42
N PHE F 67 -6.22 -8.17 -44.17
CA PHE F 67 -7.32 -7.23 -43.77
C PHE F 67 -8.69 -7.92 -43.69
N ARG F 68 -9.51 -7.45 -42.77
CA ARG F 68 -10.85 -8.04 -42.53
C ARG F 68 -11.89 -7.03 -42.05
N ASP F 69 -13.17 -7.36 -42.29
CA ASP F 69 -14.32 -6.59 -41.78
C ASP F 69 -14.29 -6.73 -40.26
N ALA F 70 -13.89 -5.68 -39.54
CA ALA F 70 -13.70 -5.69 -38.08
C ALA F 70 -14.91 -6.33 -37.39
N GLY F 71 -16.13 -6.03 -37.86
CA GLY F 71 -17.37 -6.64 -37.34
C GLY F 71 -17.49 -8.12 -37.66
N THR F 72 -17.74 -8.45 -38.92
CA THR F 72 -18.17 -9.80 -39.35
C THR F 72 -17.00 -10.77 -39.48
N HIS F 73 -15.77 -10.27 -39.51
CA HIS F 73 -14.52 -11.02 -39.81
C HIS F 73 -14.52 -11.55 -41.25
N ASP F 74 -15.39 -11.00 -42.10
CA ASP F 74 -15.45 -11.28 -43.56
C ASP F 74 -14.09 -10.96 -44.21
N GLY F 75 -13.74 -11.71 -45.25
CA GLY F 75 -12.48 -11.55 -46.00
C GLY F 75 -12.46 -10.33 -46.90
N LEU F 76 -11.38 -9.54 -46.86
CA LEU F 76 -11.17 -8.39 -47.76
C LEU F 76 -9.97 -8.67 -48.69
N LEU F 77 -9.67 -7.73 -49.57
CA LEU F 77 -8.54 -7.79 -50.52
C LEU F 77 -7.68 -6.55 -50.38
N VAL F 78 -6.39 -6.68 -50.67
CA VAL F 78 -5.44 -5.54 -50.66
C VAL F 78 -4.61 -5.60 -51.95
N ASN F 79 -4.79 -4.61 -52.82
CA ASN F 79 -4.12 -4.57 -54.15
C ASN F 79 -4.56 -5.85 -54.88
N GLN F 80 -5.86 -6.11 -54.86
CA GLN F 80 -6.58 -7.22 -55.52
C GLN F 80 -5.98 -8.59 -55.21
N THR F 81 -5.31 -8.70 -54.08
CA THR F 81 -4.88 -10.02 -53.54
C THR F 81 -5.22 -10.09 -52.05
N GLU F 82 -4.89 -11.22 -51.42
CA GLU F 82 -5.35 -11.55 -50.05
C GLU F 82 -4.33 -11.15 -48.99
N LEU F 83 -3.05 -11.19 -49.32
CA LEU F 83 -1.95 -10.80 -48.41
C LEU F 83 -1.25 -9.58 -48.98
N PHE F 84 -0.75 -8.71 -48.08
CA PHE F 84 0.05 -7.53 -48.45
C PHE F 84 1.40 -7.63 -47.75
N VAL F 85 2.50 -7.51 -48.48
CA VAL F 85 3.86 -7.51 -47.90
C VAL F 85 4.55 -6.29 -48.47
N PRO F 86 4.86 -5.26 -47.65
CA PRO F 86 5.47 -4.05 -48.17
C PRO F 86 6.76 -4.30 -48.92
N SER F 87 6.86 -3.67 -50.08
CA SER F 87 8.09 -3.70 -50.88
C SER F 87 9.12 -2.83 -50.19
N LEU F 88 10.40 -2.95 -50.57
CA LEU F 88 11.40 -2.07 -49.96
C LEU F 88 11.06 -0.67 -50.41
N ASN F 89 11.08 0.29 -49.48
CA ASN F 89 10.77 1.68 -49.84
C ASN F 89 11.88 2.23 -50.73
N VAL F 90 11.48 2.96 -51.74
CA VAL F 90 12.45 3.60 -52.66
C VAL F 90 12.30 5.10 -52.49
N ASP F 91 13.39 5.80 -52.19
CA ASP F 91 13.46 7.27 -52.21
C ASP F 91 12.54 7.91 -51.17
N GLY F 92 12.16 7.20 -50.12
CA GLY F 92 11.28 7.73 -49.07
C GLY F 92 9.80 7.64 -49.40
N GLN F 93 9.48 7.30 -50.63
CA GLN F 93 8.12 7.24 -51.14
C GLN F 93 7.42 6.12 -50.40
N PRO F 94 6.20 6.40 -49.90
CA PRO F 94 5.48 5.38 -49.16
C PRO F 94 4.80 4.41 -50.13
N ILE F 95 4.74 3.15 -49.75
CA ILE F 95 4.02 2.09 -50.49
C ILE F 95 2.53 2.26 -50.21
N PHE F 96 1.65 1.72 -51.04
CA PHE F 96 0.19 1.92 -50.90
C PHE F 96 -0.50 0.56 -50.84
N ALA F 97 -1.31 0.38 -49.80
CA ALA F 97 -2.17 -0.81 -49.60
C ALA F 97 -3.62 -0.39 -49.81
N ASN F 98 -4.18 -0.76 -50.96
CA ASN F 98 -5.56 -0.41 -51.34
C ASN F 98 -6.49 -1.55 -50.90
N ILE F 99 -7.30 -1.32 -49.89
CA ILE F 99 -8.12 -2.39 -49.25
C ILE F 99 -9.54 -2.29 -49.80
N THR F 100 -10.08 -3.37 -50.35
CA THR F 100 -11.43 -3.32 -50.95
C THR F 100 -12.22 -4.60 -50.70
N LEU F 101 -13.50 -4.53 -50.96
CA LEU F 101 -14.36 -5.74 -51.05
C LEU F 101 -13.81 -6.62 -52.15
N PRO F 102 -13.80 -7.95 -51.95
CA PRO F 102 -13.71 -8.88 -53.05
C PRO F 102 -15.10 -9.09 -53.67
N VAL F 103 -15.15 -9.83 -54.77
CA VAL F 103 -16.42 -10.31 -55.35
C VAL F 103 -16.80 -11.57 -54.58
N TYR F 104 -17.61 -11.43 -53.52
CA TYR F 104 -18.08 -12.59 -52.74
C TYR F 104 -18.98 -13.44 -53.65
N THR F 105 -18.96 -14.75 -53.46
CA THR F 105 -19.96 -15.68 -54.07
C THR F 105 -21.35 -15.18 -53.63
N LEU F 106 -22.37 -15.36 -54.45
CA LEU F 106 -23.75 -14.91 -54.12
C LEU F 106 -24.17 -15.56 -52.79
N LYS F 107 -23.85 -16.85 -52.62
CA LYS F 107 -24.15 -17.60 -51.38
C LYS F 107 -23.49 -16.88 -50.20
N GLU F 108 -22.16 -16.82 -50.18
CA GLU F 108 -21.40 -16.22 -49.06
C GLU F 108 -21.98 -14.83 -48.78
N ARG F 109 -22.29 -14.08 -49.84
CA ARG F 109 -22.82 -12.70 -49.68
C ARG F 109 -24.17 -12.76 -48.98
N CYS F 110 -25.05 -13.68 -49.37
CA CYS F 110 -26.39 -13.87 -48.75
C CYS F 110 -26.21 -14.20 -47.27
N LEU F 111 -25.36 -15.18 -46.97
CA LEU F 111 -25.03 -15.57 -45.57
C LEU F 111 -24.71 -14.29 -44.80
N GLN F 112 -23.76 -13.51 -45.29
CA GLN F 112 -23.38 -12.20 -44.69
C GLN F 112 -24.62 -11.41 -44.30
N VAL F 113 -25.61 -11.31 -45.18
CA VAL F 113 -26.78 -10.40 -44.99
C VAL F 113 -27.68 -11.02 -43.92
N VAL F 114 -27.98 -12.31 -44.05
CA VAL F 114 -28.82 -13.08 -43.08
C VAL F 114 -28.18 -12.95 -41.69
N ARG F 115 -26.91 -13.35 -41.59
CA ARG F 115 -26.07 -13.19 -40.37
C ARG F 115 -26.22 -11.79 -39.77
N SER F 116 -26.32 -10.75 -40.59
CA SER F 116 -26.36 -9.34 -40.13
C SER F 116 -27.75 -8.95 -39.64
N LEU F 117 -28.80 -9.71 -39.98
CA LEU F 117 -30.22 -9.37 -39.70
C LEU F 117 -30.76 -10.22 -38.54
N VAL F 118 -30.27 -11.45 -38.38
CA VAL F 118 -30.76 -12.47 -37.39
C VAL F 118 -29.71 -12.65 -36.29
N LYS F 119 -30.13 -12.66 -35.02
CA LYS F 119 -29.23 -12.91 -33.85
C LYS F 119 -28.76 -14.36 -33.90
N PRO F 120 -27.48 -14.66 -33.56
CA PRO F 120 -26.90 -15.97 -33.85
C PRO F 120 -27.66 -17.14 -33.21
N GLU F 121 -28.26 -16.88 -32.04
CA GLU F 121 -29.09 -17.85 -31.28
C GLU F 121 -30.39 -18.16 -32.02
N ASN F 122 -30.75 -17.36 -33.04
CA ASN F 122 -32.03 -17.51 -33.79
C ASN F 122 -31.79 -18.14 -35.16
N TYR F 123 -30.53 -18.27 -35.59
CA TYR F 123 -30.21 -18.97 -36.86
C TYR F 123 -30.99 -20.28 -36.86
N ARG F 124 -31.14 -20.89 -35.68
CA ARG F 124 -31.85 -22.17 -35.43
C ARG F 124 -33.33 -22.08 -35.82
N ARG F 125 -33.93 -20.89 -35.86
CA ARG F 125 -35.39 -20.70 -36.03
C ARG F 125 -35.75 -20.55 -37.51
N LEU F 126 -34.76 -20.32 -38.38
CA LEU F 126 -34.98 -20.04 -39.82
C LEU F 126 -35.45 -21.32 -40.52
N ASP F 127 -36.52 -21.24 -41.32
CA ASP F 127 -37.19 -22.38 -41.99
C ASP F 127 -36.37 -22.71 -43.24
N ILE F 128 -35.11 -23.07 -43.08
CA ILE F 128 -34.16 -23.40 -44.17
C ILE F 128 -33.55 -24.77 -43.87
N VAL F 129 -32.77 -25.29 -44.81
CA VAL F 129 -32.11 -26.61 -44.67
C VAL F 129 -31.04 -26.55 -43.57
N ARG F 130 -30.75 -27.67 -42.90
CA ARG F 130 -29.76 -27.70 -41.80
C ARG F 130 -28.42 -27.30 -42.40
N SER F 131 -28.11 -27.75 -43.60
CA SER F 131 -26.78 -27.45 -44.21
C SER F 131 -26.63 -25.92 -44.28
N LEU F 132 -27.69 -25.23 -44.67
CA LEU F 132 -27.61 -23.74 -44.74
C LEU F 132 -27.39 -23.22 -43.31
N TYR F 133 -28.09 -23.80 -42.34
CA TYR F 133 -27.95 -23.39 -40.92
C TYR F 133 -26.49 -23.60 -40.52
N GLU F 134 -25.89 -24.71 -40.86
CA GLU F 134 -24.46 -24.96 -40.53
C GLU F 134 -23.63 -23.83 -41.16
N ASP F 135 -23.85 -23.53 -42.44
CA ASP F 135 -23.10 -22.47 -43.18
C ASP F 135 -23.26 -21.13 -42.46
N LEU F 136 -24.48 -20.79 -42.04
CA LEU F 136 -24.77 -19.55 -41.29
C LEU F 136 -23.90 -19.52 -40.01
N GLU F 137 -23.86 -20.66 -39.30
CA GLU F 137 -23.21 -20.77 -37.98
C GLU F 137 -21.70 -20.73 -38.14
N ASP F 138 -21.18 -21.23 -39.26
CA ASP F 138 -19.73 -21.17 -39.60
C ASP F 138 -19.35 -19.72 -39.90
N HIS F 139 -19.16 -18.91 -38.87
CA HIS F 139 -18.70 -17.51 -38.99
C HIS F 139 -17.35 -17.53 -39.71
N PRO F 140 -17.06 -16.54 -40.58
CA PRO F 140 -15.77 -16.46 -41.25
C PRO F 140 -14.68 -16.31 -40.20
N ASN F 141 -13.44 -16.65 -40.52
CA ASN F 141 -12.38 -16.77 -39.46
C ASN F 141 -11.00 -16.69 -40.10
N VAL F 142 -10.18 -15.76 -39.61
CA VAL F 142 -8.78 -15.49 -40.08
C VAL F 142 -8.01 -16.81 -40.12
N GLN F 143 -8.08 -17.62 -39.06
CA GLN F 143 -7.23 -18.82 -38.89
C GLN F 143 -7.61 -19.87 -39.93
N LYS F 144 -8.91 -20.19 -40.04
CA LYS F 144 -9.43 -21.14 -41.06
C LYS F 144 -8.89 -20.74 -42.44
N ASP F 145 -8.97 -19.44 -42.74
CA ASP F 145 -8.59 -18.86 -44.06
C ASP F 145 -7.08 -18.95 -44.23
N LEU F 146 -6.29 -18.73 -43.16
CA LEU F 146 -4.82 -18.83 -43.19
C LEU F 146 -4.42 -20.27 -43.53
N GLU F 147 -5.08 -21.26 -42.92
CA GLU F 147 -4.82 -22.70 -43.16
C GLU F 147 -5.02 -22.99 -44.65
N ARG F 148 -6.14 -22.54 -45.20
CA ARG F 148 -6.49 -22.69 -46.64
C ARG F 148 -5.42 -22.04 -47.51
N LEU F 149 -4.97 -20.82 -47.18
CA LEU F 149 -3.98 -20.04 -47.97
C LEU F 149 -2.64 -20.78 -48.00
N THR F 150 -2.28 -21.49 -46.92
CA THR F 150 -1.04 -22.28 -46.84
C THR F 150 -1.11 -23.41 -47.88
N GLN F 151 -2.20 -24.18 -47.89
CA GLN F 151 -2.38 -25.34 -48.81
C GLN F 151 -2.40 -24.84 -50.26
N GLU F 152 -2.84 -23.59 -50.48
CA GLU F 152 -2.92 -22.93 -51.81
C GLU F 152 -1.52 -22.45 -52.23
N ARG F 153 -0.58 -22.37 -51.29
CA ARG F 153 0.82 -21.95 -51.55
C ARG F 153 1.67 -23.20 -51.76
N ILE F 154 1.34 -24.30 -51.07
CA ILE F 154 2.06 -25.60 -51.24
C ILE F 154 1.56 -26.30 -52.51
N ALA F 155 0.43 -25.86 -53.06
CA ALA F 155 -0.18 -26.37 -54.31
C ALA F 155 0.39 -25.67 -55.54
N HIS F 156 0.90 -24.43 -55.42
CA HIS F 156 1.59 -23.79 -56.59
C HIS F 156 3.09 -23.91 -56.39
N GLN F 157 3.53 -24.53 -55.28
CA GLN F 157 4.95 -24.88 -54.98
C GLN F 157 5.01 -26.40 -54.80
N ARG F 158 4.27 -27.15 -55.64
CA ARG F 158 4.35 -28.63 -55.75
C ARG F 158 4.77 -28.97 -57.19
N MET F 159 3.80 -28.97 -58.12
CA MET F 159 4.02 -29.07 -59.59
C MET F 159 5.07 -30.14 -59.90
N MET G 1 -25.07 -16.80 -77.95
CA MET G 1 -24.39 -15.88 -76.99
C MET G 1 -25.35 -15.60 -75.85
N TYR G 2 -26.65 -15.59 -76.13
CA TYR G 2 -27.62 -15.32 -75.07
C TYR G 2 -28.33 -16.60 -74.68
N VAL G 3 -28.85 -16.61 -73.46
CA VAL G 3 -29.57 -17.77 -72.88
C VAL G 3 -30.78 -17.28 -72.10
N LYS G 4 -31.84 -18.12 -72.04
CA LYS G 4 -33.13 -17.75 -71.43
C LYS G 4 -33.32 -18.51 -70.11
N LEU G 5 -33.36 -17.80 -68.99
CA LEU G 5 -33.70 -18.36 -67.66
C LEU G 5 -35.16 -17.98 -67.36
N ILE G 6 -36.00 -18.95 -66.98
CA ILE G 6 -37.47 -18.76 -66.80
C ILE G 6 -37.83 -19.07 -65.35
N SER G 7 -38.41 -18.08 -64.66
CA SER G 7 -38.79 -18.17 -63.22
C SER G 7 -40.08 -18.98 -63.08
N SER G 8 -40.39 -19.41 -61.86
CA SER G 8 -41.60 -20.18 -61.48
C SER G 8 -42.86 -19.48 -62.01
N ASP G 9 -43.01 -18.19 -61.71
CA ASP G 9 -44.21 -17.40 -62.13
C ASP G 9 -44.20 -17.27 -63.65
N GLY G 10 -43.05 -17.49 -64.30
CA GLY G 10 -42.99 -17.56 -65.77
C GLY G 10 -42.42 -16.31 -66.41
N HIS G 11 -41.69 -15.47 -65.68
CA HIS G 11 -40.88 -14.37 -66.28
C HIS G 11 -39.74 -14.99 -67.09
N GLU G 12 -39.38 -14.39 -68.22
CA GLU G 12 -38.24 -14.80 -69.05
C GLU G 12 -37.10 -13.81 -68.81
N PHE G 13 -35.90 -14.31 -68.57
CA PHE G 13 -34.67 -13.50 -68.39
C PHE G 13 -33.67 -13.90 -69.48
N ILE G 14 -33.38 -13.00 -70.41
CA ILE G 14 -32.39 -13.24 -71.48
C ILE G 14 -31.07 -12.63 -71.02
N VAL G 15 -30.06 -13.46 -70.75
CA VAL G 15 -28.74 -13.02 -70.24
C VAL G 15 -27.66 -13.69 -71.09
N LYS G 16 -26.50 -13.03 -71.25
CA LYS G 16 -25.35 -13.58 -72.00
C LYS G 16 -25.03 -14.99 -71.45
N ARG G 17 -24.63 -15.90 -72.33
CA ARG G 17 -24.37 -17.32 -71.98
C ARG G 17 -23.31 -17.37 -70.87
N GLU G 18 -22.21 -16.67 -71.08
CA GLU G 18 -21.03 -16.65 -70.18
C GLU G 18 -21.44 -16.10 -68.81
N HIS G 19 -22.32 -15.10 -68.76
CA HIS G 19 -22.86 -14.54 -67.49
C HIS G 19 -23.57 -15.65 -66.70
N ALA G 20 -24.40 -16.44 -67.37
CA ALA G 20 -25.19 -17.53 -66.75
C ALA G 20 -24.24 -18.61 -66.21
N LEU G 21 -23.22 -18.98 -66.99
CA LEU G 21 -22.28 -20.09 -66.68
C LEU G 21 -21.60 -19.86 -65.31
N THR G 22 -21.66 -18.65 -64.77
CA THR G 22 -21.11 -18.33 -63.43
C THR G 22 -21.76 -19.30 -62.44
N SER G 23 -22.84 -19.95 -62.84
CA SER G 23 -23.58 -20.90 -61.97
C SER G 23 -23.21 -22.32 -62.39
N GLY G 24 -22.60 -23.10 -61.50
CA GLY G 24 -22.25 -24.50 -61.80
C GLY G 24 -23.47 -25.29 -62.25
N THR G 25 -24.54 -25.09 -61.50
CA THR G 25 -25.81 -25.84 -61.74
C THR G 25 -26.22 -25.54 -63.17
N ILE G 26 -26.17 -24.28 -63.59
CA ILE G 26 -26.62 -23.90 -64.97
C ILE G 26 -25.61 -24.49 -65.95
N LYS G 27 -24.30 -24.31 -65.68
CA LYS G 27 -23.22 -24.89 -66.50
C LYS G 27 -23.53 -26.38 -66.79
N ALA G 28 -23.89 -27.12 -65.74
CA ALA G 28 -24.24 -28.56 -65.81
C ALA G 28 -25.46 -28.76 -66.73
N MET G 29 -26.52 -27.99 -66.52
CA MET G 29 -27.82 -28.13 -67.23
C MET G 29 -27.66 -27.80 -68.72
N LEU G 30 -26.75 -26.89 -69.06
CA LEU G 30 -26.50 -26.45 -70.46
C LEU G 30 -25.49 -27.39 -71.12
N SER G 31 -24.41 -27.75 -70.43
CA SER G 31 -23.37 -28.68 -70.94
C SER G 31 -23.90 -30.13 -70.98
N ASN G 39 -26.03 -31.14 -78.56
CA ASN G 39 -25.24 -29.90 -78.29
C ASN G 39 -25.75 -29.30 -76.97
N GLU G 40 -26.02 -27.99 -76.92
CA GLU G 40 -26.47 -27.25 -75.73
C GLU G 40 -27.77 -26.47 -76.03
N THR G 41 -28.67 -26.38 -75.04
CA THR G 41 -30.03 -25.81 -75.16
C THR G 41 -29.97 -24.29 -74.93
N ASN G 42 -31.08 -23.59 -75.19
CA ASN G 42 -31.21 -22.12 -75.03
C ASN G 42 -31.99 -21.76 -73.75
N GLU G 43 -33.00 -22.55 -73.41
CA GLU G 43 -33.88 -22.30 -72.24
C GLU G 43 -33.38 -23.15 -71.06
N VAL G 44 -33.60 -22.67 -69.83
CA VAL G 44 -33.69 -23.51 -68.61
C VAL G 44 -34.80 -22.94 -67.72
N ASN G 45 -35.57 -23.83 -67.09
CA ASN G 45 -36.77 -23.48 -66.28
C ASN G 45 -36.47 -23.78 -64.81
N PHE G 46 -36.73 -22.81 -63.92
CA PHE G 46 -36.60 -22.96 -62.45
C PHE G 46 -37.98 -22.92 -61.82
N ARG G 47 -38.53 -24.10 -61.52
CA ARG G 47 -39.96 -24.25 -61.09
C ARG G 47 -40.12 -23.73 -59.67
N GLU G 48 -39.03 -23.64 -58.89
CA GLU G 48 -39.11 -23.26 -57.45
C GLU G 48 -38.45 -21.91 -57.18
N ILE G 49 -37.98 -21.20 -58.20
CA ILE G 49 -37.36 -19.86 -58.06
C ILE G 49 -38.31 -18.81 -58.60
N PRO G 50 -38.84 -17.89 -57.76
CA PRO G 50 -39.68 -16.80 -58.25
C PRO G 50 -38.86 -15.72 -58.97
N SER G 51 -39.54 -14.81 -59.68
CA SER G 51 -38.89 -13.75 -60.48
C SER G 51 -38.11 -12.77 -59.59
N HIS G 52 -38.67 -12.28 -58.50
CA HIS G 52 -38.02 -11.23 -57.69
C HIS G 52 -36.67 -11.79 -57.24
N VAL G 53 -36.53 -13.11 -57.25
CA VAL G 53 -35.25 -13.78 -56.85
C VAL G 53 -34.40 -13.98 -58.10
N LEU G 54 -34.91 -14.65 -59.12
CA LEU G 54 -34.11 -15.01 -60.34
C LEU G 54 -33.62 -13.73 -61.02
N SER G 55 -34.42 -12.65 -60.97
CA SER G 55 -34.01 -11.29 -61.44
C SER G 55 -32.71 -10.91 -60.77
N LYS G 56 -32.68 -10.98 -59.44
CA LYS G 56 -31.50 -10.57 -58.63
C LYS G 56 -30.34 -11.55 -58.89
N VAL G 57 -30.63 -12.83 -59.11
CA VAL G 57 -29.57 -13.83 -59.41
C VAL G 57 -28.82 -13.38 -60.66
N CYS G 58 -29.55 -12.91 -61.67
CA CYS G 58 -28.97 -12.38 -62.94
C CYS G 58 -28.11 -11.17 -62.62
N MET G 59 -28.69 -10.18 -61.94
CA MET G 59 -27.99 -8.96 -61.50
C MET G 59 -26.64 -9.35 -60.88
N TYR G 60 -26.57 -10.44 -60.13
CA TYR G 60 -25.28 -10.91 -59.55
C TYR G 60 -24.37 -11.31 -60.71
N PHE G 61 -24.83 -12.13 -61.66
CA PHE G 61 -24.01 -12.53 -62.84
C PHE G 61 -23.37 -11.28 -63.46
N THR G 62 -24.20 -10.27 -63.77
CA THR G 62 -23.78 -8.95 -64.31
C THR G 62 -22.62 -8.42 -63.45
N TYR G 63 -22.84 -8.31 -62.14
CA TYR G 63 -21.90 -7.80 -61.09
C TYR G 63 -20.63 -8.64 -61.12
N LYS G 64 -20.74 -9.95 -60.90
CA LYS G 64 -19.56 -10.85 -60.77
C LYS G 64 -18.71 -10.71 -62.02
N VAL G 65 -19.32 -10.86 -63.19
CA VAL G 65 -18.59 -10.83 -64.50
C VAL G 65 -17.83 -9.51 -64.57
N ARG G 66 -18.49 -8.41 -64.25
CA ARG G 66 -17.95 -7.04 -64.43
C ARG G 66 -16.78 -6.79 -63.46
N TYR G 67 -16.94 -7.11 -62.19
CA TYR G 67 -16.03 -6.60 -61.11
C TYR G 67 -14.96 -7.62 -60.72
N THR G 68 -15.07 -8.89 -61.14
CA THR G 68 -13.97 -9.86 -60.99
C THR G 68 -12.76 -9.31 -61.73
N ASN G 69 -11.58 -9.34 -61.08
CA ASN G 69 -10.29 -8.94 -61.67
C ASN G 69 -10.23 -7.42 -61.85
N SER G 70 -11.06 -6.63 -61.14
CA SER G 70 -11.00 -5.15 -61.28
C SER G 70 -9.99 -4.52 -60.32
N SER G 71 -9.05 -3.73 -60.81
CA SER G 71 -8.02 -3.06 -59.97
C SER G 71 -8.76 -2.04 -59.09
N THR G 72 -9.75 -1.38 -59.67
CA THR G 72 -10.60 -0.36 -59.02
C THR G 72 -11.39 -0.95 -57.82
N GLU G 73 -11.75 -0.11 -56.85
CA GLU G 73 -12.52 -0.56 -55.68
C GLU G 73 -13.84 -1.19 -56.17
N ILE G 74 -14.22 -2.29 -55.55
CA ILE G 74 -15.47 -3.03 -55.88
C ILE G 74 -16.55 -2.53 -54.92
N PRO G 75 -17.79 -2.32 -55.42
CA PRO G 75 -18.91 -1.89 -54.58
C PRO G 75 -19.72 -3.06 -54.02
N GLU G 76 -20.34 -2.86 -52.85
CA GLU G 76 -21.08 -3.91 -52.13
C GLU G 76 -22.26 -4.36 -53.00
N PHE G 77 -22.44 -5.68 -53.18
CA PHE G 77 -23.63 -6.25 -53.89
C PHE G 77 -24.81 -6.23 -52.92
N PRO G 78 -25.79 -5.32 -53.10
CA PRO G 78 -26.80 -5.09 -52.06
C PRO G 78 -27.82 -6.21 -52.11
N ILE G 79 -28.38 -6.60 -50.96
CA ILE G 79 -29.49 -7.58 -50.83
C ILE G 79 -30.47 -7.06 -49.77
N ALA G 80 -31.71 -6.79 -50.16
CA ALA G 80 -32.76 -6.29 -49.24
C ALA G 80 -33.17 -7.43 -48.30
N PRO G 81 -33.44 -7.14 -47.00
CA PRO G 81 -33.91 -8.16 -46.07
C PRO G 81 -35.01 -9.07 -46.63
N GLU G 82 -35.99 -8.48 -47.30
CA GLU G 82 -37.23 -9.16 -47.77
C GLU G 82 -36.85 -10.32 -48.70
N ILE G 83 -35.71 -10.21 -49.39
CA ILE G 83 -35.30 -11.14 -50.47
C ILE G 83 -34.21 -12.12 -49.95
N ALA G 84 -33.56 -11.77 -48.82
CA ALA G 84 -32.29 -12.36 -48.37
C ALA G 84 -32.36 -13.90 -48.32
N LEU G 85 -33.39 -14.43 -47.65
CA LEU G 85 -33.52 -15.88 -47.35
C LEU G 85 -33.71 -16.65 -48.66
N GLU G 86 -34.70 -16.25 -49.45
CA GLU G 86 -35.04 -16.95 -50.73
C GLU G 86 -33.84 -16.90 -51.66
N LEU G 87 -33.11 -15.77 -51.68
CA LEU G 87 -31.90 -15.60 -52.52
C LEU G 87 -30.86 -16.62 -52.05
N LEU G 88 -30.64 -16.72 -50.74
CA LEU G 88 -29.68 -17.67 -50.13
C LEU G 88 -30.03 -19.08 -50.59
N MET G 89 -31.32 -19.42 -50.54
CA MET G 89 -31.79 -20.74 -51.02
C MET G 89 -31.38 -20.89 -52.49
N ALA G 90 -31.86 -19.99 -53.34
CA ALA G 90 -31.62 -19.98 -54.80
C ALA G 90 -30.11 -20.04 -55.04
N ALA G 91 -29.35 -19.16 -54.37
CA ALA G 91 -27.89 -19.09 -54.49
C ALA G 91 -27.30 -20.49 -54.34
N ASN G 92 -27.67 -21.21 -53.28
CA ASN G 92 -27.05 -22.51 -52.96
C ASN G 92 -27.40 -23.51 -54.07
N PHE G 93 -28.66 -23.54 -54.51
CA PHE G 93 -29.13 -24.47 -55.56
C PHE G 93 -28.30 -24.18 -56.82
N LEU G 94 -28.12 -22.93 -57.15
CA LEU G 94 -27.42 -22.51 -58.38
C LEU G 94 -25.91 -22.74 -58.29
N ASP G 95 -25.30 -22.61 -57.12
CA ASP G 95 -23.83 -22.77 -56.96
C ASP G 95 -23.14 -21.47 -57.41
N CYS G 96 -23.91 -20.39 -57.61
CA CYS G 96 -23.31 -19.04 -57.85
C CYS G 96 -22.35 -18.66 -56.72
N MET H 1 -17.40 5.12 -70.59
CA MET H 1 -18.03 4.57 -69.34
C MET H 1 -19.19 3.65 -69.71
N ASP H 2 -19.40 2.59 -68.93
CA ASP H 2 -20.42 1.54 -69.22
C ASP H 2 -21.72 1.83 -68.46
N VAL H 3 -22.85 1.42 -69.04
CA VAL H 3 -24.19 1.46 -68.40
C VAL H 3 -24.79 0.05 -68.49
N PHE H 4 -25.39 -0.39 -67.38
CA PHE H 4 -25.96 -1.74 -67.24
C PHE H 4 -27.49 -1.60 -67.20
N LEU H 5 -28.15 -2.40 -68.04
CA LEU H 5 -29.56 -2.15 -68.42
C LEU H 5 -30.38 -3.43 -68.26
N MET H 6 -31.64 -3.25 -67.91
CA MET H 6 -32.71 -4.26 -68.11
C MET H 6 -33.70 -3.69 -69.14
N ILE H 7 -33.70 -4.25 -70.35
CA ILE H 7 -34.72 -3.93 -71.39
C ILE H 7 -35.87 -4.88 -71.20
N ARG H 8 -37.01 -4.36 -70.78
CA ARG H 8 -38.16 -5.22 -70.40
C ARG H 8 -39.42 -4.92 -71.20
N ARG H 9 -39.98 -5.96 -71.80
CA ARG H 9 -41.26 -5.88 -72.48
C ARG H 9 -42.09 -6.97 -71.90
N HIS H 10 -43.25 -6.70 -71.35
CA HIS H 10 -44.15 -7.75 -70.82
C HIS H 10 -43.41 -8.64 -69.83
N LYS H 11 -43.43 -9.94 -70.09
CA LYS H 11 -42.79 -10.92 -69.21
C LYS H 11 -41.33 -11.18 -69.62
N THR H 12 -40.85 -10.50 -70.66
CA THR H 12 -39.45 -10.65 -71.10
C THR H 12 -38.60 -9.57 -70.43
N THR H 13 -37.39 -9.96 -70.03
CA THR H 13 -36.37 -9.06 -69.42
C THR H 13 -35.00 -9.44 -70.00
N ILE H 14 -34.41 -8.53 -70.75
CA ILE H 14 -33.06 -8.70 -71.37
C ILE H 14 -32.06 -7.93 -70.51
N PHE H 15 -31.02 -8.62 -70.05
CA PHE H 15 -29.87 -8.04 -69.32
C PHE H 15 -28.74 -7.81 -70.30
N THR H 16 -28.33 -6.56 -70.48
CA THR H 16 -27.18 -6.21 -71.34
C THR H 16 -26.57 -4.87 -70.90
N ASP H 17 -25.34 -4.66 -71.34
CA ASP H 17 -24.53 -3.45 -71.09
C ASP H 17 -24.37 -2.77 -72.44
N ALA H 18 -23.93 -1.52 -72.40
CA ALA H 18 -23.74 -0.61 -73.56
C ALA H 18 -22.96 0.59 -73.03
N LYS H 19 -22.37 1.37 -73.92
CA LYS H 19 -21.58 2.55 -73.53
C LYS H 19 -22.55 3.71 -73.29
N GLU H 20 -22.21 4.61 -72.37
CA GLU H 20 -22.90 5.91 -72.21
C GLU H 20 -22.98 6.59 -73.58
N SER H 21 -21.89 6.50 -74.35
CA SER H 21 -21.68 7.20 -75.65
C SER H 21 -22.47 6.50 -76.78
N SER H 22 -22.75 5.20 -76.66
CA SER H 22 -23.61 4.43 -77.60
C SER H 22 -25.02 5.03 -77.65
N THR H 23 -25.80 4.70 -78.67
CA THR H 23 -27.08 5.38 -79.02
C THR H 23 -28.28 4.45 -78.83
N VAL H 24 -29.45 5.05 -78.61
CA VAL H 24 -30.77 4.36 -78.48
C VAL H 24 -30.95 3.43 -79.68
N PHE H 25 -30.50 3.82 -80.87
CA PHE H 25 -30.62 3.00 -82.10
C PHE H 25 -29.81 1.71 -81.92
N GLU H 26 -28.55 1.83 -81.53
CA GLU H 26 -27.64 0.68 -81.33
C GLU H 26 -28.30 -0.33 -80.38
N LEU H 27 -29.02 0.18 -79.38
CA LEU H 27 -29.72 -0.65 -78.37
C LEU H 27 -30.86 -1.41 -79.03
N LYS H 28 -31.65 -0.74 -79.89
CA LYS H 28 -32.75 -1.36 -80.67
C LYS H 28 -32.18 -2.52 -81.49
N ARG H 29 -30.98 -2.34 -82.04
CA ARG H 29 -30.30 -3.36 -82.88
C ARG H 29 -29.96 -4.58 -82.03
N ILE H 30 -29.51 -4.36 -80.79
CA ILE H 30 -29.19 -5.47 -79.85
C ILE H 30 -30.47 -6.27 -79.60
N VAL H 31 -31.60 -5.58 -79.38
CA VAL H 31 -32.96 -6.18 -79.16
C VAL H 31 -33.34 -6.96 -80.42
N GLU H 32 -33.15 -6.37 -81.59
CA GLU H 32 -33.38 -7.02 -82.90
C GLU H 32 -32.67 -8.37 -82.92
N GLY H 33 -31.38 -8.37 -82.55
CA GLY H 33 -30.53 -9.56 -82.49
C GLY H 33 -31.12 -10.67 -81.63
N ILE H 34 -31.89 -10.33 -80.60
CA ILE H 34 -32.39 -11.30 -79.57
C ILE H 34 -33.83 -11.67 -79.88
N LEU H 35 -34.70 -10.67 -80.06
CA LEU H 35 -36.17 -10.85 -80.18
C LEU H 35 -36.61 -10.85 -81.65
N LYS H 36 -35.66 -10.67 -82.58
CA LYS H 36 -35.87 -10.83 -84.05
C LYS H 36 -36.98 -9.86 -84.50
N ARG H 37 -36.85 -8.58 -84.18
CA ARG H 37 -37.79 -7.53 -84.59
C ARG H 37 -37.03 -6.23 -84.83
N PRO H 38 -37.07 -5.67 -86.06
CA PRO H 38 -36.20 -4.54 -86.42
C PRO H 38 -36.40 -3.25 -85.62
N PRO H 39 -35.41 -2.32 -85.64
CA PRO H 39 -35.52 -1.04 -84.95
C PRO H 39 -36.73 -0.16 -85.30
N ASP H 40 -37.32 -0.34 -86.49
CA ASP H 40 -38.50 0.42 -86.97
C ASP H 40 -39.79 -0.17 -86.39
N GLU H 41 -39.74 -1.35 -85.75
CA GLU H 41 -40.91 -1.99 -85.09
C GLU H 41 -40.79 -1.85 -83.57
N GLN H 42 -39.73 -1.20 -83.08
CA GLN H 42 -39.47 -1.03 -81.64
C GLN H 42 -39.62 0.44 -81.22
N ARG H 43 -40.15 0.66 -80.02
CA ARG H 43 -40.06 1.94 -79.28
C ARG H 43 -39.43 1.63 -77.91
N LEU H 44 -38.39 2.39 -77.55
CA LEU H 44 -37.67 2.21 -76.26
C LEU H 44 -37.99 3.40 -75.35
N TYR H 45 -38.42 3.12 -74.13
CA TYR H 45 -38.81 4.16 -73.14
C TYR H 45 -37.88 4.09 -71.94
N LYS H 46 -37.58 5.26 -71.37
CA LYS H 46 -36.96 5.39 -70.06
C LYS H 46 -38.11 5.91 -69.27
N ASP H 47 -38.56 5.14 -68.29
CA ASP H 47 -39.81 5.42 -67.56
C ASP H 47 -40.91 5.59 -68.59
N ASP H 48 -41.60 6.73 -68.60
CA ASP H 48 -42.70 6.93 -69.56
C ASP H 48 -42.34 7.81 -70.76
N GLN H 49 -41.09 8.20 -70.92
CA GLN H 49 -40.68 9.10 -72.03
C GLN H 49 -40.06 8.30 -73.18
N LEU H 50 -40.45 8.61 -74.41
CA LEU H 50 -39.92 7.92 -75.61
C LEU H 50 -38.49 8.40 -75.85
N LEU H 51 -37.60 7.49 -76.25
CA LEU H 51 -36.19 7.79 -76.58
C LEU H 51 -36.01 7.83 -78.09
N ASP H 52 -35.47 8.94 -78.60
CA ASP H 52 -35.13 9.14 -80.03
C ASP H 52 -33.91 8.30 -80.38
N ASP H 53 -33.99 7.57 -81.51
CA ASP H 53 -32.94 6.64 -82.00
C ASP H 53 -31.57 7.34 -82.02
N GLY H 54 -31.53 8.67 -82.18
CA GLY H 54 -30.28 9.42 -82.46
C GLY H 54 -29.56 9.88 -81.20
N LYS H 55 -30.23 9.91 -80.05
CA LYS H 55 -29.64 10.37 -78.77
C LYS H 55 -28.74 9.26 -78.19
N THR H 56 -27.67 9.64 -77.49
CA THR H 56 -26.79 8.71 -76.73
C THR H 56 -27.52 8.36 -75.43
N LEU H 57 -27.42 7.10 -74.99
CA LEU H 57 -27.94 6.63 -73.67
C LEU H 57 -27.62 7.67 -72.59
N GLY H 58 -26.41 8.23 -72.62
CA GLY H 58 -25.96 9.31 -71.72
C GLY H 58 -26.96 10.44 -71.68
N GLU H 59 -27.30 10.97 -72.85
CA GLU H 59 -28.20 12.14 -73.03
C GLU H 59 -29.62 11.78 -72.57
N CYS H 60 -30.03 10.51 -72.72
CA CYS H 60 -31.36 10.00 -72.30
C CYS H 60 -31.47 10.00 -70.77
N GLY H 61 -30.35 9.87 -70.05
CA GLY H 61 -30.29 9.92 -68.58
C GLY H 61 -29.54 8.76 -67.97
N PHE H 62 -29.31 7.68 -68.72
CA PHE H 62 -28.59 6.46 -68.23
C PHE H 62 -27.12 6.82 -68.00
N THR H 63 -26.61 6.64 -66.79
CA THR H 63 -25.23 7.06 -66.38
C THR H 63 -24.57 5.95 -65.59
N SER H 64 -23.27 6.13 -65.37
CA SER H 64 -22.37 5.30 -64.55
C SER H 64 -23.02 4.95 -63.21
N GLN H 65 -23.70 5.90 -62.56
CA GLN H 65 -24.15 5.68 -61.16
C GLN H 65 -25.69 5.68 -61.08
N THR H 66 -26.40 5.49 -62.19
CA THR H 66 -27.85 5.10 -62.20
C THR H 66 -28.06 3.79 -62.95
N ALA H 67 -27.02 3.24 -63.58
CA ALA H 67 -27.08 2.01 -64.39
C ALA H 67 -25.92 1.12 -64.02
N ARG H 68 -25.82 0.81 -62.72
CA ARG H 68 -24.73 -0.03 -62.15
C ARG H 68 -25.07 -1.50 -62.40
N PRO H 69 -24.07 -2.41 -62.46
CA PRO H 69 -24.33 -3.82 -62.78
C PRO H 69 -25.33 -4.52 -61.86
N GLN H 70 -25.34 -4.14 -60.57
CA GLN H 70 -26.19 -4.75 -59.52
C GLN H 70 -27.48 -3.94 -59.31
N ALA H 71 -27.60 -2.79 -59.97
CA ALA H 71 -28.82 -1.95 -59.97
C ALA H 71 -29.07 -1.48 -61.40
N PRO H 72 -29.29 -2.41 -62.35
CA PRO H 72 -29.41 -2.03 -63.75
C PRO H 72 -30.60 -1.09 -63.93
N ALA H 73 -30.43 -0.08 -64.79
CA ALA H 73 -31.49 0.88 -65.16
C ALA H 73 -32.43 0.15 -66.12
N THR H 74 -33.73 0.42 -66.03
CA THR H 74 -34.78 -0.28 -66.79
C THR H 74 -35.20 0.55 -68.01
N VAL H 75 -34.96 0.02 -69.21
CA VAL H 75 -35.47 0.57 -70.49
C VAL H 75 -36.72 -0.22 -70.86
N GLY H 76 -37.86 0.44 -71.01
CA GLY H 76 -39.13 -0.20 -71.42
C GLY H 76 -39.17 -0.39 -72.93
N LEU H 77 -39.79 -1.49 -73.38
CA LEU H 77 -39.83 -1.86 -74.82
C LEU H 77 -41.28 -2.06 -75.27
N ALA H 78 -41.60 -1.55 -76.45
CA ALA H 78 -42.92 -1.68 -77.09
C ALA H 78 -42.70 -2.09 -78.56
N PHE H 79 -43.48 -3.07 -79.02
CA PHE H 79 -43.43 -3.56 -80.42
C PHE H 79 -44.63 -3.01 -81.19
N ARG H 80 -44.52 -2.99 -82.51
CA ARG H 80 -45.56 -2.42 -83.41
C ARG H 80 -46.51 -3.51 -83.88
N ALA H 81 -47.81 -3.26 -83.83
CA ALA H 81 -48.78 -4.23 -84.34
C ALA H 81 -49.46 -3.53 -85.48
N ASP H 82 -49.04 -3.80 -86.69
CA ASP H 82 -49.60 -3.17 -87.92
C ASP H 82 -49.49 -1.65 -87.80
N ASP H 83 -50.61 -0.94 -87.85
CA ASP H 83 -50.62 0.54 -87.83
C ASP H 83 -50.17 1.17 -86.52
N THR H 84 -50.43 0.55 -85.39
CA THR H 84 -50.17 1.18 -84.09
C THR H 84 -49.23 0.38 -83.18
N PHE H 85 -48.48 1.08 -82.36
CA PHE H 85 -47.64 0.44 -81.33
C PHE H 85 -48.52 0.00 -80.15
N GLU H 86 -48.23 -1.16 -79.60
CA GLU H 86 -48.80 -1.61 -78.30
C GLU H 86 -48.44 -0.59 -77.22
N ALA H 87 -49.24 -0.53 -76.16
CA ALA H 87 -48.93 0.25 -74.96
C ALA H 87 -47.66 -0.32 -74.32
N LEU H 88 -46.84 0.52 -73.71
CA LEU H 88 -45.69 0.05 -72.90
C LEU H 88 -46.27 -0.66 -71.70
N CYS H 89 -46.06 -1.97 -71.59
CA CYS H 89 -46.56 -2.83 -70.49
C CYS H 89 -45.40 -3.70 -69.99
N ILE H 90 -44.98 -3.46 -68.74
CA ILE H 90 -43.91 -4.25 -68.06
C ILE H 90 -44.54 -4.97 -66.86
N GLU H 91 -44.91 -6.24 -67.04
CA GLU H 91 -45.54 -7.09 -66.01
C GLU H 91 -44.59 -7.18 -64.83
N PRO H 92 -45.02 -6.78 -63.60
CA PRO H 92 -44.13 -6.73 -62.46
C PRO H 92 -43.62 -8.11 -61.98
N PHE H 93 -42.46 -8.11 -61.34
CA PHE H 93 -41.84 -9.32 -60.78
C PHE H 93 -42.61 -9.78 -59.53
N SER H 94 -42.48 -11.07 -59.19
CA SER H 94 -43.25 -11.67 -58.07
C SER H 94 -42.94 -10.96 -56.74
N SER H 95 -43.93 -10.78 -55.87
CA SER H 95 -43.75 -10.12 -54.55
C SER H 95 -43.06 -11.05 -53.56
N PRO H 96 -42.21 -10.49 -52.66
CA PRO H 96 -41.52 -11.29 -51.65
C PRO H 96 -42.40 -11.49 -50.42
N PRO H 97 -42.29 -12.65 -49.75
CA PRO H 97 -43.14 -12.96 -48.61
C PRO H 97 -42.83 -12.00 -47.45
N GLU H 98 -43.85 -11.66 -46.64
CA GLU H 98 -43.67 -10.76 -45.46
C GLU H 98 -42.47 -11.32 -44.64
N LEU H 99 -41.73 -10.42 -44.02
CA LEU H 99 -40.50 -10.74 -43.24
C LEU H 99 -40.85 -11.79 -42.18
N PRO H 100 -40.20 -12.99 -42.22
CA PRO H 100 -40.22 -13.90 -41.07
C PRO H 100 -39.84 -13.23 -39.73
N ASP H 101 -40.48 -13.62 -38.63
CA ASP H 101 -40.56 -12.82 -37.39
C ASP H 101 -39.15 -12.53 -36.87
N VAL H 102 -38.18 -13.40 -37.15
CA VAL H 102 -36.80 -13.24 -36.58
C VAL H 102 -36.18 -11.94 -37.14
N MET H 103 -36.49 -11.57 -38.37
CA MET H 103 -35.85 -10.42 -39.07
C MET H 103 -36.67 -9.14 -38.90
N LYS H 104 -37.78 -9.11 -38.15
CA LYS H 104 -38.68 -7.91 -38.21
C LYS H 104 -38.08 -6.69 -37.50
N LEU I 12 35.88 34.77 6.03
CA LEU I 12 35.62 33.49 6.75
C LEU I 12 34.19 33.01 6.48
N THR I 13 33.19 33.91 6.48
CA THR I 13 31.76 33.60 6.22
C THR I 13 31.58 33.09 4.78
N LYS I 14 32.32 33.66 3.81
CA LYS I 14 32.29 33.23 2.38
C LYS I 14 32.84 31.80 2.27
N GLN I 15 33.93 31.52 2.99
CA GLN I 15 34.59 30.18 3.06
C GLN I 15 33.67 29.18 3.77
N MET I 16 33.02 29.58 4.88
CA MET I 16 32.13 28.70 5.69
C MET I 16 30.89 28.31 4.88
N ASN I 17 30.40 29.21 4.01
CA ASN I 17 29.22 28.97 3.14
C ASN I 17 29.60 28.02 2.00
N ALA I 18 30.77 28.20 1.38
CA ALA I 18 31.31 27.35 0.29
C ALA I 18 31.41 25.89 0.77
N ILE I 19 31.85 25.66 2.01
CA ILE I 19 32.04 24.30 2.61
C ILE I 19 30.67 23.68 2.93
N ILE I 20 29.76 24.43 3.59
CA ILE I 20 28.44 23.90 4.03
C ILE I 20 27.53 23.70 2.81
N ASP I 21 27.60 24.57 1.79
CA ASP I 21 26.76 24.49 0.57
C ASP I 21 27.26 23.35 -0.33
N THR I 22 28.57 23.08 -0.40
CA THR I 22 29.15 21.94 -1.18
C THR I 22 28.65 20.60 -0.62
N VAL I 23 28.62 20.45 0.71
CA VAL I 23 28.18 19.20 1.42
C VAL I 23 26.68 18.95 1.13
N ILE I 24 25.86 20.01 1.13
CA ILE I 24 24.39 19.94 0.89
C ILE I 24 24.12 19.62 -0.59
N ASN I 25 24.73 20.40 -1.50
CA ASN I 25 24.53 20.29 -2.98
C ASN I 25 25.10 18.96 -3.51
N TYR I 26 25.96 18.30 -2.73
CA TYR I 26 26.70 17.06 -3.13
C TYR I 26 25.71 15.94 -3.45
N LYS I 27 25.77 15.46 -4.70
CA LYS I 27 25.01 14.28 -5.20
C LYS I 27 26.00 13.13 -5.39
N ASP I 28 25.58 11.89 -5.08
CA ASP I 28 26.39 10.65 -5.28
C ASP I 28 26.29 10.25 -6.77
N SER I 29 26.83 9.07 -7.13
CA SER I 29 27.07 8.65 -8.53
C SER I 29 25.82 8.00 -9.16
N SER I 30 24.64 8.12 -8.51
CA SER I 30 23.32 7.78 -9.09
C SER I 30 22.46 9.05 -9.29
N GLY I 31 22.97 10.23 -8.91
CA GLY I 31 22.35 11.54 -9.15
C GLY I 31 21.55 12.05 -7.95
N ARG I 32 21.35 11.23 -6.91
CA ARG I 32 20.53 11.55 -5.72
C ARG I 32 21.32 12.42 -4.72
N GLN I 33 20.68 13.46 -4.20
CA GLN I 33 21.23 14.39 -3.18
C GLN I 33 21.08 13.74 -1.81
N LEU I 34 22.14 13.68 -1.00
CA LEU I 34 22.17 12.99 0.33
C LEU I 34 21.66 13.89 1.47
N SER I 35 21.75 15.21 1.35
CA SER I 35 21.57 16.21 2.43
C SER I 35 20.11 16.39 2.88
N GLU I 36 19.07 16.11 2.07
CA GLU I 36 17.67 16.46 2.49
C GLU I 36 17.37 15.78 3.84
N VAL I 37 17.91 14.57 4.06
CA VAL I 37 17.70 13.83 5.33
C VAL I 37 18.58 14.40 6.43
N PHE I 38 19.12 15.59 6.29
CA PHE I 38 19.92 16.31 7.32
C PHE I 38 19.62 17.82 7.24
N ILE I 39 18.93 18.25 6.16
CA ILE I 39 18.62 19.69 5.92
C ILE I 39 17.68 20.17 7.04
N GLN I 40 16.63 19.38 7.36
CA GLN I 40 15.62 19.75 8.39
C GLN I 40 15.41 18.58 9.37
N LEU I 41 15.64 18.79 10.66
CA LEU I 41 15.38 17.77 11.70
C LEU I 41 13.87 17.57 11.79
N PRO I 42 13.39 16.36 12.15
CA PRO I 42 11.96 16.11 12.35
C PRO I 42 11.49 16.72 13.69
N SER I 43 10.17 16.81 13.88
CA SER I 43 9.55 17.24 15.15
C SER I 43 9.56 16.06 16.14
N ARG I 44 9.51 16.35 17.44
CA ARG I 44 9.50 15.32 18.52
C ARG I 44 8.17 14.57 18.45
N LYS I 45 7.06 15.30 18.22
CA LYS I 45 5.71 14.72 17.98
C LYS I 45 5.82 13.58 16.96
N GLU I 46 6.49 13.85 15.82
CA GLU I 46 6.74 12.85 14.74
C GLU I 46 7.55 11.66 15.30
N LEU I 47 8.78 11.92 15.75
CA LEU I 47 9.74 10.85 16.16
C LEU I 47 10.30 11.15 17.55
N PRO I 48 9.61 10.68 18.62
CA PRO I 48 10.07 10.86 20.00
C PRO I 48 11.34 10.06 20.36
N GLU I 49 11.71 9.05 19.57
CA GLU I 49 12.85 8.13 19.85
C GLU I 49 14.18 8.87 19.62
N TYR I 50 14.28 9.75 18.61
CA TYR I 50 15.56 10.44 18.31
C TYR I 50 15.85 11.41 19.46
N TYR I 51 14.83 12.05 20.01
CA TYR I 51 14.99 13.12 21.05
C TYR I 51 15.10 12.51 22.45
N GLU I 52 14.95 11.19 22.59
CA GLU I 52 15.18 10.43 23.84
C GLU I 52 16.59 9.80 23.83
N LEU I 53 17.12 9.49 22.64
CA LEU I 53 18.40 8.73 22.44
C LEU I 53 19.55 9.68 22.05
N ILE I 54 19.28 10.74 21.27
CA ILE I 54 20.29 11.74 20.83
C ILE I 54 20.27 12.95 21.76
N ARG I 55 21.45 13.30 22.29
CA ARG I 55 21.67 14.31 23.37
C ARG I 55 21.53 15.72 22.81
N LYS I 56 22.27 16.06 21.75
CA LYS I 56 22.40 17.44 21.20
C LYS I 56 21.96 17.45 19.74
N PRO I 57 20.63 17.44 19.47
CA PRO I 57 20.11 17.44 18.10
C PRO I 57 20.43 18.72 17.31
N VAL I 58 21.06 18.60 16.14
CA VAL I 58 21.41 19.75 15.26
C VAL I 58 21.30 19.30 13.77
N ASP I 59 20.70 20.13 12.95
CA ASP I 59 20.53 19.84 11.48
C ASP I 59 21.57 20.74 10.86
N PHE I 60 21.53 20.98 9.54
CA PHE I 60 22.49 21.91 8.85
C PHE I 60 21.79 23.28 8.66
N LYS I 61 20.46 23.31 8.76
CA LYS I 61 19.70 24.58 8.63
C LYS I 61 20.07 25.28 9.94
N LYS I 62 20.24 24.53 11.03
CA LYS I 62 20.71 25.02 12.36
C LYS I 62 22.22 25.31 12.30
N ILE I 63 22.92 24.82 11.27
CA ILE I 63 24.37 25.13 11.03
C ILE I 63 24.48 26.39 10.16
N LYS I 64 23.58 26.57 9.18
CA LYS I 64 23.46 27.81 8.37
C LYS I 64 23.00 28.98 9.26
N GLU I 65 22.15 28.69 10.25
CA GLU I 65 21.65 29.66 11.27
C GLU I 65 22.83 30.16 12.12
N ARG I 66 23.72 29.26 12.54
CA ARG I 66 24.88 29.54 13.43
C ARG I 66 26.07 30.10 12.62
N ILE I 67 26.02 30.06 11.28
CA ILE I 67 27.02 30.70 10.37
C ILE I 67 26.66 32.19 10.20
N ARG I 68 25.37 32.53 10.22
CA ARG I 68 24.85 33.93 10.13
C ARG I 68 24.98 34.63 11.49
N ASN I 69 24.74 33.90 12.59
CA ASN I 69 24.78 34.43 13.99
C ASN I 69 26.24 34.49 14.48
N HIS I 70 27.18 33.87 13.75
CA HIS I 70 28.64 33.89 14.03
C HIS I 70 28.96 33.21 15.36
N LYS I 71 28.27 32.10 15.68
CA LYS I 71 28.49 31.30 16.92
C LYS I 71 29.77 30.47 16.77
N TYR I 72 30.05 29.96 15.57
CA TYR I 72 31.31 29.24 15.20
C TYR I 72 32.43 30.25 14.96
N ARG I 73 33.52 30.16 15.73
CA ARG I 73 34.60 31.17 15.76
C ARG I 73 35.69 30.81 14.73
N SER I 74 35.87 29.52 14.43
CA SER I 74 36.86 29.00 13.44
C SER I 74 36.18 27.95 12.55
N LEU I 75 36.94 27.41 11.58
CA LEU I 75 36.48 26.32 10.67
C LEU I 75 36.57 24.97 11.39
N GLY I 76 37.20 24.92 12.58
CA GLY I 76 37.26 23.74 13.45
C GLY I 76 36.07 23.62 14.38
N ASP I 77 35.30 24.71 14.55
CA ASP I 77 34.07 24.77 15.39
C ASP I 77 32.85 24.42 14.52
N LEU I 78 32.87 24.79 13.24
CA LEU I 78 31.87 24.40 12.20
C LEU I 78 31.94 22.88 11.98
N GLU I 79 33.16 22.32 11.98
CA GLU I 79 33.43 20.86 11.76
C GLU I 79 32.97 20.04 12.96
N LYS I 80 33.17 20.56 14.18
CA LYS I 80 32.88 19.87 15.47
C LYS I 80 31.38 19.51 15.58
N ASP I 81 30.49 20.31 14.96
CA ASP I 81 29.00 20.16 15.03
C ASP I 81 28.43 19.49 13.76
N VAL I 82 29.20 19.43 12.66
CA VAL I 82 28.86 18.63 11.44
C VAL I 82 29.19 17.15 11.73
N MET I 83 30.25 16.90 12.50
CA MET I 83 30.63 15.56 13.00
C MET I 83 29.62 15.10 14.07
N LEU I 84 29.06 16.04 14.84
CA LEU I 84 28.11 15.76 15.96
C LEU I 84 26.76 15.26 15.41
N LEU I 85 26.20 15.90 14.35
CA LEU I 85 24.92 15.46 13.72
C LEU I 85 25.15 14.19 12.90
N CYS I 86 26.25 14.12 12.15
CA CYS I 86 26.61 12.95 11.30
C CYS I 86 26.85 11.73 12.22
N HIS I 87 27.39 11.96 13.43
CA HIS I 87 27.56 10.93 14.49
C HIS I 87 26.24 10.71 15.26
N ASN I 88 25.40 11.75 15.43
CA ASN I 88 24.04 11.64 16.01
C ASN I 88 23.17 10.72 15.14
N ILE I 99 21.03 5.19 4.56
CA ILE I 99 21.82 6.40 4.93
C ILE I 99 23.02 5.99 5.77
N TYR I 100 23.11 4.75 6.23
CA TYR I 100 24.20 4.33 7.14
C TYR I 100 25.55 4.97 6.76
N GLU I 101 25.96 4.73 5.51
CA GLU I 101 27.20 5.29 4.94
C GLU I 101 27.27 6.83 4.81
N ASP I 102 26.15 7.49 4.49
CA ASP I 102 26.15 8.94 4.24
C ASP I 102 26.51 9.68 5.53
N SER I 103 25.96 9.24 6.68
CA SER I 103 26.36 9.86 7.96
C SER I 103 27.88 9.99 7.80
N ILE I 104 28.50 8.98 7.15
CA ILE I 104 29.96 9.01 6.91
C ILE I 104 30.24 9.73 5.58
N VAL I 105 29.54 9.41 4.48
CA VAL I 105 29.95 10.07 3.17
C VAL I 105 29.96 11.59 3.43
N LEU I 106 28.97 12.11 4.16
CA LEU I 106 28.86 13.57 4.41
C LEU I 106 30.15 13.92 5.14
N GLN I 107 30.57 13.19 6.18
CA GLN I 107 31.79 13.51 6.98
C GLN I 107 33.03 13.53 6.07
N SER I 108 33.03 12.68 5.04
CA SER I 108 34.13 12.48 4.05
C SER I 108 34.09 13.56 2.97
N VAL I 109 32.91 14.13 2.69
CA VAL I 109 32.71 15.22 1.68
C VAL I 109 32.88 16.61 2.36
N PHE I 110 32.70 16.70 3.67
CA PHE I 110 32.97 17.93 4.47
C PHE I 110 34.47 18.04 4.75
N LYS I 111 35.17 16.91 4.94
CA LYS I 111 36.62 16.84 5.25
C LYS I 111 37.46 17.05 3.98
N SER I 112 36.87 16.92 2.78
CA SER I 112 37.51 17.22 1.48
C SER I 112 37.11 18.62 0.99
N ALA I 113 35.94 19.13 1.41
CA ALA I 113 35.41 20.46 1.05
C ALA I 113 36.11 21.55 1.87
N ARG I 114 36.39 21.30 3.15
CA ARG I 114 37.14 22.24 4.03
C ARG I 114 38.61 22.26 3.63
N GLN I 115 39.13 21.16 3.10
CA GLN I 115 40.57 20.98 2.74
C GLN I 115 40.88 21.67 1.40
N LYS I 116 39.86 21.97 0.58
CA LYS I 116 40.00 22.63 -0.74
C LYS I 116 39.86 24.15 -0.59
N ILE I 117 38.89 24.62 0.22
CA ILE I 117 38.54 26.07 0.39
C ILE I 117 39.55 26.75 1.33
N ALA I 118 39.87 26.13 2.47
CA ALA I 118 40.67 26.72 3.57
C ALA I 118 42.17 26.79 3.20
N LYS I 119 42.63 25.99 2.23
CA LYS I 119 44.05 25.95 1.76
C LYS I 119 44.10 25.66 0.25
N GLU I 120 43.92 26.69 -0.57
CA GLU I 120 44.18 26.69 -2.04
C GLU I 120 44.25 28.13 -2.55
N PRO J 9 20.64 -4.04 1.41
CA PRO J 9 20.24 -2.79 0.74
C PRO J 9 19.94 -2.97 -0.75
N VAL J 10 20.26 -4.13 -1.29
CA VAL J 10 20.12 -4.37 -2.75
C VAL J 10 18.61 -4.33 -3.08
N LEU J 11 17.88 -5.28 -2.51
CA LEU J 11 16.41 -5.35 -2.64
C LEU J 11 15.82 -4.70 -1.40
N ARG J 12 15.44 -3.43 -1.51
CA ARG J 12 14.87 -2.68 -0.35
C ARG J 12 13.91 -1.60 -0.84
N SER J 13 12.97 -1.19 0.01
CA SER J 13 12.18 0.04 -0.18
C SER J 13 13.11 1.22 -0.26
N VAL J 14 12.61 2.37 -0.74
CA VAL J 14 13.39 3.62 -0.81
C VAL J 14 12.60 4.66 -0.06
N ASN J 15 13.23 5.48 0.78
CA ASN J 15 12.52 6.52 1.54
C ASN J 15 12.13 7.68 0.62
N SER J 16 11.09 7.51 -0.13
CA SER J 16 10.62 8.46 -1.15
C SER J 16 9.95 9.71 -0.58
N ARG J 17 9.20 9.54 0.51
CA ARG J 17 8.40 10.58 1.19
C ARG J 17 7.14 10.90 0.40
N GLU J 18 6.98 10.29 -0.75
CA GLU J 18 5.84 10.52 -1.65
C GLU J 18 4.85 9.36 -1.61
N PRO J 19 3.63 9.58 -1.11
CA PRO J 19 2.66 8.52 -0.95
C PRO J 19 2.16 7.98 -2.28
N SER J 20 1.92 6.68 -2.33
CA SER J 20 1.34 6.05 -3.56
C SER J 20 0.12 5.22 -3.17
N GLN J 21 -1.04 5.56 -3.67
CA GLN J 21 -2.26 4.72 -3.49
C GLN J 21 -2.11 3.46 -4.33
N VAL J 22 -2.39 2.28 -3.76
CA VAL J 22 -2.21 0.98 -4.46
C VAL J 22 -3.47 0.15 -4.24
N ILE J 23 -3.80 -0.75 -5.17
CA ILE J 23 -4.93 -1.71 -5.02
C ILE J 23 -4.34 -3.14 -5.06
N PHE J 24 -4.29 -3.80 -3.92
CA PHE J 24 -3.88 -5.23 -3.86
C PHE J 24 -5.10 -6.04 -4.26
N CYS J 25 -5.03 -6.72 -5.40
CA CYS J 25 -6.11 -7.57 -5.92
C CYS J 25 -5.64 -9.02 -5.92
N ASN J 26 -6.25 -9.86 -5.08
CA ASN J 26 -5.86 -11.26 -4.91
C ASN J 26 -6.73 -12.09 -5.85
N ARG J 27 -6.16 -12.44 -7.00
CA ARG J 27 -6.86 -13.31 -7.98
C ARG J 27 -6.29 -14.73 -7.90
N SER J 28 -5.59 -15.05 -6.81
CA SER J 28 -5.12 -16.44 -6.59
C SER J 28 -6.21 -17.16 -5.81
N PRO J 29 -6.21 -18.51 -5.80
CA PRO J 29 -7.18 -19.25 -5.00
C PRO J 29 -6.79 -19.32 -3.53
N ARG J 30 -5.64 -18.73 -3.20
CA ARG J 30 -4.97 -18.87 -1.89
C ARG J 30 -5.17 -17.60 -1.07
N VAL J 31 -5.03 -17.73 0.24
CA VAL J 31 -4.93 -16.55 1.15
C VAL J 31 -3.54 -15.95 0.93
N VAL J 32 -3.47 -14.66 0.67
CA VAL J 32 -2.21 -13.99 0.23
C VAL J 32 -1.63 -13.21 1.41
N LEU J 33 -0.34 -13.39 1.67
CA LEU J 33 0.42 -12.59 2.66
C LEU J 33 1.23 -11.54 1.90
N PRO J 34 0.80 -10.27 1.92
CA PRO J 34 1.61 -9.19 1.39
C PRO J 34 2.82 -9.01 2.31
N VAL J 35 4.00 -8.86 1.72
CA VAL J 35 5.30 -8.77 2.43
C VAL J 35 6.00 -7.50 1.95
N TRP J 36 6.03 -6.46 2.78
CA TRP J 36 6.75 -5.20 2.47
C TRP J 36 8.22 -5.31 2.87
N LEU J 37 9.13 -5.12 1.92
CA LEU J 37 10.56 -4.96 2.24
C LEU J 37 10.73 -3.54 2.81
N ASN J 38 11.29 -3.46 4.02
CA ASN J 38 11.61 -2.20 4.73
C ASN J 38 12.87 -1.59 4.10
N PHE J 39 13.38 -0.48 4.64
CA PHE J 39 14.48 0.28 3.99
C PHE J 39 15.77 -0.54 4.12
N ASP J 40 15.94 -1.26 5.21
CA ASP J 40 17.12 -2.15 5.42
C ASP J 40 16.98 -3.36 4.49
N GLY J 41 15.77 -3.63 4.01
CA GLY J 41 15.45 -4.75 3.11
C GLY J 41 15.10 -6.00 3.88
N GLU J 42 14.48 -5.85 5.04
CA GLU J 42 14.01 -6.99 5.88
C GLU J 42 12.52 -7.18 5.63
N PRO J 43 12.09 -8.41 5.25
CA PRO J 43 10.67 -8.70 5.04
C PRO J 43 9.82 -8.31 6.25
N GLN J 44 8.70 -7.63 6.01
CA GLN J 44 7.71 -7.24 7.05
C GLN J 44 6.33 -7.78 6.70
N PRO J 45 5.85 -8.83 7.40
CA PRO J 45 4.51 -9.35 7.16
C PRO J 45 3.42 -8.29 7.34
N TYR J 46 2.44 -8.29 6.45
CA TYR J 46 1.24 -7.40 6.52
C TYR J 46 -0.03 -8.24 6.51
N PRO J 47 -1.18 -7.65 6.85
CA PRO J 47 -2.46 -8.36 6.93
C PRO J 47 -2.80 -9.15 5.66
N THR J 48 -3.40 -10.33 5.81
CA THR J 48 -3.64 -11.24 4.67
C THR J 48 -4.87 -10.80 3.86
N LEU J 49 -4.84 -11.07 2.56
CA LEU J 49 -5.94 -10.89 1.58
C LEU J 49 -6.61 -12.23 1.32
N PRO J 50 -7.91 -12.41 1.63
CA PRO J 50 -8.61 -13.65 1.29
C PRO J 50 -8.68 -13.80 -0.22
N PRO J 51 -8.84 -15.02 -0.75
CA PRO J 51 -8.92 -15.23 -2.19
C PRO J 51 -10.09 -14.42 -2.76
N GLY J 52 -9.86 -13.81 -3.92
CA GLY J 52 -10.90 -13.09 -4.68
C GLY J 52 -11.27 -11.79 -4.00
N THR J 53 -10.33 -11.16 -3.30
CA THR J 53 -10.61 -9.88 -2.60
C THR J 53 -9.66 -8.82 -3.17
N GLY J 54 -9.99 -7.56 -2.94
CA GLY J 54 -9.15 -6.44 -3.37
C GLY J 54 -9.30 -5.30 -2.38
N ARG J 55 -8.22 -4.62 -2.07
CA ARG J 55 -8.24 -3.54 -1.06
C ARG J 55 -7.40 -2.38 -1.55
N ARG J 56 -7.79 -1.17 -1.26
CA ARG J 56 -6.92 0.00 -1.50
C ARG J 56 -6.01 0.16 -0.26
N ILE J 57 -4.72 0.26 -0.45
CA ILE J 57 -3.79 0.29 0.69
C ILE J 57 -2.92 1.54 0.55
N HIS J 58 -2.73 2.29 1.60
CA HIS J 58 -1.93 3.53 1.53
C HIS J 58 -0.51 3.00 1.48
N SER J 59 0.31 3.50 0.59
CA SER J 59 1.75 3.13 0.57
C SER J 59 2.53 4.34 0.12
N TYR J 60 3.82 4.18 -0.10
CA TYR J 60 4.66 5.26 -0.66
C TYR J 60 5.29 4.74 -1.94
N ARG J 61 5.79 5.60 -2.79
CA ARG J 61 6.41 5.21 -4.07
C ARG J 61 7.78 4.60 -3.80
N GLY J 62 8.31 3.84 -4.75
CA GLY J 62 9.63 3.20 -4.63
C GLY J 62 9.62 2.07 -3.60
N HIS J 63 8.61 2.01 -2.78
CA HIS J 63 8.45 0.91 -1.80
C HIS J 63 8.40 -0.41 -2.56
N LEU J 64 9.05 -1.40 -2.04
CA LEU J 64 9.15 -2.70 -2.75
C LEU J 64 8.32 -3.72 -1.99
N TRP J 65 7.40 -4.41 -2.67
CA TRP J 65 6.51 -5.44 -2.07
C TRP J 65 6.75 -6.80 -2.74
N LEU J 66 6.07 -7.82 -2.28
CA LEU J 66 6.31 -9.26 -2.56
C LEU J 66 5.10 -9.99 -1.94
N PHE J 67 4.57 -11.00 -2.59
CA PHE J 67 3.33 -11.68 -2.11
C PHE J 67 3.58 -13.18 -1.98
N ARG J 68 2.88 -13.83 -1.05
CA ARG J 68 3.03 -15.27 -0.79
C ARG J 68 1.77 -15.88 -0.18
N ASP J 69 1.62 -17.19 -0.36
CA ASP J 69 0.55 -18.00 0.26
C ASP J 69 0.75 -17.96 1.77
N ALA J 70 -0.10 -17.25 2.49
CA ALA J 70 0.02 -17.02 3.95
C ALA J 70 0.27 -18.34 4.68
N GLY J 71 -0.42 -19.42 4.27
CA GLY J 71 -0.23 -20.77 4.82
C GLY J 71 1.13 -21.36 4.48
N THR J 72 1.34 -21.75 3.22
CA THR J 72 2.48 -22.59 2.79
C THR J 72 3.76 -21.79 2.59
N HIS J 73 3.67 -20.47 2.52
CA HIS J 73 4.76 -19.52 2.17
C HIS J 73 5.23 -19.74 0.71
N ASP J 74 4.40 -20.43 -0.09
CA ASP J 74 4.61 -20.62 -1.55
C ASP J 74 4.71 -19.26 -2.25
N GLY J 75 5.51 -19.20 -3.32
CA GLY J 75 5.71 -17.99 -4.14
C GLY J 75 4.53 -17.64 -5.02
N LEU J 76 4.12 -16.37 -5.01
CA LEU J 76 3.06 -15.84 -5.91
C LEU J 76 3.68 -14.84 -6.89
N LEU J 77 2.85 -14.29 -7.77
CA LEU J 77 3.26 -13.31 -8.79
C LEU J 77 2.38 -12.06 -8.67
N VAL J 78 2.94 -10.91 -9.01
CA VAL J 78 2.18 -9.63 -9.03
C VAL J 78 2.50 -8.93 -10.35
N ASN J 79 1.48 -8.80 -11.20
CA ASN J 79 1.62 -8.20 -12.56
C ASN J 79 2.65 -9.06 -13.30
N GLN J 80 2.45 -10.38 -13.24
CA GLN J 80 3.23 -11.41 -13.97
C GLN J 80 4.72 -11.35 -13.61
N THR J 81 5.09 -10.71 -12.51
CA THR J 81 6.50 -10.74 -12.02
C THR J 81 6.51 -11.02 -10.51
N GLU J 82 7.69 -11.04 -9.90
CA GLU J 82 7.90 -11.48 -8.50
C GLU J 82 7.86 -10.30 -7.53
N LEU J 83 8.31 -9.13 -7.94
CA LEU J 83 8.34 -7.93 -7.07
C LEU J 83 7.39 -6.88 -7.63
N PHE J 84 6.76 -6.11 -6.74
CA PHE J 84 5.89 -4.97 -7.10
C PHE J 84 6.46 -3.71 -6.47
N VAL J 85 6.68 -2.68 -7.24
CA VAL J 85 7.16 -1.36 -6.73
C VAL J 85 6.18 -0.35 -7.31
N PRO J 86 5.39 0.33 -6.47
CA PRO J 86 4.44 1.30 -6.98
C PRO J 86 5.08 2.52 -7.66
N SER J 87 4.50 2.90 -8.78
CA SER J 87 4.89 4.11 -9.53
C SER J 87 4.34 5.32 -8.79
N LEU J 88 4.88 6.52 -9.04
CA LEU J 88 4.26 7.72 -8.44
C LEU J 88 2.87 7.86 -9.07
N ASN J 89 1.86 8.17 -8.29
CA ASN J 89 0.48 8.27 -8.83
C ASN J 89 0.43 9.31 -9.95
N VAL J 90 -0.28 9.00 -11.03
CA VAL J 90 -0.45 10.02 -12.09
C VAL J 90 -1.87 10.50 -11.96
N ASP J 91 -2.05 11.77 -11.64
CA ASP J 91 -3.38 12.42 -11.58
C ASP J 91 -4.32 11.69 -10.60
N GLY J 92 -3.79 11.18 -9.50
CA GLY J 92 -4.59 10.52 -8.47
C GLY J 92 -4.99 9.10 -8.76
N GLN J 93 -4.64 8.57 -9.93
CA GLN J 93 -5.03 7.22 -10.32
C GLN J 93 -4.34 6.24 -9.41
N PRO J 94 -5.08 5.24 -8.88
CA PRO J 94 -4.47 4.26 -8.03
C PRO J 94 -3.79 3.21 -8.89
N ILE J 95 -2.56 2.89 -8.55
CA ILE J 95 -1.78 1.81 -9.21
C ILE J 95 -2.35 0.47 -8.73
N PHE J 96 -2.21 -0.56 -9.56
CA PHE J 96 -2.92 -1.85 -9.37
C PHE J 96 -1.90 -2.97 -9.31
N ALA J 97 -1.97 -3.76 -8.23
CA ALA J 97 -1.14 -4.96 -8.03
C ALA J 97 -2.03 -6.19 -8.17
N ASN J 98 -1.89 -6.89 -9.30
CA ASN J 98 -2.70 -8.08 -9.63
C ASN J 98 -1.92 -9.32 -9.18
N ILE J 99 -2.39 -9.98 -8.13
CA ILE J 99 -1.66 -11.11 -7.48
C ILE J 99 -2.25 -12.41 -8.00
N THR J 100 -1.41 -13.29 -8.52
CA THR J 100 -1.87 -14.56 -9.16
C THR J 100 -0.95 -15.71 -8.81
N LEU J 101 -1.46 -16.92 -8.97
CA LEU J 101 -0.61 -18.14 -9.01
C LEU J 101 0.38 -17.94 -10.12
N PRO J 102 1.64 -18.39 -9.94
CA PRO J 102 2.52 -18.68 -11.07
C PRO J 102 2.22 -20.08 -11.59
N VAL J 103 2.83 -20.42 -12.73
CA VAL J 103 2.84 -21.81 -13.23
C VAL J 103 3.98 -22.52 -12.50
N TYR J 104 3.67 -23.19 -11.40
CA TYR J 104 4.68 -23.94 -10.61
C TYR J 104 5.19 -25.08 -11.49
N THR J 105 6.47 -25.45 -11.33
CA THR J 105 7.04 -26.70 -11.88
C THR J 105 6.17 -27.85 -11.37
N LEU J 106 6.02 -28.92 -12.15
CA LEU J 106 5.20 -30.09 -11.75
C LEU J 106 5.71 -30.62 -10.41
N LYS J 107 7.05 -30.69 -10.26
CA LYS J 107 7.70 -31.17 -9.03
C LYS J 107 7.23 -30.28 -7.87
N GLU J 108 7.59 -28.99 -7.90
CA GLU J 108 7.28 -28.05 -6.81
C GLU J 108 5.79 -28.15 -6.49
N ARG J 109 4.95 -28.26 -7.52
CA ARG J 109 3.49 -28.33 -7.32
C ARG J 109 3.14 -29.61 -6.56
N CYS J 110 3.72 -30.73 -6.95
CA CYS J 110 3.50 -32.04 -6.27
C CYS J 110 3.92 -31.92 -4.80
N LEU J 111 5.13 -31.43 -4.56
CA LEU J 111 5.65 -31.19 -3.18
C LEU J 111 4.55 -30.46 -2.40
N GLN J 112 4.09 -29.32 -2.91
CA GLN J 112 2.99 -28.53 -2.29
C GLN J 112 1.88 -29.46 -1.81
N VAL J 113 1.43 -30.38 -2.68
CA VAL J 113 0.21 -31.19 -2.41
C VAL J 113 0.55 -32.22 -1.33
N VAL J 114 1.67 -32.93 -1.51
CA VAL J 114 2.17 -33.96 -0.55
C VAL J 114 2.32 -33.30 0.83
N ARG J 115 3.11 -32.22 0.89
CA ARG J 115 3.30 -31.39 2.10
C ARG J 115 1.95 -31.08 2.76
N SER J 116 0.89 -30.83 1.99
CA SER J 116 -0.43 -30.40 2.50
C SER J 116 -1.22 -31.59 3.04
N LEU J 117 -0.87 -32.83 2.66
CA LEU J 117 -1.63 -34.05 3.01
C LEU J 117 -0.94 -34.85 4.14
N VAL J 118 0.39 -34.83 4.17
CA VAL J 118 1.24 -35.67 5.06
C VAL J 118 1.87 -34.77 6.13
N LYS J 119 1.79 -35.18 7.41
CA LYS J 119 2.41 -34.46 8.56
C LYS J 119 3.93 -34.56 8.41
N PRO J 120 4.69 -33.50 8.74
CA PRO J 120 6.12 -33.45 8.40
C PRO J 120 6.92 -34.62 9.00
N GLU J 121 6.50 -35.11 10.17
CA GLU J 121 7.09 -36.27 10.88
C GLU J 121 6.81 -37.57 10.12
N ASN J 122 5.93 -37.57 9.12
CA ASN J 122 5.57 -38.79 8.34
C ASN J 122 6.22 -38.75 6.95
N TYR J 123 6.82 -37.63 6.55
CA TYR J 123 7.59 -37.55 5.29
C TYR J 123 8.51 -38.79 5.24
N ARG J 124 9.00 -39.21 6.41
CA ARG J 124 9.89 -40.39 6.58
C ARG J 124 9.23 -41.70 6.16
N ARG J 125 7.90 -41.76 6.09
CA ARG J 125 7.15 -43.01 5.82
C ARG J 125 6.93 -43.21 4.31
N LEU J 126 7.11 -42.16 3.52
CA LEU J 126 6.91 -42.19 2.04
C LEU J 126 8.07 -42.98 1.41
N ASP J 127 7.77 -43.92 0.53
CA ASP J 127 8.77 -44.78 -0.17
C ASP J 127 9.37 -43.97 -1.32
N ILE J 128 10.09 -42.90 -0.98
CA ILE J 128 10.69 -41.96 -1.97
C ILE J 128 12.20 -41.86 -1.70
N VAL J 129 12.90 -41.23 -2.63
CA VAL J 129 14.38 -41.04 -2.52
C VAL J 129 14.66 -40.05 -1.37
N ARG J 130 15.83 -40.11 -0.74
CA ARG J 130 16.17 -39.22 0.39
C ARG J 130 16.20 -37.78 -0.16
N SER J 131 16.69 -37.58 -1.36
CA SER J 131 16.80 -36.20 -1.92
C SER J 131 15.37 -35.62 -1.98
N LEU J 132 14.41 -36.42 -2.41
CA LEU J 132 13.01 -35.93 -2.49
C LEU J 132 12.55 -35.61 -1.06
N TYR J 133 12.90 -36.46 -0.10
CA TYR J 133 12.52 -36.23 1.32
C TYR J 133 13.08 -34.87 1.74
N GLU J 134 14.36 -34.62 1.47
CA GLU J 134 14.97 -33.31 1.83
C GLU J 134 14.15 -32.21 1.15
N ASP J 135 13.83 -32.32 -0.13
CA ASP J 135 13.03 -31.29 -0.88
C ASP J 135 11.69 -31.05 -0.20
N LEU J 136 10.99 -32.09 0.23
CA LEU J 136 9.72 -31.96 0.96
C LEU J 136 9.94 -31.17 2.26
N GLU J 137 11.02 -31.51 2.95
CA GLU J 137 11.32 -30.92 4.28
C GLU J 137 11.63 -29.45 4.06
N ASP J 138 12.36 -29.16 3.00
CA ASP J 138 12.73 -27.79 2.65
C ASP J 138 11.33 -27.25 2.45
N HIS J 139 10.94 -26.18 3.16
CA HIS J 139 9.65 -25.52 2.93
C HIS J 139 10.05 -24.22 2.27
N PRO J 140 9.26 -23.69 1.31
CA PRO J 140 9.60 -22.42 0.67
C PRO J 140 9.73 -21.32 1.72
N ASN J 141 10.48 -20.27 1.42
CA ASN J 141 10.93 -19.29 2.45
C ASN J 141 11.32 -17.99 1.77
N VAL J 142 10.71 -16.89 2.24
CA VAL J 142 10.90 -15.50 1.73
C VAL J 142 12.40 -15.19 1.68
N GLN J 143 13.15 -15.49 2.73
CA GLN J 143 14.57 -15.07 2.88
C GLN J 143 15.42 -15.79 1.83
N LYS J 144 15.31 -17.12 1.76
CA LYS J 144 16.04 -17.94 0.75
C LYS J 144 15.79 -17.35 -0.64
N ASP J 145 14.53 -17.03 -0.94
CA ASP J 145 14.09 -16.52 -2.26
C ASP J 145 14.67 -15.12 -2.48
N LEU J 146 14.73 -14.28 -1.44
CA LEU J 146 15.31 -12.92 -1.52
C LEU J 146 16.79 -13.02 -1.89
N GLU J 147 17.51 -13.95 -1.25
CA GLU J 147 18.96 -14.19 -1.50
C GLU J 147 19.14 -14.55 -2.98
N ARG J 148 18.33 -15.48 -3.49
CA ARG J 148 18.33 -15.91 -4.90
C ARG J 148 18.08 -14.71 -5.82
N LEU J 149 17.10 -13.86 -5.50
CA LEU J 149 16.69 -12.70 -6.34
C LEU J 149 17.81 -11.67 -6.47
N THR J 150 18.62 -11.48 -5.45
CA THR J 150 19.81 -10.58 -5.45
C THR J 150 20.87 -11.12 -6.40
N GLN J 151 21.19 -12.42 -6.33
CA GLN J 151 22.21 -13.07 -7.20
C GLN J 151 21.72 -12.96 -8.66
N GLU J 152 20.40 -12.93 -8.88
CA GLU J 152 19.78 -12.80 -10.22
C GLU J 152 19.84 -11.35 -10.68
N ARG J 153 20.08 -10.39 -9.78
CA ARG J 153 20.22 -8.94 -10.08
C ARG J 153 21.70 -8.57 -10.22
N ILE J 154 22.60 -9.30 -9.56
CA ILE J 154 24.09 -9.11 -9.71
C ILE J 154 24.55 -9.85 -10.97
N ALA J 155 23.71 -10.75 -11.50
CA ALA J 155 23.98 -11.52 -12.74
C ALA J 155 23.49 -10.76 -13.98
N HIS J 156 22.54 -9.82 -13.80
CA HIS J 156 22.05 -8.85 -14.81
C HIS J 156 22.93 -7.59 -14.82
N GLN J 157 23.70 -7.37 -13.75
CA GLN J 157 24.55 -6.15 -13.57
C GLN J 157 26.01 -6.49 -13.86
N MET K 1 4.26 -30.98 -34.96
CA MET K 1 4.75 -32.38 -35.04
C MET K 1 4.68 -32.99 -33.64
N TYR K 2 4.29 -34.26 -33.51
CA TYR K 2 3.88 -34.89 -32.23
C TYR K 2 4.95 -35.88 -31.75
N VAL K 3 4.82 -36.37 -30.52
CA VAL K 3 5.75 -37.35 -29.89
C VAL K 3 4.93 -38.37 -29.10
N LYS K 4 5.46 -39.59 -29.01
CA LYS K 4 4.79 -40.76 -28.40
C LYS K 4 5.49 -41.12 -27.08
N LEU K 5 4.79 -40.96 -25.97
CA LEU K 5 5.26 -41.36 -24.62
C LEU K 5 4.54 -42.64 -24.26
N ILE K 6 5.28 -43.68 -23.83
CA ILE K 6 4.73 -45.04 -23.58
C ILE K 6 4.95 -45.41 -22.11
N SER K 7 3.85 -45.69 -21.40
CA SER K 7 3.85 -46.00 -19.95
C SER K 7 4.30 -47.46 -19.74
N SER K 8 4.63 -47.80 -18.49
CA SER K 8 5.06 -49.14 -18.04
C SER K 8 4.05 -50.20 -18.52
N ASP K 9 2.76 -50.00 -18.24
CA ASP K 9 1.68 -50.94 -18.61
C ASP K 9 1.39 -50.86 -20.12
N GLY K 10 2.09 -50.00 -20.83
CA GLY K 10 2.18 -50.03 -22.31
C GLY K 10 1.11 -49.19 -23.01
N HIS K 11 0.48 -48.24 -22.31
CA HIS K 11 -0.38 -47.20 -22.95
C HIS K 11 0.51 -46.29 -23.78
N GLU K 12 0.00 -45.84 -24.92
CA GLU K 12 0.66 -44.86 -25.82
C GLU K 12 -0.01 -43.50 -25.62
N PHE K 13 0.79 -42.45 -25.43
CA PHE K 13 0.32 -41.05 -25.30
C PHE K 13 0.95 -40.23 -26.41
N ILE K 14 0.15 -39.76 -27.37
CA ILE K 14 0.64 -38.89 -28.47
C ILE K 14 0.37 -37.44 -28.06
N VAL K 15 1.43 -36.66 -27.80
CA VAL K 15 1.34 -35.24 -27.37
C VAL K 15 2.28 -34.41 -28.25
N LYS K 16 1.97 -33.13 -28.46
CA LYS K 16 2.83 -32.22 -29.28
C LYS K 16 4.26 -32.29 -28.74
N ARG K 17 5.26 -32.21 -29.63
CA ARG K 17 6.69 -32.31 -29.29
C ARG K 17 7.02 -31.22 -28.27
N GLU K 18 6.60 -29.98 -28.55
CA GLU K 18 6.91 -28.78 -27.73
C GLU K 18 6.34 -29.00 -26.33
N HIS K 19 5.13 -29.57 -26.22
CA HIS K 19 4.48 -29.90 -24.93
C HIS K 19 5.38 -30.82 -24.11
N ALA K 20 5.90 -31.87 -24.73
CA ALA K 20 6.75 -32.90 -24.09
C ALA K 20 8.05 -32.25 -23.60
N LEU K 21 8.68 -31.41 -24.42
CA LEU K 21 10.00 -30.80 -24.15
C LEU K 21 10.00 -30.04 -22.81
N THR K 22 8.82 -29.72 -22.27
CA THR K 22 8.67 -29.04 -20.96
C THR K 22 9.40 -29.91 -19.93
N SER K 23 9.76 -31.13 -20.27
CA SER K 23 10.46 -32.06 -19.34
C SER K 23 11.93 -32.07 -19.73
N GLY K 24 12.84 -31.68 -18.82
CA GLY K 24 14.27 -31.72 -19.12
C GLY K 24 14.71 -33.13 -19.47
N THR K 25 14.21 -34.11 -18.76
CA THR K 25 14.65 -35.53 -18.98
C THR K 25 14.26 -35.90 -20.42
N ILE K 26 13.04 -35.51 -20.85
CA ILE K 26 12.54 -35.87 -22.20
C ILE K 26 13.37 -35.12 -23.23
N LYS K 27 13.59 -33.82 -23.00
CA LYS K 27 14.37 -32.97 -23.92
C LYS K 27 15.72 -33.66 -24.16
N ALA K 28 16.35 -34.10 -23.07
CA ALA K 28 17.65 -34.78 -23.11
C ALA K 28 17.57 -36.02 -24.03
N MET K 29 16.55 -36.86 -23.79
CA MET K 29 16.39 -38.17 -24.46
C MET K 29 16.11 -37.97 -25.96
N LEU K 30 15.41 -36.89 -26.32
CA LEU K 30 15.02 -36.63 -27.73
C LEU K 30 16.13 -35.88 -28.45
N SER K 31 16.69 -34.84 -27.81
CA SER K 31 17.64 -33.90 -28.47
C SER K 31 19.03 -34.54 -28.38
N PHE K 36 20.72 -40.02 -31.77
CA PHE K 36 22.00 -40.17 -32.53
C PHE K 36 22.40 -38.86 -33.23
N ALA K 37 21.71 -37.75 -32.97
CA ALA K 37 22.13 -36.38 -33.35
C ALA K 37 22.34 -36.26 -34.86
N GLU K 38 21.52 -36.95 -35.66
CA GLU K 38 21.33 -36.70 -37.12
C GLU K 38 19.85 -36.38 -37.37
N ASN K 39 18.94 -36.96 -36.57
CA ASN K 39 17.48 -36.73 -36.69
C ASN K 39 16.71 -37.22 -35.45
N GLU K 40 15.45 -36.82 -35.35
CA GLU K 40 14.60 -36.81 -34.13
C GLU K 40 14.01 -38.19 -33.86
N THR K 41 13.86 -38.57 -32.57
CA THR K 41 13.18 -39.82 -32.11
C THR K 41 11.72 -39.57 -31.66
N ASN K 42 10.76 -40.30 -32.23
CA ASN K 42 9.32 -40.06 -31.87
C ASN K 42 8.94 -40.73 -30.54
N GLU K 43 9.37 -41.96 -30.30
CA GLU K 43 9.00 -42.72 -29.09
C GLU K 43 9.98 -42.41 -27.95
N VAL K 44 9.45 -42.40 -26.73
CA VAL K 44 10.25 -42.58 -25.47
C VAL K 44 9.45 -43.46 -24.51
N ASN K 45 10.14 -44.38 -23.84
CA ASN K 45 9.52 -45.47 -23.05
C ASN K 45 9.87 -45.27 -21.58
N PHE K 46 8.87 -45.25 -20.70
CA PHE K 46 9.06 -45.09 -19.23
C PHE K 46 8.70 -46.40 -18.52
N ARG K 47 9.73 -47.14 -18.13
CA ARG K 47 9.64 -48.52 -17.60
C ARG K 47 8.90 -48.51 -16.24
N GLU K 48 9.05 -47.41 -15.50
CA GLU K 48 8.67 -47.34 -14.06
C GLU K 48 7.53 -46.33 -13.87
N ILE K 49 6.97 -45.76 -14.94
CA ILE K 49 5.83 -44.80 -14.84
C ILE K 49 4.57 -45.47 -15.35
N PRO K 50 3.56 -45.71 -14.49
CA PRO K 50 2.28 -46.25 -14.95
C PRO K 50 1.46 -45.21 -15.73
N SER K 51 0.41 -45.66 -16.42
CA SER K 51 -0.45 -44.81 -17.28
C SER K 51 -1.14 -43.73 -16.45
N HIS K 52 -1.86 -44.09 -15.37
CA HIS K 52 -2.66 -43.12 -14.60
C HIS K 52 -1.77 -41.95 -14.17
N VAL K 53 -0.45 -42.16 -14.13
CA VAL K 53 0.54 -41.10 -13.80
C VAL K 53 0.95 -40.37 -15.09
N LEU K 54 1.46 -41.10 -16.08
CA LEU K 54 2.00 -40.49 -17.33
C LEU K 54 0.90 -39.68 -18.04
N SER K 55 -0.34 -40.15 -17.97
CA SER K 55 -1.55 -39.43 -18.46
C SER K 55 -1.57 -38.03 -17.82
N LYS K 56 -1.48 -37.96 -16.50
CA LYS K 56 -1.54 -36.69 -15.74
C LYS K 56 -0.29 -35.86 -16.03
N VAL K 57 0.86 -36.49 -16.24
CA VAL K 57 2.11 -35.75 -16.58
C VAL K 57 1.86 -34.97 -17.87
N CYS K 58 1.19 -35.57 -18.85
CA CYS K 58 0.82 -34.92 -20.13
C CYS K 58 -0.12 -33.75 -19.83
N MET K 59 -1.21 -34.01 -19.10
CA MET K 59 -2.17 -32.96 -18.67
C MET K 59 -1.40 -31.75 -18.13
N TYR K 60 -0.31 -31.95 -17.41
CA TYR K 60 0.53 -30.82 -16.91
C TYR K 60 1.13 -30.11 -18.13
N PHE K 61 1.73 -30.83 -19.08
CA PHE K 61 2.34 -30.22 -20.29
C PHE K 61 1.30 -29.30 -20.94
N THR K 62 0.08 -29.82 -21.18
CA THR K 62 -1.08 -29.07 -21.71
C THR K 62 -1.23 -27.76 -20.92
N TYR K 63 -1.36 -27.87 -19.59
CA TYR K 63 -1.53 -26.76 -18.61
C TYR K 63 -0.36 -25.78 -18.74
N LYS K 64 0.87 -26.26 -18.53
CA LYS K 64 2.08 -25.38 -18.50
C LYS K 64 2.13 -24.59 -19.80
N VAL K 65 2.05 -25.27 -20.93
CA VAL K 65 2.19 -24.65 -22.28
C VAL K 65 1.15 -23.55 -22.39
N ARG K 66 -0.09 -23.87 -22.01
CA ARG K 66 -1.26 -22.98 -22.23
C ARG K 66 -1.15 -21.73 -21.34
N TYR K 67 -0.85 -21.89 -20.06
CA TYR K 67 -1.04 -20.83 -19.06
C TYR K 67 0.27 -20.09 -18.79
N THR K 68 1.42 -20.59 -19.24
CA THR K 68 2.70 -19.83 -19.09
C THR K 68 2.53 -18.53 -19.87
N ASN K 69 2.87 -17.39 -19.26
CA ASN K 69 2.84 -16.05 -19.90
C ASN K 69 1.40 -15.63 -20.28
N SER K 70 0.38 -16.16 -19.61
CA SER K 70 -1.03 -15.73 -19.80
C SER K 70 -1.35 -14.67 -18.74
N SER K 71 -1.91 -13.53 -19.13
CA SER K 71 -1.82 -12.25 -18.36
C SER K 71 -2.77 -12.14 -17.17
N THR K 72 -4.10 -12.34 -17.32
CA THR K 72 -5.06 -11.91 -16.26
C THR K 72 -5.04 -12.89 -15.08
N GLU K 73 -5.21 -14.21 -15.28
CA GLU K 73 -5.46 -15.16 -14.17
C GLU K 73 -5.16 -16.59 -14.61
N ILE K 74 -4.45 -17.32 -13.77
CA ILE K 74 -4.07 -18.76 -13.96
C ILE K 74 -4.79 -19.56 -12.89
N PRO K 75 -5.32 -20.76 -13.23
CA PRO K 75 -5.95 -21.63 -12.24
C PRO K 75 -4.97 -22.65 -11.62
N GLU K 76 -5.19 -23.06 -10.39
CA GLU K 76 -4.30 -24.03 -9.72
C GLU K 76 -4.38 -25.39 -10.45
N PHE K 77 -3.24 -26.01 -10.72
CA PHE K 77 -3.13 -27.35 -11.36
C PHE K 77 -3.49 -28.42 -10.34
N PRO K 78 -4.68 -29.05 -10.45
CA PRO K 78 -5.18 -29.92 -9.39
C PRO K 78 -4.43 -31.25 -9.45
N ILE K 79 -4.21 -31.86 -8.27
CA ILE K 79 -3.62 -33.22 -8.11
C ILE K 79 -4.41 -33.92 -7.00
N ALA K 80 -5.08 -35.01 -7.32
CA ALA K 80 -5.87 -35.80 -6.34
C ALA K 80 -4.90 -36.52 -5.41
N PRO K 81 -5.23 -36.62 -4.10
CA PRO K 81 -4.40 -37.38 -3.15
C PRO K 81 -3.93 -38.74 -3.68
N GLU K 82 -4.83 -39.49 -4.32
CA GLU K 82 -4.62 -40.88 -4.77
C GLU K 82 -3.40 -40.95 -5.69
N ILE K 83 -3.10 -39.88 -6.42
CA ILE K 83 -2.05 -39.88 -7.49
C ILE K 83 -0.82 -39.09 -7.02
N ALA K 84 -0.95 -38.33 -5.93
CA ALA K 84 0.00 -37.27 -5.53
C ALA K 84 1.43 -37.80 -5.44
N LEU K 85 1.64 -38.91 -4.74
CA LEU K 85 2.99 -39.42 -4.40
C LEU K 85 3.68 -39.90 -5.67
N GLU K 86 3.01 -40.77 -6.43
CA GLU K 86 3.57 -41.37 -7.67
C GLU K 86 3.87 -40.27 -8.69
N LEU K 87 3.03 -39.23 -8.73
CA LEU K 87 3.22 -38.08 -9.63
C LEU K 87 4.49 -37.33 -9.19
N LEU K 88 4.64 -37.07 -7.88
CA LEU K 88 5.83 -36.41 -7.30
C LEU K 88 7.09 -37.17 -7.73
N MET K 89 7.04 -38.49 -7.61
CA MET K 89 8.15 -39.36 -8.04
C MET K 89 8.42 -39.08 -9.52
N ALA K 90 7.41 -39.34 -10.37
CA ALA K 90 7.48 -39.16 -11.84
C ALA K 90 7.97 -37.75 -12.14
N ALA K 91 7.36 -36.74 -11.52
CA ALA K 91 7.72 -35.32 -11.70
C ALA K 91 9.23 -35.14 -11.53
N ASN K 92 9.78 -35.64 -10.42
CA ASN K 92 11.21 -35.41 -10.10
C ASN K 92 12.06 -36.10 -11.17
N PHE K 93 11.70 -37.33 -11.54
CA PHE K 93 12.46 -38.08 -12.59
C PHE K 93 12.44 -37.27 -13.91
N LEU K 94 11.31 -36.77 -14.30
CA LEU K 94 11.11 -36.06 -15.58
C LEU K 94 11.77 -34.67 -15.54
N ASP K 95 11.82 -34.01 -14.38
CA ASP K 95 12.39 -32.64 -14.30
C ASP K 95 11.36 -31.61 -14.79
N CYS K 96 10.12 -32.03 -15.03
CA CYS K 96 9.04 -31.11 -15.44
C CYS K 96 8.62 -30.29 -14.23
N ASP L 2 -10.23 -23.57 -27.63
CA ASP L 2 -10.77 -23.34 -26.26
C ASP L 2 -11.40 -24.62 -25.70
N VAL L 3 -11.24 -25.76 -26.38
CA VAL L 3 -11.67 -27.06 -25.85
C VAL L 3 -10.49 -28.01 -25.83
N PHE L 4 -10.24 -28.64 -24.69
CA PHE L 4 -9.11 -29.60 -24.52
C PHE L 4 -9.62 -31.04 -24.53
N LEU L 5 -8.98 -31.93 -25.27
CA LEU L 5 -9.57 -33.25 -25.57
C LEU L 5 -8.52 -34.37 -25.37
N MET L 6 -9.00 -35.52 -24.92
CA MET L 6 -8.26 -36.79 -25.05
C MET L 6 -9.07 -37.64 -26.00
N ILE L 7 -8.53 -37.94 -27.19
CA ILE L 7 -9.18 -38.80 -28.18
C ILE L 7 -8.54 -40.16 -27.98
N ARG L 8 -9.30 -41.13 -27.53
CA ARG L 8 -8.72 -42.44 -27.16
C ARG L 8 -9.33 -43.64 -27.88
N ARG L 9 -8.48 -44.44 -28.53
CA ARG L 9 -8.92 -45.68 -29.11
C ARG L 9 -8.03 -46.75 -28.56
N HIS L 10 -8.61 -47.75 -27.93
CA HIS L 10 -7.85 -48.86 -27.31
C HIS L 10 -6.77 -48.31 -26.38
N LYS L 11 -5.50 -48.66 -26.62
CA LYS L 11 -4.41 -48.24 -25.74
C LYS L 11 -3.74 -46.97 -26.22
N THR L 12 -4.31 -46.30 -27.22
CA THR L 12 -3.73 -45.04 -27.74
C THR L 12 -4.54 -43.86 -27.23
N THR L 13 -3.86 -42.85 -26.74
CA THR L 13 -4.55 -41.62 -26.28
C THR L 13 -3.86 -40.38 -26.87
N ILE L 14 -4.62 -39.56 -27.60
CA ILE L 14 -4.09 -38.32 -28.23
C ILE L 14 -4.61 -37.10 -27.46
N PHE L 15 -3.70 -36.26 -26.99
CA PHE L 15 -4.03 -35.04 -26.19
C PHE L 15 -3.95 -33.86 -27.15
N THR L 16 -5.04 -33.13 -27.35
CA THR L 16 -5.11 -32.06 -28.38
C THR L 16 -6.24 -31.08 -28.04
N ASP L 17 -6.18 -29.91 -28.65
CA ASP L 17 -7.17 -28.82 -28.49
C ASP L 17 -7.89 -28.68 -29.82
N ALA L 18 -9.01 -27.98 -29.82
CA ALA L 18 -9.85 -27.64 -30.99
C ALA L 18 -10.87 -26.60 -30.52
N LYS L 19 -11.49 -25.87 -31.41
CA LYS L 19 -12.41 -24.77 -31.02
C LYS L 19 -13.79 -25.38 -30.76
N GLU L 20 -14.55 -24.80 -29.83
CA GLU L 20 -15.96 -25.14 -29.59
C GLU L 20 -16.69 -25.09 -30.94
N SER L 21 -16.35 -24.09 -31.77
CA SER L 21 -17.01 -23.77 -33.05
C SER L 21 -16.59 -24.74 -34.16
N SER L 22 -15.39 -25.33 -34.06
CA SER L 22 -14.88 -26.37 -34.99
C SER L 22 -15.81 -27.59 -34.98
N THR L 23 -15.74 -28.43 -36.02
CA THR L 23 -16.68 -29.55 -36.26
C THR L 23 -16.02 -30.91 -36.05
N VAL L 24 -16.83 -31.92 -35.75
CA VAL L 24 -16.43 -33.34 -35.58
C VAL L 24 -15.63 -33.77 -36.81
N PHE L 25 -15.99 -33.29 -38.00
CA PHE L 25 -15.27 -33.65 -39.24
C PHE L 25 -13.84 -33.10 -39.17
N GLU L 26 -13.69 -31.81 -38.85
CA GLU L 26 -12.36 -31.15 -38.75
C GLU L 26 -11.46 -31.94 -37.78
N LEU L 27 -12.05 -32.51 -36.72
CA LEU L 27 -11.33 -33.30 -35.69
C LEU L 27 -10.82 -34.60 -36.34
N LYS L 28 -11.65 -35.27 -37.12
CA LYS L 28 -11.27 -36.50 -37.88
C LYS L 28 -10.06 -36.19 -38.77
N ARG L 29 -10.05 -35.00 -39.37
CA ARG L 29 -8.97 -34.54 -40.28
C ARG L 29 -7.67 -34.38 -39.48
N ILE L 30 -7.75 -33.84 -38.26
CA ILE L 30 -6.58 -33.67 -37.36
C ILE L 30 -6.00 -35.05 -37.07
N VAL L 31 -6.86 -36.04 -36.78
CA VAL L 31 -6.49 -37.46 -36.49
C VAL L 31 -5.81 -38.03 -37.74
N GLU L 32 -6.42 -37.80 -38.91
CA GLU L 32 -5.86 -38.21 -40.21
C GLU L 32 -4.39 -37.72 -40.29
N GLY L 33 -4.19 -36.43 -40.02
CA GLY L 33 -2.88 -35.76 -40.05
C GLY L 33 -1.84 -36.43 -39.16
N ILE L 34 -2.27 -37.08 -38.08
CA ILE L 34 -1.35 -37.62 -37.04
C ILE L 34 -1.17 -39.13 -37.23
N LEU L 35 -2.29 -39.85 -37.33
CA LEU L 35 -2.28 -41.34 -37.35
C LEU L 35 -2.33 -41.86 -38.79
N LYS L 36 -2.47 -40.98 -39.79
CA LYS L 36 -2.47 -41.32 -41.23
C LYS L 36 -3.59 -42.33 -41.49
N ARG L 37 -4.81 -41.99 -41.07
CA ARG L 37 -6.03 -42.77 -41.29
C ARG L 37 -7.17 -41.83 -41.71
N PRO L 38 -7.66 -41.95 -42.96
CA PRO L 38 -8.60 -41.01 -43.54
C PRO L 38 -9.93 -40.79 -42.80
N PRO L 39 -10.57 -39.61 -43.01
CA PRO L 39 -11.63 -39.15 -42.12
C PRO L 39 -12.88 -40.04 -42.06
N ASP L 40 -13.16 -40.82 -43.11
CA ASP L 40 -14.52 -41.42 -43.31
C ASP L 40 -14.60 -42.77 -42.59
N GLU L 41 -13.50 -43.34 -42.13
CA GLU L 41 -13.47 -44.69 -41.49
C GLU L 41 -13.36 -44.54 -39.95
N GLN L 42 -13.04 -43.36 -39.51
CA GLN L 42 -13.01 -42.95 -38.07
C GLN L 42 -14.43 -42.69 -37.60
N ARG L 43 -14.80 -43.12 -36.41
CA ARG L 43 -16.12 -42.80 -35.76
C ARG L 43 -15.80 -42.26 -34.37
N LEU L 44 -16.28 -41.05 -34.05
CA LEU L 44 -15.94 -40.36 -32.79
C LEU L 44 -17.16 -40.33 -31.86
N TYR L 45 -16.97 -40.75 -30.61
CA TYR L 45 -18.03 -40.80 -29.58
C TYR L 45 -17.71 -39.84 -28.45
N LYS L 46 -18.75 -39.21 -27.90
CA LYS L 46 -18.68 -38.47 -26.65
C LYS L 46 -19.45 -39.41 -25.77
N ASP L 47 -18.81 -39.96 -24.76
CA ASP L 47 -19.39 -41.02 -23.91
C ASP L 47 -19.86 -42.13 -24.84
N ASP L 48 -21.14 -42.50 -24.77
CA ASP L 48 -21.67 -43.59 -25.59
C ASP L 48 -22.49 -43.14 -26.79
N GLN L 49 -22.45 -41.87 -27.16
CA GLN L 49 -23.24 -41.35 -28.30
C GLN L 49 -22.35 -41.03 -29.51
N LEU L 50 -22.75 -41.46 -30.70
CA LEU L 50 -21.98 -41.17 -31.93
C LEU L 50 -22.12 -39.69 -32.29
N LEU L 51 -21.03 -39.06 -32.74
CA LEU L 51 -20.98 -37.65 -33.18
C LEU L 51 -21.05 -37.57 -34.71
N ASP L 52 -21.96 -36.76 -35.20
CA ASP L 52 -22.21 -36.50 -36.63
C ASP L 52 -21.07 -35.59 -37.12
N ASP L 53 -20.46 -35.91 -38.27
CA ASP L 53 -19.34 -35.11 -38.85
C ASP L 53 -19.70 -33.63 -38.95
N GLY L 54 -20.99 -33.30 -39.07
CA GLY L 54 -21.47 -31.95 -39.40
C GLY L 54 -21.68 -31.06 -38.18
N LYS L 55 -21.82 -31.64 -36.99
CA LYS L 55 -22.08 -30.90 -35.73
C LYS L 55 -20.78 -30.27 -35.23
N THR L 56 -20.87 -29.10 -34.60
CA THR L 56 -19.75 -28.43 -33.88
C THR L 56 -19.53 -29.14 -32.55
N LEU L 57 -18.28 -29.33 -32.14
CA LEU L 57 -17.91 -29.90 -30.81
C LEU L 57 -18.81 -29.30 -29.71
N GLY L 58 -19.08 -28.00 -29.78
CA GLY L 58 -19.99 -27.28 -28.89
C GLY L 58 -21.32 -28.00 -28.79
N GLU L 59 -21.96 -28.25 -29.95
CA GLU L 59 -23.33 -28.82 -30.00
C GLU L 59 -23.27 -30.30 -29.60
N CYS L 60 -22.14 -30.99 -29.74
CA CYS L 60 -21.94 -32.38 -29.27
C CYS L 60 -21.96 -32.46 -27.74
N GLY L 61 -21.58 -31.37 -27.06
CA GLY L 61 -21.61 -31.26 -25.59
C GLY L 61 -20.30 -30.77 -25.00
N PHE L 62 -19.19 -30.82 -25.75
CA PHE L 62 -17.86 -30.36 -25.29
C PHE L 62 -17.88 -28.84 -25.12
N THR L 63 -17.57 -28.33 -23.94
CA THR L 63 -17.50 -26.88 -23.63
C THR L 63 -16.15 -26.56 -22.99
N SER L 64 -15.71 -25.31 -23.02
CA SER L 64 -14.46 -24.84 -22.37
C SER L 64 -14.46 -25.21 -20.88
N GLN L 65 -15.62 -25.16 -20.23
CA GLN L 65 -15.75 -25.32 -18.76
C GLN L 65 -15.73 -26.80 -18.35
N THR L 66 -15.83 -27.75 -19.27
CA THR L 66 -15.76 -29.21 -18.99
C THR L 66 -14.64 -29.89 -19.78
N ALA L 67 -13.91 -29.13 -20.59
CA ALA L 67 -12.78 -29.58 -21.43
C ALA L 67 -11.58 -28.65 -21.22
N ARG L 68 -11.19 -28.49 -19.94
CA ARG L 68 -10.06 -27.63 -19.51
C ARG L 68 -8.76 -28.40 -19.72
N PRO L 69 -7.62 -27.68 -19.91
CA PRO L 69 -6.34 -28.35 -20.25
C PRO L 69 -5.90 -29.42 -19.21
N GLN L 70 -6.21 -29.17 -17.93
CA GLN L 70 -5.88 -30.02 -16.78
C GLN L 70 -6.86 -31.18 -16.62
N ALA L 71 -8.09 -31.05 -17.11
CA ALA L 71 -9.16 -32.07 -17.08
C ALA L 71 -9.76 -32.21 -18.49
N PRO L 72 -8.97 -32.74 -19.45
CA PRO L 72 -9.45 -32.85 -20.80
C PRO L 72 -10.68 -33.76 -20.89
N ALA L 73 -11.64 -33.36 -21.74
CA ALA L 73 -12.83 -34.16 -22.08
C ALA L 73 -12.38 -35.30 -22.98
N THR L 74 -12.97 -36.49 -22.83
CA THR L 74 -12.62 -37.71 -23.58
C THR L 74 -13.55 -37.90 -24.77
N VAL L 75 -12.98 -37.89 -25.98
CA VAL L 75 -13.66 -38.32 -27.24
C VAL L 75 -13.20 -39.75 -27.52
N GLY L 76 -14.13 -40.71 -27.59
CA GLY L 76 -13.85 -42.12 -27.94
C GLY L 76 -13.71 -42.27 -29.45
N LEU L 77 -12.83 -43.17 -29.89
CA LEU L 77 -12.50 -43.38 -31.33
C LEU L 77 -12.67 -44.86 -31.70
N ALA L 78 -13.25 -45.13 -32.86
CA ALA L 78 -13.43 -46.49 -33.42
C ALA L 78 -13.06 -46.44 -34.91
N PHE L 79 -12.37 -47.44 -35.43
CA PHE L 79 -11.99 -47.53 -36.86
C PHE L 79 -12.94 -48.48 -37.59
N ARG L 80 -12.85 -48.51 -38.89
CA ARG L 80 -13.72 -49.37 -39.72
C ARG L 80 -12.90 -50.41 -40.48
N ALA L 81 -13.20 -51.68 -40.28
CA ALA L 81 -12.63 -52.79 -41.04
C ALA L 81 -13.72 -53.28 -41.97
N ASP L 82 -13.55 -53.05 -43.26
CA ASP L 82 -14.52 -53.47 -44.30
C ASP L 82 -15.91 -52.91 -43.95
N ASP L 83 -16.94 -53.75 -43.92
CA ASP L 83 -18.34 -53.27 -43.69
C ASP L 83 -18.58 -52.95 -42.21
N THR L 84 -17.94 -53.68 -41.30
CA THR L 84 -18.33 -53.62 -39.87
C THR L 84 -17.71 -52.42 -39.17
N PHE L 85 -18.26 -52.02 -38.03
CA PHE L 85 -17.78 -50.90 -37.18
C PHE L 85 -17.02 -51.50 -36.00
N GLU L 86 -15.81 -51.02 -35.69
CA GLU L 86 -15.12 -51.54 -34.48
C GLU L 86 -15.87 -51.00 -33.25
N ALA L 87 -15.94 -51.82 -32.22
CA ALA L 87 -16.68 -51.51 -30.98
C ALA L 87 -15.96 -50.36 -30.27
N LEU L 88 -16.70 -49.46 -29.61
CA LEU L 88 -16.01 -48.38 -28.86
C LEU L 88 -15.25 -49.05 -27.71
N CYS L 89 -13.94 -49.23 -27.91
CA CYS L 89 -13.09 -49.91 -26.89
C CYS L 89 -11.97 -48.96 -26.47
N ILE L 90 -12.07 -48.40 -25.25
CA ILE L 90 -11.00 -47.55 -24.64
C ILE L 90 -10.48 -48.28 -23.40
N GLU L 91 -9.41 -49.05 -23.55
CA GLU L 91 -8.87 -49.90 -22.46
C GLU L 91 -8.37 -48.97 -21.37
N PRO L 92 -8.87 -49.09 -20.12
CA PRO L 92 -8.57 -48.08 -19.08
C PRO L 92 -7.09 -48.03 -18.70
N PHE L 93 -6.69 -46.90 -18.15
CA PHE L 93 -5.34 -46.59 -17.61
C PHE L 93 -5.09 -47.46 -16.37
N SER L 94 -3.80 -47.65 -16.03
CA SER L 94 -3.33 -48.27 -14.77
C SER L 94 -4.05 -47.66 -13.56
N SER L 95 -4.30 -48.42 -12.48
CA SER L 95 -5.12 -47.95 -11.35
C SER L 95 -4.20 -47.45 -10.22
N PRO L 96 -4.63 -46.40 -9.48
CA PRO L 96 -3.80 -45.84 -8.42
C PRO L 96 -3.90 -46.72 -7.17
N PRO L 97 -2.82 -46.84 -6.38
CA PRO L 97 -2.84 -47.62 -5.15
C PRO L 97 -3.82 -47.02 -4.15
N GLU L 98 -4.45 -47.87 -3.33
CA GLU L 98 -5.38 -47.49 -2.24
C GLU L 98 -4.78 -46.29 -1.50
N LEU L 99 -5.59 -45.31 -1.10
CA LEU L 99 -5.12 -44.05 -0.45
C LEU L 99 -4.27 -44.39 0.78
N PRO L 100 -2.97 -44.03 0.80
CA PRO L 100 -2.09 -44.36 1.92
C PRO L 100 -2.63 -43.86 3.26
N ASP L 101 -2.42 -44.65 4.32
CA ASP L 101 -2.99 -44.34 5.66
C ASP L 101 -2.43 -42.99 6.13
N VAL L 102 -1.31 -42.53 5.57
CA VAL L 102 -0.70 -41.25 6.02
C VAL L 102 -1.67 -40.09 5.71
N MET L 103 -2.40 -40.14 4.62
CA MET L 103 -3.23 -39.00 4.14
C MET L 103 -4.66 -38.97 4.70
N LYS L 104 -5.13 -39.95 5.46
CA LYS L 104 -6.54 -39.98 5.93
C LYS L 104 -6.68 -39.07 7.16
N LEU M 12 -30.90 37.08 12.39
CA LEU M 12 -30.69 35.79 11.65
C LEU M 12 -29.29 35.22 11.99
N THR M 13 -28.25 36.06 12.03
CA THR M 13 -26.85 35.67 12.34
C THR M 13 -26.75 35.12 13.77
N LYS M 14 -27.48 35.72 14.72
CA LYS M 14 -27.53 35.27 16.14
C LYS M 14 -28.16 33.87 16.20
N GLN M 15 -29.25 33.66 15.44
CA GLN M 15 -29.98 32.37 15.34
C GLN M 15 -29.10 31.33 14.63
N MET M 16 -28.40 31.70 13.55
CA MET M 16 -27.53 30.78 12.76
C MET M 16 -26.35 30.30 13.60
N ASN M 17 -25.84 31.15 14.51
CA ASN M 17 -24.69 30.83 15.40
C ASN M 17 -25.17 29.89 16.52
N ALA M 18 -26.35 30.13 17.09
CA ALA M 18 -26.98 29.30 18.15
C ALA M 18 -27.16 27.85 17.65
N ILE M 19 -27.57 27.68 16.40
CA ILE M 19 -27.82 26.34 15.77
C ILE M 19 -26.48 25.64 15.49
N ILE M 20 -25.51 26.34 14.87
CA ILE M 20 -24.21 25.73 14.47
C ILE M 20 -23.36 25.46 15.72
N ASP M 21 -23.40 26.32 16.74
CA ASP M 21 -22.62 26.16 18.00
C ASP M 21 -23.21 25.04 18.86
N THR M 22 -24.54 24.85 18.87
CA THR M 22 -25.21 23.75 19.62
C THR M 22 -24.79 22.39 19.05
N VAL M 23 -24.71 22.26 17.72
CA VAL M 23 -24.34 20.99 17.01
C VAL M 23 -22.88 20.63 17.33
N ILE M 24 -21.99 21.64 17.39
CA ILE M 24 -20.53 21.46 17.66
C ILE M 24 -20.34 21.11 19.15
N ASN M 25 -20.91 21.91 20.06
CA ASN M 25 -20.77 21.76 21.53
C ASN M 25 -21.45 20.48 22.02
N TYR M 26 -22.34 19.88 21.22
CA TYR M 26 -23.16 18.69 21.56
C TYR M 26 -22.24 17.50 21.90
N LYS M 27 -22.37 17.00 23.14
CA LYS M 27 -21.71 15.77 23.65
C LYS M 27 -22.78 14.68 23.80
N ASP M 28 -22.43 13.43 23.47
CA ASP M 28 -23.32 12.24 23.64
C ASP M 28 -23.29 11.82 25.12
N SER M 29 -23.92 10.68 25.45
CA SER M 29 -24.22 10.24 26.84
C SER M 29 -23.03 9.51 27.48
N SER M 30 -21.83 9.57 26.88
CA SER M 30 -20.54 9.14 27.49
C SER M 30 -19.62 10.35 27.73
N GLY M 31 -20.04 11.56 27.35
CA GLY M 31 -19.34 12.83 27.63
C GLY M 31 -18.48 13.31 26.47
N ARG M 32 -18.31 12.48 25.43
CA ARG M 32 -17.42 12.76 24.26
C ARG M 32 -18.13 13.69 23.26
N GLN M 33 -17.41 14.69 22.75
CA GLN M 33 -17.89 15.66 21.73
C GLN M 33 -17.74 15.01 20.34
N LEU M 34 -18.81 15.02 19.53
CA LEU M 34 -18.88 14.29 18.22
C LEU M 34 -18.18 15.11 17.13
N SER M 35 -18.33 16.44 17.16
CA SER M 35 -17.90 17.39 16.09
C SER M 35 -16.36 17.50 16.01
N GLU M 36 -15.64 17.02 17.04
CA GLU M 36 -14.16 17.06 17.19
C GLU M 36 -13.44 16.67 15.89
N VAL M 37 -13.96 15.68 15.16
CA VAL M 37 -13.30 15.18 13.90
C VAL M 37 -13.77 16.03 12.70
N PHE M 38 -14.97 16.60 12.79
CA PHE M 38 -15.60 17.37 11.69
C PHE M 38 -15.17 18.84 11.76
N ILE M 39 -14.56 19.31 12.85
CA ILE M 39 -14.20 20.75 13.06
C ILE M 39 -13.33 21.23 11.90
N GLN M 40 -12.35 20.43 11.48
CA GLN M 40 -11.40 20.76 10.38
C GLN M 40 -11.23 19.58 9.44
N LEU M 41 -11.52 19.77 8.14
CA LEU M 41 -11.27 18.73 7.10
C LEU M 41 -9.76 18.53 7.03
N PRO M 42 -9.31 17.29 6.72
CA PRO M 42 -7.88 17.02 6.57
C PRO M 42 -7.35 17.62 5.25
N SER M 43 -6.04 17.78 5.13
CA SER M 43 -5.33 18.18 3.89
C SER M 43 -5.38 17.02 2.88
N ARG M 44 -5.24 17.31 1.59
CA ARG M 44 -5.29 16.30 0.50
C ARG M 44 -4.01 15.47 0.60
N LYS M 45 -2.86 16.08 0.90
CA LYS M 45 -1.60 15.32 1.12
C LYS M 45 -1.89 14.21 2.16
N GLU M 46 -2.49 14.57 3.29
CA GLU M 46 -2.86 13.59 4.36
C GLU M 46 -3.70 12.47 3.73
N LEU M 47 -4.90 12.81 3.24
CA LEU M 47 -5.91 11.83 2.78
C LEU M 47 -6.39 12.17 1.38
N PRO M 48 -5.69 11.68 0.33
CA PRO M 48 -6.07 11.92 -1.08
C PRO M 48 -7.38 11.24 -1.51
N GLU M 49 -7.86 10.24 -0.78
CA GLU M 49 -9.10 9.49 -1.22
C GLU M 49 -10.34 10.39 -0.99
N TYR M 50 -10.39 11.08 0.15
CA TYR M 50 -11.57 11.92 0.51
C TYR M 50 -11.82 12.87 -0.66
N TYR M 51 -10.76 13.40 -1.23
CA TYR M 51 -10.82 14.48 -2.26
C TYR M 51 -10.91 13.91 -3.67
N GLU M 52 -10.85 12.56 -3.80
CA GLU M 52 -11.08 11.82 -5.08
C GLU M 52 -12.54 11.31 -5.10
N LEU M 53 -13.16 11.09 -3.95
CA LEU M 53 -14.54 10.56 -3.84
C LEU M 53 -15.49 11.76 -3.55
N ILE M 54 -15.20 12.47 -2.50
CA ILE M 54 -16.12 13.58 -2.06
C ILE M 54 -16.06 14.67 -3.13
N ARG M 55 -17.22 15.06 -3.68
CA ARG M 55 -17.35 16.07 -4.76
C ARG M 55 -17.13 17.48 -4.20
N LYS M 56 -17.91 17.86 -3.16
CA LYS M 56 -17.97 19.23 -2.59
C LYS M 56 -17.56 19.18 -1.11
N PRO M 57 -16.24 19.10 -0.81
CA PRO M 57 -15.77 19.03 0.57
C PRO M 57 -16.04 20.30 1.39
N VAL M 58 -16.69 20.16 2.54
CA VAL M 58 -17.01 21.29 3.47
C VAL M 58 -16.95 20.78 4.91
N ASP M 59 -16.45 21.59 5.85
CA ASP M 59 -16.33 21.22 7.29
C ASP M 59 -17.24 22.13 8.16
N PHE M 60 -17.03 22.15 9.47
CA PHE M 60 -17.84 22.95 10.43
C PHE M 60 -17.25 24.36 10.59
N LYS M 61 -15.98 24.59 10.22
CA LYS M 61 -15.32 25.92 10.24
C LYS M 61 -15.57 26.65 8.92
N LYS M 62 -15.75 25.92 7.81
CA LYS M 62 -16.13 26.46 6.48
C LYS M 62 -17.61 26.86 6.46
N ILE M 63 -18.40 26.41 7.45
CA ILE M 63 -19.83 26.82 7.66
C ILE M 63 -19.88 28.07 8.54
N LYS M 64 -19.02 28.19 9.55
CA LYS M 64 -18.84 29.41 10.39
C LYS M 64 -18.28 30.55 9.53
N GLU M 65 -17.41 30.22 8.57
CA GLU M 65 -16.82 31.16 7.58
C GLU M 65 -17.92 31.76 6.70
N ARG M 66 -18.85 30.92 6.24
CA ARG M 66 -19.96 31.29 5.30
C ARG M 66 -21.15 31.91 6.08
N ILE M 67 -21.14 31.85 7.42
CA ILE M 67 -22.13 32.54 8.31
C ILE M 67 -21.70 34.00 8.51
N ARG M 68 -20.38 34.26 8.54
CA ARG M 68 -19.78 35.62 8.67
C ARG M 68 -19.81 36.34 7.31
N ASN M 69 -19.59 35.61 6.21
CA ASN M 69 -19.56 36.15 4.83
C ASN M 69 -20.99 36.31 4.28
N HIS M 70 -21.99 35.75 4.97
CA HIS M 70 -23.44 35.88 4.66
C HIS M 70 -23.76 35.22 3.30
N LYS M 71 -23.12 34.08 2.99
CA LYS M 71 -23.35 33.32 1.73
C LYS M 71 -24.69 32.57 1.81
N TYR M 72 -25.04 32.07 3.00
CA TYR M 72 -26.34 31.41 3.30
C TYR M 72 -27.41 32.50 3.51
N ARG M 73 -28.47 32.47 2.71
CA ARG M 73 -29.51 33.53 2.65
C ARG M 73 -30.64 33.23 3.64
N SER M 74 -30.91 31.96 3.90
CA SER M 74 -31.96 31.48 4.86
C SER M 74 -31.39 30.39 5.77
N LEU M 75 -32.20 29.87 6.70
CA LEU M 75 -31.85 28.76 7.60
C LEU M 75 -31.99 27.42 6.86
N GLY M 76 -32.57 27.42 5.66
CA GLY M 76 -32.68 26.25 4.76
C GLY M 76 -31.45 26.08 3.88
N ASP M 77 -30.63 27.12 3.74
CA ASP M 77 -29.36 27.11 2.95
C ASP M 77 -28.19 26.69 3.85
N LEU M 78 -28.25 27.05 5.14
CA LEU M 78 -27.31 26.57 6.20
C LEU M 78 -27.47 25.06 6.40
N GLU M 79 -28.72 24.57 6.35
CA GLU M 79 -29.09 23.13 6.55
C GLU M 79 -28.64 22.29 5.34
N LYS M 80 -28.76 22.84 4.12
CA LYS M 80 -28.46 22.16 2.84
C LYS M 80 -26.98 21.71 2.78
N ASP M 81 -26.07 22.44 3.44
CA ASP M 81 -24.60 22.20 3.43
C ASP M 81 -24.12 21.49 4.71
N VAL M 82 -24.93 21.46 5.78
CA VAL M 82 -24.67 20.62 6.99
C VAL M 82 -25.08 19.17 6.68
N MET M 83 -26.13 18.99 5.86
CA MET M 83 -26.57 17.67 5.33
C MET M 83 -25.55 17.17 4.29
N LEU M 84 -24.91 18.09 3.55
CA LEU M 84 -23.93 17.78 2.46
C LEU M 84 -22.65 17.20 3.05
N LEU M 85 -22.09 17.78 4.12
CA LEU M 85 -20.85 17.28 4.79
C LEU M 85 -21.18 16.00 5.58
N CYS M 86 -22.30 15.99 6.29
CA CYS M 86 -22.75 14.82 7.11
C CYS M 86 -23.02 13.64 6.17
N HIS M 87 -23.51 13.91 4.95
CA HIS M 87 -23.71 12.90 3.87
C HIS M 87 -22.39 12.62 3.14
N ASN M 88 -21.50 13.61 3.00
CA ASN M 88 -20.15 13.42 2.40
C ASN M 88 -19.40 12.45 3.31
N ALA M 89 -19.46 12.71 4.61
CA ALA M 89 -18.73 11.93 5.63
C ALA M 89 -19.26 10.51 5.56
N GLN M 90 -20.57 10.37 5.52
CA GLN M 90 -21.22 9.04 5.58
C GLN M 90 -20.76 8.22 4.39
N THR M 91 -20.66 8.83 3.22
CA THR M 91 -20.26 8.11 2.02
C THR M 91 -18.84 7.60 2.12
N PHE M 92 -17.90 8.47 2.44
CA PHE M 92 -16.47 8.09 2.51
C PHE M 92 -16.21 7.03 3.55
N ASN M 93 -16.85 7.12 4.70
CA ASN M 93 -16.58 6.18 5.82
C ASN M 93 -17.35 4.87 5.66
N LEU M 94 -17.00 3.91 6.49
CA LEU M 94 -17.65 2.58 6.43
C LEU M 94 -18.96 2.71 7.17
N GLU M 95 -20.00 2.01 6.78
CA GLU M 95 -21.25 2.03 7.56
C GLU M 95 -20.98 1.41 8.93
N GLY M 96 -21.51 2.02 9.98
CA GLY M 96 -21.30 1.55 11.35
C GLY M 96 -20.03 2.07 11.96
N SER M 97 -19.21 2.75 11.17
CA SER M 97 -17.98 3.38 11.67
C SER M 97 -18.33 4.41 12.75
N GLN M 98 -17.36 4.79 13.58
CA GLN M 98 -17.48 5.83 14.63
C GLN M 98 -17.97 7.15 14.01
N ILE M 99 -17.40 7.54 12.86
CA ILE M 99 -17.58 8.86 12.20
C ILE M 99 -18.89 8.84 11.41
N TYR M 100 -19.33 7.68 10.92
CA TYR M 100 -20.56 7.50 10.11
C TYR M 100 -21.80 7.82 10.95
N GLU M 101 -21.93 7.18 12.10
CA GLU M 101 -23.14 7.21 12.97
C GLU M 101 -23.25 8.53 13.74
N ASP M 102 -22.17 9.31 13.81
CA ASP M 102 -22.15 10.65 14.47
C ASP M 102 -22.61 11.73 13.48
N SER M 103 -22.34 11.57 12.18
CA SER M 103 -22.91 12.42 11.10
C SER M 103 -24.40 12.11 10.90
N ILE M 104 -24.86 10.94 11.35
CA ILE M 104 -26.30 10.53 11.44
C ILE M 104 -26.93 11.23 12.66
N VAL M 105 -26.17 11.38 13.75
CA VAL M 105 -26.59 12.06 15.01
C VAL M 105 -26.47 13.59 14.83
N LEU M 106 -25.42 14.08 14.13
CA LEU M 106 -25.18 15.53 13.88
C LEU M 106 -26.27 16.12 12.96
N GLN M 107 -26.89 15.29 12.12
CA GLN M 107 -28.06 15.66 11.27
C GLN M 107 -29.34 15.69 12.11
N SER M 108 -29.43 14.84 13.12
CA SER M 108 -30.58 14.68 14.06
C SER M 108 -30.53 15.75 15.17
N VAL M 109 -29.33 16.25 15.51
CA VAL M 109 -29.09 17.31 16.54
C VAL M 109 -29.14 18.69 15.87
N PHE M 110 -28.90 18.79 14.56
CA PHE M 110 -29.06 20.03 13.76
C PHE M 110 -30.55 20.26 13.46
N LYS M 111 -31.31 19.18 13.21
CA LYS M 111 -32.75 19.21 12.86
C LYS M 111 -33.62 19.45 14.10
N SER M 112 -33.08 19.27 15.31
CA SER M 112 -33.75 19.58 16.61
C SER M 112 -33.28 20.95 17.13
N ALA M 113 -32.08 21.39 16.76
CA ALA M 113 -31.47 22.68 17.16
C ALA M 113 -32.06 23.83 16.33
N ARG M 114 -32.32 23.61 15.04
CA ARG M 114 -32.98 24.61 14.14
C ARG M 114 -34.47 24.72 14.50
N GLN M 115 -35.07 23.64 15.00
CA GLN M 115 -36.52 23.55 15.31
C GLN M 115 -36.84 24.23 16.65
N LYS M 116 -35.82 24.46 17.50
CA LYS M 116 -35.97 25.11 18.83
C LYS M 116 -35.73 26.63 18.71
N ILE M 117 -34.72 27.05 17.94
CA ILE M 117 -34.27 28.47 17.81
C ILE M 117 -35.20 29.22 16.85
N ALA M 118 -35.53 28.64 15.69
CA ALA M 118 -36.24 29.30 14.56
C ALA M 118 -37.75 29.44 14.88
N LYS M 119 -38.29 28.64 15.82
CA LYS M 119 -39.72 28.68 16.24
C LYS M 119 -39.85 28.39 17.74
N GLU M 120 -39.62 29.40 18.59
CA GLU M 120 -39.92 29.40 20.04
C GLU M 120 -39.88 30.85 20.56
N PRO N 9 21.51 13.59 -66.67
CA PRO N 9 20.11 13.25 -66.41
C PRO N 9 19.88 12.63 -65.02
N VAL N 10 19.59 13.47 -64.04
CA VAL N 10 19.39 12.99 -62.64
C VAL N 10 18.06 12.20 -62.61
N LEU N 11 17.01 12.81 -63.13
CA LEU N 11 15.64 12.26 -63.03
C LEU N 11 15.32 11.46 -64.27
N ARG N 12 15.51 10.15 -64.19
CA ARG N 12 15.33 9.24 -65.35
C ARG N 12 15.03 7.81 -64.93
N SER N 13 14.35 7.06 -65.79
CA SER N 13 14.14 5.60 -65.62
C SER N 13 15.50 4.95 -65.59
N VAL N 14 15.58 3.73 -65.09
CA VAL N 14 16.84 2.92 -65.06
C VAL N 14 16.56 1.60 -65.79
N ASN N 15 17.34 1.27 -66.80
CA ASN N 15 17.21 0.00 -67.54
C ASN N 15 17.40 -1.19 -66.56
N SER N 16 16.30 -1.69 -66.05
CA SER N 16 16.28 -2.91 -65.20
C SER N 16 16.17 -4.28 -65.87
N ARG N 17 15.29 -4.49 -66.85
CA ARG N 17 15.07 -5.81 -67.47
C ARG N 17 14.38 -6.77 -66.47
N GLU N 18 13.89 -6.27 -65.37
CA GLU N 18 13.06 -6.97 -64.38
C GLU N 18 11.68 -6.31 -64.42
N PRO N 19 10.65 -7.02 -64.94
CA PRO N 19 9.31 -6.49 -65.05
C PRO N 19 8.68 -6.18 -63.68
N SER N 20 7.86 -5.15 -63.61
CA SER N 20 7.10 -4.78 -62.38
C SER N 20 5.65 -4.48 -62.76
N GLN N 21 4.73 -5.40 -62.49
CA GLN N 21 3.28 -5.14 -62.68
C GLN N 21 2.85 -4.02 -61.75
N VAL N 22 2.07 -3.07 -62.24
CA VAL N 22 1.63 -1.86 -61.48
C VAL N 22 0.13 -1.67 -61.72
N ILE N 23 -0.57 -1.03 -60.78
CA ILE N 23 -2.00 -0.66 -60.95
C ILE N 23 -2.08 0.87 -60.90
N PHE N 24 -2.34 1.51 -62.03
CA PHE N 24 -2.64 2.95 -62.08
C PHE N 24 -4.08 3.15 -61.70
N CYS N 25 -4.31 3.78 -60.56
CA CYS N 25 -5.67 4.02 -60.02
C CYS N 25 -5.93 5.53 -59.99
N ASN N 26 -6.85 6.01 -60.82
CA ASN N 26 -7.11 7.46 -60.98
C ASN N 26 -8.22 7.83 -60.02
N ARG N 27 -7.85 8.37 -58.89
CA ARG N 27 -8.76 8.86 -57.83
C ARG N 27 -8.74 10.39 -57.87
N SER N 28 -8.54 10.97 -59.04
CA SER N 28 -8.70 12.43 -59.25
C SER N 28 -9.96 12.61 -60.08
N PRO N 29 -10.56 13.81 -60.05
CA PRO N 29 -11.73 14.07 -60.90
C PRO N 29 -11.27 14.16 -62.36
N ARG N 30 -10.02 14.47 -62.59
CA ARG N 30 -9.45 14.82 -63.90
C ARG N 30 -9.14 13.58 -64.73
N VAL N 31 -9.19 13.70 -66.05
CA VAL N 31 -8.65 12.66 -66.95
C VAL N 31 -7.16 12.69 -66.69
N VAL N 32 -6.50 11.55 -66.52
CA VAL N 32 -5.07 11.53 -66.07
C VAL N 32 -4.21 11.14 -67.27
N LEU N 33 -3.15 11.89 -67.52
CA LEU N 33 -2.11 11.54 -68.52
C LEU N 33 -0.91 10.95 -67.76
N PRO N 34 -0.73 9.62 -67.79
CA PRO N 34 0.49 9.02 -67.26
C PRO N 34 1.65 9.41 -68.19
N VAL N 35 2.77 9.81 -67.58
CA VAL N 35 3.99 10.31 -68.29
C VAL N 35 5.17 9.48 -67.79
N TRP N 36 5.68 8.59 -68.64
CA TRP N 36 6.87 7.77 -68.33
C TRP N 36 8.14 8.55 -68.69
N LEU N 37 9.02 8.77 -67.74
CA LEU N 37 10.37 9.29 -68.06
C LEU N 37 11.16 8.19 -68.76
N ASN N 38 11.84 8.57 -69.87
CA ASN N 38 12.69 7.63 -70.65
C ASN N 38 14.03 7.49 -69.89
N PHE N 39 14.96 6.69 -70.33
CA PHE N 39 16.29 6.56 -69.69
C PHE N 39 17.06 7.87 -69.90
N ASP N 40 16.80 8.62 -70.95
CA ASP N 40 17.42 9.94 -71.16
C ASP N 40 16.61 10.98 -70.40
N GLY N 41 15.75 10.54 -69.53
CA GLY N 41 14.93 11.39 -68.64
C GLY N 41 13.98 12.25 -69.44
N GLU N 42 13.45 11.70 -70.54
CA GLU N 42 12.55 12.51 -71.43
C GLU N 42 11.12 12.08 -71.14
N PRO N 43 10.21 13.01 -70.82
CA PRO N 43 8.79 12.68 -70.68
C PRO N 43 8.23 11.97 -71.92
N GLN N 44 7.51 10.89 -71.75
CA GLN N 44 6.86 10.11 -72.83
C GLN N 44 5.36 9.95 -72.52
N PRO N 45 4.47 10.69 -73.20
CA PRO N 45 3.03 10.54 -72.98
C PRO N 45 2.54 9.11 -73.21
N TYR N 46 1.65 8.65 -72.33
CA TYR N 46 0.98 7.31 -72.42
C TYR N 46 -0.53 7.50 -72.42
N PRO N 47 -1.29 6.44 -72.78
CA PRO N 47 -2.76 6.50 -72.87
C PRO N 47 -3.41 7.03 -71.58
N THR N 48 -4.49 7.81 -71.70
CA THR N 48 -5.12 8.51 -70.56
C THR N 48 -5.98 7.53 -69.72
N LEU N 49 -6.03 7.76 -68.43
CA LEU N 49 -6.88 7.03 -67.49
C LEU N 49 -8.10 7.90 -67.34
N PRO N 50 -9.34 7.39 -67.58
CA PRO N 50 -10.54 8.16 -67.28
C PRO N 50 -10.66 8.34 -65.77
N PRO N 51 -11.39 9.36 -65.31
CA PRO N 51 -11.60 9.57 -63.88
C PRO N 51 -12.20 8.34 -63.22
N GLY N 52 -11.71 8.01 -62.05
CA GLY N 52 -12.26 6.87 -61.25
C GLY N 52 -12.01 5.52 -61.90
N THR N 53 -10.90 5.36 -62.61
CA THR N 53 -10.63 4.09 -63.33
C THR N 53 -9.34 3.50 -62.80
N GLY N 54 -9.15 2.20 -62.91
CA GLY N 54 -7.90 1.56 -62.48
C GLY N 54 -7.50 0.48 -63.48
N ARG N 55 -6.23 0.45 -63.87
CA ARG N 55 -5.75 -0.48 -64.89
C ARG N 55 -4.45 -1.13 -64.43
N ARG N 56 -4.27 -2.39 -64.75
CA ARG N 56 -2.98 -3.06 -64.51
C ARG N 56 -2.12 -2.72 -65.72
N ILE N 57 -0.88 -2.28 -65.53
CA ILE N 57 0.00 -1.87 -66.65
C ILE N 57 1.33 -2.59 -66.44
N HIS N 58 2.03 -2.91 -67.51
CA HIS N 58 3.34 -3.59 -67.45
C HIS N 58 4.40 -2.50 -67.52
N SER N 59 5.18 -2.35 -66.46
CA SER N 59 6.33 -1.44 -66.37
C SER N 59 7.51 -2.24 -65.84
N TYR N 60 8.66 -1.62 -65.65
CA TYR N 60 9.85 -2.34 -65.15
C TYR N 60 10.29 -1.68 -63.85
N ARG N 61 11.05 -2.44 -63.05
CA ARG N 61 11.59 -1.92 -61.77
C ARG N 61 12.46 -0.70 -62.06
N GLY N 62 12.36 0.32 -61.23
CA GLY N 62 13.26 1.49 -61.33
C GLY N 62 12.74 2.51 -62.34
N HIS N 63 11.78 2.13 -63.17
CA HIS N 63 11.19 3.07 -64.16
C HIS N 63 10.48 4.17 -63.38
N LEU N 64 10.67 5.39 -63.82
CA LEU N 64 10.13 6.58 -63.12
C LEU N 64 8.90 7.08 -63.88
N TRP N 65 7.78 7.26 -63.21
CA TRP N 65 6.52 7.80 -63.80
C TRP N 65 6.10 9.11 -63.12
N LEU N 66 5.17 9.80 -63.82
CA LEU N 66 4.66 11.13 -63.38
C LEU N 66 3.25 11.25 -63.94
N PHE N 67 2.33 11.88 -63.28
CA PHE N 67 0.91 11.96 -63.74
C PHE N 67 0.44 13.42 -63.84
N ARG N 68 -0.49 13.69 -64.76
CA ARG N 68 -1.02 15.06 -65.01
C ARG N 68 -2.42 15.04 -65.62
N ASP N 69 -3.14 16.14 -65.45
CA ASP N 69 -4.47 16.39 -66.06
C ASP N 69 -4.29 16.46 -67.56
N ALA N 70 -4.71 15.43 -68.29
CA ALA N 70 -4.46 15.31 -69.77
C ALA N 70 -4.87 16.60 -70.48
N GLY N 71 -5.97 17.24 -70.06
CA GLY N 71 -6.44 18.51 -70.62
C GLY N 71 -5.52 19.67 -70.26
N THR N 72 -5.51 20.09 -68.99
CA THR N 72 -4.92 21.38 -68.56
C THR N 72 -3.40 21.27 -68.37
N HIS N 73 -2.87 20.05 -68.30
CA HIS N 73 -1.45 19.74 -67.95
C HIS N 73 -1.14 20.15 -66.50
N ASP N 74 -2.19 20.35 -65.69
CA ASP N 74 -2.10 20.59 -64.23
C ASP N 74 -1.37 19.41 -63.55
N GLY N 75 -0.63 19.68 -62.49
CA GLY N 75 0.12 18.67 -61.70
C GLY N 75 -0.79 17.82 -60.83
N LEU N 76 -0.59 16.50 -60.84
CA LEU N 76 -1.30 15.57 -59.91
C LEU N 76 -0.27 14.91 -58.98
N LEU N 77 -0.74 14.05 -58.08
CA LEU N 77 0.12 13.35 -57.10
C LEU N 77 -0.10 11.84 -57.19
N VAL N 78 0.89 11.05 -56.92
CA VAL N 78 0.76 9.56 -56.89
C VAL N 78 1.33 9.12 -55.54
N ASN N 79 0.52 8.52 -54.68
CA ASN N 79 0.98 8.00 -53.37
C ASN N 79 1.56 9.19 -52.59
N GLN N 80 0.86 10.32 -52.63
CA GLN N 80 1.19 11.54 -51.83
C GLN N 80 2.48 12.15 -52.33
N THR N 81 3.01 11.77 -53.48
CA THR N 81 4.29 12.33 -53.99
C THR N 81 4.17 12.59 -55.48
N GLU N 82 5.16 13.31 -56.02
CA GLU N 82 5.11 13.82 -57.43
C GLU N 82 5.56 12.72 -58.38
N LEU N 83 6.50 11.89 -57.96
CA LEU N 83 7.07 10.82 -58.81
C LEU N 83 6.68 9.47 -58.25
N PHE N 84 6.47 8.50 -59.15
CA PHE N 84 6.20 7.08 -58.77
C PHE N 84 7.28 6.20 -59.40
N VAL N 85 7.95 5.38 -58.62
CA VAL N 85 8.95 4.40 -59.15
C VAL N 85 8.57 3.05 -58.57
N PRO N 86 8.13 2.10 -59.41
CA PRO N 86 7.71 0.80 -58.91
C PRO N 86 8.83 0.06 -58.19
N SER N 87 8.51 -0.43 -57.01
CA SER N 87 9.40 -1.34 -56.24
C SER N 87 9.43 -2.70 -56.97
N LEU N 88 10.34 -3.61 -56.62
CA LEU N 88 10.24 -4.96 -57.26
C LEU N 88 9.09 -5.70 -56.59
N ASN N 89 8.24 -6.33 -57.39
CA ASN N 89 7.05 -6.98 -56.82
C ASN N 89 7.44 -8.14 -55.91
N VAL N 90 6.69 -8.28 -54.83
CA VAL N 90 6.92 -9.41 -53.90
C VAL N 90 5.82 -10.41 -54.18
N ASP N 91 6.22 -11.65 -54.46
CA ASP N 91 5.23 -12.74 -54.68
C ASP N 91 4.23 -12.36 -55.77
N GLY N 92 4.65 -11.66 -56.81
CA GLY N 92 3.79 -11.37 -57.96
C GLY N 92 2.68 -10.35 -57.67
N GLN N 93 2.42 -10.09 -56.39
CA GLN N 93 1.48 -9.03 -55.93
C GLN N 93 1.80 -7.71 -56.63
N PRO N 94 0.80 -7.09 -57.28
CA PRO N 94 1.03 -5.89 -58.08
C PRO N 94 1.23 -4.68 -57.15
N ILE N 95 2.09 -3.78 -57.53
CA ILE N 95 2.31 -2.48 -56.83
C ILE N 95 1.12 -1.58 -57.16
N PHE N 96 0.85 -0.57 -56.36
CA PHE N 96 -0.35 0.29 -56.56
C PHE N 96 0.08 1.75 -56.62
N ALA N 97 -0.32 2.43 -57.69
CA ALA N 97 -0.08 3.88 -57.89
C ALA N 97 -1.42 4.60 -57.75
N ASN N 98 -1.62 5.26 -56.63
CA ASN N 98 -2.89 5.94 -56.30
C ASN N 98 -2.74 7.40 -56.71
N ILE N 99 -3.44 7.83 -57.77
CA ILE N 99 -3.26 9.17 -58.38
C ILE N 99 -4.37 10.09 -57.84
N THR N 100 -3.99 11.23 -57.28
CA THR N 100 -4.95 12.12 -56.62
C THR N 100 -4.66 13.59 -56.92
N LEU N 101 -5.69 14.41 -56.75
CA LEU N 101 -5.50 15.87 -56.78
C LEU N 101 -4.56 16.26 -55.66
N PRO N 102 -3.67 17.23 -55.87
CA PRO N 102 -2.91 17.82 -54.78
C PRO N 102 -3.69 18.98 -54.17
N VAL N 103 -3.21 19.52 -53.06
CA VAL N 103 -3.82 20.75 -52.50
C VAL N 103 -3.29 21.90 -53.34
N TYR N 104 -3.97 22.32 -54.40
CA TYR N 104 -3.51 23.49 -55.19
C TYR N 104 -3.57 24.74 -54.32
N THR N 105 -2.68 25.69 -54.56
CA THR N 105 -2.76 27.06 -53.97
C THR N 105 -4.08 27.65 -54.46
N LEU N 106 -4.72 28.51 -53.68
CA LEU N 106 -6.00 29.14 -54.09
C LEU N 106 -5.78 29.89 -55.41
N LYS N 107 -4.66 30.60 -55.53
CA LYS N 107 -4.30 31.35 -56.75
C LYS N 107 -4.27 30.35 -57.91
N GLU N 108 -3.36 29.38 -57.87
CA GLU N 108 -3.18 28.43 -58.99
C GLU N 108 -4.54 27.80 -59.30
N ARG N 109 -5.32 27.48 -58.27
CA ARG N 109 -6.65 26.84 -58.48
C ARG N 109 -7.56 27.83 -59.21
N CYS N 110 -7.57 29.10 -58.81
CA CYS N 110 -8.37 30.15 -59.47
C CYS N 110 -7.97 30.27 -60.94
N LEU N 111 -6.67 30.39 -61.20
CA LEU N 111 -6.10 30.43 -62.58
C LEU N 111 -6.73 29.29 -63.37
N GLN N 112 -6.61 28.06 -62.87
CA GLN N 112 -7.21 26.85 -63.49
C GLN N 112 -8.65 27.17 -63.96
N VAL N 113 -9.46 27.75 -63.08
CA VAL N 113 -10.92 27.92 -63.33
C VAL N 113 -11.10 29.00 -64.39
N VAL N 114 -10.44 30.14 -64.21
CA VAL N 114 -10.50 31.31 -65.14
C VAL N 114 -10.07 30.82 -66.52
N ARG N 115 -8.87 30.22 -66.61
CA ARG N 115 -8.35 29.60 -67.85
C ARG N 115 -9.40 28.71 -68.52
N SER N 116 -10.20 27.99 -67.73
CA SER N 116 -11.19 27.01 -68.25
C SER N 116 -12.46 27.70 -68.76
N LEU N 117 -12.70 28.95 -68.36
CA LEU N 117 -13.97 29.69 -68.64
C LEU N 117 -13.75 30.74 -69.75
N VAL N 118 -12.55 31.35 -69.80
CA VAL N 118 -12.23 32.52 -70.66
C VAL N 118 -11.26 32.06 -71.76
N LYS N 119 -11.55 32.42 -73.01
CA LYS N 119 -10.70 32.11 -74.18
C LYS N 119 -9.41 32.90 -74.05
N PRO N 120 -8.25 32.33 -74.43
CA PRO N 120 -6.95 32.93 -74.10
C PRO N 120 -6.79 34.35 -74.67
N GLU N 121 -7.44 34.62 -75.81
CA GLU N 121 -7.46 35.94 -76.49
C GLU N 121 -8.25 36.96 -75.66
N ASN N 122 -9.00 36.53 -74.65
CA ASN N 122 -9.87 37.42 -73.83
C ASN N 122 -9.25 37.64 -72.45
N TYR N 123 -8.20 36.91 -72.09
CA TYR N 123 -7.44 37.15 -70.83
C TYR N 123 -7.19 38.67 -70.75
N ARG N 124 -6.98 39.31 -71.91
CA ARG N 124 -6.71 40.76 -72.02
C ARG N 124 -7.89 41.62 -71.56
N ARG N 125 -9.10 41.08 -71.50
CA ARG N 125 -10.34 41.85 -71.21
C ARG N 125 -10.61 41.88 -69.70
N LEU N 126 -9.97 41.00 -68.93
CA LEU N 126 -10.18 40.88 -67.46
C LEU N 126 -9.50 42.08 -66.79
N ASP N 127 -10.20 42.76 -65.87
CA ASP N 127 -9.71 43.97 -65.16
C ASP N 127 -8.78 43.50 -64.04
N ILE N 128 -7.65 42.90 -64.41
CA ILE N 128 -6.68 42.33 -63.45
C ILE N 128 -5.29 42.93 -63.74
N VAL N 129 -4.37 42.68 -62.82
CA VAL N 129 -2.98 43.20 -62.94
C VAL N 129 -2.27 42.48 -64.11
N ARG N 130 -1.27 43.11 -64.73
CA ARG N 130 -0.58 42.48 -65.87
C ARG N 130 0.13 41.24 -65.40
N SER N 131 0.68 41.28 -64.21
CA SER N 131 1.41 40.10 -63.67
C SER N 131 0.43 38.92 -63.63
N LEU N 132 -0.80 39.20 -63.21
CA LEU N 132 -1.82 38.11 -63.13
C LEU N 132 -2.09 37.63 -64.55
N TYR N 133 -2.18 38.53 -65.50
CA TYR N 133 -2.42 38.18 -66.93
C TYR N 133 -1.32 37.23 -67.38
N GLU N 134 -0.05 37.57 -67.11
CA GLU N 134 1.08 36.68 -67.48
C GLU N 134 0.85 35.31 -66.82
N ASP N 135 0.51 35.27 -65.54
CA ASP N 135 0.26 34.00 -64.79
C ASP N 135 -0.85 33.20 -65.49
N LEU N 136 -1.94 33.86 -65.89
CA LEU N 136 -3.03 33.22 -66.66
C LEU N 136 -2.46 32.58 -67.94
N GLU N 137 -1.59 33.30 -68.64
CA GLU N 137 -1.02 32.88 -69.95
C GLU N 137 -0.04 31.70 -69.73
N ASP N 138 0.69 31.73 -68.62
CA ASP N 138 1.73 30.73 -68.26
C ASP N 138 1.04 29.41 -67.92
N HIS N 139 0.67 28.64 -68.92
CA HIS N 139 0.08 27.28 -68.71
C HIS N 139 1.08 26.42 -67.94
N PRO N 140 0.60 25.54 -67.04
CA PRO N 140 1.47 24.62 -66.32
C PRO N 140 2.18 23.70 -67.32
N ASN N 141 3.32 23.12 -66.92
CA ASN N 141 4.19 22.44 -67.93
C ASN N 141 5.08 21.40 -67.25
N VAL N 142 5.00 20.17 -67.75
CA VAL N 142 5.77 18.98 -67.24
C VAL N 142 7.26 19.33 -67.17
N GLN N 143 7.81 19.95 -68.20
CA GLN N 143 9.29 20.20 -68.32
C GLN N 143 9.72 21.20 -67.24
N LYS N 144 9.04 22.34 -67.13
CA LYS N 144 9.32 23.36 -66.10
C LYS N 144 9.35 22.68 -64.73
N ASP N 145 8.34 21.84 -64.46
CA ASP N 145 8.16 21.14 -63.16
C ASP N 145 9.29 20.13 -62.95
N LEU N 146 9.71 19.42 -64.03
CA LEU N 146 10.83 18.45 -63.96
C LEU N 146 12.11 19.16 -63.57
N GLU N 147 12.37 20.33 -64.17
CA GLU N 147 13.57 21.16 -63.88
C GLU N 147 13.59 21.51 -62.39
N ARG N 148 12.45 21.99 -61.88
CA ARG N 148 12.26 22.34 -60.45
C ARG N 148 12.58 21.12 -59.57
N LEU N 149 12.01 19.94 -59.92
CA LEU N 149 12.13 18.70 -59.12
C LEU N 149 13.60 18.27 -59.05
N THR N 150 14.38 18.49 -60.11
CA THR N 150 15.82 18.16 -60.17
C THR N 150 16.57 19.00 -59.15
N GLN N 151 16.36 20.34 -59.12
CA GLN N 151 17.10 21.22 -58.18
C GLN N 151 16.72 20.85 -56.73
N GLU N 152 15.47 20.39 -56.55
CA GLU N 152 14.96 20.00 -55.20
C GLU N 152 15.46 18.60 -54.83
N ARG N 153 15.90 17.84 -55.83
CA ARG N 153 16.43 16.45 -55.69
C ARG N 153 17.97 16.47 -55.60
N ILE N 154 18.58 17.48 -56.24
CA ILE N 154 20.05 17.77 -56.17
C ILE N 154 20.36 18.34 -54.76
N ALA N 155 19.37 18.97 -54.15
CA ALA N 155 19.42 19.24 -52.68
C ALA N 155 19.04 17.87 -52.10
N HIS N 156 19.95 17.26 -51.35
CA HIS N 156 19.80 15.86 -50.86
C HIS N 156 18.45 15.67 -50.15
N GLN N 157 17.92 16.74 -49.54
CA GLN N 157 16.65 16.68 -48.77
C GLN N 157 15.68 17.72 -49.34
N ARG N 158 14.48 17.74 -48.78
CA ARG N 158 13.40 18.72 -49.10
C ARG N 158 12.45 18.79 -47.90
N TYR O 2 -7.65 32.40 -32.18
CA TYR O 2 -8.52 32.85 -33.31
C TYR O 2 -8.06 34.24 -33.78
N VAL O 3 -8.47 34.61 -35.00
CA VAL O 3 -8.14 35.92 -35.64
C VAL O 3 -9.38 36.41 -36.40
N LYS O 4 -9.52 37.74 -36.51
CA LYS O 4 -10.69 38.42 -37.10
C LYS O 4 -10.31 39.05 -38.43
N LEU O 5 -10.85 38.55 -39.54
CA LEU O 5 -10.68 39.13 -40.90
C LEU O 5 -11.96 39.88 -41.24
N ILE O 6 -11.84 41.15 -41.66
CA ILE O 6 -13.00 42.05 -41.90
C ILE O 6 -13.03 42.48 -43.37
N SER O 7 -14.14 42.18 -44.04
CA SER O 7 -14.35 42.46 -45.49
C SER O 7 -14.68 43.94 -45.69
N SER O 8 -14.60 44.40 -46.94
CA SER O 8 -14.89 45.79 -47.38
C SER O 8 -16.26 46.23 -46.86
N ASP O 9 -17.29 45.41 -47.12
CA ASP O 9 -18.70 45.73 -46.72
C ASP O 9 -18.77 45.71 -45.19
N GLY O 10 -17.82 45.07 -44.52
CA GLY O 10 -17.73 45.12 -43.06
C GLY O 10 -18.22 43.86 -42.35
N HIS O 11 -18.30 42.72 -43.04
CA HIS O 11 -18.52 41.41 -42.39
C HIS O 11 -17.27 41.05 -41.58
N GLU O 12 -17.47 40.40 -40.43
CA GLU O 12 -16.39 39.90 -39.56
C GLU O 12 -16.30 38.39 -39.75
N PHE O 13 -15.09 37.87 -39.98
CA PHE O 13 -14.80 36.42 -40.11
C PHE O 13 -13.82 36.03 -38.99
N ILE O 14 -14.26 35.22 -38.05
CA ILE O 14 -13.40 34.71 -36.95
C ILE O 14 -12.91 33.32 -37.37
N VAL O 15 -11.60 33.18 -37.64
CA VAL O 15 -10.99 31.91 -38.10
C VAL O 15 -9.74 31.65 -37.26
N LYS O 16 -9.38 30.38 -37.05
CA LYS O 16 -8.16 29.99 -36.29
C LYS O 16 -6.97 30.75 -36.87
N ARG O 17 -6.03 31.15 -36.03
CA ARG O 17 -4.85 31.98 -36.42
C ARG O 17 -4.05 31.20 -37.46
N GLU O 18 -3.79 29.93 -37.18
CA GLU O 18 -2.95 29.03 -38.00
C GLU O 18 -3.59 28.92 -39.40
N HIS O 19 -4.92 28.82 -39.47
CA HIS O 19 -5.69 28.73 -40.74
C HIS O 19 -5.41 29.98 -41.58
N ALA O 20 -5.47 31.15 -40.95
CA ALA O 20 -5.27 32.46 -41.61
C ALA O 20 -3.83 32.55 -42.14
N LEU O 21 -2.85 32.14 -41.35
CA LEU O 21 -1.39 32.28 -41.66
C LEU O 21 -1.05 31.58 -42.97
N THR O 22 -1.93 30.73 -43.50
CA THR O 22 -1.75 30.09 -44.83
C THR O 22 -1.54 31.22 -45.86
N SER O 23 -1.96 32.41 -45.50
CA SER O 23 -1.80 33.59 -46.41
C SER O 23 -0.53 34.33 -46.02
N GLY O 24 0.49 34.29 -46.85
CA GLY O 24 1.77 35.02 -46.58
C GLY O 24 1.51 36.48 -46.28
N THR O 25 0.58 37.11 -46.96
CA THR O 25 0.25 38.55 -46.84
C THR O 25 -0.37 38.80 -45.46
N ILE O 26 -1.21 37.89 -44.96
CA ILE O 26 -1.81 38.01 -43.60
C ILE O 26 -0.68 37.81 -42.59
N LYS O 27 0.15 36.77 -42.78
CA LYS O 27 1.34 36.49 -41.93
C LYS O 27 2.11 37.79 -41.72
N ALA O 28 2.37 38.53 -42.79
CA ALA O 28 3.11 39.82 -42.79
C ALA O 28 2.37 40.84 -41.92
N MET O 29 1.06 41.00 -42.14
CA MET O 29 0.21 42.04 -41.50
C MET O 29 0.10 41.77 -40.01
N LEU O 30 0.08 40.51 -39.62
CA LEU O 30 -0.04 40.11 -38.20
C LEU O 30 1.33 40.09 -37.52
N SER O 31 2.34 39.52 -38.17
CA SER O 31 3.71 39.32 -37.67
C SER O 31 4.47 40.65 -37.59
N GLY O 32 4.09 41.64 -38.39
CA GLY O 32 4.69 42.99 -38.33
C GLY O 32 3.84 43.93 -37.50
N PRO O 33 4.31 44.40 -36.32
CA PRO O 33 3.58 45.40 -35.53
C PRO O 33 3.77 46.80 -36.16
N GLU O 40 1.05 41.09 -30.63
CA GLU O 40 0.33 40.86 -31.92
C GLU O 40 -1.14 41.29 -31.76
N THR O 41 -1.73 41.85 -32.83
CA THR O 41 -3.16 42.23 -32.95
C THR O 41 -3.96 41.00 -33.38
N ASN O 42 -5.29 41.13 -33.34
CA ASN O 42 -6.28 40.06 -33.66
C ASN O 42 -7.01 40.39 -34.97
N GLU O 43 -7.17 41.68 -35.30
CA GLU O 43 -7.97 42.15 -36.45
C GLU O 43 -7.05 42.43 -37.64
N VAL O 44 -7.54 42.17 -38.85
CA VAL O 44 -6.96 42.69 -40.11
C VAL O 44 -8.12 43.06 -41.05
N ASN O 45 -8.00 44.20 -41.72
CA ASN O 45 -9.09 44.83 -42.51
C ASN O 45 -8.71 44.80 -43.99
N PHE O 46 -9.59 44.29 -44.84
CA PHE O 46 -9.40 44.25 -46.32
C PHE O 46 -10.40 45.19 -46.98
N ARG O 47 -9.96 46.41 -47.32
CA ARG O 47 -10.86 47.48 -47.82
C ARG O 47 -11.33 47.14 -49.23
N GLU O 48 -10.62 46.28 -49.97
CA GLU O 48 -10.93 46.00 -51.40
C GLU O 48 -11.42 44.57 -51.60
N ILE O 49 -11.61 43.79 -50.54
CA ILE O 49 -12.13 42.39 -50.65
C ILE O 49 -13.56 42.36 -50.10
N PRO O 50 -14.58 42.06 -50.94
CA PRO O 50 -15.94 41.92 -50.45
C PRO O 50 -16.13 40.61 -49.67
N SER O 51 -17.25 40.48 -48.94
CA SER O 51 -17.55 39.31 -48.08
C SER O 51 -17.67 38.03 -48.93
N HIS O 52 -18.42 38.03 -50.02
CA HIS O 52 -18.70 36.77 -50.76
C HIS O 52 -17.35 36.19 -51.19
N VAL O 53 -16.33 37.04 -51.27
CA VAL O 53 -14.96 36.59 -51.65
C VAL O 53 -14.21 36.16 -50.39
N LEU O 54 -14.10 37.03 -49.38
CA LEU O 54 -13.29 36.74 -48.17
C LEU O 54 -13.85 35.52 -47.45
N SER O 55 -15.17 35.33 -47.49
CA SER O 55 -15.85 34.10 -46.98
C SER O 55 -15.20 32.87 -47.63
N LYS O 56 -15.13 32.87 -48.97
CA LYS O 56 -14.56 31.74 -49.73
C LYS O 56 -13.06 31.61 -49.45
N VAL O 57 -12.37 32.72 -49.27
CA VAL O 57 -10.90 32.68 -48.97
C VAL O 57 -10.70 31.87 -47.69
N CYS O 58 -11.55 32.09 -46.69
CA CYS O 58 -11.51 31.34 -45.40
C CYS O 58 -11.74 29.86 -45.71
N MET O 59 -12.85 29.55 -46.38
CA MET O 59 -13.21 28.17 -46.81
C MET O 59 -11.97 27.48 -47.39
N TYR O 60 -11.11 28.21 -48.14
CA TYR O 60 -9.88 27.60 -48.67
C TYR O 60 -8.96 27.23 -47.47
N PHE O 61 -8.75 28.16 -46.54
CA PHE O 61 -7.88 27.91 -45.35
C PHE O 61 -8.35 26.60 -44.72
N THR O 62 -9.65 26.50 -44.41
CA THR O 62 -10.31 25.27 -43.88
C THR O 62 -9.80 24.07 -44.69
N TYR O 63 -10.02 24.10 -46.01
CA TYR O 63 -9.67 23.05 -47.01
C TYR O 63 -8.18 22.75 -46.95
N LYS O 64 -7.32 23.75 -47.17
CA LYS O 64 -5.85 23.56 -47.26
C LYS O 64 -5.39 22.87 -45.97
N VAL O 65 -5.75 23.44 -44.83
CA VAL O 65 -5.29 22.97 -43.50
C VAL O 65 -5.68 21.50 -43.37
N ARG O 66 -6.92 21.17 -43.72
CA ARG O 66 -7.50 19.83 -43.51
C ARG O 66 -6.87 18.79 -44.43
N TYR O 67 -6.68 19.09 -45.70
CA TYR O 67 -6.37 18.07 -46.74
C TYR O 67 -4.88 18.02 -47.06
N THR O 68 -4.07 18.99 -46.64
CA THR O 68 -2.60 18.89 -46.76
C THR O 68 -2.16 17.65 -45.99
N ASN O 69 -1.28 16.83 -46.58
CA ASN O 69 -0.69 15.62 -45.94
C ASN O 69 -1.76 14.54 -45.74
N SER O 70 -2.80 14.55 -46.58
CA SER O 70 -3.89 13.55 -46.53
C SER O 70 -3.57 12.34 -47.42
N SER O 71 -3.60 11.15 -46.84
CA SER O 71 -3.22 9.87 -47.49
C SER O 71 -4.29 9.37 -48.46
N THR O 72 -5.56 9.42 -48.07
CA THR O 72 -6.70 8.77 -48.78
C THR O 72 -6.86 9.27 -50.22
N GLU O 73 -7.43 10.46 -50.37
CA GLU O 73 -7.76 11.13 -51.63
C GLU O 73 -8.24 12.53 -51.25
N ILE O 74 -8.03 13.49 -52.13
CA ILE O 74 -8.39 14.93 -51.92
C ILE O 74 -9.45 15.33 -52.92
N PRO O 75 -10.49 16.07 -52.47
CA PRO O 75 -11.56 16.54 -53.36
C PRO O 75 -11.24 17.92 -53.95
N GLU O 76 -11.78 18.18 -55.16
CA GLU O 76 -11.54 19.43 -55.92
C GLU O 76 -12.06 20.61 -55.08
N PHE O 77 -11.27 21.68 -54.93
CA PHE O 77 -11.73 22.93 -54.27
C PHE O 77 -12.57 23.72 -55.26
N PRO O 78 -13.92 23.75 -55.11
CA PRO O 78 -14.78 24.23 -56.17
C PRO O 78 -14.76 25.76 -56.18
N ILE O 79 -14.88 26.35 -57.37
CA ILE O 79 -15.01 27.83 -57.56
C ILE O 79 -16.07 28.06 -58.65
N ALA O 80 -17.19 28.69 -58.30
CA ALA O 80 -18.26 29.00 -59.27
C ALA O 80 -17.79 30.11 -60.20
N PRO O 81 -18.13 30.07 -61.50
CA PRO O 81 -17.78 31.15 -62.44
C PRO O 81 -18.02 32.56 -61.89
N GLU O 82 -19.17 32.77 -61.23
CA GLU O 82 -19.65 34.09 -60.76
C GLU O 82 -18.60 34.73 -59.84
N ILE O 83 -17.82 33.92 -59.13
CA ILE O 83 -16.89 34.42 -58.06
C ILE O 83 -15.44 34.32 -58.55
N ALA O 84 -15.19 33.61 -59.65
CA ALA O 84 -13.86 33.15 -60.09
C ALA O 84 -12.86 34.30 -60.16
N LEU O 85 -13.23 35.39 -60.83
CA LEU O 85 -12.31 36.50 -61.17
C LEU O 85 -11.89 37.21 -59.88
N GLU O 86 -12.88 37.64 -59.07
CA GLU O 86 -12.66 38.40 -57.82
C GLU O 86 -11.85 37.56 -56.84
N LEU O 87 -12.08 36.24 -56.83
CA LEU O 87 -11.34 35.30 -55.96
C LEU O 87 -9.89 35.28 -56.42
N LEU O 88 -9.65 35.16 -57.74
CA LEU O 88 -8.29 35.16 -58.35
C LEU O 88 -7.57 36.43 -57.91
N MET O 89 -8.25 37.56 -57.99
CA MET O 89 -7.71 38.86 -57.55
C MET O 89 -7.31 38.72 -56.07
N ALA O 90 -8.27 38.42 -55.21
CA ALA O 90 -8.10 38.26 -53.75
C ALA O 90 -6.96 37.26 -53.48
N ALA O 91 -7.00 36.10 -54.15
CA ALA O 91 -6.00 35.04 -54.02
C ALA O 91 -4.61 35.60 -54.32
N ASN O 92 -4.47 36.37 -55.37
CA ASN O 92 -3.16 36.94 -55.79
C ASN O 92 -2.68 37.89 -54.69
N PHE O 93 -3.55 38.78 -54.23
CA PHE O 93 -3.26 39.84 -53.23
C PHE O 93 -2.81 39.15 -51.93
N LEU O 94 -3.47 38.04 -51.58
CA LEU O 94 -3.12 37.24 -50.37
C LEU O 94 -2.07 36.29 -50.92
N ASP O 95 -1.20 35.67 -50.16
CA ASP O 95 -0.28 34.69 -50.84
C ASP O 95 -1.17 33.55 -51.30
N CYS O 96 -2.17 33.18 -50.52
CA CYS O 96 -3.11 32.13 -50.91
C CYS O 96 -4.32 32.09 -49.97
N MET P 1 -17.36 11.61 -37.81
CA MET P 1 -16.25 12.17 -38.62
C MET P 1 -16.02 13.62 -38.22
N ASP P 2 -15.46 14.47 -39.12
CA ASP P 2 -15.30 15.91 -38.88
C ASP P 2 -16.40 16.68 -39.61
N VAL P 3 -16.96 17.70 -38.98
CA VAL P 3 -17.99 18.56 -39.64
C VAL P 3 -17.46 19.98 -39.65
N PHE P 4 -17.51 20.64 -40.78
CA PHE P 4 -16.98 22.02 -40.95
C PHE P 4 -18.18 22.96 -40.96
N LEU P 5 -18.08 24.05 -40.19
CA LEU P 5 -19.24 24.89 -39.85
C LEU P 5 -18.89 26.35 -40.07
N MET P 6 -19.88 27.14 -40.46
CA MET P 6 -19.93 28.61 -40.26
C MET P 6 -21.05 28.92 -39.25
N ILE P 7 -20.69 29.33 -38.05
CA ILE P 7 -21.65 29.83 -37.02
C ILE P 7 -21.78 31.33 -37.23
N ARG P 8 -22.95 31.77 -37.67
CA ARG P 8 -23.13 33.18 -38.07
C ARG P 8 -24.28 33.88 -37.33
N ARG P 9 -24.00 35.03 -36.75
CA ARG P 9 -25.01 35.89 -36.16
C ARG P 9 -24.76 37.25 -36.75
N HIS P 10 -25.75 37.86 -37.34
CA HIS P 10 -25.62 39.23 -37.92
C HIS P 10 -24.46 39.27 -38.90
N LYS P 11 -23.55 40.20 -38.69
CA LYS P 11 -22.38 40.33 -39.57
C LYS P 11 -21.18 39.54 -39.02
N THR P 12 -21.36 38.80 -37.93
CA THR P 12 -20.28 37.93 -37.42
C THR P 12 -20.40 36.54 -38.04
N THR P 13 -19.27 35.95 -38.40
CA THR P 13 -19.16 34.62 -39.01
C THR P 13 -17.93 33.92 -38.41
N ILE P 14 -18.16 32.86 -37.66
CA ILE P 14 -17.09 32.04 -37.00
C ILE P 14 -16.93 30.78 -37.83
N PHE P 15 -15.69 30.52 -38.26
CA PHE P 15 -15.29 29.28 -38.98
C PHE P 15 -14.67 28.32 -37.97
N THR P 16 -15.27 27.15 -37.79
CA THR P 16 -14.76 26.12 -36.87
C THR P 16 -15.24 24.73 -37.30
N ASP P 17 -14.52 23.74 -36.81
CA ASP P 17 -14.80 22.30 -37.04
C ASP P 17 -15.23 21.73 -35.70
N ALA P 18 -15.81 20.53 -35.74
CA ALA P 18 -16.21 19.75 -34.56
C ALA P 18 -16.30 18.30 -35.02
N LYS P 19 -16.76 17.36 -34.22
CA LYS P 19 -16.98 15.97 -34.64
C LYS P 19 -18.48 15.79 -34.87
N GLU P 20 -18.84 14.90 -35.81
CA GLU P 20 -20.25 14.45 -35.99
C GLU P 20 -20.80 14.07 -34.61
N SER P 21 -19.98 13.38 -33.79
CA SER P 21 -20.33 12.79 -32.48
C SER P 21 -20.44 13.87 -31.39
N SER P 22 -19.72 14.97 -31.51
CA SER P 22 -19.80 16.14 -30.57
C SER P 22 -21.23 16.72 -30.59
N THR P 23 -21.56 17.54 -29.60
CA THR P 23 -22.94 17.98 -29.29
C THR P 23 -23.12 19.49 -29.53
N VAL P 24 -24.37 19.90 -29.75
CA VAL P 24 -24.81 21.31 -29.91
C VAL P 24 -24.29 22.12 -28.72
N PHE P 25 -24.26 21.53 -27.53
CA PHE P 25 -23.80 22.23 -26.30
C PHE P 25 -22.34 22.66 -26.42
N GLU P 26 -21.43 21.73 -26.71
CA GLU P 26 -19.97 22.04 -26.82
C GLU P 26 -19.73 23.13 -27.90
N LEU P 27 -20.60 23.17 -28.90
CA LEU P 27 -20.52 24.14 -30.01
C LEU P 27 -20.85 25.52 -29.40
N LYS P 28 -21.88 25.58 -28.55
CA LYS P 28 -22.22 26.82 -27.80
C LYS P 28 -21.02 27.23 -26.96
N ARG P 29 -20.30 26.28 -26.40
CA ARG P 29 -19.11 26.57 -25.54
C ARG P 29 -18.00 27.16 -26.39
N ILE P 30 -17.82 26.66 -27.63
CA ILE P 30 -16.81 27.24 -28.57
C ILE P 30 -17.16 28.72 -28.81
N VAL P 31 -18.45 29.00 -29.04
CA VAL P 31 -18.99 30.37 -29.28
C VAL P 31 -18.73 31.23 -28.02
N GLU P 32 -19.02 30.67 -26.84
CA GLU P 32 -18.76 31.31 -25.53
C GLU P 32 -17.30 31.76 -25.50
N GLY P 33 -16.38 30.86 -25.85
CA GLY P 33 -14.93 31.12 -25.89
C GLY P 33 -14.57 32.33 -26.75
N ILE P 34 -15.34 32.60 -27.80
CA ILE P 34 -15.00 33.64 -28.82
C ILE P 34 -15.78 34.93 -28.53
N LEU P 35 -17.09 34.81 -28.37
CA LEU P 35 -18.02 35.98 -28.28
C LEU P 35 -18.36 36.28 -26.81
N LYS P 36 -17.83 35.50 -25.87
CA LYS P 36 -17.87 35.78 -24.41
C LYS P 36 -19.32 35.88 -23.96
N ARG P 37 -20.14 34.86 -24.27
CA ARG P 37 -21.55 34.77 -23.82
C ARG P 37 -21.89 33.30 -23.58
N PRO P 38 -22.32 32.93 -22.35
CA PRO P 38 -22.53 31.52 -22.01
C PRO P 38 -23.58 30.76 -22.82
N PRO P 39 -23.54 29.41 -22.82
CA PRO P 39 -24.47 28.58 -23.58
C PRO P 39 -25.96 28.79 -23.26
N ASP P 40 -26.30 29.30 -22.07
CA ASP P 40 -27.70 29.56 -21.66
C ASP P 40 -28.18 30.91 -22.21
N GLU P 41 -27.30 31.72 -22.81
CA GLU P 41 -27.68 33.00 -23.47
C GLU P 41 -27.65 32.82 -25.00
N GLN P 42 -27.33 31.63 -25.48
CA GLN P 42 -27.21 31.35 -26.92
C GLN P 42 -28.30 30.38 -27.39
N ARG P 43 -28.84 30.68 -28.59
CA ARG P 43 -29.68 29.70 -29.34
C ARG P 43 -28.97 29.39 -30.65
N LEU P 44 -28.81 28.12 -30.98
CA LEU P 44 -28.17 27.67 -32.26
C LEU P 44 -29.22 27.04 -33.15
N TYR P 45 -29.32 27.50 -34.39
CA TYR P 45 -30.32 27.02 -35.36
C TYR P 45 -29.60 26.40 -36.57
N LYS P 46 -30.18 25.36 -37.11
CA LYS P 46 -29.77 24.83 -38.42
C LYS P 46 -30.94 25.28 -39.24
N ASP P 47 -30.69 26.15 -40.20
CA ASP P 47 -31.76 26.80 -40.99
C ASP P 47 -32.70 27.46 -39.99
N ASP P 48 -33.98 27.15 -40.03
CA ASP P 48 -34.92 27.80 -39.09
C ASP P 48 -35.29 26.96 -37.86
N GLN P 49 -34.72 25.76 -37.74
CA GLN P 49 -35.07 24.86 -36.62
C GLN P 49 -34.09 25.04 -35.47
N LEU P 50 -34.57 25.12 -34.23
CA LEU P 50 -33.74 25.25 -33.03
C LEU P 50 -33.09 23.89 -32.73
N LEU P 51 -31.84 23.91 -32.27
CA LEU P 51 -31.04 22.70 -31.99
C LEU P 51 -30.95 22.51 -30.48
N ASP P 52 -31.33 21.32 -29.99
CA ASP P 52 -31.30 20.97 -28.54
C ASP P 52 -29.85 20.74 -28.12
N ASP P 53 -29.43 21.33 -27.00
CA ASP P 53 -28.04 21.27 -26.47
C ASP P 53 -27.54 19.83 -26.40
N GLY P 54 -28.44 18.85 -26.23
CA GLY P 54 -28.09 17.44 -25.93
C GLY P 54 -27.86 16.59 -27.16
N LYS P 55 -28.34 17.02 -28.32
CA LYS P 55 -28.26 16.24 -29.60
C LYS P 55 -26.85 16.38 -30.17
N THR P 56 -26.36 15.33 -30.85
CA THR P 56 -25.06 15.36 -31.58
C THR P 56 -25.27 16.08 -32.91
N LEU P 57 -24.32 16.89 -33.34
CA LEU P 57 -24.31 17.56 -34.67
C LEU P 57 -24.81 16.59 -35.75
N GLY P 58 -24.36 15.33 -35.69
CA GLY P 58 -24.80 14.26 -36.60
C GLY P 58 -26.31 14.17 -36.65
N GLU P 59 -26.94 14.06 -35.47
CA GLU P 59 -28.40 13.87 -35.31
C GLU P 59 -29.14 15.13 -35.78
N CYS P 60 -28.53 16.32 -35.64
CA CYS P 60 -29.09 17.61 -36.09
C CYS P 60 -29.18 17.67 -37.61
N GLY P 61 -28.29 16.95 -38.32
CA GLY P 61 -28.29 16.84 -39.79
C GLY P 61 -26.94 17.16 -40.41
N PHE P 62 -25.99 17.73 -39.65
CA PHE P 62 -24.63 18.07 -40.14
C PHE P 62 -23.92 16.74 -40.38
N THR P 63 -23.94 16.26 -41.60
CA THR P 63 -23.19 15.06 -42.05
C THR P 63 -21.85 15.56 -42.58
N SER P 64 -20.88 14.66 -42.76
CA SER P 64 -19.57 14.94 -43.36
C SER P 64 -19.75 15.42 -44.81
N GLN P 65 -20.79 14.97 -45.49
CA GLN P 65 -21.07 15.26 -46.92
C GLN P 65 -21.92 16.54 -47.11
N THR P 66 -22.36 17.20 -46.05
CA THR P 66 -23.01 18.54 -46.12
C THR P 66 -22.25 19.59 -45.30
N ALA P 67 -21.20 19.17 -44.59
CA ALA P 67 -20.34 20.06 -43.78
C ALA P 67 -18.87 19.84 -44.15
N ARG P 68 -18.56 19.97 -45.43
CA ARG P 68 -17.22 19.79 -46.02
C ARG P 68 -16.41 21.04 -45.77
N PRO P 69 -15.06 20.97 -45.68
CA PRO P 69 -14.22 22.14 -45.37
C PRO P 69 -14.40 23.34 -46.31
N GLN P 70 -14.65 23.04 -47.60
CA GLN P 70 -14.79 24.05 -48.68
C GLN P 70 -16.25 24.40 -48.93
N ALA P 71 -17.18 23.70 -48.28
CA ALA P 71 -18.63 23.98 -48.32
C ALA P 71 -19.18 23.86 -46.90
N PRO P 72 -18.70 24.71 -45.96
CA PRO P 72 -19.10 24.58 -44.58
C PRO P 72 -20.61 24.76 -44.43
N ALA P 73 -21.21 23.94 -43.55
CA ALA P 73 -22.63 24.03 -43.18
C ALA P 73 -22.80 25.24 -42.27
N THR P 74 -23.90 25.98 -42.40
CA THR P 74 -24.15 27.24 -41.67
C THR P 74 -25.07 26.99 -40.47
N VAL P 75 -24.57 27.19 -39.26
CA VAL P 75 -25.35 27.18 -37.99
C VAL P 75 -25.67 28.64 -37.63
N GLY P 76 -26.96 28.97 -37.50
CA GLY P 76 -27.42 30.31 -37.11
C GLY P 76 -27.33 30.52 -35.60
N LEU P 77 -27.01 31.74 -35.16
CA LEU P 77 -26.83 32.06 -33.71
C LEU P 77 -27.74 33.22 -33.28
N ALA P 78 -28.35 33.07 -32.11
CA ALA P 78 -29.17 34.15 -31.48
C ALA P 78 -28.76 34.29 -30.02
N PHE P 79 -28.68 35.55 -29.56
CA PHE P 79 -28.32 35.87 -28.16
C PHE P 79 -29.53 36.37 -27.37
N ARG P 80 -29.48 36.15 -26.06
CA ARG P 80 -30.63 36.51 -25.20
C ARG P 80 -30.58 37.95 -24.74
N ALA P 81 -31.69 38.65 -24.90
CA ALA P 81 -31.86 39.97 -24.30
C ALA P 81 -32.89 39.82 -23.22
N ASP P 82 -32.48 39.83 -21.98
CA ASP P 82 -33.40 39.82 -20.82
C ASP P 82 -34.34 38.62 -20.91
N ASP P 83 -35.64 38.91 -20.89
CA ASP P 83 -36.69 37.87 -20.98
C ASP P 83 -36.81 37.21 -22.36
N THR P 84 -36.49 37.91 -23.42
CA THR P 84 -36.61 37.38 -24.78
C THR P 84 -35.27 37.16 -25.50
N PHE P 85 -35.27 36.31 -26.52
CA PHE P 85 -34.14 36.10 -27.42
C PHE P 85 -34.38 36.94 -28.68
N GLU P 86 -33.36 37.61 -29.15
CA GLU P 86 -33.41 38.32 -30.47
C GLU P 86 -33.83 37.31 -31.54
N ALA P 87 -34.42 37.79 -32.61
CA ALA P 87 -34.71 37.01 -33.83
C ALA P 87 -33.38 36.48 -34.39
N LEU P 88 -33.40 35.29 -34.99
CA LEU P 88 -32.23 34.78 -35.76
C LEU P 88 -32.10 35.69 -36.98
N CYS P 89 -31.03 36.46 -37.07
CA CYS P 89 -30.76 37.43 -38.15
C CYS P 89 -29.33 37.22 -38.67
N ILE P 90 -29.21 36.74 -39.90
CA ILE P 90 -27.90 36.52 -40.58
C ILE P 90 -27.83 37.42 -41.80
N GLU P 91 -27.19 38.59 -41.68
CA GLU P 91 -27.09 39.56 -42.77
C GLU P 91 -26.37 38.86 -43.90
N PRO P 92 -26.89 38.91 -45.14
CA PRO P 92 -26.27 38.20 -46.24
C PRO P 92 -24.90 38.75 -46.67
N PHE P 93 -24.08 37.87 -47.25
CA PHE P 93 -22.78 38.24 -47.84
C PHE P 93 -22.98 39.06 -49.12
N SER P 94 -21.96 39.81 -49.52
CA SER P 94 -22.03 40.70 -50.71
C SER P 94 -22.35 39.90 -51.98
N SER P 95 -23.17 40.44 -52.88
CA SER P 95 -23.54 39.78 -54.15
C SER P 95 -22.39 39.86 -55.15
N PRO P 96 -22.22 38.83 -56.01
CA PRO P 96 -21.23 38.86 -57.08
C PRO P 96 -21.80 39.56 -58.31
N PRO P 97 -20.95 40.22 -59.12
CA PRO P 97 -21.40 40.92 -60.32
C PRO P 97 -21.99 39.94 -61.35
N GLU P 98 -22.97 40.40 -62.12
CA GLU P 98 -23.63 39.63 -63.22
C GLU P 98 -22.51 38.93 -64.02
N LEU P 99 -22.71 37.68 -64.43
CA LEU P 99 -21.64 36.84 -65.06
C LEU P 99 -21.15 37.54 -66.33
N PRO P 100 -19.86 37.94 -66.41
CA PRO P 100 -19.35 38.63 -67.59
C PRO P 100 -19.54 37.80 -68.87
N ASP P 101 -19.83 38.44 -70.01
CA ASP P 101 -20.13 37.72 -71.27
C ASP P 101 -18.91 36.88 -71.66
N VAL P 102 -17.72 37.21 -71.16
CA VAL P 102 -16.48 36.48 -71.54
C VAL P 102 -16.59 35.01 -71.07
N MET P 103 -17.22 34.76 -69.92
CA MET P 103 -17.31 33.42 -69.30
C MET P 103 -18.53 32.64 -69.79
N LYS P 104 -19.35 33.18 -70.71
CA LYS P 104 -20.55 32.50 -71.23
C LYS P 104 -20.19 31.77 -72.52
N LEU Q 12 52.17 -12.68 -68.44
CA LEU Q 12 51.28 -11.75 -69.18
C LEU Q 12 49.80 -12.10 -68.91
N THR Q 13 49.43 -13.38 -68.89
CA THR Q 13 48.05 -13.88 -68.63
C THR Q 13 47.62 -13.50 -67.19
N LYS Q 14 48.53 -13.57 -66.21
CA LYS Q 14 48.27 -13.20 -64.80
C LYS Q 14 47.98 -11.69 -64.73
N GLN Q 15 48.76 -10.89 -65.45
CA GLN Q 15 48.61 -9.41 -65.57
C GLN Q 15 47.31 -9.06 -66.30
N MET Q 16 46.98 -9.76 -67.39
CA MET Q 16 45.77 -9.52 -68.23
C MET Q 16 44.50 -9.82 -67.42
N ASN Q 17 44.55 -10.82 -66.53
CA ASN Q 17 43.41 -11.23 -65.65
C ASN Q 17 43.22 -10.19 -64.54
N ALA Q 18 44.32 -9.71 -63.92
CA ALA Q 18 44.30 -8.67 -62.86
C ALA Q 18 43.62 -7.40 -63.37
N ILE Q 19 43.89 -7.00 -64.61
CA ILE Q 19 43.34 -5.75 -65.24
C ILE Q 19 41.84 -5.97 -65.56
N ILE Q 20 41.48 -7.09 -66.21
CA ILE Q 20 40.07 -7.35 -66.66
C ILE Q 20 39.18 -7.64 -65.43
N ASP Q 21 39.70 -8.31 -64.40
CA ASP Q 21 38.93 -8.66 -63.17
C ASP Q 21 38.73 -7.41 -62.30
N THR Q 22 39.69 -6.48 -62.25
CA THR Q 22 39.58 -5.20 -61.49
C THR Q 22 38.47 -4.33 -62.09
N VAL Q 23 38.37 -4.26 -63.42
CA VAL Q 23 37.34 -3.44 -64.15
C VAL Q 23 35.95 -4.01 -63.87
N ILE Q 24 35.81 -5.34 -63.84
CA ILE Q 24 34.51 -6.05 -63.60
C ILE Q 24 34.10 -5.88 -62.13
N ASN Q 25 35.01 -6.21 -61.20
CA ASN Q 25 34.77 -6.19 -59.73
C ASN Q 25 34.56 -4.76 -59.23
N TYR Q 26 34.95 -3.75 -60.01
CA TYR Q 26 34.92 -2.31 -59.65
C TYR Q 26 33.48 -1.87 -59.34
N LYS Q 27 33.26 -1.41 -58.12
CA LYS Q 27 31.99 -0.80 -57.63
C LYS Q 27 32.21 0.71 -57.46
N ASP Q 28 31.21 1.53 -57.79
CA ASP Q 28 31.24 3.01 -57.62
C ASP Q 28 30.93 3.33 -56.14
N SER Q 29 30.77 4.61 -55.80
CA SER Q 29 30.73 5.13 -54.41
C SER Q 29 29.32 5.02 -53.80
N SER Q 30 28.39 4.28 -54.43
CA SER Q 30 27.08 3.87 -53.86
C SER Q 30 27.02 2.34 -53.64
N GLY Q 31 28.09 1.62 -54.00
CA GLY Q 31 28.25 0.17 -53.74
C GLY Q 31 27.85 -0.70 -54.92
N ARG Q 32 27.25 -0.13 -55.97
CA ARG Q 32 26.73 -0.86 -57.17
C ARG Q 32 27.88 -1.19 -58.13
N GLN Q 33 27.90 -2.42 -58.64
CA GLN Q 33 28.87 -2.92 -59.66
C GLN Q 33 28.41 -2.45 -61.05
N LEU Q 34 29.31 -1.83 -61.83
CA LEU Q 34 28.98 -1.18 -63.15
C LEU Q 34 28.92 -2.24 -64.25
N SER Q 35 29.80 -3.24 -64.21
CA SER Q 35 30.03 -4.23 -65.29
C SER Q 35 28.84 -5.21 -65.42
N GLU Q 36 27.95 -5.25 -64.41
CA GLU Q 36 26.76 -6.15 -64.31
C GLU Q 36 25.97 -6.21 -65.63
N VAL Q 37 25.86 -5.07 -66.34
CA VAL Q 37 25.05 -4.94 -67.60
C VAL Q 37 25.93 -5.38 -68.79
N PHE Q 38 27.26 -5.25 -68.69
CA PHE Q 38 28.18 -5.54 -69.81
C PHE Q 38 28.66 -7.00 -69.75
N ILE Q 39 28.51 -7.68 -68.62
CA ILE Q 39 29.04 -9.08 -68.42
C ILE Q 39 28.60 -9.91 -69.63
N GLN Q 40 27.38 -9.62 -70.14
CA GLN Q 40 26.74 -10.31 -71.29
C GLN Q 40 26.26 -9.28 -72.34
N LEU Q 41 26.13 -9.70 -73.59
CA LEU Q 41 25.59 -8.84 -74.68
C LEU Q 41 24.50 -9.63 -75.43
N LEU Q 53 23.01 -1.63 -85.54
CA LEU Q 53 23.86 -0.42 -85.38
C LEU Q 53 25.29 -0.92 -85.12
N ILE Q 54 25.48 -1.63 -84.01
CA ILE Q 54 26.85 -2.02 -83.56
C ILE Q 54 27.49 -2.88 -84.65
N ARG Q 55 28.69 -2.52 -85.10
CA ARG Q 55 29.43 -3.25 -86.16
C ARG Q 55 30.07 -4.53 -85.60
N LYS Q 56 30.86 -4.40 -84.53
CA LYS Q 56 31.71 -5.47 -83.95
C LYS Q 56 31.32 -5.71 -82.49
N PRO Q 57 30.20 -6.43 -82.24
CA PRO Q 57 29.74 -6.68 -80.87
C PRO Q 57 30.68 -7.56 -80.03
N VAL Q 58 31.08 -7.06 -78.85
CA VAL Q 58 31.97 -7.75 -77.88
C VAL Q 58 31.51 -7.37 -76.46
N ASP Q 59 31.60 -8.33 -75.52
CA ASP Q 59 31.22 -8.16 -74.08
C ASP Q 59 32.48 -8.36 -73.21
N PHE Q 60 32.30 -8.54 -71.89
CA PHE Q 60 33.41 -8.74 -70.91
C PHE Q 60 33.73 -10.23 -70.74
N LYS Q 61 32.83 -11.14 -71.16
CA LYS Q 61 33.07 -12.61 -71.15
C LYS Q 61 33.75 -13.05 -72.46
N LYS Q 62 33.50 -12.34 -73.56
CA LYS Q 62 34.16 -12.53 -74.88
C LYS Q 62 35.61 -12.01 -74.84
N ILE Q 63 35.96 -11.20 -73.82
CA ILE Q 63 37.35 -10.70 -73.57
C ILE Q 63 38.10 -11.70 -72.68
N LYS Q 64 37.42 -12.31 -71.70
CA LYS Q 64 37.96 -13.41 -70.86
C LYS Q 64 38.19 -14.67 -71.73
N GLU Q 65 37.32 -14.89 -72.72
CA GLU Q 65 37.41 -15.99 -73.72
C GLU Q 65 38.69 -15.82 -74.56
N ARG Q 66 38.98 -14.59 -75.00
CA ARG Q 66 40.12 -14.23 -75.89
C ARG Q 66 41.42 -14.07 -75.08
N ILE Q 67 41.34 -14.04 -73.74
CA ILE Q 67 42.52 -14.03 -72.82
C ILE Q 67 43.00 -15.48 -72.61
N ARG Q 68 42.09 -16.46 -72.61
CA ARG Q 68 42.38 -17.92 -72.49
C ARG Q 68 42.87 -18.47 -73.84
N ASN Q 69 42.30 -18.00 -74.95
CA ASN Q 69 42.63 -18.43 -76.35
C ASN Q 69 43.90 -17.73 -76.85
N HIS Q 70 44.37 -16.70 -76.13
CA HIS Q 70 45.63 -15.95 -76.40
C HIS Q 70 45.54 -15.23 -77.76
N LYS Q 71 44.37 -14.66 -78.10
CA LYS Q 71 44.14 -13.89 -79.35
C LYS Q 71 44.80 -12.50 -79.24
N TYR Q 72 44.75 -11.92 -78.04
CA TYR Q 72 45.43 -10.62 -77.70
C TYR Q 72 46.92 -10.89 -77.46
N ARG Q 73 47.79 -10.23 -78.22
CA ARG Q 73 49.25 -10.51 -78.25
C ARG Q 73 49.98 -9.62 -77.23
N SER Q 74 49.44 -8.42 -76.96
CA SER Q 74 49.99 -7.44 -75.98
C SER Q 74 48.87 -6.89 -75.10
N LEU Q 75 49.22 -6.01 -74.16
CA LEU Q 75 48.25 -5.30 -73.27
C LEU Q 75 47.61 -4.12 -74.02
N GLY Q 76 48.13 -3.79 -75.19
CA GLY Q 76 47.58 -2.76 -76.10
C GLY Q 76 46.50 -3.32 -77.02
N ASP Q 77 46.43 -4.64 -77.18
CA ASP Q 77 45.42 -5.37 -78.00
C ASP Q 77 44.19 -5.70 -77.14
N LEU Q 78 44.40 -5.98 -75.85
CA LEU Q 78 43.34 -6.15 -74.81
C LEU Q 78 42.60 -4.82 -74.63
N GLU Q 79 43.32 -3.69 -74.65
CA GLU Q 79 42.78 -2.32 -74.45
C GLU Q 79 41.97 -1.89 -75.68
N LYS Q 80 42.41 -2.25 -76.89
CA LYS Q 80 41.81 -1.85 -78.20
C LYS Q 80 40.36 -2.35 -78.30
N ASP Q 81 40.02 -3.47 -77.66
CA ASP Q 81 38.68 -4.14 -77.72
C ASP Q 81 37.84 -3.85 -76.47
N VAL Q 82 38.45 -3.36 -75.38
CA VAL Q 82 37.72 -2.84 -74.17
C VAL Q 82 37.22 -1.42 -74.50
N MET Q 83 38.00 -0.66 -75.28
CA MET Q 83 37.61 0.67 -75.81
C MET Q 83 36.54 0.51 -76.89
N LEU Q 84 36.55 -0.62 -77.63
CA LEU Q 84 35.61 -0.90 -78.76
C LEU Q 84 34.20 -1.18 -78.23
N LEU Q 85 34.05 -1.98 -77.15
CA LEU Q 85 32.74 -2.29 -76.51
C LEU Q 85 32.31 -1.06 -75.70
N CYS Q 86 33.24 -0.42 -74.98
CA CYS Q 86 33.00 0.79 -74.16
C CYS Q 86 32.49 1.92 -75.10
N HIS Q 87 33.11 2.01 -76.28
CA HIS Q 87 32.80 2.99 -77.36
C HIS Q 87 31.53 2.68 -78.19
N ASN Q 88 31.23 1.43 -78.49
CA ASN Q 88 30.03 1.06 -79.30
C ASN Q 88 28.85 1.02 -78.34
N GLU Q 101 28.07 7.38 -69.22
CA GLU Q 101 29.25 7.56 -68.34
C GLU Q 101 29.55 6.18 -67.75
N ASP Q 102 28.52 5.34 -67.60
CA ASP Q 102 28.74 3.97 -67.02
C ASP Q 102 29.79 3.20 -67.86
N SER Q 103 29.53 3.03 -69.16
CA SER Q 103 30.43 2.25 -70.06
C SER Q 103 31.84 2.86 -70.31
N ILE Q 104 31.89 4.05 -70.90
CA ILE Q 104 33.18 4.65 -71.38
C ILE Q 104 34.05 5.16 -70.23
N VAL Q 105 33.46 5.59 -69.11
CA VAL Q 105 34.14 5.97 -67.85
C VAL Q 105 34.56 4.66 -67.12
N LEU Q 106 33.98 3.55 -67.56
CA LEU Q 106 34.39 2.22 -67.04
C LEU Q 106 35.86 2.11 -67.47
N GLN Q 107 36.22 2.47 -68.72
CA GLN Q 107 37.64 2.37 -69.17
C GLN Q 107 38.54 3.30 -68.31
N SER Q 108 38.06 4.49 -67.93
CA SER Q 108 38.83 5.34 -66.97
C SER Q 108 39.39 4.44 -65.86
N VAL Q 109 38.71 3.33 -65.55
CA VAL Q 109 39.10 2.32 -64.51
C VAL Q 109 39.97 1.22 -65.15
N PHE Q 110 39.85 1.02 -66.49
CA PHE Q 110 40.74 0.11 -67.26
C PHE Q 110 42.10 0.79 -67.53
N LYS Q 111 42.10 2.11 -67.74
CA LYS Q 111 43.31 2.93 -68.06
C LYS Q 111 44.11 3.22 -66.79
N SER Q 112 43.53 3.05 -65.60
CA SER Q 112 44.21 3.17 -64.28
C SER Q 112 44.61 1.77 -63.76
N ALA Q 113 43.89 0.72 -64.17
CA ALA Q 113 44.13 -0.70 -63.77
C ALA Q 113 45.32 -1.27 -64.57
N ARG Q 114 45.43 -0.93 -65.87
CA ARG Q 114 46.57 -1.34 -66.73
C ARG Q 114 47.84 -0.58 -66.33
N GLN Q 115 47.69 0.65 -65.82
CA GLN Q 115 48.81 1.55 -65.48
C GLN Q 115 49.44 1.17 -64.13
N LYS Q 116 48.72 0.39 -63.29
CA LYS Q 116 49.18 -0.07 -61.96
C LYS Q 116 49.86 -1.44 -62.07
N ILE Q 117 49.29 -2.36 -62.86
CA ILE Q 117 49.76 -3.78 -62.99
C ILE Q 117 50.99 -3.84 -63.93
N ALA Q 118 50.94 -3.16 -65.08
CA ALA Q 118 51.95 -3.27 -66.17
C ALA Q 118 53.25 -2.52 -65.81
N LYS Q 119 53.21 -1.59 -64.86
CA LYS Q 119 54.39 -0.80 -64.40
C LYS Q 119 54.27 -0.48 -62.90
N GLU Q 120 54.63 -1.45 -62.04
CA GLU Q 120 54.83 -1.28 -60.58
C GLU Q 120 55.58 -2.51 -60.02
N VAL R 10 -20.70 -0.77 18.87
CA VAL R 10 -20.74 -1.67 20.06
C VAL R 10 -19.33 -2.24 20.30
N LEU R 11 -18.72 -2.93 19.32
CA LEU R 11 -17.37 -3.55 19.45
C LEU R 11 -16.53 -3.30 18.20
N ARG R 12 -15.76 -2.22 18.19
CA ARG R 12 -15.01 -1.76 16.99
C ARG R 12 -13.83 -0.88 17.42
N SER R 13 -12.80 -0.80 16.59
CA SER R 13 -11.70 0.19 16.74
C SER R 13 -12.30 1.59 16.63
N VAL R 14 -11.54 2.60 17.07
CA VAL R 14 -11.95 4.02 17.02
C VAL R 14 -10.88 4.78 16.20
N ASN R 15 -11.29 5.41 15.11
CA ASN R 15 -10.36 6.20 14.28
C ASN R 15 -9.80 7.29 15.18
N SER R 16 -8.50 7.39 15.35
CA SER R 16 -7.90 8.26 16.38
C SER R 16 -6.83 9.18 15.77
N ARG R 17 -6.01 8.65 14.87
CA ARG R 17 -4.90 9.34 14.18
C ARG R 17 -3.71 9.55 15.14
N GLU R 18 -3.81 9.04 16.37
CA GLU R 18 -2.72 9.09 17.36
C GLU R 18 -2.09 7.71 17.50
N PRO R 19 -0.82 7.57 17.03
CA PRO R 19 -0.10 6.32 17.09
C PRO R 19 0.12 5.82 18.52
N SER R 20 0.08 4.50 18.71
CA SER R 20 0.35 3.84 20.00
C SER R 20 1.27 2.64 19.76
N GLN R 21 2.55 2.74 20.04
CA GLN R 21 3.47 1.58 19.95
C GLN R 21 3.03 0.52 20.97
N VAL R 22 3.00 -0.74 20.54
CA VAL R 22 2.53 -1.89 21.34
C VAL R 22 3.55 -3.01 21.18
N ILE R 23 3.67 -3.89 22.17
CA ILE R 23 4.52 -5.11 22.09
C ILE R 23 3.62 -6.33 22.19
N PHE R 24 3.41 -7.05 21.10
CA PHE R 24 2.72 -8.34 21.10
C PHE R 24 3.70 -9.40 21.57
N CYS R 25 3.49 -9.96 22.74
CA CYS R 25 4.35 -11.00 23.34
C CYS R 25 3.55 -12.31 23.41
N ASN R 26 3.96 -13.31 22.64
CA ASN R 26 3.28 -14.61 22.59
C ASN R 26 3.93 -15.53 23.61
N ARG R 27 3.30 -15.64 24.78
CA ARG R 27 3.70 -16.55 25.86
C ARG R 27 2.77 -17.76 25.92
N SER R 28 2.16 -18.08 24.80
CA SER R 28 1.40 -19.35 24.65
C SER R 28 2.31 -20.34 23.94
N PRO R 29 2.02 -21.65 24.03
CA PRO R 29 2.81 -22.66 23.32
C PRO R 29 2.40 -22.74 21.85
N ARG R 30 1.40 -21.96 21.45
CA ARG R 30 0.71 -22.04 20.15
C ARG R 30 1.14 -20.90 19.24
N VAL R 31 0.92 -21.07 17.94
CA VAL R 31 1.05 -19.97 16.95
C VAL R 31 -0.16 -19.07 17.16
N VAL R 32 0.08 -17.77 17.31
CA VAL R 32 -0.99 -16.80 17.69
C VAL R 32 -1.38 -15.99 16.47
N LEU R 33 -2.68 -15.88 16.23
CA LEU R 33 -3.25 -15.01 15.18
C LEU R 33 -3.78 -13.75 15.84
N PRO R 34 -3.08 -12.61 15.73
CA PRO R 34 -3.64 -11.35 16.17
C PRO R 34 -4.76 -10.98 15.21
N VAL R 35 -5.88 -10.52 15.76
CA VAL R 35 -7.13 -10.17 15.01
C VAL R 35 -7.50 -8.74 15.40
N TRP R 36 -7.29 -7.81 14.48
CA TRP R 36 -7.68 -6.39 14.66
C TRP R 36 -9.14 -6.18 14.26
N LEU R 37 -9.97 -5.70 15.18
CA LEU R 37 -11.32 -5.24 14.82
C LEU R 37 -11.16 -3.89 14.14
N ASN R 38 -11.67 -3.80 12.92
CA ASN R 38 -11.70 -2.63 12.00
C ASN R 38 -12.68 -1.61 12.56
N PHE R 39 -12.76 -0.42 12.00
CA PHE R 39 -13.73 0.60 12.53
C PHE R 39 -15.17 0.10 12.33
N ASP R 40 -15.45 -0.58 11.21
CA ASP R 40 -16.79 -1.16 10.95
C ASP R 40 -17.05 -2.26 11.98
N GLY R 41 -15.99 -2.78 12.59
CA GLY R 41 -16.07 -3.86 13.59
C GLY R 41 -16.04 -5.23 12.95
N GLU R 42 -15.34 -5.38 11.83
CA GLU R 42 -15.13 -6.69 11.17
C GLU R 42 -13.75 -7.22 11.57
N PRO R 43 -13.67 -8.46 12.11
CA PRO R 43 -12.37 -9.08 12.38
C PRO R 43 -11.44 -9.06 11.17
N GLN R 44 -10.19 -8.65 11.37
CA GLN R 44 -9.14 -8.63 10.31
C GLN R 44 -7.94 -9.45 10.75
N PRO R 45 -7.71 -10.64 10.17
CA PRO R 45 -6.50 -11.40 10.42
C PRO R 45 -5.23 -10.59 10.12
N TYR R 46 -4.24 -10.70 11.01
CA TYR R 46 -2.90 -10.09 10.88
C TYR R 46 -1.84 -11.18 10.95
N PRO R 47 -0.57 -10.85 10.61
CA PRO R 47 0.51 -11.83 10.59
C PRO R 47 0.67 -12.59 11.91
N THR R 48 0.98 -13.88 11.86
CA THR R 48 0.99 -14.76 13.06
C THR R 48 2.29 -14.56 13.84
N LEU R 49 2.21 -14.73 15.15
CA LEU R 49 3.34 -14.74 16.10
C LEU R 49 3.68 -16.19 16.45
N PRO R 50 4.91 -16.68 16.15
CA PRO R 50 5.33 -18.01 16.60
C PRO R 50 5.38 -18.06 18.12
N PRO R 51 5.28 -19.25 18.74
CA PRO R 51 5.32 -19.36 20.19
C PRO R 51 6.64 -18.78 20.72
N GLY R 52 6.56 -18.04 21.82
CA GLY R 52 7.73 -17.51 22.53
C GLY R 52 8.36 -16.35 21.78
N THR R 53 7.60 -15.62 20.97
CA THR R 53 8.15 -14.49 20.20
C THR R 53 7.49 -13.19 20.65
N GLY R 54 8.10 -12.08 20.31
CA GLY R 54 7.60 -10.75 20.67
C GLY R 54 7.92 -9.75 19.57
N ARG R 55 7.00 -8.87 19.24
CA ARG R 55 7.21 -7.87 18.17
C ARG R 55 6.68 -6.51 18.61
N ARG R 56 7.33 -5.44 18.20
CA ARG R 56 6.74 -4.09 18.30
C ARG R 56 5.80 -3.89 17.13
N ILE R 57 4.64 -3.34 17.38
CA ILE R 57 3.50 -3.34 16.39
C ILE R 57 2.96 -2.05 15.79
N HIS R 58 3.28 -0.86 16.24
CA HIS R 58 2.73 0.40 15.61
C HIS R 58 1.21 0.43 15.37
N SER R 59 0.41 0.30 16.41
CA SER R 59 -1.06 0.40 16.33
C SER R 59 -1.48 1.82 16.66
N TYR R 60 -2.76 2.09 16.85
CA TYR R 60 -3.28 3.45 17.18
C TYR R 60 -4.12 3.44 18.46
N ARG R 61 -4.26 4.60 19.09
CA ARG R 61 -5.09 4.72 20.30
C ARG R 61 -6.52 4.25 20.03
N GLY R 62 -7.07 3.50 20.96
CA GLY R 62 -8.47 3.07 20.92
C GLY R 62 -8.71 1.88 19.98
N HIS R 63 -7.71 1.48 19.22
CA HIS R 63 -7.84 0.30 18.33
C HIS R 63 -8.07 -0.95 19.20
N LEU R 64 -9.01 -1.76 18.83
CA LEU R 64 -9.40 -2.95 19.63
C LEU R 64 -8.81 -4.20 18.95
N TRP R 65 -8.10 -5.03 19.70
CA TRP R 65 -7.47 -6.27 19.19
C TRP R 65 -8.01 -7.51 19.92
N LEU R 66 -7.73 -8.68 19.32
CA LEU R 66 -8.15 -9.98 19.87
C LEU R 66 -7.12 -11.03 19.41
N PHE R 67 -6.81 -12.05 20.20
CA PHE R 67 -5.79 -13.06 19.81
C PHE R 67 -6.34 -14.49 19.83
N ARG R 68 -5.83 -15.34 18.95
CA ARG R 68 -6.35 -16.73 18.79
C ARG R 68 -5.28 -17.68 18.21
N ASP R 69 -5.45 -18.98 18.48
CA ASP R 69 -4.62 -20.07 17.91
C ASP R 69 -4.83 -20.07 16.41
N ALA R 70 -3.83 -19.61 15.65
CA ALA R 70 -3.92 -19.45 14.18
C ALA R 70 -4.51 -20.70 13.52
N GLY R 71 -4.11 -21.88 13.98
CA GLY R 71 -4.63 -23.18 13.50
C GLY R 71 -6.08 -23.41 13.90
N THR R 72 -6.35 -23.65 15.17
CA THR R 72 -7.64 -24.21 15.66
C THR R 72 -8.70 -23.11 15.83
N HIS R 73 -8.28 -21.84 15.81
CA HIS R 73 -9.13 -20.66 16.11
C HIS R 73 -9.56 -20.66 17.59
N ASP R 74 -8.90 -21.48 18.43
CA ASP R 74 -9.10 -21.54 19.90
C ASP R 74 -8.90 -20.16 20.52
N GLY R 75 -9.64 -19.86 21.60
CA GLY R 75 -9.57 -18.58 22.31
C GLY R 75 -8.32 -18.47 23.17
N LEU R 76 -7.63 -17.33 23.08
CA LEU R 76 -6.47 -17.00 23.94
C LEU R 76 -6.83 -15.80 24.82
N LEU R 77 -5.90 -15.38 25.67
CA LEU R 77 -6.06 -14.23 26.57
C LEU R 77 -4.93 -13.23 26.33
N VAL R 78 -5.23 -11.96 26.50
CA VAL R 78 -4.18 -10.90 26.45
C VAL R 78 -4.33 -10.12 27.75
N ASN R 79 -3.30 -10.13 28.60
CA ASN R 79 -3.31 -9.42 29.90
C ASN R 79 -4.48 -9.98 30.69
N GLN R 80 -4.59 -11.31 30.73
CA GLN R 80 -5.59 -12.11 31.48
C GLN R 80 -7.02 -11.70 31.13
N THR R 81 -7.23 -11.06 29.98
CA THR R 81 -8.61 -10.78 29.49
C THR R 81 -8.68 -11.12 28.01
N GLU R 82 -9.85 -10.91 27.39
CA GLU R 82 -10.17 -11.37 26.02
C GLU R 82 -9.88 -10.28 24.98
N LEU R 83 -10.03 -9.01 25.33
CA LEU R 83 -9.78 -7.90 24.38
C LEU R 83 -8.59 -7.08 24.87
N PHE R 84 -7.82 -6.54 23.92
CA PHE R 84 -6.72 -5.61 24.20
C PHE R 84 -6.98 -4.31 23.47
N VAL R 85 -6.94 -3.16 24.15
CA VAL R 85 -7.10 -1.81 23.54
C VAL R 85 -5.96 -0.93 24.05
N PRO R 86 -5.00 -0.56 23.20
CA PRO R 86 -3.85 0.22 23.66
C PRO R 86 -4.24 1.61 24.18
N SER R 87 -3.70 1.96 25.33
CA SER R 87 -3.79 3.34 25.86
C SER R 87 -2.80 4.24 25.10
N LEU R 88 -2.99 5.54 25.12
CA LEU R 88 -1.98 6.44 24.52
C LEU R 88 -0.68 6.25 25.28
N ASN R 89 0.45 6.26 24.56
CA ASN R 89 1.75 6.05 25.22
C ASN R 89 2.05 7.17 26.17
N VAL R 90 2.57 6.83 27.33
CA VAL R 90 2.97 7.84 28.33
C VAL R 90 4.48 7.94 28.26
N ASP R 91 4.98 9.10 27.92
CA ASP R 91 6.43 9.41 27.82
C ASP R 91 7.13 8.57 26.76
N GLY R 92 6.42 8.10 25.74
CA GLY R 92 7.03 7.27 24.69
C GLY R 92 7.18 5.81 25.05
N GLN R 93 6.80 5.44 26.26
CA GLN R 93 6.89 4.07 26.75
C GLN R 93 5.87 3.25 25.99
N PRO R 94 6.24 2.05 25.51
CA PRO R 94 5.36 1.19 24.76
C PRO R 94 4.42 0.38 25.65
N ILE R 95 3.21 0.14 25.16
CA ILE R 95 2.23 -0.71 25.86
C ILE R 95 2.64 -2.15 25.62
N PHE R 96 2.25 -3.05 26.50
CA PHE R 96 2.63 -4.48 26.39
C PHE R 96 1.35 -5.33 26.38
N ALA R 97 1.23 -6.18 25.36
CA ALA R 97 0.13 -7.14 25.21
C ALA R 97 0.70 -8.55 25.43
N ASN R 98 0.42 -9.13 26.59
CA ASN R 98 0.94 -10.45 27.00
C ASN R 98 -0.12 -11.50 26.63
N ILE R 99 0.18 -12.31 25.64
CA ILE R 99 -0.80 -13.28 25.07
C ILE R 99 -0.52 -14.66 25.66
N THR R 100 -1.50 -15.29 26.27
CA THR R 100 -1.28 -16.60 26.91
C THR R 100 -2.46 -17.53 26.71
N LEU R 101 -2.22 -18.81 26.95
CA LEU R 101 -3.29 -19.80 27.09
C LEU R 101 -4.18 -19.37 28.25
N PRO R 102 -5.50 -19.57 28.10
CA PRO R 102 -6.36 -19.63 29.27
C PRO R 102 -6.33 -21.05 29.84
N VAL R 103 -6.91 -21.22 31.02
CA VAL R 103 -7.11 -22.56 31.61
C VAL R 103 -8.40 -23.12 31.01
N TYR R 104 -8.30 -23.86 29.91
CA TYR R 104 -9.48 -24.44 29.23
C TYR R 104 -10.09 -25.47 30.19
N THR R 105 -11.41 -25.62 30.15
CA THR R 105 -12.12 -26.74 30.81
C THR R 105 -11.51 -28.03 30.28
N LEU R 106 -11.49 -29.09 31.08
CA LEU R 106 -10.95 -30.41 30.66
C LEU R 106 -11.69 -30.86 29.40
N LYS R 107 -13.01 -30.67 29.38
CA LYS R 107 -13.86 -31.03 28.22
C LYS R 107 -13.34 -30.27 26.99
N GLU R 108 -13.43 -28.94 27.00
CA GLU R 108 -13.04 -28.10 25.85
C GLU R 108 -11.63 -28.51 25.42
N ARG R 109 -10.74 -28.76 26.36
CA ARG R 109 -9.34 -29.13 26.05
C ARG R 109 -9.34 -30.45 25.29
N CYS R 110 -10.11 -31.45 25.76
CA CYS R 110 -10.21 -32.77 25.11
C CYS R 110 -10.73 -32.59 23.68
N LEU R 111 -11.83 -31.86 23.53
CA LEU R 111 -12.42 -31.53 22.21
C LEU R 111 -11.27 -31.05 21.30
N GLN R 112 -10.54 -30.03 21.74
CA GLN R 112 -9.37 -29.48 21.00
C GLN R 112 -8.51 -30.62 20.46
N VAL R 113 -8.19 -31.62 21.29
CA VAL R 113 -7.20 -32.66 20.93
C VAL R 113 -7.85 -33.60 19.91
N VAL R 114 -9.08 -34.05 20.21
CA VAL R 114 -9.87 -34.95 19.31
C VAL R 114 -10.01 -34.27 17.94
N ARG R 115 -10.54 -33.05 17.93
CA ARG R 115 -10.65 -32.20 16.72
C ARG R 115 -9.34 -32.15 15.94
N SER R 116 -8.19 -32.15 16.62
CA SER R 116 -6.85 -32.02 15.98
C SER R 116 -6.39 -33.35 15.39
N LEU R 117 -6.99 -34.48 15.80
CA LEU R 117 -6.55 -35.84 15.42
C LEU R 117 -7.49 -36.44 14.35
N VAL R 118 -8.79 -36.11 14.40
CA VAL R 118 -9.88 -36.70 13.59
C VAL R 118 -10.38 -35.66 12.58
N LYS R 119 -10.53 -36.05 11.30
CA LYS R 119 -11.06 -35.18 10.22
C LYS R 119 -12.54 -34.94 10.49
N PRO R 120 -13.06 -33.73 10.24
CA PRO R 120 -14.41 -33.36 10.70
C PRO R 120 -15.52 -34.30 10.20
N GLU R 121 -15.34 -34.84 9.00
CA GLU R 121 -16.26 -35.81 8.35
C GLU R 121 -16.24 -37.14 9.08
N ASN R 122 -15.28 -37.37 9.98
CA ASN R 122 -15.12 -38.67 10.70
C ASN R 122 -15.59 -38.53 12.15
N TYR R 123 -15.88 -37.33 12.63
CA TYR R 123 -16.45 -37.11 13.97
C TYR R 123 -17.60 -38.13 14.14
N ARG R 124 -18.32 -38.39 13.04
CA ARG R 124 -19.46 -39.35 12.97
C ARG R 124 -19.06 -40.78 13.32
N ARG R 125 -17.77 -41.14 13.19
CA ARG R 125 -17.29 -42.54 13.32
C ARG R 125 -16.90 -42.84 14.77
N LEU R 126 -16.73 -41.81 15.60
CA LEU R 126 -16.30 -41.97 17.01
C LEU R 126 -17.45 -42.56 17.82
N ASP R 127 -17.18 -43.60 18.63
CA ASP R 127 -18.21 -44.34 19.40
C ASP R 127 -18.52 -43.54 20.68
N ILE R 128 -19.07 -42.33 20.52
CA ILE R 128 -19.25 -41.38 21.65
C ILE R 128 -20.73 -40.94 21.73
N VAL R 129 -21.06 -40.20 22.77
CA VAL R 129 -22.42 -39.65 23.01
C VAL R 129 -22.76 -38.62 21.91
N ARG R 130 -24.04 -38.46 21.61
CA ARG R 130 -24.51 -37.59 20.52
C ARG R 130 -24.13 -36.15 20.86
N SER R 131 -24.28 -35.78 22.14
CA SER R 131 -24.04 -34.37 22.53
C SER R 131 -22.60 -34.04 22.13
N LEU R 132 -21.68 -34.95 22.40
CA LEU R 132 -20.24 -34.69 22.10
C LEU R 132 -20.10 -34.47 20.60
N TYR R 133 -20.76 -35.25 19.78
CA TYR R 133 -20.67 -35.06 18.29
C TYR R 133 -20.94 -33.56 17.99
N GLU R 134 -22.01 -33.01 18.59
CA GLU R 134 -22.34 -31.60 18.35
C GLU R 134 -21.19 -30.75 18.87
N ASP R 135 -20.66 -31.06 20.06
CA ASP R 135 -19.62 -30.21 20.71
C ASP R 135 -18.37 -30.18 19.83
N LEU R 136 -17.98 -31.33 19.27
CA LEU R 136 -16.79 -31.41 18.38
C LEU R 136 -17.10 -30.54 17.17
N GLU R 137 -18.32 -30.61 16.65
CA GLU R 137 -18.71 -29.88 15.41
C GLU R 137 -18.67 -28.36 15.70
N ASP R 138 -19.06 -27.93 16.90
CA ASP R 138 -19.01 -26.50 17.26
C ASP R 138 -17.55 -26.02 17.40
N HIS R 139 -16.86 -25.84 16.30
CA HIS R 139 -15.46 -25.35 16.31
C HIS R 139 -15.49 -23.93 16.86
N PRO R 140 -14.46 -23.52 17.66
CA PRO R 140 -14.36 -22.14 18.13
C PRO R 140 -14.37 -21.17 16.94
N ASN R 141 -14.82 -19.94 17.18
CA ASN R 141 -15.05 -18.98 16.06
C ASN R 141 -15.10 -17.54 16.60
N VAL R 142 -14.25 -16.68 16.04
CA VAL R 142 -14.09 -15.23 16.40
C VAL R 142 -15.47 -14.57 16.40
N GLN R 143 -16.28 -14.80 15.36
CA GLN R 143 -17.58 -14.09 15.16
C GLN R 143 -18.55 -14.52 16.27
N LYS R 144 -18.70 -15.84 16.47
CA LYS R 144 -19.57 -16.37 17.56
C LYS R 144 -19.20 -15.67 18.86
N ASP R 145 -17.91 -15.62 19.18
CA ASP R 145 -17.36 -15.04 20.42
C ASP R 145 -17.63 -13.53 20.48
N LEU R 146 -17.52 -12.82 19.35
CA LEU R 146 -17.84 -11.37 19.27
C LEU R 146 -19.30 -11.13 19.63
N GLU R 147 -20.19 -11.95 19.09
CA GLU R 147 -21.67 -11.85 19.34
C GLU R 147 -21.91 -12.02 20.85
N ARG R 148 -21.29 -13.03 21.46
CA ARG R 148 -21.37 -13.30 22.92
C ARG R 148 -20.89 -12.06 23.69
N LEU R 149 -19.76 -11.49 23.31
CA LEU R 149 -19.10 -10.34 24.00
C LEU R 149 -20.02 -9.11 23.94
N THR R 150 -20.78 -8.93 22.86
CA THR R 150 -21.77 -7.83 22.70
C THR R 150 -22.85 -7.98 23.78
N GLN R 151 -23.46 -9.17 23.91
CA GLN R 151 -24.56 -9.41 24.88
C GLN R 151 -24.03 -9.26 26.31
N GLU R 152 -22.73 -9.50 26.52
CA GLU R 152 -22.03 -9.37 27.82
C GLU R 152 -21.74 -7.89 28.11
N ARG R 153 -21.82 -7.02 27.09
CA ARG R 153 -21.61 -5.55 27.22
C ARG R 153 -22.96 -4.83 27.29
N ILE R 154 -24.03 -5.43 26.76
CA ILE R 154 -25.43 -4.93 26.89
C ILE R 154 -25.97 -5.35 28.27
N ALA R 155 -25.33 -6.34 28.91
CA ALA R 155 -25.72 -6.88 30.23
C ALA R 155 -24.99 -6.11 31.35
N HIS R 156 -23.87 -5.46 31.03
CA HIS R 156 -23.08 -4.64 31.99
C HIS R 156 -23.49 -3.17 31.84
N GLN R 157 -24.41 -2.85 30.91
CA GLN R 157 -25.06 -1.52 30.87
C GLN R 157 -26.57 -1.71 31.05
N MET S 1 -8.45 -31.08 53.60
CA MET S 1 -9.15 -32.40 53.56
C MET S 1 -8.77 -33.13 52.26
N TYR S 2 -8.73 -34.47 52.28
CA TYR S 2 -8.46 -35.29 51.07
C TYR S 2 -9.70 -36.13 50.73
N VAL S 3 -10.04 -36.24 49.47
CA VAL S 3 -11.21 -37.10 49.05
C VAL S 3 -10.64 -38.30 48.33
N LYS S 4 -11.37 -39.42 48.36
CA LYS S 4 -10.98 -40.69 47.70
C LYS S 4 -11.87 -40.90 46.47
N LEU S 5 -11.28 -40.87 45.27
CA LEU S 5 -11.96 -41.23 44.00
C LEU S 5 -11.50 -42.63 43.62
N ILE S 6 -12.44 -43.52 43.31
CA ILE S 6 -12.16 -44.97 43.06
C ILE S 6 -12.58 -45.34 41.62
N SER S 7 -11.61 -45.82 40.84
CA SER S 7 -11.80 -46.17 39.41
C SER S 7 -12.50 -47.53 39.30
N SER S 8 -13.01 -47.84 38.11
CA SER S 8 -13.72 -49.09 37.75
C SER S 8 -12.88 -50.31 38.16
N ASP S 9 -11.61 -50.34 37.75
CA ASP S 9 -10.72 -51.51 38.04
C ASP S 9 -10.47 -51.56 39.55
N GLY S 10 -10.68 -50.41 40.25
CA GLY S 10 -10.59 -50.39 41.72
C GLY S 10 -9.33 -49.72 42.28
N HIS S 11 -8.63 -48.88 41.52
CA HIS S 11 -7.57 -48.00 42.04
C HIS S 11 -8.22 -46.96 42.94
N GLU S 12 -7.54 -46.58 44.02
CA GLU S 12 -7.96 -45.48 44.92
C GLU S 12 -7.07 -44.27 44.60
N PHE S 13 -7.69 -43.10 44.44
CA PHE S 13 -6.99 -41.80 44.21
C PHE S 13 -7.35 -40.85 45.34
N ILE S 14 -6.37 -40.51 46.17
CA ILE S 14 -6.56 -39.56 47.30
C ILE S 14 -6.11 -38.19 46.80
N VAL S 15 -7.03 -37.24 46.66
CA VAL S 15 -6.76 -35.87 46.14
C VAL S 15 -7.43 -34.88 47.10
N LYS S 16 -6.92 -33.65 47.18
CA LYS S 16 -7.51 -32.61 48.05
C LYS S 16 -8.98 -32.40 47.61
N ARG S 17 -9.85 -32.11 48.57
CA ARG S 17 -11.30 -31.88 48.32
C ARG S 17 -11.45 -30.70 47.36
N GLU S 18 -10.75 -29.60 47.62
CA GLU S 18 -10.83 -28.36 46.81
C GLU S 18 -10.46 -28.67 45.36
N HIS S 19 -9.44 -29.49 45.15
CA HIS S 19 -8.96 -29.91 43.80
C HIS S 19 -10.11 -30.68 43.13
N ALA S 20 -10.71 -31.60 43.87
CA ALA S 20 -11.80 -32.47 43.35
C ALA S 20 -13.02 -31.60 42.99
N LEU S 21 -13.40 -30.63 43.84
CA LEU S 21 -14.65 -29.85 43.66
C LEU S 21 -14.66 -29.17 42.28
N THR S 22 -13.52 -29.10 41.59
CA THR S 22 -13.43 -28.54 40.22
C THR S 22 -14.44 -29.27 39.33
N SER S 23 -14.76 -30.53 39.61
CA SER S 23 -15.80 -31.30 38.91
C SER S 23 -17.18 -30.95 39.49
N GLY S 24 -18.04 -30.28 38.73
CA GLY S 24 -19.38 -29.91 39.18
C GLY S 24 -20.19 -31.14 39.58
N THR S 25 -20.02 -32.25 38.87
CA THR S 25 -20.75 -33.50 39.10
C THR S 25 -20.28 -34.12 40.42
N ILE S 26 -19.01 -34.01 40.78
CA ILE S 26 -18.51 -34.51 42.08
C ILE S 26 -19.06 -33.59 43.18
N LYS S 27 -19.02 -32.28 42.97
CA LYS S 27 -19.58 -31.27 43.91
C LYS S 27 -21.00 -31.69 44.26
N ALA S 28 -21.80 -32.07 43.27
CA ALA S 28 -23.21 -32.52 43.44
C ALA S 28 -23.24 -33.77 44.33
N MET S 29 -22.42 -34.78 44.00
CA MET S 29 -22.42 -36.11 44.66
C MET S 29 -21.98 -35.97 46.12
N LEU S 30 -21.10 -35.03 46.43
CA LEU S 30 -20.55 -34.81 47.79
C LEU S 30 -21.50 -33.90 48.58
N SER S 31 -21.94 -32.79 47.98
CA SER S 31 -22.77 -31.77 48.67
C SER S 31 -24.22 -32.28 48.79
N GLY S 32 -24.55 -33.38 48.12
CA GLY S 32 -25.85 -34.06 48.19
C GLY S 32 -26.02 -34.86 49.49
N PRO S 33 -27.26 -35.31 49.79
CA PRO S 33 -27.61 -35.87 51.10
C PRO S 33 -26.87 -37.20 51.37
N GLY S 34 -26.56 -37.93 50.30
CA GLY S 34 -25.77 -39.19 50.34
C GLY S 34 -26.16 -40.03 51.54
N GLN S 35 -25.17 -40.46 52.31
CA GLN S 35 -25.33 -41.31 53.54
C GLN S 35 -23.97 -41.40 54.24
N THR S 41 -19.25 -37.02 52.86
CA THR S 41 -18.62 -38.32 52.53
C THR S 41 -17.15 -38.08 52.14
N ASN S 42 -16.36 -39.16 52.12
CA ASN S 42 -14.92 -39.14 51.72
C ASN S 42 -14.76 -39.84 50.36
N GLU S 43 -15.54 -40.90 50.11
CA GLU S 43 -15.38 -41.77 48.92
C GLU S 43 -16.40 -41.36 47.85
N VAL S 44 -16.01 -41.51 46.58
CA VAL S 44 -16.95 -41.58 45.42
C VAL S 44 -16.41 -42.61 44.43
N ASN S 45 -17.31 -43.43 43.87
CA ASN S 45 -16.96 -44.62 43.06
C ASN S 45 -17.43 -44.37 41.62
N PHE S 46 -16.53 -44.54 40.65
CA PHE S 46 -16.85 -44.41 39.20
C PHE S 46 -16.74 -45.77 38.53
N ARG S 47 -17.87 -46.45 38.34
CA ARG S 47 -17.91 -47.84 37.83
C ARG S 47 -17.52 -47.89 36.35
N GLU S 48 -17.61 -46.77 35.63
CA GLU S 48 -17.41 -46.72 34.16
C GLU S 48 -16.12 -45.97 33.78
N ILE S 49 -15.36 -45.48 34.75
CA ILE S 49 -14.10 -44.72 34.49
C ILE S 49 -12.90 -45.60 34.90
N PRO S 50 -12.04 -46.01 33.95
CA PRO S 50 -10.84 -46.76 34.30
C PRO S 50 -9.77 -45.88 34.96
N SER S 51 -8.75 -46.47 35.56
CA SER S 51 -7.67 -45.75 36.29
C SER S 51 -6.87 -44.84 35.34
N HIS S 52 -6.44 -45.34 34.18
CA HIS S 52 -5.53 -44.56 33.30
C HIS S 52 -6.26 -43.26 32.96
N VAL S 53 -7.59 -43.24 33.09
CA VAL S 53 -8.40 -42.03 32.79
C VAL S 53 -8.54 -41.21 34.08
N LEU S 54 -9.06 -41.81 35.16
CA LEU S 54 -9.34 -41.07 36.41
C LEU S 54 -8.04 -40.50 36.97
N SER S 55 -6.92 -41.19 36.80
CA SER S 55 -5.56 -40.68 37.14
C SER S 55 -5.35 -39.32 36.47
N LYS S 56 -5.56 -39.26 35.15
CA LYS S 56 -5.34 -38.03 34.36
C LYS S 56 -6.39 -36.97 34.75
N VAL S 57 -7.61 -37.38 35.09
CA VAL S 57 -8.67 -36.42 35.52
C VAL S 57 -8.15 -35.67 36.76
N CYS S 58 -7.51 -36.38 37.69
CA CYS S 58 -6.91 -35.78 38.91
C CYS S 58 -5.80 -34.81 38.48
N MET S 59 -4.86 -35.28 37.68
CA MET S 59 -3.75 -34.44 37.14
C MET S 59 -4.32 -33.12 36.63
N TYR S 60 -5.51 -33.13 36.00
CA TYR S 60 -6.15 -31.87 35.53
C TYR S 60 -6.50 -31.03 36.77
N PHE S 61 -7.15 -31.61 37.77
CA PHE S 61 -7.50 -30.87 39.02
C PHE S 61 -6.27 -30.15 39.56
N THR S 62 -5.16 -30.89 39.72
CA THR S 62 -3.82 -30.36 40.12
C THR S 62 -3.52 -29.11 39.28
N TYR S 63 -3.52 -29.26 37.95
CA TYR S 63 -3.25 -28.22 36.92
C TYR S 63 -4.21 -27.03 37.10
N LYS S 64 -5.52 -27.29 37.03
CA LYS S 64 -6.55 -26.21 37.06
C LYS S 64 -6.35 -25.41 38.34
N VAL S 65 -6.29 -26.08 39.48
CA VAL S 65 -6.20 -25.41 40.81
C VAL S 65 -4.97 -24.51 40.81
N ARG S 66 -3.85 -25.05 40.33
CA ARG S 66 -2.53 -24.37 40.41
C ARG S 66 -2.49 -23.15 39.51
N TYR S 67 -2.92 -23.28 38.25
CA TYR S 67 -2.68 -22.24 37.22
C TYR S 67 -3.86 -21.31 37.01
N THR S 68 -4.65 -21.07 38.03
CA THR S 68 -5.85 -20.22 37.99
C THR S 68 -5.59 -19.17 39.06
N ASN S 69 -6.12 -17.98 38.89
CA ASN S 69 -5.85 -16.88 39.85
C ASN S 69 -4.33 -16.72 39.79
N SER S 70 -3.76 -16.94 38.64
CA SER S 70 -2.30 -16.96 38.43
C SER S 70 -2.10 -16.25 37.11
N SER S 71 -1.11 -15.37 36.97
CA SER S 71 -1.05 -14.41 35.82
C SER S 71 -0.15 -14.66 34.56
N THR S 72 1.18 -14.52 34.60
CA THR S 72 1.97 -14.22 33.39
C THR S 72 2.07 -15.35 32.36
N GLU S 73 2.17 -16.62 32.77
CA GLU S 73 2.23 -17.71 31.78
C GLU S 73 1.66 -19.02 32.31
N ILE S 74 0.84 -19.67 31.49
CA ILE S 74 0.25 -21.00 31.76
C ILE S 74 0.74 -21.96 30.68
N PRO S 75 1.09 -23.22 31.03
CA PRO S 75 1.50 -24.21 30.05
C PRO S 75 0.35 -25.10 29.56
N GLU S 76 0.50 -25.67 28.36
CA GLU S 76 -0.50 -26.55 27.72
C GLU S 76 -0.78 -27.75 28.62
N PHE S 77 -2.04 -28.09 28.87
CA PHE S 77 -2.42 -29.35 29.57
C PHE S 77 -2.34 -30.50 28.57
N PRO S 78 -1.31 -31.37 28.64
CA PRO S 78 -1.09 -32.33 27.57
C PRO S 78 -2.08 -33.48 27.69
N ILE S 79 -2.51 -34.05 26.57
CA ILE S 79 -3.37 -35.25 26.47
C ILE S 79 -2.86 -36.10 25.32
N ALA S 80 -2.38 -37.31 25.60
CA ALA S 80 -1.86 -38.22 24.57
C ALA S 80 -3.03 -38.77 23.75
N PRO S 81 -2.87 -38.94 22.42
CA PRO S 81 -3.91 -39.53 21.58
C PRO S 81 -4.59 -40.77 22.19
N GLU S 82 -3.79 -41.67 22.75
CA GLU S 82 -4.24 -43.00 23.26
C GLU S 82 -5.36 -42.82 24.28
N ILE S 83 -5.36 -41.71 25.02
CA ILE S 83 -6.28 -41.48 26.18
C ILE S 83 -7.37 -40.48 25.80
N ALA S 84 -7.20 -39.75 24.69
CA ALA S 84 -7.96 -38.53 24.35
C ALA S 84 -9.47 -38.75 24.43
N LEU S 85 -9.96 -39.82 23.79
CA LEU S 85 -11.41 -40.09 23.60
C LEU S 85 -12.05 -40.37 24.96
N GLU S 86 -11.50 -41.34 25.70
CA GLU S 86 -12.02 -41.79 27.00
C GLU S 86 -11.99 -40.62 28.00
N LEU S 87 -10.96 -39.78 27.92
CA LEU S 87 -10.81 -38.59 28.78
C LEU S 87 -11.95 -37.62 28.45
N LEU S 88 -12.18 -37.36 27.15
CA LEU S 88 -13.27 -36.47 26.66
C LEU S 88 -14.60 -36.96 27.25
N MET S 89 -14.83 -38.28 27.18
CA MET S 89 -16.05 -38.87 27.77
C MET S 89 -16.08 -38.53 29.26
N ALA S 90 -15.07 -38.96 30.00
CA ALA S 90 -14.94 -38.75 31.47
C ALA S 90 -15.13 -37.25 31.76
N ALA S 91 -14.40 -36.41 31.03
CA ALA S 91 -14.44 -34.94 31.16
C ALA S 91 -15.90 -34.48 31.08
N ASN S 92 -16.66 -34.91 30.08
CA ASN S 92 -18.05 -34.45 29.90
C ASN S 92 -18.88 -34.91 31.11
N PHE S 93 -18.76 -36.18 31.48
CA PHE S 93 -19.54 -36.81 32.57
C PHE S 93 -19.31 -36.03 33.85
N LEU S 94 -18.09 -35.50 34.03
CA LEU S 94 -17.78 -34.58 35.18
C LEU S 94 -18.05 -33.16 34.66
N ASP S 95 -18.16 -32.12 35.49
CA ASP S 95 -18.45 -30.78 34.90
C ASP S 95 -17.28 -30.35 34.01
N CYS S 96 -16.03 -30.61 34.41
CA CYS S 96 -14.88 -30.34 33.51
C CYS S 96 -13.69 -31.18 33.94
N MET T 1 10.14 -23.88 42.82
CA MET T 1 10.59 -24.72 43.97
C MET T 1 9.40 -25.37 44.70
N ASP T 2 8.24 -25.49 44.06
CA ASP T 2 7.18 -26.49 44.45
C ASP T 2 7.34 -27.73 43.58
N VAL T 3 7.03 -28.91 44.11
CA VAL T 3 7.05 -30.20 43.38
C VAL T 3 5.68 -30.86 43.54
N PHE T 4 5.16 -31.43 42.46
CA PHE T 4 3.86 -32.14 42.40
C PHE T 4 4.13 -33.64 42.29
N LEU T 5 3.47 -34.40 43.15
CA LEU T 5 3.86 -35.80 43.45
C LEU T 5 2.63 -36.71 43.34
N MET T 6 2.88 -37.95 42.94
CA MET T 6 1.99 -39.10 43.18
C MET T 6 2.74 -40.07 44.12
N ILE T 7 2.28 -40.15 45.37
CA ILE T 7 2.78 -41.15 46.34
C ILE T 7 1.90 -42.39 46.19
N ARG T 8 2.48 -43.47 45.70
CA ARG T 8 1.67 -44.67 45.35
C ARG T 8 2.15 -45.96 46.03
N ARG T 9 1.24 -46.65 46.69
CA ARG T 9 1.54 -47.97 47.23
C ARG T 9 0.45 -48.87 46.73
N HIS T 10 0.80 -49.98 46.09
CA HIS T 10 -0.21 -50.93 45.58
C HIS T 10 -1.23 -50.22 44.69
N LYS T 11 -2.50 -50.35 45.05
CA LYS T 11 -3.59 -49.73 44.28
C LYS T 11 -4.00 -48.40 44.87
N THR T 12 -3.23 -47.89 45.82
CA THR T 12 -3.50 -46.57 46.39
C THR T 12 -2.58 -45.52 45.75
N THR T 13 -3.14 -44.35 45.45
CA THR T 13 -2.39 -43.23 44.83
C THR T 13 -2.82 -41.91 45.49
N ILE T 14 -1.88 -41.25 46.17
CA ILE T 14 -2.10 -39.93 46.83
C ILE T 14 -1.51 -38.84 45.91
N PHE T 15 -2.33 -37.86 45.55
CA PHE T 15 -1.91 -36.66 44.79
C PHE T 15 -1.70 -35.51 45.77
N THR T 16 -0.48 -34.99 45.86
CA THR T 16 -0.15 -33.86 46.76
C THR T 16 1.11 -33.16 46.26
N ASP T 17 1.31 -31.93 46.76
CA ASP T 17 2.45 -31.05 46.47
C ASP T 17 3.28 -30.95 47.74
N ALA T 18 4.50 -30.43 47.62
CA ALA T 18 5.48 -30.26 48.70
C ALA T 18 6.58 -29.36 48.16
N LYS T 19 7.35 -28.72 49.04
CA LYS T 19 8.46 -27.86 48.61
C LYS T 19 9.68 -28.72 48.29
N GLU T 20 10.50 -28.26 47.35
CA GLU T 20 11.85 -28.82 47.10
C GLU T 20 12.60 -28.86 48.44
N SER T 21 12.43 -27.82 49.27
CA SER T 21 13.15 -27.60 50.55
C SER T 21 12.58 -28.49 51.66
N SER T 22 11.31 -28.89 51.58
CA SER T 22 10.66 -29.85 52.51
C SER T 22 11.41 -31.19 52.49
N THR T 23 11.21 -32.02 53.52
CA THR T 23 12.03 -33.24 53.77
C THR T 23 11.19 -34.51 53.59
N VAL T 24 11.86 -35.62 53.28
CA VAL T 24 11.28 -36.97 53.14
C VAL T 24 10.43 -37.27 54.37
N PHE T 25 10.89 -36.85 55.56
CA PHE T 25 10.16 -37.11 56.82
C PHE T 25 8.82 -36.39 56.78
N GLU T 26 8.82 -35.09 56.47
CA GLU T 26 7.59 -34.26 56.42
C GLU T 26 6.57 -34.94 55.48
N LEU T 27 7.05 -35.56 54.41
CA LEU T 27 6.20 -36.25 53.41
C LEU T 27 5.57 -37.49 54.05
N LYS T 28 6.35 -38.27 54.80
CA LYS T 28 5.87 -39.45 55.56
C LYS T 28 4.75 -39.02 56.51
N ARG T 29 4.88 -37.85 57.11
CA ARG T 29 3.90 -37.29 58.08
C ARG T 29 2.59 -36.99 57.34
N ILE T 30 2.68 -36.45 56.11
CA ILE T 30 1.48 -36.17 55.27
C ILE T 30 0.76 -37.48 55.00
N VAL T 31 1.51 -38.54 54.66
CA VAL T 31 1.00 -39.92 54.39
C VAL T 31 0.34 -40.45 55.67
N GLU T 32 1.01 -40.28 56.81
CA GLU T 32 0.47 -40.64 58.16
C GLU T 32 -0.92 -40.03 58.31
N GLY T 33 -1.04 -38.73 58.02
CA GLY T 33 -2.31 -37.96 58.08
C GLY T 33 -3.42 -38.59 57.25
N ILE T 34 -3.09 -39.28 56.18
CA ILE T 34 -4.07 -39.79 55.17
C ILE T 34 -4.33 -41.28 55.42
N LEU T 35 -3.26 -42.07 55.49
CA LEU T 35 -3.32 -43.56 55.53
C LEU T 35 -3.18 -44.08 56.97
N LYS T 36 -3.01 -43.17 57.94
CA LYS T 36 -3.06 -43.46 59.40
C LYS T 36 -2.00 -44.51 59.74
N ARG T 37 -0.75 -44.27 59.33
CA ARG T 37 0.40 -45.16 59.63
C ARG T 37 1.65 -44.30 59.80
N PRO T 38 2.30 -44.35 60.99
CA PRO T 38 3.39 -43.42 61.31
C PRO T 38 4.62 -43.48 60.40
N PRO T 39 5.48 -42.44 60.42
CA PRO T 39 6.72 -42.43 59.62
C PRO T 39 7.70 -43.60 59.85
N ASP T 40 7.64 -44.25 61.02
CA ASP T 40 8.51 -45.41 61.36
C ASP T 40 7.94 -46.71 60.79
N GLU T 41 6.72 -46.69 60.22
CA GLU T 41 6.11 -47.85 59.53
C GLU T 41 6.16 -47.66 58.02
N GLN T 42 6.70 -46.52 57.55
CA GLN T 42 6.75 -46.16 56.12
C GLN T 42 8.19 -46.15 55.61
N ARG T 43 8.36 -46.61 54.36
CA ARG T 43 9.57 -46.38 53.53
C ARG T 43 9.13 -45.69 52.24
N LEU T 44 9.78 -44.59 51.87
CA LEU T 44 9.46 -43.83 50.63
C LEU T 44 10.62 -44.01 49.64
N TYR T 45 10.29 -44.40 48.41
CA TYR T 45 11.28 -44.63 47.34
C TYR T 45 11.06 -43.63 46.21
N LYS T 46 12.14 -43.23 45.57
CA LYS T 46 12.13 -42.48 44.33
C LYS T 46 12.67 -43.56 43.42
N ASP T 47 11.87 -44.02 42.48
CA ASP T 47 12.21 -45.20 41.65
C ASP T 47 12.52 -46.33 42.61
N ASP T 48 13.68 -46.96 42.50
CA ASP T 48 14.00 -48.10 43.40
C ASP T 48 14.92 -47.74 44.57
N GLN T 49 15.32 -46.49 44.71
CA GLN T 49 16.24 -46.06 45.77
C GLN T 49 15.46 -45.59 47.00
N LEU T 50 15.88 -46.03 48.20
CA LEU T 50 15.25 -45.65 49.48
C LEU T 50 15.67 -44.22 49.83
N LEU T 51 14.74 -43.45 50.37
CA LEU T 51 14.95 -42.01 50.66
C LEU T 51 15.10 -41.82 52.17
N ASP T 52 16.19 -41.21 52.62
CA ASP T 52 16.49 -40.96 54.05
C ASP T 52 15.57 -39.85 54.57
N ASP T 53 14.97 -40.06 55.74
CA ASP T 53 13.98 -39.14 56.36
C ASP T 53 14.55 -37.72 56.43
N GLY T 54 15.88 -37.56 56.52
CA GLY T 54 16.55 -36.28 56.83
C GLY T 54 16.84 -35.43 55.61
N LYS T 55 16.87 -36.04 54.42
CA LYS T 55 17.20 -35.34 53.15
C LYS T 55 15.98 -34.54 52.68
N THR T 56 16.22 -33.40 52.02
CA THR T 56 15.17 -32.58 51.33
C THR T 56 14.83 -33.29 50.02
N LEU T 57 13.55 -33.30 49.63
CA LEU T 57 13.08 -33.78 48.31
C LEU T 57 14.04 -33.32 47.20
N GLY T 58 14.51 -32.07 47.25
CA GLY T 58 15.52 -31.52 46.35
C GLY T 58 16.73 -32.43 46.24
N GLU T 59 17.32 -32.78 47.39
CA GLU T 59 18.55 -33.60 47.50
C GLU T 59 18.28 -35.03 47.02
N CYS T 60 17.05 -35.52 47.18
CA CYS T 60 16.61 -36.87 46.72
C CYS T 60 16.58 -36.93 45.19
N GLY T 61 16.36 -35.79 44.52
CA GLY T 61 16.39 -35.68 43.05
C GLY T 61 15.16 -34.98 42.48
N PHE T 62 14.07 -34.85 43.25
CA PHE T 62 12.81 -34.21 42.82
C PHE T 62 13.04 -32.73 42.55
N THR T 63 12.64 -32.25 41.36
CA THR T 63 12.73 -30.82 40.98
C THR T 63 11.40 -30.32 40.45
N SER T 64 11.18 -29.01 40.47
CA SER T 64 9.96 -28.34 39.95
C SER T 64 9.77 -28.70 38.47
N GLN T 65 10.86 -28.86 37.73
CA GLN T 65 10.85 -29.00 36.25
C GLN T 65 10.50 -30.43 35.84
N THR T 66 10.54 -31.41 36.76
CA THR T 66 10.24 -32.84 36.50
C THR T 66 9.09 -33.33 37.39
N ALA T 67 8.56 -32.46 38.25
CA ALA T 67 7.42 -32.74 39.15
C ALA T 67 6.36 -31.64 38.94
N ARG T 68 5.91 -31.47 37.70
CA ARG T 68 4.91 -30.43 37.31
C ARG T 68 3.52 -30.99 37.60
N PRO T 69 2.51 -30.11 37.82
CA PRO T 69 1.18 -30.55 38.26
C PRO T 69 0.50 -31.59 37.36
N GLN T 70 0.74 -31.51 36.04
CA GLN T 70 0.13 -32.37 35.00
C GLN T 70 1.05 -33.55 34.65
N ALA T 71 2.28 -33.56 35.19
CA ALA T 71 3.24 -34.66 35.05
C ALA T 71 3.88 -34.93 36.41
N PRO T 72 3.08 -35.29 37.43
CA PRO T 72 3.61 -35.44 38.78
C PRO T 72 4.69 -36.52 38.81
N ALA T 73 5.74 -36.29 39.60
CA ALA T 73 6.79 -37.29 39.91
C ALA T 73 6.19 -38.33 40.85
N THR T 74 6.57 -39.60 40.69
CA THR T 74 6.01 -40.74 41.45
C THR T 74 6.96 -41.13 42.58
N VAL T 75 6.52 -40.98 43.84
CA VAL T 75 7.24 -41.50 45.05
C VAL T 75 6.59 -42.82 45.44
N GLY T 76 7.36 -43.90 45.49
CA GLY T 76 6.87 -45.24 45.88
C GLY T 76 6.77 -45.37 47.39
N LEU T 77 5.79 -46.11 47.89
CA LEU T 77 5.52 -46.27 49.34
C LEU T 77 5.50 -47.75 49.73
N ALA T 78 6.08 -48.07 50.87
CA ALA T 78 6.10 -49.42 51.46
C ALA T 78 5.76 -49.31 52.95
N PHE T 79 4.90 -50.21 53.43
CA PHE T 79 4.49 -50.28 54.85
C PHE T 79 5.21 -51.46 55.51
N ARG T 80 5.25 -51.41 56.83
CA ARG T 80 5.97 -52.41 57.63
C ARG T 80 5.02 -53.44 58.23
N ALA T 81 5.35 -54.70 58.03
CA ALA T 81 4.62 -55.79 58.66
C ALA T 81 5.62 -56.33 59.66
N ASP T 82 5.31 -56.23 60.94
CA ASP T 82 6.16 -56.81 62.01
C ASP T 82 7.58 -56.25 61.91
N ASP T 83 8.57 -57.15 61.89
CA ASP T 83 10.00 -56.81 61.89
C ASP T 83 10.53 -56.51 60.47
N THR T 84 9.74 -56.76 59.45
CA THR T 84 10.18 -56.58 58.06
C THR T 84 9.22 -55.66 57.31
N PHE T 85 9.73 -54.98 56.29
CA PHE T 85 8.94 -54.15 55.36
C PHE T 85 8.52 -55.02 54.16
N GLU T 86 7.34 -54.76 53.63
CA GLU T 86 6.89 -55.35 52.36
C GLU T 86 7.79 -54.83 51.25
N ALA T 87 7.87 -55.56 50.14
CA ALA T 87 8.50 -55.10 48.89
C ALA T 87 7.74 -53.87 48.38
N LEU T 88 8.44 -52.93 47.76
CA LEU T 88 7.81 -51.79 47.05
C LEU T 88 7.04 -52.38 45.87
N CYS T 89 5.72 -52.27 45.88
CA CYS T 89 4.82 -52.80 44.82
C CYS T 89 3.82 -51.72 44.43
N ILE T 90 3.89 -51.22 43.20
CA ILE T 90 2.97 -50.18 42.65
C ILE T 90 2.20 -50.80 41.47
N GLU T 91 0.99 -51.29 41.73
CA GLU T 91 0.14 -51.97 40.74
C GLU T 91 -0.18 -51.00 39.61
N PRO T 92 0.16 -51.31 38.35
CA PRO T 92 0.02 -50.35 37.25
C PRO T 92 -1.44 -49.99 36.92
N PHE T 93 -1.62 -48.80 36.37
CA PHE T 93 -2.95 -48.29 35.94
C PHE T 93 -3.39 -49.01 34.65
N SER T 94 -4.69 -49.04 34.39
CA SER T 94 -5.26 -49.78 33.24
C SER T 94 -4.71 -49.27 31.90
N SER T 95 -4.47 -50.15 30.93
CA SER T 95 -4.11 -49.77 29.54
C SER T 95 -5.32 -49.21 28.79
N PRO T 96 -5.11 -48.25 27.87
CA PRO T 96 -6.16 -47.75 26.99
C PRO T 96 -6.31 -48.64 25.76
N PRO T 97 -7.48 -48.66 25.11
CA PRO T 97 -7.66 -49.41 23.86
C PRO T 97 -6.82 -48.82 22.73
N GLU T 98 -6.35 -49.66 21.82
CA GLU T 98 -5.60 -49.27 20.60
C GLU T 98 -6.30 -48.07 19.97
N LEU T 99 -5.53 -47.12 19.43
CA LEU T 99 -6.06 -45.93 18.71
C LEU T 99 -7.01 -46.39 17.61
N PRO T 100 -8.31 -45.98 17.63
CA PRO T 100 -9.16 -46.06 16.42
C PRO T 100 -8.50 -45.47 15.17
N ASP T 101 -8.72 -46.07 13.99
CA ASP T 101 -7.99 -45.69 12.75
C ASP T 101 -8.24 -44.22 12.42
N VAL T 102 -9.36 -43.67 12.88
CA VAL T 102 -9.77 -42.28 12.54
C VAL T 102 -8.78 -41.29 13.19
N MET T 103 -8.09 -41.65 14.26
CA MET T 103 -7.14 -40.75 14.98
C MET T 103 -5.67 -41.06 14.57
N LYS T 104 -5.47 -41.59 13.36
CA LYS T 104 -4.11 -41.70 12.75
C LYS T 104 -3.80 -40.44 11.93
N LEU U 12 -8.65 -46.68 -79.41
CA LEU U 12 -9.04 -45.44 -78.66
C LEU U 12 -8.02 -44.32 -78.94
N THR U 13 -6.72 -44.62 -78.97
CA THR U 13 -5.62 -43.64 -79.23
C THR U 13 -5.74 -43.07 -80.65
N LYS U 14 -6.12 -43.91 -81.63
CA LYS U 14 -6.33 -43.50 -83.06
C LYS U 14 -7.51 -42.52 -83.11
N GLN U 15 -8.60 -42.83 -82.39
CA GLN U 15 -9.81 -41.98 -82.27
C GLN U 15 -9.49 -40.67 -81.54
N MET U 16 -8.72 -40.72 -80.45
CA MET U 16 -8.35 -39.53 -79.63
C MET U 16 -7.47 -38.57 -80.44
N ASN U 17 -6.63 -39.09 -81.33
CA ASN U 17 -5.73 -38.29 -82.20
C ASN U 17 -6.54 -37.63 -83.32
N ALA U 18 -7.50 -38.35 -83.93
CA ALA U 18 -8.40 -37.85 -84.99
C ALA U 18 -9.19 -36.63 -84.48
N ILE U 19 -9.66 -36.68 -83.22
CA ILE U 19 -10.48 -35.59 -82.60
C ILE U 19 -9.58 -34.39 -82.28
N ILE U 20 -8.42 -34.61 -81.64
CA ILE U 20 -7.51 -33.50 -81.19
C ILE U 20 -6.84 -32.86 -82.43
N ASP U 21 -6.50 -33.65 -83.45
CA ASP U 21 -5.83 -33.13 -84.69
C ASP U 21 -6.84 -32.36 -85.56
N THR U 22 -8.12 -32.76 -85.61
CA THR U 22 -9.19 -32.05 -86.35
C THR U 22 -9.41 -30.65 -85.75
N VAL U 23 -9.42 -30.52 -84.42
CA VAL U 23 -9.66 -29.23 -83.70
C VAL U 23 -8.48 -28.27 -83.98
N ILE U 24 -7.25 -28.79 -84.01
CA ILE U 24 -6.00 -28.01 -84.26
C ILE U 24 -5.95 -27.57 -85.73
N ASN U 25 -6.11 -28.52 -86.67
CA ASN U 25 -6.02 -28.31 -88.14
C ASN U 25 -7.17 -27.43 -88.63
N TYR U 26 -8.24 -27.29 -87.83
CA TYR U 26 -9.50 -26.57 -88.20
C TYR U 26 -9.19 -25.10 -88.51
N LYS U 27 -9.49 -24.68 -89.74
CA LYS U 27 -9.43 -23.27 -90.22
C LYS U 27 -10.86 -22.74 -90.38
N ASP U 28 -11.09 -21.47 -90.04
CA ASP U 28 -12.40 -20.78 -90.21
C ASP U 28 -12.54 -20.37 -91.68
N SER U 29 -13.59 -19.60 -92.01
CA SER U 29 -14.03 -19.32 -93.41
C SER U 29 -13.27 -18.13 -94.02
N SER U 30 -12.17 -17.68 -93.40
CA SER U 30 -11.19 -16.73 -93.98
C SER U 30 -9.82 -17.41 -94.21
N GLY U 31 -9.69 -18.69 -93.85
CA GLY U 31 -8.50 -19.53 -94.13
C GLY U 31 -7.53 -19.59 -92.96
N ARG U 32 -7.75 -18.80 -91.90
CA ARG U 32 -6.84 -18.69 -90.72
C ARG U 32 -7.10 -19.85 -89.75
N GLN U 33 -6.03 -20.46 -89.23
CA GLN U 33 -6.05 -21.55 -88.23
C GLN U 33 -6.22 -20.93 -86.83
N LEU U 34 -7.20 -21.42 -86.05
CA LEU U 34 -7.61 -20.84 -84.74
C LEU U 34 -6.66 -21.28 -83.63
N SER U 35 -6.20 -22.54 -83.68
CA SER U 35 -5.43 -23.22 -82.60
C SER U 35 -4.00 -22.65 -82.48
N GLU U 36 -3.55 -21.87 -83.48
CA GLU U 36 -2.18 -21.27 -83.57
C GLU U 36 -1.75 -20.61 -82.25
N VAL U 37 -2.68 -19.97 -81.55
CA VAL U 37 -2.43 -19.22 -80.27
C VAL U 37 -2.48 -20.21 -79.10
N PHE U 38 -3.27 -21.28 -79.22
CA PHE U 38 -3.50 -22.28 -78.15
C PHE U 38 -2.49 -23.44 -78.20
N ILE U 39 -1.69 -23.56 -79.27
CA ILE U 39 -0.72 -24.67 -79.49
C ILE U 39 0.26 -24.74 -78.31
N GLN U 40 0.77 -23.60 -77.85
CA GLN U 40 1.77 -23.52 -76.74
C GLN U 40 1.37 -22.39 -75.77
N LEU U 41 1.17 -22.73 -74.49
CA LEU U 41 0.93 -21.73 -73.41
C LEU U 41 2.16 -20.82 -73.31
N PRO U 42 1.98 -19.55 -72.91
CA PRO U 42 3.10 -18.64 -72.72
C PRO U 42 3.89 -19.00 -71.44
N SER U 43 5.14 -18.57 -71.33
CA SER U 43 5.95 -18.69 -70.08
C SER U 43 5.40 -17.69 -69.05
N ARG U 44 5.64 -17.94 -67.76
CA ARG U 44 5.15 -17.04 -66.67
C ARG U 44 5.95 -15.73 -66.72
N LYS U 45 7.26 -15.81 -66.99
CA LYS U 45 8.14 -14.64 -67.24
C LYS U 45 7.46 -13.70 -68.25
N GLU U 46 6.98 -14.25 -69.38
CA GLU U 46 6.23 -13.50 -70.43
C GLU U 46 4.96 -12.87 -69.83
N LEU U 47 4.02 -13.71 -69.36
CA LEU U 47 2.67 -13.27 -68.93
C LEU U 47 2.37 -13.81 -67.53
N PRO U 48 2.77 -13.07 -66.47
CA PRO U 48 2.49 -13.47 -65.09
C PRO U 48 1.00 -13.41 -64.68
N GLU U 49 0.17 -12.69 -65.45
CA GLU U 49 -1.26 -12.46 -65.13
C GLU U 49 -2.07 -13.75 -65.38
N TYR U 50 -1.74 -14.52 -66.43
CA TYR U 50 -2.44 -15.79 -66.77
C TYR U 50 -2.28 -16.77 -65.61
N TYR U 51 -1.08 -16.85 -65.02
CA TYR U 51 -0.69 -17.86 -64.01
C TYR U 51 -1.05 -17.40 -62.59
N GLU U 52 -1.57 -16.18 -62.44
CA GLU U 52 -2.14 -15.64 -61.18
C GLU U 52 -3.66 -15.80 -61.19
N LEU U 53 -4.30 -15.77 -62.36
CA LEU U 53 -5.78 -15.73 -62.55
C LEU U 53 -6.32 -17.10 -62.97
N ILE U 54 -5.57 -17.88 -63.78
CA ILE U 54 -5.98 -19.24 -64.23
C ILE U 54 -5.35 -20.29 -63.31
N ARG U 55 -6.20 -21.19 -62.78
CA ARG U 55 -5.88 -22.17 -61.72
C ARG U 55 -5.07 -23.34 -62.29
N LYS U 56 -5.58 -23.98 -63.35
CA LYS U 56 -5.04 -25.24 -63.93
C LYS U 56 -4.67 -25.00 -65.39
N PRO U 57 -3.51 -24.35 -65.67
CA PRO U 57 -3.07 -24.07 -67.04
C PRO U 57 -2.76 -25.32 -67.87
N VAL U 58 -3.40 -25.44 -69.04
CA VAL U 58 -3.22 -26.58 -69.99
C VAL U 58 -3.35 -26.02 -71.42
N ASP U 59 -2.56 -26.55 -72.37
CA ASP U 59 -2.56 -26.13 -73.80
C ASP U 59 -2.96 -27.34 -74.68
N PHE U 60 -2.73 -27.26 -75.99
CA PHE U 60 -3.08 -28.32 -76.98
C PHE U 60 -1.92 -29.32 -77.14
N LYS U 61 -0.70 -28.97 -76.73
CA LYS U 61 0.49 -29.88 -76.75
C LYS U 61 0.54 -30.68 -75.44
N LYS U 62 0.05 -30.12 -74.33
CA LYS U 62 -0.10 -30.79 -73.01
C LYS U 62 -1.25 -31.82 -73.04
N ILE U 63 -2.12 -31.73 -74.05
CA ILE U 63 -3.24 -32.70 -74.30
C ILE U 63 -2.72 -33.84 -75.19
N LYS U 64 -1.87 -33.55 -76.18
CA LYS U 64 -1.16 -34.55 -77.03
C LYS U 64 -0.18 -35.35 -76.16
N GLU U 65 0.45 -34.70 -75.17
CA GLU U 65 1.38 -35.30 -74.17
C GLU U 65 0.62 -36.34 -73.33
N ARG U 66 -0.60 -36.00 -72.89
CA ARG U 66 -1.45 -36.84 -71.99
C ARG U 66 -2.22 -37.89 -72.79
N ILE U 67 -2.23 -37.81 -74.13
CA ILE U 67 -2.80 -38.85 -75.05
C ILE U 67 -1.76 -39.97 -75.26
N ARG U 68 -0.46 -39.63 -75.27
CA ARG U 68 0.67 -40.60 -75.40
C ARG U 68 0.92 -41.28 -74.04
N ASN U 69 0.79 -40.55 -72.93
CA ASN U 69 1.04 -41.06 -71.55
C ASN U 69 -0.19 -41.82 -71.04
N HIS U 70 -1.32 -41.75 -71.74
CA HIS U 70 -2.58 -42.49 -71.47
C HIS U 70 -3.17 -42.06 -70.11
N LYS U 71 -3.12 -40.77 -69.77
CA LYS U 71 -3.66 -40.20 -68.51
C LYS U 71 -5.20 -40.11 -68.62
N TYR U 72 -5.71 -39.78 -69.81
CA TYR U 72 -7.17 -39.75 -70.14
C TYR U 72 -7.65 -41.18 -70.39
N ARG U 73 -8.64 -41.64 -69.61
CA ARG U 73 -9.09 -43.06 -69.60
C ARG U 73 -10.24 -43.25 -70.61
N SER U 74 -11.03 -42.21 -70.86
CA SER U 74 -12.16 -42.23 -71.83
C SER U 74 -12.11 -40.97 -72.71
N LEU U 75 -13.05 -40.85 -73.65
CA LEU U 75 -13.20 -39.68 -74.55
C LEU U 75 -13.92 -38.54 -73.80
N GLY U 76 -14.47 -38.82 -72.61
CA GLY U 76 -15.09 -37.84 -71.70
C GLY U 76 -14.08 -37.16 -70.79
N ASP U 77 -12.89 -37.74 -70.64
CA ASP U 77 -11.76 -37.20 -69.82
C ASP U 77 -10.88 -36.29 -70.69
N LEU U 78 -10.75 -36.60 -71.99
CA LEU U 78 -10.09 -35.76 -73.02
C LEU U 78 -10.90 -34.46 -73.21
N GLU U 79 -12.24 -34.57 -73.18
CA GLU U 79 -13.19 -33.44 -73.37
C GLU U 79 -13.16 -32.50 -72.15
N LYS U 80 -13.06 -33.07 -70.94
CA LYS U 80 -13.11 -32.34 -69.64
C LYS U 80 -11.98 -31.31 -69.54
N ASP U 81 -10.83 -31.55 -70.19
CA ASP U 81 -9.61 -30.70 -70.14
C ASP U 81 -9.46 -29.82 -71.40
N VAL U 82 -10.18 -30.12 -72.48
CA VAL U 82 -10.31 -29.24 -73.68
C VAL U 82 -11.31 -28.12 -73.36
N MET U 83 -12.35 -28.43 -72.58
CA MET U 83 -13.33 -27.44 -72.04
C MET U 83 -12.64 -26.58 -70.97
N LEU U 84 -11.67 -27.13 -70.23
CA LEU U 84 -10.95 -26.45 -69.11
C LEU U 84 -10.04 -25.35 -69.66
N LEU U 85 -9.26 -25.60 -70.74
CA LEU U 85 -8.37 -24.59 -71.36
C LEU U 85 -9.20 -23.56 -72.15
N CYS U 86 -10.22 -24.03 -72.89
CA CYS U 86 -11.12 -23.17 -73.69
C CYS U 86 -11.90 -22.25 -72.75
N HIS U 87 -12.23 -22.73 -71.54
CA HIS U 87 -12.86 -21.94 -70.44
C HIS U 87 -11.81 -21.13 -69.67
N ASN U 88 -10.57 -21.62 -69.55
CA ASN U 88 -9.42 -20.87 -68.96
C ASN U 88 -9.13 -19.63 -69.81
N ALA U 89 -9.23 -19.75 -71.14
CA ALA U 89 -9.07 -18.65 -72.10
C ALA U 89 -10.17 -17.60 -71.89
N GLN U 90 -11.44 -18.02 -71.85
CA GLN U 90 -12.62 -17.15 -71.70
C GLN U 90 -12.58 -16.39 -70.37
N THR U 91 -12.08 -17.02 -69.31
CA THR U 91 -11.92 -16.40 -67.96
C THR U 91 -10.95 -15.22 -68.03
N PHE U 92 -9.73 -15.49 -68.44
CA PHE U 92 -8.67 -14.46 -68.54
C PHE U 92 -8.97 -13.39 -69.58
N ASN U 93 -9.43 -13.82 -70.76
CA ASN U 93 -9.65 -12.89 -71.88
C ASN U 93 -11.02 -12.21 -71.81
N LEU U 94 -11.05 -10.93 -72.11
CA LEU U 94 -12.33 -10.19 -72.09
C LEU U 94 -13.18 -10.59 -73.29
N GLU U 95 -14.49 -10.45 -73.16
CA GLU U 95 -15.47 -10.89 -74.18
C GLU U 95 -15.27 -10.17 -75.51
N GLY U 96 -15.37 -10.93 -76.59
CA GLY U 96 -15.24 -10.35 -77.94
C GLY U 96 -13.82 -10.40 -78.46
N SER U 97 -12.88 -10.83 -77.64
CA SER U 97 -11.45 -10.88 -78.02
C SER U 97 -11.25 -11.99 -79.05
N GLN U 98 -10.23 -11.88 -79.91
CA GLN U 98 -9.96 -12.84 -81.01
C GLN U 98 -9.81 -14.25 -80.40
N ILE U 99 -9.03 -14.39 -79.32
CA ILE U 99 -8.78 -15.73 -78.71
C ILE U 99 -10.09 -16.22 -78.06
N TYR U 100 -10.88 -15.32 -77.49
CA TYR U 100 -12.08 -15.62 -76.70
C TYR U 100 -13.11 -16.32 -77.59
N GLU U 101 -13.37 -15.75 -78.77
CA GLU U 101 -14.36 -16.36 -79.73
C GLU U 101 -13.83 -17.72 -80.28
N ASP U 102 -12.50 -17.81 -80.42
CA ASP U 102 -11.89 -19.04 -81.02
C ASP U 102 -12.11 -20.21 -80.03
N SER U 103 -11.97 -19.93 -78.74
CA SER U 103 -12.10 -20.97 -77.67
C SER U 103 -13.56 -21.46 -77.70
N ILE U 104 -14.51 -20.55 -77.92
CA ILE U 104 -15.95 -20.93 -78.02
C ILE U 104 -16.08 -21.87 -79.24
N VAL U 105 -15.53 -21.43 -80.39
CA VAL U 105 -15.57 -22.21 -81.68
C VAL U 105 -14.82 -23.53 -81.47
N LEU U 106 -13.70 -23.53 -80.74
CA LEU U 106 -12.85 -24.74 -80.51
C LEU U 106 -13.58 -25.76 -79.62
N GLN U 107 -14.53 -25.30 -78.80
CA GLN U 107 -15.43 -26.17 -77.97
C GLN U 107 -16.55 -26.74 -78.86
N SER U 108 -16.99 -25.98 -79.88
CA SER U 108 -18.07 -26.32 -80.84
C SER U 108 -17.53 -27.24 -81.96
N VAL U 109 -16.23 -27.15 -82.27
CA VAL U 109 -15.53 -27.99 -83.30
C VAL U 109 -15.00 -29.28 -82.66
N PHE U 110 -14.76 -29.28 -81.34
CA PHE U 110 -14.38 -30.49 -80.55
C PHE U 110 -15.63 -31.35 -80.29
N LYS U 111 -16.79 -30.71 -80.06
CA LYS U 111 -18.08 -31.38 -79.74
C LYS U 111 -18.74 -31.95 -81.01
N SER U 112 -18.31 -31.52 -82.20
CA SER U 112 -18.74 -32.07 -83.51
C SER U 112 -17.71 -33.09 -84.04
N ALA U 113 -16.45 -32.96 -83.64
CA ALA U 113 -15.33 -33.85 -84.04
C ALA U 113 -15.39 -35.16 -83.24
N ARG U 114 -15.73 -35.11 -81.94
CA ARG U 114 -15.90 -36.31 -81.08
C ARG U 114 -17.20 -37.05 -81.47
N GLN U 115 -18.19 -36.32 -81.98
CA GLN U 115 -19.53 -36.86 -82.31
C GLN U 115 -19.50 -37.60 -83.67
N LYS U 116 -18.48 -37.35 -84.50
CA LYS U 116 -18.30 -37.97 -85.84
C LYS U 116 -17.43 -39.24 -85.72
N ILE U 117 -16.35 -39.18 -84.94
CA ILE U 117 -15.33 -40.27 -84.82
C ILE U 117 -15.85 -41.37 -83.88
N ALA U 118 -16.42 -41.01 -82.72
CA ALA U 118 -16.81 -41.95 -81.63
C ALA U 118 -18.09 -42.72 -81.98
N LYS U 119 -18.91 -42.21 -82.93
CA LYS U 119 -20.17 -42.87 -83.38
C LYS U 119 -20.40 -42.62 -84.87
N GLU U 120 -19.74 -43.42 -85.73
CA GLU U 120 -20.01 -43.52 -87.19
C GLU U 120 -19.40 -44.81 -87.74
N PRO V 9 -18.40 -8.15 -82.77
CA PRO V 9 -17.15 -7.35 -82.66
C PRO V 9 -16.28 -7.48 -83.92
N VAL V 10 -16.78 -6.98 -85.04
CA VAL V 10 -16.08 -7.13 -86.34
C VAL V 10 -14.83 -6.24 -86.29
N LEU V 11 -14.99 -4.97 -85.89
CA LEU V 11 -13.89 -3.99 -85.87
C LEU V 11 -13.19 -3.97 -84.52
N ARG V 12 -12.04 -4.62 -84.46
CA ARG V 12 -11.19 -4.72 -83.25
C ARG V 12 -9.75 -5.02 -83.65
N SER V 13 -8.80 -4.63 -82.81
CA SER V 13 -7.38 -5.04 -82.91
C SER V 13 -7.32 -6.56 -82.82
N VAL V 14 -6.20 -7.16 -83.23
CA VAL V 14 -5.94 -8.62 -83.11
C VAL V 14 -4.66 -8.79 -82.31
N ASN V 15 -4.72 -9.52 -81.20
CA ASN V 15 -3.54 -9.79 -80.36
C ASN V 15 -2.54 -10.56 -81.22
N SER V 16 -1.34 -10.03 -81.42
CA SER V 16 -0.47 -10.43 -82.57
C SER V 16 0.91 -10.87 -82.14
N ARG V 17 1.48 -10.21 -81.13
CA ARG V 17 2.81 -10.56 -80.55
C ARG V 17 3.91 -9.97 -81.45
N GLU V 18 3.56 -9.47 -82.62
CA GLU V 18 4.57 -9.00 -83.62
C GLU V 18 4.53 -7.49 -83.67
N PRO V 19 5.60 -6.82 -83.19
CA PRO V 19 5.62 -5.35 -83.15
C PRO V 19 5.67 -4.74 -84.56
N SER V 20 4.97 -3.62 -84.73
CA SER V 20 4.95 -2.87 -85.99
C SER V 20 5.27 -1.44 -85.56
N GLN V 21 6.37 -0.89 -86.11
CA GLN V 21 6.72 0.51 -85.82
C GLN V 21 6.00 1.35 -86.88
N VAL V 22 5.37 2.42 -86.40
CA VAL V 22 4.48 3.27 -87.23
C VAL V 22 4.94 4.71 -87.07
N ILE V 23 4.69 5.56 -88.06
CA ILE V 23 4.92 7.05 -87.94
C ILE V 23 3.57 7.74 -88.08
N PHE V 24 3.01 8.25 -87.00
CA PHE V 24 1.80 9.11 -87.00
C PHE V 24 2.28 10.48 -87.45
N CYS V 25 1.84 10.90 -88.63
CA CYS V 25 2.15 12.23 -89.19
C CYS V 25 0.85 13.03 -89.29
N ASN V 26 0.74 14.10 -88.50
CA ASN V 26 -0.48 14.93 -88.45
C ASN V 26 -0.28 16.08 -89.45
N ARG V 27 -0.86 15.91 -90.63
CA ARG V 27 -0.89 16.93 -91.70
C ARG V 27 -2.33 17.44 -91.79
N SER V 28 -2.98 17.58 -90.64
CA SER V 28 -4.24 18.36 -90.52
C SER V 28 -3.89 19.65 -89.79
N PRO V 29 -4.75 20.68 -89.86
CA PRO V 29 -4.51 21.93 -89.14
C PRO V 29 -4.90 21.80 -87.65
N ARG V 30 -5.47 20.64 -87.29
CA ARG V 30 -6.10 20.39 -85.98
C ARG V 30 -5.20 19.57 -85.08
N VAL V 31 -5.48 19.63 -83.77
CA VAL V 31 -4.88 18.69 -82.78
C VAL V 31 -5.56 17.34 -83.01
N VAL V 32 -4.77 16.28 -83.18
CA VAL V 32 -5.28 14.95 -83.58
C VAL V 32 -5.28 14.03 -82.37
N LEU V 33 -6.40 13.35 -82.14
CA LEU V 33 -6.53 12.31 -81.10
C LEU V 33 -6.44 10.96 -81.78
N PRO V 34 -5.30 10.26 -81.68
CA PRO V 34 -5.23 8.88 -82.13
C PRO V 34 -6.08 8.02 -81.19
N VAL V 35 -6.87 7.13 -81.76
CA VAL V 35 -7.84 6.27 -81.04
C VAL V 35 -7.56 4.81 -81.44
N TRP V 36 -6.96 4.06 -80.54
CA TRP V 36 -6.68 2.63 -80.72
C TRP V 36 -7.92 1.82 -80.34
N LEU V 37 -8.44 0.99 -81.27
CA LEU V 37 -9.45 -0.01 -80.93
C LEU V 37 -8.72 -1.17 -80.25
N ASN V 38 -9.17 -1.50 -79.04
CA ASN V 38 -8.65 -2.61 -78.20
C ASN V 38 -9.19 -3.93 -78.76
N PHE V 39 -8.91 -5.05 -78.09
CA PHE V 39 -9.19 -6.40 -78.61
C PHE V 39 -10.71 -6.62 -78.58
N ASP V 40 -11.41 -6.05 -77.62
CA ASP V 40 -12.89 -6.11 -77.55
C ASP V 40 -13.49 -5.15 -78.58
N GLY V 41 -12.69 -4.19 -79.03
CA GLY V 41 -13.10 -3.19 -80.04
C GLY V 41 -13.71 -1.97 -79.39
N GLU V 42 -13.21 -1.62 -78.21
CA GLU V 42 -13.62 -0.39 -77.50
C GLU V 42 -12.58 0.71 -77.76
N PRO V 43 -13.00 1.89 -78.26
CA PRO V 43 -12.08 2.99 -78.51
C PRO V 43 -11.25 3.33 -77.26
N GLN V 44 -9.96 3.52 -77.44
CA GLN V 44 -9.02 3.92 -76.34
C GLN V 44 -8.28 5.18 -76.77
N PRO V 45 -8.61 6.34 -76.19
CA PRO V 45 -7.84 7.56 -76.41
C PRO V 45 -6.35 7.39 -76.11
N TYR V 46 -5.51 7.93 -77.00
CA TYR V 46 -4.03 7.98 -76.86
C TYR V 46 -3.56 9.42 -76.94
N PRO V 47 -2.29 9.71 -76.60
CA PRO V 47 -1.78 11.07 -76.52
C PRO V 47 -1.95 11.85 -77.83
N THR V 48 -2.29 13.14 -77.75
CA THR V 48 -2.66 13.96 -78.92
C THR V 48 -1.41 14.40 -79.68
N LEU V 49 -1.54 14.54 -81.00
CA LEU V 49 -0.52 15.04 -81.94
C LEU V 49 -0.86 16.49 -82.30
N PRO V 50 0.02 17.48 -81.98
CA PRO V 50 -0.19 18.85 -82.41
C PRO V 50 -0.16 18.94 -83.93
N PRO V 51 -0.80 19.96 -84.53
CA PRO V 51 -0.80 20.09 -85.98
C PRO V 51 0.63 20.19 -86.50
N GLY V 52 0.92 19.52 -87.61
CA GLY V 52 2.22 19.62 -88.30
C GLY V 52 3.30 18.87 -87.56
N THR V 53 2.96 17.84 -86.77
CA THR V 53 3.96 17.07 -86.03
C THR V 53 3.92 15.63 -86.53
N GLY V 54 4.96 14.89 -86.21
CA GLY V 54 5.07 13.47 -86.57
C GLY V 54 5.73 12.73 -85.41
N ARG V 55 5.24 11.52 -85.15
CA ARG V 55 5.81 10.69 -84.07
C ARG V 55 6.06 9.28 -84.57
N ARG V 56 7.11 8.66 -84.10
CA ARG V 56 7.33 7.22 -84.34
C ARG V 56 6.70 6.57 -83.11
N ILE V 57 5.80 5.59 -83.33
CA ILE V 57 5.01 5.04 -82.21
C ILE V 57 5.13 3.51 -82.30
N HIS V 58 5.19 2.86 -81.15
CA HIS V 58 5.31 1.38 -81.12
C HIS V 58 3.89 0.81 -81.04
N SER V 59 3.40 0.26 -82.15
CA SER V 59 2.14 -0.51 -82.16
C SER V 59 2.46 -1.95 -82.53
N TYR V 60 1.45 -2.76 -82.83
CA TYR V 60 1.60 -4.17 -83.23
C TYR V 60 0.84 -4.44 -84.54
N ARG V 61 1.26 -5.46 -85.26
CA ARG V 61 0.63 -5.82 -86.54
C ARG V 61 -0.85 -6.18 -86.27
N GLY V 62 -1.74 -5.77 -87.15
CA GLY V 62 -3.17 -6.12 -87.06
C GLY V 62 -3.92 -5.21 -86.09
N HIS V 63 -3.21 -4.37 -85.33
CA HIS V 63 -3.84 -3.41 -84.41
C HIS V 63 -4.55 -2.35 -85.27
N LEU V 64 -5.79 -2.07 -84.94
CA LEU V 64 -6.64 -1.14 -85.75
C LEU V 64 -6.67 0.22 -85.04
N TRP V 65 -6.38 1.29 -85.77
CA TRP V 65 -6.39 2.68 -85.24
C TRP V 65 -7.42 3.55 -85.97
N LEU V 66 -7.66 4.73 -85.37
CA LEU V 66 -8.62 5.70 -85.90
C LEU V 66 -8.18 7.09 -85.44
N PHE V 67 -8.35 8.13 -86.22
CA PHE V 67 -7.88 9.49 -85.81
C PHE V 67 -9.01 10.51 -85.85
N ARG V 68 -8.96 11.50 -84.95
CA ARG V 68 -10.04 12.52 -84.80
C ARG V 68 -9.51 13.82 -84.19
N ASP V 69 -10.23 14.91 -84.46
CA ASP V 69 -9.97 16.25 -83.88
C ASP V 69 -10.17 16.16 -82.36
N ALA V 70 -9.09 16.20 -81.59
CA ALA V 70 -9.12 16.02 -80.12
C ALA V 70 -10.19 16.91 -79.49
N GLY V 71 -10.33 18.15 -79.97
CA GLY V 71 -11.37 19.10 -79.52
C GLY V 71 -12.77 18.66 -79.92
N THR V 72 -13.10 18.75 -81.20
CA THR V 72 -14.50 18.68 -81.70
C THR V 72 -14.97 17.23 -81.87
N HIS V 73 -14.05 16.27 -81.84
CA HIS V 73 -14.28 14.83 -82.15
C HIS V 73 -14.68 14.64 -83.62
N ASP V 74 -14.44 15.65 -84.46
CA ASP V 74 -14.62 15.61 -85.94
C ASP V 74 -13.81 14.46 -86.54
N GLY V 75 -14.34 13.87 -87.62
CA GLY V 75 -13.68 12.76 -88.35
C GLY V 75 -12.51 13.22 -89.19
N LEU V 76 -11.38 12.50 -89.08
CA LEU V 76 -10.18 12.73 -89.92
C LEU V 76 -9.96 11.49 -90.77
N LEU V 77 -8.91 11.54 -91.61
CA LEU V 77 -8.55 10.46 -92.56
C LEU V 77 -7.10 10.08 -92.34
N VAL V 78 -6.77 8.82 -92.60
CA VAL V 78 -5.37 8.32 -92.51
C VAL V 78 -5.09 7.52 -93.78
N ASN V 79 -4.17 8.03 -94.61
CA ASN V 79 -3.83 7.42 -95.93
C ASN V 79 -5.13 7.38 -96.74
N GLN V 80 -5.82 8.52 -96.76
CA GLN V 80 -7.05 8.79 -97.54
C GLN V 80 -8.16 7.78 -97.23
N THR V 81 -8.10 7.10 -96.10
CA THR V 81 -9.21 6.25 -95.62
C THR V 81 -9.48 6.53 -94.14
N GLU V 82 -10.43 5.81 -93.54
CA GLU V 82 -10.98 6.09 -92.20
C GLU V 82 -10.28 5.28 -91.12
N LEU V 83 -9.84 4.07 -91.44
CA LEU V 83 -9.13 3.19 -90.47
C LEU V 83 -7.70 2.97 -90.94
N PHE V 84 -6.78 2.83 -89.99
CA PHE V 84 -5.37 2.50 -90.26
C PHE V 84 -5.03 1.20 -89.52
N VAL V 85 -4.50 0.21 -90.23
CA VAL V 85 -4.05 -1.07 -89.63
C VAL V 85 -2.64 -1.34 -90.08
N PRO V 86 -1.62 -1.25 -89.20
CA PRO V 86 -0.25 -1.47 -89.63
C PRO V 86 -0.05 -2.92 -90.12
N SER V 87 0.55 -3.06 -91.29
CA SER V 87 1.04 -4.37 -91.78
C SER V 87 2.25 -4.75 -90.94
N LEU V 88 2.69 -6.01 -90.94
CA LEU V 88 3.99 -6.31 -90.29
C LEU V 88 5.02 -5.42 -90.97
N ASN V 89 5.96 -4.82 -90.26
CA ASN V 89 6.87 -3.86 -90.91
C ASN V 89 7.67 -4.58 -91.99
N VAL V 90 7.80 -4.01 -93.18
CA VAL V 90 8.49 -4.78 -94.23
C VAL V 90 9.96 -4.46 -94.09
N ASP V 91 10.75 -5.46 -93.74
CA ASP V 91 12.22 -5.35 -93.57
C ASP V 91 12.60 -4.23 -92.59
N GLY V 92 11.81 -4.01 -91.54
CA GLY V 92 12.16 -3.07 -90.46
C GLY V 92 11.91 -1.63 -90.87
N GLN V 93 11.46 -1.41 -92.09
CA GLN V 93 11.06 -0.07 -92.52
C GLN V 93 9.83 0.28 -91.69
N PRO V 94 9.73 1.49 -91.11
CA PRO V 94 8.53 1.87 -90.40
C PRO V 94 7.38 2.17 -91.37
N ILE V 95 6.17 1.78 -91.00
CA ILE V 95 4.95 2.07 -91.80
C ILE V 95 4.61 3.54 -91.53
N PHE V 96 3.88 4.19 -92.41
CA PHE V 96 3.58 5.65 -92.28
C PHE V 96 2.06 5.84 -92.30
N ALA V 97 1.56 6.54 -91.29
CA ALA V 97 0.14 6.92 -91.16
C ALA V 97 0.03 8.43 -91.38
N ASN V 98 -0.47 8.82 -92.55
CA ASN V 98 -0.59 10.24 -92.96
C ASN V 98 -2.01 10.71 -92.60
N ILE V 99 -2.13 11.55 -91.59
CA ILE V 99 -3.44 11.97 -91.03
C ILE V 99 -3.80 13.33 -91.63
N THR V 100 -4.98 13.43 -92.20
CA THR V 100 -5.37 14.54 -93.11
C THR V 100 -6.79 14.97 -92.77
N LEU V 101 -7.11 16.23 -93.01
CA LEU V 101 -8.53 16.66 -93.11
C LEU V 101 -9.15 15.88 -94.24
N PRO V 102 -10.42 15.47 -94.11
CA PRO V 102 -11.21 15.12 -95.28
C PRO V 102 -11.81 16.41 -95.86
N VAL V 103 -12.39 16.29 -97.05
CA VAL V 103 -13.12 17.43 -97.66
C VAL V 103 -14.53 17.38 -97.08
N TYR V 104 -14.78 18.10 -95.98
CA TYR V 104 -16.10 18.09 -95.32
C TYR V 104 -17.10 18.75 -96.28
N THR V 105 -18.35 18.28 -96.23
CA THR V 105 -19.53 18.96 -96.82
C THR V 105 -19.50 20.42 -96.35
N LEU V 106 -19.97 21.37 -97.16
CA LEU V 106 -20.05 22.79 -96.73
C LEU V 106 -20.92 22.87 -95.46
N LYS V 107 -22.02 22.13 -95.46
CA LYS V 107 -22.95 22.04 -94.31
C LYS V 107 -22.16 21.57 -93.09
N GLU V 108 -21.64 20.35 -93.12
CA GLU V 108 -20.93 19.75 -91.95
C GLU V 108 -19.86 20.75 -91.50
N ARG V 109 -19.17 21.38 -92.44
CA ARG V 109 -18.09 22.34 -92.10
C ARG V 109 -18.68 23.53 -91.36
N CYS V 110 -19.81 24.06 -91.82
CA CYS V 110 -20.51 25.20 -91.18
C CYS V 110 -20.90 24.80 -89.76
N LEU V 111 -21.56 23.66 -89.61
CA LEU V 111 -21.94 23.09 -88.29
C LEU V 111 -20.72 23.17 -87.39
N GLN V 112 -19.60 22.59 -87.82
CA GLN V 112 -18.32 22.61 -87.08
C GLN V 112 -18.05 24.02 -86.53
N VAL V 113 -18.19 25.04 -87.36
CA VAL V 113 -17.78 26.43 -87.00
C VAL V 113 -18.77 26.97 -85.98
N VAL V 114 -20.06 26.84 -86.28
CA VAL V 114 -21.18 27.31 -85.40
C VAL V 114 -21.01 26.62 -84.04
N ARG V 115 -20.96 25.30 -84.01
CA ARG V 115 -20.70 24.48 -82.81
C ARG V 115 -19.50 25.02 -82.03
N SER V 116 -18.46 25.52 -82.70
CA SER V 116 -17.21 25.98 -82.04
C SER V 116 -17.38 27.37 -81.44
N LEU V 117 -18.40 28.14 -81.88
CA LEU V 117 -18.60 29.56 -81.51
C LEU V 117 -19.72 29.70 -80.47
N VAL V 118 -20.75 28.84 -80.55
CA VAL V 118 -22.01 28.92 -79.76
C VAL V 118 -22.02 27.76 -78.75
N LYS V 119 -22.32 28.06 -77.49
CA LYS V 119 -22.42 27.04 -76.40
C LYS V 119 -23.66 26.20 -76.66
N PRO V 120 -23.63 24.87 -76.40
CA PRO V 120 -24.69 23.97 -76.86
C PRO V 120 -26.09 24.35 -76.36
N GLU V 121 -26.14 24.94 -75.16
CA GLU V 121 -27.39 25.43 -74.52
C GLU V 121 -27.95 26.64 -75.27
N ASN V 122 -27.18 27.25 -76.18
CA ASN V 122 -27.58 28.48 -76.93
C ASN V 122 -27.95 28.13 -78.37
N TYR V 123 -27.69 26.90 -78.82
CA TYR V 123 -28.14 26.43 -80.17
C TYR V 123 -29.61 26.85 -80.31
N ARG V 124 -30.36 26.82 -79.21
CA ARG V 124 -31.80 27.19 -79.12
C ARG V 124 -32.05 28.65 -79.52
N ARG V 125 -31.05 29.52 -79.43
CA ARG V 125 -31.21 30.99 -79.61
C ARG V 125 -31.01 31.39 -81.08
N LEU V 126 -30.42 30.50 -81.88
CA LEU V 126 -30.13 30.77 -83.32
C LEU V 126 -31.45 30.73 -84.09
N ASP V 127 -31.71 31.73 -84.93
CA ASP V 127 -32.97 31.86 -85.70
C ASP V 127 -32.86 30.95 -86.93
N ILE V 128 -32.79 29.64 -86.69
CA ILE V 128 -32.58 28.64 -87.76
C ILE V 128 -33.71 27.60 -87.67
N VAL V 129 -33.80 26.76 -88.69
CA VAL V 129 -34.84 25.69 -88.75
C VAL V 129 -34.55 24.64 -87.65
N ARG V 130 -35.58 23.94 -87.21
CA ARG V 130 -35.43 22.92 -86.15
C ARG V 130 -34.50 21.83 -86.64
N SER V 131 -34.59 21.47 -87.91
CA SER V 131 -33.76 20.37 -88.46
C SER V 131 -32.29 20.75 -88.24
N LEU V 132 -31.95 22.00 -88.52
CA LEU V 132 -30.54 22.45 -88.35
C LEU V 132 -30.18 22.35 -86.87
N TYR V 133 -31.10 22.72 -86.00
CA TYR V 133 -30.88 22.66 -84.53
C TYR V 133 -30.52 21.20 -84.20
N GLU V 134 -31.27 20.24 -84.70
CA GLU V 134 -30.98 18.81 -84.44
C GLU V 134 -29.58 18.46 -84.96
N ASP V 135 -29.26 18.90 -86.17
CA ASP V 135 -27.93 18.63 -86.82
C ASP V 135 -26.80 19.19 -85.94
N LEU V 136 -26.96 20.41 -85.43
CA LEU V 136 -25.96 21.04 -84.54
C LEU V 136 -25.85 20.16 -83.29
N GLU V 137 -26.95 19.68 -82.77
CA GLU V 137 -26.99 18.88 -81.50
C GLU V 137 -26.29 17.54 -81.75
N ASP V 138 -26.43 16.94 -82.95
CA ASP V 138 -25.74 15.68 -83.26
C ASP V 138 -24.24 15.91 -83.40
N HIS V 139 -23.53 16.09 -82.30
CA HIS V 139 -22.07 16.28 -82.32
C HIS V 139 -21.45 15.00 -82.84
N PRO V 140 -20.35 15.08 -83.63
CA PRO V 140 -19.65 13.88 -84.08
C PRO V 140 -19.22 13.05 -82.87
N ASN V 141 -19.02 11.75 -83.06
CA ASN V 141 -18.78 10.80 -81.95
C ASN V 141 -18.17 9.50 -82.51
N VAL V 142 -17.04 9.09 -81.94
CA VAL V 142 -16.26 7.87 -82.32
C VAL V 142 -17.21 6.67 -82.35
N GLN V 143 -18.04 6.49 -81.30
CA GLN V 143 -18.85 5.26 -81.11
C GLN V 143 -19.92 5.20 -82.20
N LYS V 144 -20.67 6.28 -82.41
CA LYS V 144 -21.70 6.35 -83.47
C LYS V 144 -21.08 5.96 -84.80
N ASP V 145 -19.89 6.50 -85.11
CA ASP V 145 -19.17 6.29 -86.38
C ASP V 145 -18.74 4.82 -86.47
N LEU V 146 -18.28 4.24 -85.35
CA LEU V 146 -17.85 2.82 -85.31
C LEU V 146 -19.03 1.92 -85.64
N GLU V 147 -20.20 2.20 -85.06
CA GLU V 147 -21.45 1.42 -85.27
C GLU V 147 -21.77 1.44 -86.77
N ARG V 148 -21.75 2.63 -87.38
CA ARG V 148 -22.02 2.82 -88.82
C ARG V 148 -21.04 1.99 -89.65
N LEU V 149 -19.74 2.05 -89.32
CA LEU V 149 -18.66 1.36 -90.09
C LEU V 149 -18.87 -0.16 -90.05
N THR V 150 -19.38 -0.69 -88.92
CA THR V 150 -19.68 -2.12 -88.75
C THR V 150 -20.78 -2.53 -89.74
N GLN V 151 -21.89 -1.79 -89.76
CA GLN V 151 -23.08 -2.09 -90.61
C GLN V 151 -22.67 -1.98 -92.08
N GLU V 152 -21.67 -1.16 -92.39
CA GLU V 152 -21.12 -0.96 -93.77
C GLU V 152 -20.23 -2.16 -94.14
N ARG V 153 -19.77 -2.93 -93.16
CA ARG V 153 -18.91 -4.12 -93.36
C ARG V 153 -19.76 -5.39 -93.32
N ILE V 154 -20.90 -5.37 -92.63
CA ILE V 154 -21.90 -6.48 -92.57
C ILE V 154 -22.76 -6.41 -93.83
N ALA V 155 -22.74 -5.27 -94.54
CA ALA V 155 -23.50 -5.05 -95.80
C ALA V 155 -22.70 -5.53 -97.02
N HIS V 156 -21.47 -6.01 -96.81
CA HIS V 156 -20.48 -6.39 -97.84
C HIS V 156 -20.56 -7.90 -98.11
N GLN V 157 -21.76 -8.50 -97.97
CA GLN V 157 -22.02 -9.96 -98.08
C GLN V 157 -22.52 -10.30 -99.49
N MET W 1 -18.52 24.52 -120.31
CA MET W 1 -19.54 25.56 -120.05
C MET W 1 -19.27 26.26 -118.70
N TYR W 2 -19.82 27.46 -118.55
CA TYR W 2 -19.94 28.22 -117.29
C TYR W 2 -21.43 28.40 -116.94
N VAL W 3 -21.72 28.80 -115.70
CA VAL W 3 -23.11 28.94 -115.16
C VAL W 3 -23.17 30.21 -114.29
N LYS W 4 -24.35 30.82 -114.26
CA LYS W 4 -24.58 32.15 -113.63
C LYS W 4 -25.47 31.98 -112.42
N LEU W 5 -24.92 32.23 -111.22
CA LEU W 5 -25.68 32.21 -109.95
C LEU W 5 -25.90 33.67 -109.55
N ILE W 6 -27.14 34.07 -109.25
CA ILE W 6 -27.53 35.48 -108.97
C ILE W 6 -28.06 35.60 -107.55
N SER W 7 -27.42 36.44 -106.73
CA SER W 7 -27.75 36.65 -105.31
C SER W 7 -28.99 37.55 -105.19
N SER W 8 -29.58 37.59 -104.00
CA SER W 8 -30.77 38.40 -103.64
C SER W 8 -30.55 39.86 -104.05
N ASP W 9 -29.42 40.44 -103.62
CA ASP W 9 -29.10 41.88 -103.90
C ASP W 9 -28.87 42.04 -105.40
N GLY W 10 -28.61 40.94 -106.12
CA GLY W 10 -28.54 40.98 -107.59
C GLY W 10 -27.12 40.96 -108.13
N HIS W 11 -26.13 40.50 -107.36
CA HIS W 11 -24.77 40.21 -107.89
C HIS W 11 -24.88 38.99 -108.80
N GLU W 12 -24.09 38.97 -109.87
CA GLU W 12 -23.98 37.81 -110.79
C GLU W 12 -22.66 37.11 -110.49
N PHE W 13 -22.68 35.79 -110.35
CA PHE W 13 -21.49 34.95 -110.12
C PHE W 13 -21.39 33.95 -111.27
N ILE W 14 -20.36 34.09 -112.10
CA ILE W 14 -20.07 33.14 -113.22
C ILE W 14 -19.07 32.12 -112.70
N VAL W 15 -19.50 30.85 -112.57
CA VAL W 15 -18.64 29.72 -112.09
C VAL W 15 -18.80 28.57 -113.09
N LYS W 16 -17.79 27.71 -113.23
CA LYS W 16 -17.87 26.51 -114.12
C LYS W 16 -19.12 25.72 -113.74
N ARG W 17 -19.78 25.09 -114.71
CA ARG W 17 -21.02 24.31 -114.52
C ARG W 17 -20.75 23.20 -113.51
N GLU W 18 -19.65 22.46 -113.71
CA GLU W 18 -19.26 21.29 -112.88
C GLU W 18 -19.10 21.74 -111.43
N HIS W 19 -18.50 22.92 -111.21
CA HIS W 19 -18.29 23.52 -109.87
C HIS W 19 -19.64 23.70 -109.19
N ALA W 20 -20.62 24.26 -109.90
CA ALA W 20 -21.97 24.55 -109.37
C ALA W 20 -22.68 23.24 -109.00
N LEU W 21 -22.58 22.22 -109.86
CA LEU W 21 -23.31 20.94 -109.72
C LEU W 21 -22.96 20.26 -108.38
N THR W 22 -21.91 20.70 -107.71
CA THR W 22 -21.52 20.18 -106.36
C THR W 22 -22.74 20.37 -105.45
N SER W 23 -23.69 21.20 -105.84
CA SER W 23 -24.88 21.48 -105.01
C SER W 23 -26.02 20.63 -105.58
N GLY W 24 -26.59 19.72 -104.80
CA GLY W 24 -27.67 18.85 -105.33
C GLY W 24 -28.84 19.71 -105.80
N THR W 25 -29.15 20.73 -105.01
CA THR W 25 -30.33 21.59 -105.29
C THR W 25 -30.09 22.31 -106.61
N ILE W 26 -28.87 22.77 -106.87
CA ILE W 26 -28.55 23.46 -108.16
C ILE W 26 -28.65 22.39 -109.27
N LYS W 27 -28.02 21.23 -109.06
CA LYS W 27 -28.04 20.10 -110.01
C LYS W 27 -29.49 19.86 -110.47
N ALA W 28 -30.42 19.82 -109.50
CA ALA W 28 -31.87 19.59 -109.73
C ALA W 28 -32.43 20.70 -110.62
N MET W 29 -32.20 21.95 -110.23
CA MET W 29 -32.75 23.15 -110.89
C MET W 29 -32.23 23.29 -112.32
N LEU W 30 -30.99 22.88 -112.58
CA LEU W 30 -30.34 23.01 -113.92
C LEU W 30 -30.71 21.81 -114.79
N SER W 31 -30.67 20.60 -114.22
CA SER W 31 -30.99 19.36 -114.96
C SER W 31 -32.52 19.23 -115.13
N GLU W 40 -31.10 22.22 -120.47
CA GLU W 40 -30.82 22.89 -119.17
C GLU W 40 -30.58 24.38 -119.39
N THR W 41 -30.82 25.20 -118.35
CA THR W 41 -30.55 26.66 -118.32
C THR W 41 -29.07 26.91 -117.95
N ASN W 42 -28.65 28.16 -117.95
CA ASN W 42 -27.33 28.64 -117.45
C ASN W 42 -27.55 29.51 -116.19
N GLU W 43 -28.69 30.16 -116.03
CA GLU W 43 -28.95 31.09 -114.90
C GLU W 43 -29.74 30.39 -113.80
N VAL W 44 -29.47 30.71 -112.54
CA VAL W 44 -30.33 30.37 -111.37
C VAL W 44 -30.30 31.54 -110.40
N ASN W 45 -31.47 31.88 -109.84
CA ASN W 45 -31.70 33.06 -108.98
C ASN W 45 -31.99 32.58 -107.55
N PHE W 46 -31.25 33.12 -106.58
CA PHE W 46 -31.46 32.83 -105.14
C PHE W 46 -31.99 34.09 -104.45
N ARG W 47 -33.30 34.13 -104.24
CA ARG W 47 -34.02 35.34 -103.75
C ARG W 47 -33.66 35.58 -102.28
N GLU W 48 -33.22 34.55 -101.54
CA GLU W 48 -33.04 34.63 -100.08
C GLU W 48 -31.55 34.51 -99.70
N ILE W 49 -30.64 34.42 -100.67
CA ILE W 49 -29.18 34.31 -100.41
C ILE W 49 -28.50 35.62 -100.81
N PRO W 50 -27.92 36.37 -99.85
CA PRO W 50 -27.17 37.58 -100.18
C PRO W 50 -25.82 37.27 -100.84
N SER W 51 -25.16 38.26 -101.44
CA SER W 51 -23.88 38.10 -102.17
C SER W 51 -22.77 37.63 -101.22
N HIS W 52 -22.57 38.26 -100.08
CA HIS W 52 -21.41 37.95 -99.21
C HIS W 52 -21.47 36.46 -98.87
N VAL W 53 -22.66 35.86 -98.98
CA VAL W 53 -22.86 34.41 -98.68
C VAL W 53 -22.64 33.64 -99.98
N LEU W 54 -23.38 33.96 -101.05
CA LEU W 54 -23.32 33.18 -102.32
C LEU W 54 -21.90 33.23 -102.88
N SER W 55 -21.19 34.35 -102.70
CA SER W 55 -19.75 34.50 -103.05
C SER W 55 -18.97 33.36 -102.39
N LYS W 56 -19.12 33.20 -101.07
CA LYS W 56 -18.39 32.17 -100.30
C LYS W 56 -18.87 30.77 -100.69
N VAL W 57 -20.15 30.60 -101.02
CA VAL W 57 -20.67 29.28 -101.46
C VAL W 57 -19.89 28.85 -102.69
N CYS W 58 -19.63 29.77 -103.62
CA CYS W 58 -18.83 29.52 -104.86
C CYS W 58 -17.41 29.11 -104.45
N MET W 59 -16.76 29.95 -103.63
CA MET W 59 -15.41 29.66 -103.10
C MET W 59 -15.34 28.21 -102.60
N TYR W 60 -16.41 27.70 -101.98
CA TYR W 60 -16.44 26.29 -101.52
C TYR W 60 -16.40 25.40 -102.75
N PHE W 61 -17.24 25.64 -103.76
CA PHE W 61 -17.25 24.83 -105.02
C PHE W 61 -15.81 24.72 -105.54
N THR W 62 -15.13 25.86 -105.70
CA THR W 62 -13.70 25.96 -106.11
C THR W 62 -12.88 24.98 -105.27
N TYR W 63 -12.95 25.12 -103.94
CA TYR W 63 -12.25 24.29 -102.91
C TYR W 63 -12.59 22.81 -103.10
N LYS W 64 -13.88 22.45 -103.03
CA LYS W 64 -14.32 21.04 -103.07
C LYS W 64 -13.79 20.40 -104.35
N VAL W 65 -14.03 21.04 -105.49
CA VAL W 65 -13.64 20.48 -106.83
C VAL W 65 -12.14 20.23 -106.80
N ARG W 66 -11.38 21.20 -106.32
CA ARG W 66 -9.90 21.18 -106.39
C ARG W 66 -9.33 20.09 -105.47
N TYR W 67 -9.79 20.00 -104.23
CA TYR W 67 -9.10 19.25 -103.16
C TYR W 67 -9.75 17.88 -102.93
N THR W 68 -10.92 17.58 -103.48
CA THR W 68 -11.41 16.17 -103.57
C THR W 68 -10.39 15.41 -104.39
N ASN W 69 -9.96 14.23 -103.95
CA ASN W 69 -8.96 13.38 -104.64
C ASN W 69 -7.56 14.02 -104.60
N SER W 70 -7.27 14.93 -103.71
CA SER W 70 -5.89 15.33 -103.30
C SER W 70 -5.33 14.35 -102.24
N SER W 71 -4.10 13.88 -102.41
CA SER W 71 -3.55 12.72 -101.68
C SER W 71 -3.04 13.07 -100.26
N THR W 72 -2.13 14.05 -100.12
CA THR W 72 -1.15 14.15 -98.99
C THR W 72 -1.50 15.29 -98.04
N GLU W 73 -2.06 16.42 -98.51
CA GLU W 73 -2.50 17.51 -97.61
C GLU W 73 -3.70 18.26 -98.23
N ILE W 74 -4.76 18.39 -97.46
CA ILE W 74 -5.91 19.32 -97.74
C ILE W 74 -5.87 20.39 -96.65
N PRO W 75 -6.13 21.66 -97.01
CA PRO W 75 -6.19 22.75 -96.02
C PRO W 75 -7.63 23.00 -95.54
N GLU W 76 -7.76 23.57 -94.33
CA GLU W 76 -9.06 23.91 -93.70
C GLU W 76 -9.80 24.88 -94.60
N PHE W 77 -11.10 24.63 -94.88
CA PHE W 77 -11.96 25.61 -95.58
C PHE W 77 -12.41 26.65 -94.55
N PRO W 78 -11.87 27.89 -94.58
CA PRO W 78 -12.10 28.84 -93.50
C PRO W 78 -13.50 29.43 -93.63
N ILE W 79 -14.15 29.70 -92.50
CA ILE W 79 -15.48 30.38 -92.43
C ILE W 79 -15.41 31.38 -91.27
N ALA W 80 -15.50 32.67 -91.57
CA ALA W 80 -15.46 33.74 -90.56
C ALA W 80 -16.75 33.68 -89.73
N PRO W 81 -16.68 33.98 -88.42
CA PRO W 81 -17.87 33.95 -87.56
C PRO W 81 -19.08 34.66 -88.15
N GLU W 82 -18.89 35.87 -88.65
CA GLU W 82 -20.00 36.77 -89.10
C GLU W 82 -20.74 36.06 -90.25
N ILE W 83 -20.00 35.40 -91.14
CA ILE W 83 -20.68 34.70 -92.28
C ILE W 83 -21.35 33.40 -91.85
N ALA W 84 -20.91 32.71 -90.80
CA ALA W 84 -21.17 31.28 -90.55
C ALA W 84 -22.69 31.01 -90.44
N LEU W 85 -23.45 31.77 -89.64
CA LEU W 85 -24.85 31.42 -89.43
C LEU W 85 -25.55 31.44 -90.78
N GLU W 86 -25.37 32.48 -91.56
CA GLU W 86 -26.05 32.66 -92.87
C GLU W 86 -25.61 31.54 -93.82
N LEU W 87 -24.33 31.19 -93.78
CA LEU W 87 -23.72 30.22 -94.72
C LEU W 87 -24.30 28.85 -94.38
N LEU W 88 -24.35 28.47 -93.09
CA LEU W 88 -24.95 27.19 -92.63
C LEU W 88 -26.35 27.09 -93.26
N MET W 89 -27.13 28.16 -93.17
CA MET W 89 -28.49 28.21 -93.71
C MET W 89 -28.39 27.92 -95.22
N ALA W 90 -27.64 28.78 -95.94
CA ALA W 90 -27.45 28.67 -97.41
C ALA W 90 -26.96 27.26 -97.75
N ALA W 91 -25.95 26.77 -97.05
CA ALA W 91 -25.37 25.44 -97.24
C ALA W 91 -26.48 24.38 -97.24
N ASN W 92 -27.34 24.41 -96.22
CA ASN W 92 -28.39 23.38 -96.05
C ASN W 92 -29.37 23.49 -97.23
N PHE W 93 -29.76 24.71 -97.60
CA PHE W 93 -30.70 24.93 -98.72
C PHE W 93 -30.08 24.33 -100.00
N LEU W 94 -28.81 24.60 -100.20
CA LEU W 94 -28.07 24.16 -101.42
C LEU W 94 -27.83 22.66 -101.46
N ASP W 95 -27.62 22.01 -100.30
CA ASP W 95 -27.32 20.56 -100.26
C ASP W 95 -25.83 20.36 -100.62
N CYS W 96 -25.08 21.45 -100.66
CA CYS W 96 -23.62 21.41 -100.93
C CYS W 96 -22.94 20.86 -99.69
N MET X 1 2.49 27.52 -109.09
CA MET X 1 1.75 26.69 -110.06
C MET X 1 0.46 27.38 -110.50
N ASP X 2 -0.67 27.05 -109.88
CA ASP X 2 -2.02 27.55 -110.28
C ASP X 2 -2.41 28.70 -109.35
N VAL X 3 -3.20 29.64 -109.88
CA VAL X 3 -3.77 30.79 -109.13
C VAL X 3 -5.28 30.75 -109.31
N PHE X 4 -6.01 31.02 -108.24
CA PHE X 4 -7.50 31.07 -108.21
C PHE X 4 -7.94 32.53 -108.08
N LEU X 5 -8.86 32.93 -108.95
CA LEU X 5 -9.15 34.35 -109.23
C LEU X 5 -10.64 34.62 -109.15
N MET X 6 -10.99 35.83 -108.74
CA MET X 6 -12.29 36.47 -109.02
C MET X 6 -12.04 37.67 -109.93
N ILE X 7 -12.47 37.58 -111.18
CA ILE X 7 -12.44 38.70 -112.14
C ILE X 7 -13.79 39.43 -111.99
N ARG X 8 -13.75 40.66 -111.50
CA ARG X 8 -14.98 41.39 -111.11
C ARG X 8 -15.06 42.76 -111.78
N ARG X 9 -16.19 43.02 -112.42
CA ARG X 9 -16.50 44.33 -112.97
C ARG X 9 -17.90 44.60 -112.47
N HIS X 10 -18.13 45.73 -111.83
CA HIS X 10 -19.48 46.12 -111.37
C HIS X 10 -20.09 45.01 -110.52
N LYS X 11 -21.27 44.56 -110.90
CA LYS X 11 -21.98 43.51 -110.16
C LYS X 11 -21.76 42.15 -110.80
N THR X 12 -20.79 42.04 -111.70
CA THR X 12 -20.43 40.76 -112.30
C THR X 12 -19.17 40.23 -111.63
N THR X 13 -19.14 38.93 -111.36
CA THR X 13 -18.02 38.23 -110.70
C THR X 13 -17.81 36.88 -111.38
N ILE X 14 -16.67 36.71 -112.03
CA ILE X 14 -16.28 35.44 -112.71
C ILE X 14 -15.26 34.73 -111.81
N PHE X 15 -15.57 33.47 -111.46
CA PHE X 15 -14.67 32.57 -110.70
C PHE X 15 -13.94 31.66 -111.69
N THR X 16 -12.62 31.74 -111.75
CA THR X 16 -11.79 30.89 -112.63
C THR X 16 -10.36 30.80 -112.11
N ASP X 17 -9.63 29.81 -112.61
CA ASP X 17 -8.22 29.54 -112.28
C ASP X 17 -7.41 29.82 -113.55
N ALA X 18 -6.10 29.90 -113.41
CA ALA X 18 -5.12 30.19 -114.48
C ALA X 18 -3.74 29.90 -113.92
N LYS X 19 -2.75 29.70 -114.78
CA LYS X 19 -1.37 29.39 -114.33
C LYS X 19 -0.68 30.70 -113.99
N GLU X 20 0.23 30.67 -113.03
CA GLU X 20 1.20 31.77 -112.75
C GLU X 20 1.86 32.17 -114.07
N SER X 21 2.20 31.18 -114.91
CA SER X 21 2.96 31.33 -116.18
C SER X 21 2.07 31.89 -117.30
N SER X 22 0.76 31.68 -117.24
CA SER X 22 -0.24 32.26 -118.18
C SER X 22 -0.19 33.79 -118.13
N THR X 23 -0.72 34.46 -119.15
CA THR X 23 -0.53 35.93 -119.38
C THR X 23 -1.84 36.68 -119.22
N VAL X 24 -1.74 37.97 -118.88
CA VAL X 24 -2.88 38.91 -118.73
C VAL X 24 -3.74 38.85 -119.99
N PHE X 25 -3.12 38.69 -121.17
CA PHE X 25 -3.86 38.62 -122.45
C PHE X 25 -4.74 37.38 -122.46
N GLU X 26 -4.17 36.21 -122.15
CA GLU X 26 -4.91 34.92 -122.13
C GLU X 26 -6.15 35.06 -121.24
N LEU X 27 -6.02 35.81 -120.14
CA LEU X 27 -7.10 36.04 -119.15
C LEU X 27 -8.20 36.87 -119.81
N LYS X 28 -7.83 37.94 -120.53
CA LYS X 28 -8.78 38.80 -121.28
C LYS X 28 -9.58 37.94 -122.25
N ARG X 29 -8.93 36.95 -122.87
CA ARG X 29 -9.57 36.04 -123.86
C ARG X 29 -10.60 35.17 -123.15
N ILE X 30 -10.30 34.70 -121.95
CA ILE X 30 -11.26 33.90 -121.13
C ILE X 30 -12.50 34.75 -120.86
N VAL X 31 -12.30 36.02 -120.49
CA VAL X 31 -13.38 37.02 -120.21
C VAL X 31 -14.18 37.23 -121.51
N GLU X 32 -13.49 37.39 -122.63
CA GLU X 32 -14.12 37.50 -123.98
C GLU X 32 -15.08 36.34 -124.17
N GLY X 33 -14.61 35.12 -123.91
CA GLY X 33 -15.40 33.87 -124.02
C GLY X 33 -16.69 33.92 -123.24
N ILE X 34 -16.72 34.65 -122.12
CA ILE X 34 -17.86 34.65 -121.15
C ILE X 34 -18.75 35.88 -121.40
N LEU X 35 -18.15 37.07 -121.43
CA LEU X 35 -18.86 38.37 -121.47
C LEU X 35 -18.92 38.91 -122.92
N LYS X 36 -18.38 38.20 -123.90
CA LYS X 36 -18.51 38.50 -125.34
C LYS X 36 -17.98 39.89 -125.65
N ARG X 37 -16.78 40.23 -125.19
CA ARG X 37 -16.13 41.53 -125.46
C ARG X 37 -14.63 41.33 -125.61
N PRO X 38 -14.05 41.68 -126.79
CA PRO X 38 -12.64 41.36 -127.08
C PRO X 38 -11.60 41.98 -126.17
N PRO X 39 -10.37 41.41 -126.12
CA PRO X 39 -9.29 41.91 -125.26
C PRO X 39 -8.91 43.39 -125.45
N ASP X 40 -9.20 43.96 -126.63
CA ASP X 40 -8.90 45.39 -126.92
C ASP X 40 -10.02 46.29 -126.38
N GLU X 41 -11.12 45.73 -125.85
CA GLU X 41 -12.21 46.50 -125.21
C GLU X 41 -12.14 46.33 -123.69
N GLN X 42 -11.16 45.55 -123.20
CA GLN X 42 -11.05 45.28 -121.73
C GLN X 42 -9.71 45.83 -121.19
N ARG X 43 -9.77 46.29 -119.94
CA ARG X 43 -8.60 46.60 -119.09
C ARG X 43 -8.70 45.77 -117.81
N LEU X 44 -7.63 45.06 -117.45
CA LEU X 44 -7.59 44.21 -116.22
C LEU X 44 -6.65 44.85 -115.20
N TYR X 45 -7.14 45.03 -113.97
CA TYR X 45 -6.38 45.65 -112.87
C TYR X 45 -6.15 44.64 -111.76
N LYS X 46 -5.01 44.75 -111.09
CA LYS X 46 -4.73 44.08 -109.84
C LYS X 46 -4.73 45.27 -108.92
N ASP X 47 -5.65 45.32 -107.98
CA ASP X 47 -5.88 46.51 -107.14
C ASP X 47 -6.08 47.69 -108.08
N ASP X 48 -5.29 48.74 -107.93
CA ASP X 48 -5.47 49.93 -108.78
C ASP X 48 -4.47 50.03 -109.92
N GLN X 49 -3.61 49.03 -110.14
CA GLN X 49 -2.60 49.10 -111.20
C GLN X 49 -3.05 48.36 -112.47
N LEU X 50 -2.87 49.00 -113.63
CA LEU X 50 -3.25 48.40 -114.92
C LEU X 50 -2.24 47.31 -115.27
N LEU X 51 -2.71 46.21 -115.84
CA LEU X 51 -1.87 45.01 -116.13
C LEU X 51 -1.64 44.96 -117.64
N ASP X 52 -0.37 44.90 -118.06
CA ASP X 52 0.05 44.83 -119.49
C ASP X 52 -0.29 43.44 -120.04
N ASP X 53 -0.90 43.37 -121.21
CA ASP X 53 -1.36 42.12 -121.87
C ASP X 53 -0.21 41.11 -121.94
N GLY X 54 1.05 41.58 -121.99
CA GLY X 54 2.22 40.72 -122.29
C GLY X 54 2.84 40.07 -121.07
N LYS X 55 2.57 40.61 -119.87
CA LYS X 55 3.12 40.10 -118.60
C LYS X 55 2.39 38.82 -118.18
N THR X 56 3.11 37.91 -117.52
CA THR X 56 2.53 36.70 -116.85
C THR X 56 1.87 37.15 -115.55
N LEU X 57 0.73 36.57 -115.20
CA LEU X 57 0.05 36.77 -113.87
C LEU X 57 1.10 36.77 -112.74
N GLY X 58 2.08 35.87 -112.81
CA GLY X 58 3.21 35.79 -111.87
C GLY X 58 3.88 37.15 -111.72
N GLU X 59 4.27 37.74 -112.85
CA GLU X 59 5.01 39.03 -112.93
C GLU X 59 4.12 40.18 -112.43
N CYS X 60 2.80 40.07 -112.62
CA CYS X 60 1.79 41.07 -112.16
C CYS X 60 1.71 41.08 -110.63
N GLY X 61 2.01 39.95 -109.97
CA GLY X 61 2.04 39.83 -108.50
C GLY X 61 1.22 38.66 -107.98
N PHE X 62 0.34 38.07 -108.79
CA PHE X 62 -0.51 36.92 -108.40
C PHE X 62 0.37 35.68 -108.17
N THR X 63 0.22 35.05 -106.99
CA THR X 63 0.96 33.82 -106.62
C THR X 63 -0.04 32.79 -106.08
N SER X 64 0.32 31.51 -106.09
CA SER X 64 -0.52 30.40 -105.57
C SER X 64 -0.85 30.64 -104.09
N GLN X 65 0.07 31.26 -103.34
CA GLN X 65 -0.01 31.37 -101.86
C GLN X 65 -0.92 32.55 -101.48
N THR X 66 -1.30 33.41 -102.44
CA THR X 66 -2.22 34.55 -102.22
C THR X 66 -3.47 34.45 -103.11
N ALA X 67 -3.54 33.43 -103.96
CA ALA X 67 -4.66 33.16 -104.87
C ALA X 67 -5.11 31.71 -104.69
N ARG X 68 -5.46 31.34 -103.45
CA ARG X 68 -5.89 29.95 -103.10
C ARG X 68 -7.37 29.81 -103.42
N PRO X 69 -7.87 28.58 -103.66
CA PRO X 69 -9.24 28.37 -104.14
C PRO X 69 -10.35 28.99 -103.26
N GLN X 70 -10.12 28.99 -101.95
CA GLN X 70 -11.08 29.47 -100.92
C GLN X 70 -10.79 30.93 -100.53
N ALA X 71 -9.70 31.50 -101.03
CA ALA X 71 -9.33 32.93 -100.87
C ALA X 71 -8.85 33.47 -102.20
N PRO X 72 -9.72 33.45 -103.24
CA PRO X 72 -9.29 33.83 -104.58
C PRO X 72 -8.82 35.29 -104.59
N ALA X 73 -7.77 35.58 -105.33
CA ALA X 73 -7.27 36.95 -105.62
C ALA X 73 -8.26 37.62 -106.57
N THR X 74 -8.49 38.92 -106.40
CA THR X 74 -9.48 39.70 -107.18
C THR X 74 -8.77 40.48 -108.29
N VAL X 75 -9.05 40.18 -109.56
CA VAL X 75 -8.64 40.98 -110.75
C VAL X 75 -9.80 41.88 -111.14
N GLY X 76 -9.60 43.19 -111.15
CA GLY X 76 -10.63 44.19 -111.54
C GLY X 76 -10.73 44.30 -113.06
N LEU X 77 -11.94 44.53 -113.57
CA LEU X 77 -12.22 44.58 -115.03
C LEU X 77 -12.91 45.91 -115.38
N ALA X 78 -12.51 46.50 -116.50
CA ALA X 78 -13.11 47.72 -117.06
C ALA X 78 -13.32 47.52 -118.56
N PHE X 79 -14.49 47.95 -119.06
CA PHE X 79 -14.85 47.86 -120.50
C PHE X 79 -14.73 49.24 -121.15
N ARG X 80 -14.65 49.26 -122.46
CA ARG X 80 -14.44 50.51 -123.22
C ARG X 80 -15.72 50.91 -123.92
N ALA X 81 -16.11 52.16 -123.78
CA ALA X 81 -17.22 52.70 -124.58
C ALA X 81 -16.57 53.63 -125.57
N ASP X 82 -16.52 53.24 -126.83
CA ASP X 82 -16.01 54.13 -127.90
C ASP X 82 -14.58 54.61 -127.60
N ASP X 83 -14.36 55.91 -127.53
CA ASP X 83 -13.03 56.49 -127.30
C ASP X 83 -12.43 56.24 -125.91
N THR X 84 -13.24 56.17 -124.86
CA THR X 84 -12.69 56.07 -123.49
C THR X 84 -13.17 54.86 -122.68
N PHE X 85 -12.31 54.37 -121.79
CA PHE X 85 -12.64 53.29 -120.85
C PHE X 85 -13.43 53.85 -119.67
N GLU X 86 -14.41 53.10 -119.20
CA GLU X 86 -15.08 53.38 -117.90
C GLU X 86 -14.02 53.30 -116.79
N ALA X 87 -14.27 53.96 -115.67
CA ALA X 87 -13.47 53.81 -114.43
C ALA X 87 -13.62 52.37 -113.94
N LEU X 88 -12.59 51.82 -113.32
CA LEU X 88 -12.67 50.50 -112.62
C LEU X 88 -13.64 50.68 -111.46
N CYS X 89 -14.78 49.99 -111.51
CA CYS X 89 -15.83 50.05 -110.48
C CYS X 89 -16.25 48.62 -110.10
N ILE X 90 -15.97 48.21 -108.86
CA ILE X 90 -16.35 46.87 -108.33
C ILE X 90 -17.34 47.06 -107.17
N GLU X 91 -18.63 46.98 -107.47
CA GLU X 91 -19.74 47.20 -106.50
C GLU X 91 -19.61 46.15 -105.39
N PRO X 92 -19.49 46.59 -104.13
CA PRO X 92 -19.21 45.66 -103.04
C PRO X 92 -20.34 44.66 -102.73
N PHE X 93 -19.95 43.51 -102.19
CA PHE X 93 -20.89 42.44 -101.77
C PHE X 93 -21.65 42.88 -100.51
N SER X 94 -22.81 42.26 -100.28
CA SER X 94 -23.69 42.62 -99.13
C SER X 94 -22.96 42.45 -97.78
N SER X 95 -23.19 43.34 -96.82
CA SER X 95 -22.62 43.23 -95.46
C SER X 95 -23.30 42.12 -94.67
N PRO X 96 -22.55 41.43 -93.77
CA PRO X 96 -23.13 40.48 -92.84
C PRO X 96 -23.61 41.22 -91.59
N PRO X 97 -24.65 40.72 -90.90
CA PRO X 97 -25.16 41.36 -89.69
C PRO X 97 -24.09 41.38 -88.60
N GLU X 98 -24.12 42.40 -87.74
CA GLU X 98 -23.19 42.55 -86.58
C GLU X 98 -23.09 41.20 -85.87
N LEU X 99 -21.90 40.81 -85.42
CA LEU X 99 -21.65 39.45 -84.86
C LEU X 99 -22.55 39.25 -83.65
N PRO X 100 -23.48 38.27 -83.65
CA PRO X 100 -24.38 38.03 -82.52
C PRO X 100 -23.62 37.82 -81.22
N ASP X 101 -24.14 38.29 -80.08
CA ASP X 101 -23.42 38.19 -78.78
C ASP X 101 -23.20 36.71 -78.45
N VAL X 102 -23.98 35.80 -79.03
CA VAL X 102 -23.84 34.34 -78.71
C VAL X 102 -22.46 33.85 -79.17
N MET X 103 -21.93 34.37 -80.27
CA MET X 103 -20.65 33.92 -80.88
C MET X 103 -19.44 34.67 -80.31
N LYS X 104 -19.60 35.58 -79.35
CA LYS X 104 -18.48 36.27 -78.68
C LYS X 104 -18.04 35.45 -77.46
N LEU Y 12 1.83 -48.11 95.95
CA LEU Y 12 2.38 -46.94 95.20
C LEU Y 12 1.55 -45.68 95.51
N THR Y 13 0.22 -45.78 95.54
CA THR Y 13 -0.72 -44.65 95.84
C THR Y 13 -0.49 -44.12 97.25
N LYS Y 14 -0.22 -44.99 98.23
CA LYS Y 14 0.07 -44.63 99.65
C LYS Y 14 1.38 -43.84 99.69
N GLN Y 15 2.40 -44.30 98.94
CA GLN Y 15 3.72 -43.65 98.81
C GLN Y 15 3.59 -42.30 98.08
N MET Y 16 2.80 -42.24 97.01
CA MET Y 16 2.60 -41.01 96.18
C MET Y 16 1.89 -39.92 97.01
N ASN Y 17 0.99 -40.31 97.91
CA ASN Y 17 0.23 -39.39 98.81
C ASN Y 17 1.16 -38.86 99.90
N ALA Y 18 2.00 -39.72 100.50
CA ALA Y 18 2.99 -39.36 101.54
C ALA Y 18 3.95 -38.28 101.02
N ILE Y 19 4.39 -38.38 99.76
CA ILE Y 19 5.35 -37.43 99.12
C ILE Y 19 4.63 -36.12 98.82
N ILE Y 20 3.44 -36.15 98.20
CA ILE Y 20 2.69 -34.93 97.77
C ILE Y 20 2.16 -34.19 99.01
N ASP Y 21 1.71 -34.91 100.04
CA ASP Y 21 1.15 -34.31 101.28
C ASP Y 21 2.28 -33.70 102.13
N THR Y 22 3.48 -34.30 102.17
CA THR Y 22 4.66 -33.74 102.90
C THR Y 22 5.09 -32.40 102.29
N VAL Y 23 5.09 -32.28 100.96
CA VAL Y 23 5.50 -31.03 100.23
C VAL Y 23 4.49 -29.91 100.53
N ILE Y 24 3.19 -30.24 100.59
CA ILE Y 24 2.09 -29.27 100.86
C ILE Y 24 2.12 -28.83 102.33
N ASN Y 25 2.16 -29.80 103.26
CA ASN Y 25 2.12 -29.57 104.73
C ASN Y 25 3.40 -28.89 105.20
N TYR Y 26 4.47 -28.90 104.40
CA TYR Y 26 5.81 -28.38 104.74
C TYR Y 26 5.73 -26.88 105.04
N LYS Y 27 6.12 -26.52 106.27
CA LYS Y 27 6.27 -25.11 106.75
C LYS Y 27 7.77 -24.82 106.90
N ASP Y 28 8.19 -23.58 106.55
CA ASP Y 28 9.59 -23.10 106.70
C ASP Y 28 9.81 -22.72 108.18
N SER Y 29 10.97 -22.12 108.50
CA SER Y 29 11.46 -21.91 109.88
C SER Y 29 10.89 -20.61 110.50
N SER Y 30 9.86 -20.01 109.89
CA SER Y 30 9.04 -18.91 110.48
C SER Y 30 7.59 -19.38 110.73
N GLY Y 31 7.27 -20.63 110.38
CA GLY Y 31 5.97 -21.28 110.66
C GLY Y 31 4.98 -21.20 109.50
N ARG Y 32 5.31 -20.43 108.44
CA ARG Y 32 4.42 -20.20 107.27
C ARG Y 32 4.49 -21.39 106.30
N GLN Y 33 3.33 -21.83 105.80
CA GLN Y 33 3.17 -22.91 104.79
C GLN Y 33 3.43 -22.31 103.39
N LEU Y 34 4.31 -22.94 102.60
CA LEU Y 34 4.77 -22.41 101.27
C LEU Y 34 3.75 -22.72 100.18
N SER Y 35 3.12 -23.89 100.25
CA SER Y 35 2.23 -24.46 99.19
C SER Y 35 0.90 -23.67 99.09
N GLU Y 36 0.57 -22.84 100.08
CA GLU Y 36 -0.68 -22.04 100.21
C GLU Y 36 -1.03 -21.33 98.89
N VAL Y 37 -0.02 -20.83 98.17
CA VAL Y 37 -0.17 -20.05 96.91
C VAL Y 37 -0.30 -21.03 95.72
N PHE Y 38 0.32 -22.21 95.83
CA PHE Y 38 0.39 -23.23 94.76
C PHE Y 38 -0.78 -24.22 94.83
N ILE Y 39 -1.58 -24.22 95.91
CA ILE Y 39 -2.70 -25.18 96.14
C ILE Y 39 -3.70 -25.09 94.98
N GLN Y 40 -4.05 -23.87 94.53
CA GLN Y 40 -5.03 -23.65 93.43
C GLN Y 40 -4.49 -22.59 92.46
N LEU Y 41 -4.37 -22.95 91.18
CA LEU Y 41 -4.00 -21.99 90.09
C LEU Y 41 -5.08 -20.91 90.01
N PRO Y 42 -4.72 -19.68 89.60
CA PRO Y 42 -5.70 -18.61 89.43
C PRO Y 42 -6.55 -18.85 88.17
N SER Y 43 -7.72 -18.24 88.07
CA SER Y 43 -8.56 -18.23 86.84
C SER Y 43 -7.89 -17.33 85.80
N ARG Y 44 -8.18 -17.53 84.51
CA ARG Y 44 -7.58 -16.73 83.40
C ARG Y 44 -8.16 -15.31 83.47
N LYS Y 45 -9.46 -15.19 83.76
CA LYS Y 45 -10.16 -13.90 84.02
C LYS Y 45 -9.32 -13.07 85.00
N GLU Y 46 -8.91 -13.68 86.12
CA GLU Y 46 -8.05 -13.06 87.16
C GLU Y 46 -6.71 -12.62 86.54
N LEU Y 47 -5.92 -13.60 86.07
CA LEU Y 47 -4.52 -13.38 85.62
C LEU Y 47 -4.32 -13.96 84.22
N PRO Y 48 -4.61 -13.18 83.16
CA PRO Y 48 -4.44 -13.58 81.77
C PRO Y 48 -3.04 -13.84 81.24
N GLU Y 49 -1.96 -13.28 81.82
CA GLU Y 49 -0.56 -13.42 81.35
C GLU Y 49 0.13 -14.74 81.84
N TYR Y 50 -0.41 -15.34 82.91
CA TYR Y 50 0.08 -16.67 83.38
C TYR Y 50 -0.24 -17.63 82.23
N TYR Y 51 -1.43 -17.51 81.64
CA TYR Y 51 -1.96 -18.48 80.63
C TYR Y 51 -1.56 -18.06 79.21
N GLU Y 52 -0.89 -16.89 79.07
CA GLU Y 52 -0.26 -16.42 77.81
C GLU Y 52 1.24 -16.80 77.80
N LEU Y 53 1.89 -16.86 78.98
CA LEU Y 53 3.35 -17.05 79.13
C LEU Y 53 3.69 -18.50 79.53
N ILE Y 54 2.86 -19.16 80.35
CA ILE Y 54 3.06 -20.57 80.79
C ILE Y 54 2.27 -21.51 79.88
N ARG Y 55 2.98 -22.51 79.35
CA ARG Y 55 2.50 -23.45 78.29
C ARG Y 55 1.54 -24.49 78.88
N LYS Y 56 1.96 -25.19 79.93
CA LYS Y 56 1.25 -26.36 80.52
C LYS Y 56 0.93 -26.06 81.99
N PRO Y 57 -0.12 -25.25 82.28
CA PRO Y 57 -0.48 -24.91 83.66
C PRO Y 57 -0.97 -26.10 84.49
N VAL Y 58 -0.34 -26.32 85.66
CA VAL Y 58 -0.66 -27.41 86.62
C VAL Y 58 -0.43 -26.89 88.05
N ASP Y 59 -1.28 -27.29 88.99
CA ASP Y 59 -1.20 -26.88 90.43
C ASP Y 59 -0.97 -28.13 91.30
N PHE Y 60 -1.16 -28.02 92.62
CA PHE Y 60 -0.96 -29.13 93.60
C PHE Y 60 -2.25 -29.94 93.80
N LYS Y 61 -3.42 -29.41 93.40
CA LYS Y 61 -4.73 -30.14 93.44
C LYS Y 61 -4.93 -30.92 92.13
N LYS Y 62 -4.37 -30.43 91.01
CA LYS Y 62 -4.34 -31.11 89.69
C LYS Y 62 -3.37 -32.30 89.71
N ILE Y 63 -2.48 -32.35 90.70
CA ILE Y 63 -1.51 -33.48 90.93
C ILE Y 63 -2.19 -34.53 91.83
N LYS Y 64 -2.97 -34.11 92.84
CA LYS Y 64 -3.80 -34.99 93.69
C LYS Y 64 -4.91 -35.64 92.85
N GLU Y 65 -5.44 -34.90 91.87
CA GLU Y 65 -6.46 -35.36 90.88
C GLU Y 65 -5.88 -36.50 90.03
N ARG Y 66 -4.63 -36.34 89.56
CA ARG Y 66 -3.93 -37.29 88.65
C ARG Y 66 -3.31 -38.45 89.44
N ILE Y 67 -3.27 -38.38 90.78
CA ILE Y 67 -2.85 -39.49 91.70
C ILE Y 67 -4.04 -40.43 91.92
N ARG Y 68 -5.27 -39.92 91.94
CA ARG Y 68 -6.53 -40.70 92.08
C ARG Y 68 -6.91 -41.34 90.74
N ASN Y 69 -6.69 -40.63 89.63
CA ASN Y 69 -7.02 -41.09 88.24
C ASN Y 69 -5.92 -42.04 87.71
N HIS Y 70 -4.79 -42.13 88.41
CA HIS Y 70 -3.65 -43.06 88.11
C HIS Y 70 -3.02 -42.71 86.75
N LYS Y 71 -2.90 -41.42 86.41
CA LYS Y 71 -2.29 -40.94 85.14
C LYS Y 71 -0.77 -41.07 85.22
N TYR Y 72 -0.19 -40.83 86.41
CA TYR Y 72 1.26 -41.02 86.71
C TYR Y 72 1.53 -42.50 86.95
N ARG Y 73 2.42 -43.12 86.16
CA ARG Y 73 2.66 -44.58 86.14
C ARG Y 73 3.77 -44.95 87.14
N SER Y 74 4.72 -44.04 87.38
CA SER Y 74 5.85 -44.22 88.33
C SER Y 74 6.00 -42.98 89.21
N LEU Y 75 6.96 -43.00 90.14
CA LEU Y 75 7.31 -41.86 91.03
C LEU Y 75 8.18 -40.85 90.26
N GLY Y 76 8.66 -41.21 89.07
CA GLY Y 76 9.40 -40.33 88.15
C GLY Y 76 8.50 -39.50 87.25
N ASP Y 77 7.22 -39.90 87.12
CA ASP Y 77 6.18 -39.19 86.32
C ASP Y 77 5.46 -38.16 87.20
N LEU Y 78 5.30 -38.46 88.50
CA LEU Y 78 4.79 -37.52 89.54
C LEU Y 78 5.79 -36.36 89.72
N GLU Y 79 7.09 -36.67 89.67
CA GLU Y 79 8.21 -35.69 89.84
C GLU Y 79 8.31 -34.77 88.62
N LYS Y 80 8.10 -35.30 87.42
CA LYS Y 80 8.24 -34.59 86.11
C LYS Y 80 7.28 -33.40 86.03
N ASP Y 81 6.12 -33.47 86.70
CA ASP Y 81 5.03 -32.44 86.66
C ASP Y 81 5.03 -31.55 87.93
N VAL Y 82 5.72 -31.96 89.00
CA VAL Y 82 5.99 -31.11 90.20
C VAL Y 82 7.15 -30.15 89.86
N MET Y 83 8.11 -30.61 89.05
CA MET Y 83 9.22 -29.78 88.51
C MET Y 83 8.65 -28.81 87.45
N LEU Y 84 7.61 -29.22 86.71
CA LEU Y 84 6.97 -28.44 85.61
C LEU Y 84 6.24 -27.22 86.18
N LEU Y 85 5.46 -27.36 87.26
CA LEU Y 85 4.73 -26.23 87.91
C LEU Y 85 5.71 -25.34 88.67
N CYS Y 86 6.67 -25.95 89.40
CA CYS Y 86 7.69 -25.23 90.20
C CYS Y 86 8.58 -24.43 89.24
N HIS Y 87 8.82 -24.95 88.03
CA HIS Y 87 9.55 -24.26 86.92
C HIS Y 87 8.62 -23.29 86.18
N ASN Y 88 7.32 -23.61 86.05
CA ASN Y 88 6.29 -22.70 85.48
C ASN Y 88 6.19 -21.42 86.35
N ALA Y 89 6.28 -21.57 87.67
CA ALA Y 89 6.28 -20.44 88.64
C ALA Y 89 7.53 -19.58 88.42
N GLN Y 90 8.70 -20.18 88.39
CA GLN Y 90 10.01 -19.50 88.22
C GLN Y 90 10.03 -18.71 86.91
N THR Y 91 9.48 -19.26 85.83
CA THR Y 91 9.39 -18.61 84.49
C THR Y 91 8.61 -17.31 84.57
N PHE Y 92 7.34 -17.41 84.95
CA PHE Y 92 6.39 -16.28 85.08
C PHE Y 92 6.75 -15.30 86.19
N ASN Y 93 7.12 -15.81 87.35
CA ASN Y 93 7.45 -14.97 88.50
C ASN Y 93 8.81 -14.31 88.40
N LEU Y 94 8.92 -13.13 89.00
CA LEU Y 94 10.19 -12.39 89.07
C LEU Y 94 11.20 -13.15 89.91
N GLU Y 95 12.46 -13.09 89.56
CA GLU Y 95 13.50 -13.75 90.36
C GLU Y 95 13.61 -13.04 91.69
N GLY Y 96 13.79 -13.80 92.78
CA GLY Y 96 13.94 -13.21 94.11
C GLY Y 96 12.59 -12.91 94.74
N SER Y 97 11.51 -13.18 94.03
CA SER Y 97 10.13 -13.02 94.53
C SER Y 97 9.86 -14.05 95.64
N GLN Y 98 8.84 -13.81 96.46
CA GLN Y 98 8.37 -14.72 97.54
C GLN Y 98 8.02 -16.09 96.93
N ILE Y 99 7.34 -16.08 95.78
CA ILE Y 99 6.74 -17.30 95.14
C ILE Y 99 7.84 -18.06 94.40
N TYR Y 100 8.85 -17.35 93.87
CA TYR Y 100 9.96 -17.92 93.06
C TYR Y 100 10.83 -18.85 93.91
N GLU Y 101 11.30 -18.36 95.07
CA GLU Y 101 12.28 -19.06 95.94
C GLU Y 101 11.62 -20.19 96.73
N ASP Y 102 10.28 -20.24 96.80
CA ASP Y 102 9.51 -21.30 97.48
C ASP Y 102 9.29 -22.48 96.51
N SER Y 103 9.17 -22.22 95.20
CA SER Y 103 9.15 -23.26 94.14
C SER Y 103 10.56 -23.86 93.96
N ILE Y 104 11.60 -23.13 94.39
CA ILE Y 104 13.02 -23.61 94.50
C ILE Y 104 13.14 -24.51 95.74
N VAL Y 105 12.43 -24.18 96.82
CA VAL Y 105 12.38 -24.96 98.10
C VAL Y 105 11.43 -26.16 97.93
N LEU Y 106 10.29 -25.99 97.24
CA LEU Y 106 9.27 -27.07 97.01
C LEU Y 106 9.84 -28.17 96.10
N GLN Y 107 10.82 -27.86 95.25
CA GLN Y 107 11.58 -28.84 94.43
C GLN Y 107 12.61 -29.58 95.28
N SER Y 108 13.16 -28.89 96.30
CA SER Y 108 14.20 -29.40 97.24
C SER Y 108 13.56 -30.22 98.36
N VAL Y 109 12.28 -29.96 98.69
CA VAL Y 109 11.49 -30.67 99.74
C VAL Y 109 10.76 -31.87 99.10
N PHE Y 110 10.50 -31.83 97.79
CA PHE Y 110 9.93 -32.98 97.01
C PHE Y 110 11.03 -34.01 96.72
N LYS Y 111 12.26 -33.55 96.48
CA LYS Y 111 13.44 -34.40 96.14
C LYS Y 111 14.02 -35.07 97.40
N SER Y 112 13.68 -34.58 98.59
CA SER Y 112 14.05 -35.19 99.90
C SER Y 112 12.90 -36.04 100.44
N ALA Y 113 11.65 -35.73 100.07
CA ALA Y 113 10.42 -36.44 100.48
C ALA Y 113 10.27 -37.75 99.68
N ARG Y 114 10.60 -37.74 98.38
CA ARG Y 114 10.58 -38.95 97.52
C ARG Y 114 11.75 -39.88 97.90
N GLN Y 115 12.86 -39.32 98.39
CA GLN Y 115 14.11 -40.06 98.70
C GLN Y 115 13.98 -40.77 100.06
N LYS Y 116 13.02 -40.36 100.91
CA LYS Y 116 12.77 -40.96 102.25
C LYS Y 116 11.71 -42.07 102.15
N ILE Y 117 10.64 -41.85 101.39
CA ILE Y 117 9.46 -42.79 101.27
C ILE Y 117 9.81 -43.95 100.33
N ALA Y 118 10.40 -43.67 99.17
CA ALA Y 118 10.64 -44.65 98.08
C ALA Y 118 11.79 -45.61 98.41
N LYS Y 119 12.68 -45.24 99.35
CA LYS Y 119 13.83 -46.08 99.80
C LYS Y 119 14.10 -45.87 101.30
N GLU Y 120 13.34 -46.56 102.16
CA GLU Y 120 13.58 -46.70 103.62
C GLU Y 120 12.76 -47.87 104.15
N PRO Z 9 15.43 -12.21 99.00
CA PRO Z 9 15.48 -10.79 99.38
C PRO Z 9 14.82 -10.57 100.72
N VAL Z 10 15.58 -10.15 101.71
CA VAL Z 10 15.08 -10.01 103.08
C VAL Z 10 13.94 -8.99 103.10
N LEU Z 11 14.14 -7.87 102.41
CA LEU Z 11 13.17 -6.75 102.42
C LEU Z 11 12.47 -6.80 101.09
N ARG Z 12 11.18 -7.12 101.06
CA ARG Z 12 10.39 -7.13 99.84
C ARG Z 12 8.92 -7.18 100.22
N SER Z 13 8.05 -6.90 99.25
CA SER Z 13 6.61 -7.06 99.45
C SER Z 13 6.29 -8.55 99.40
N VAL Z 14 5.13 -8.93 99.89
CA VAL Z 14 4.62 -10.33 99.81
C VAL Z 14 3.37 -10.33 98.95
N ASN Z 15 3.37 -11.05 97.86
CA ASN Z 15 2.17 -11.19 97.00
C ASN Z 15 1.07 -11.77 97.83
N SER Z 16 -0.06 -11.07 97.92
CA SER Z 16 -1.20 -11.49 98.73
C SER Z 16 -2.46 -11.13 97.96
N ARG Z 17 -3.53 -11.88 98.17
CA ARG Z 17 -4.81 -11.60 97.49
C ARG Z 17 -5.63 -10.62 98.30
N GLU Z 18 -5.15 -10.19 99.45
CA GLU Z 18 -5.95 -9.41 100.42
C GLU Z 18 -5.59 -7.94 100.36
N PRO Z 19 -6.53 -7.09 99.92
CA PRO Z 19 -6.30 -5.64 99.89
C PRO Z 19 -6.25 -5.07 101.30
N SER Z 20 -5.48 -4.00 101.45
CA SER Z 20 -5.37 -3.24 102.71
C SER Z 20 -5.47 -1.76 102.37
N GLN Z 21 -6.63 -1.14 102.60
CA GLN Z 21 -6.80 0.31 102.45
C GLN Z 21 -5.90 1.02 103.46
N VAL Z 22 -5.19 2.06 103.01
CA VAL Z 22 -4.17 2.77 103.82
C VAL Z 22 -4.40 4.27 103.62
N ILE Z 23 -4.02 5.08 104.63
CA ILE Z 23 -4.02 6.57 104.49
C ILE Z 23 -2.59 7.05 104.63
N PHE Z 24 -1.99 7.50 103.53
CA PHE Z 24 -0.68 8.22 103.55
C PHE Z 24 -0.99 9.65 103.99
N CYS Z 25 -0.51 10.03 105.16
CA CYS Z 25 -0.64 11.39 105.70
C CYS Z 25 0.75 12.02 105.78
N ASN Z 26 0.99 13.05 104.99
CA ASN Z 26 2.30 13.74 104.95
C ASN Z 26 2.23 14.88 105.94
N ARG Z 27 2.84 14.65 107.12
CA ARG Z 27 2.96 15.66 108.16
C ARG Z 27 4.36 16.22 108.22
N SER Z 28 5.10 16.11 107.12
CA SER Z 28 6.43 16.71 107.00
C SER Z 28 6.28 18.02 106.26
N PRO Z 29 7.25 18.94 106.33
CA PRO Z 29 7.19 20.19 105.58
C PRO Z 29 7.62 19.99 104.12
N ARG Z 30 7.98 18.76 103.79
CA ARG Z 30 8.62 18.41 102.49
C ARG Z 30 7.62 17.73 101.58
N VAL Z 31 7.89 17.73 100.29
CA VAL Z 31 7.17 16.88 99.30
C VAL Z 31 7.67 15.45 99.53
N VAL Z 32 6.75 14.50 99.69
CA VAL Z 32 7.09 13.12 100.11
C VAL Z 32 6.98 12.20 98.90
N LEU Z 33 8.01 11.39 98.68
CA LEU Z 33 8.00 10.33 97.65
C LEU Z 33 7.74 9.00 98.34
N PRO Z 34 6.52 8.45 98.23
CA PRO Z 34 6.27 7.09 98.69
C PRO Z 34 7.01 6.14 97.75
N VAL Z 35 7.69 5.15 98.34
CA VAL Z 35 8.54 4.16 97.61
C VAL Z 35 8.06 2.76 98.02
N TRP Z 36 7.37 2.08 97.12
CA TRP Z 36 6.91 0.69 97.32
C TRP Z 36 8.02 -0.27 96.96
N LEU Z 37 8.42 -1.14 97.88
CA LEU Z 37 9.30 -2.28 97.55
C LEU Z 37 8.43 -3.34 96.89
N ASN Z 38 8.82 -3.73 95.67
CA ASN Z 38 8.15 -4.76 94.83
C ASN Z 38 8.50 -6.15 95.40
N PHE Z 39 8.06 -7.21 94.71
CA PHE Z 39 8.14 -8.59 95.22
C PHE Z 39 9.61 -9.03 95.22
N ASP Z 40 10.39 -8.56 94.24
CA ASP Z 40 11.85 -8.92 94.24
C ASP Z 40 12.59 -7.98 95.19
N GLY Z 41 11.94 -6.92 95.63
CA GLY Z 41 12.50 -5.99 96.64
C GLY Z 41 13.27 -4.87 95.95
N GLU Z 42 12.81 -4.44 94.77
CA GLU Z 42 13.35 -3.26 94.08
C GLU Z 42 12.48 -2.04 94.37
N PRO Z 43 13.05 -0.93 94.88
CA PRO Z 43 12.30 0.29 95.13
C PRO Z 43 11.53 0.75 93.88
N GLN Z 44 10.27 1.11 94.04
CA GLN Z 44 9.40 1.64 92.95
C GLN Z 44 8.84 2.99 93.36
N PRO Z 45 9.31 4.10 92.78
CA PRO Z 45 8.73 5.41 93.01
C PRO Z 45 7.23 5.45 92.69
N TYR Z 46 6.46 6.11 93.56
CA TYR Z 46 5.01 6.35 93.42
C TYR Z 46 4.73 7.84 93.47
N PRO Z 47 3.50 8.29 93.13
CA PRO Z 47 3.17 9.70 93.05
C PRO Z 47 3.43 10.46 94.36
N THR Z 48 3.93 11.70 94.28
CA THR Z 48 4.39 12.46 95.45
C THR Z 48 3.19 13.06 96.20
N LEU Z 49 3.32 13.16 97.52
CA LEU Z 49 2.37 13.81 98.44
C LEU Z 49 2.89 15.20 98.79
N PRO Z 50 2.15 16.29 98.46
CA PRO Z 50 2.53 17.63 98.90
C PRO Z 50 2.49 17.72 100.41
N PRO Z 51 3.25 18.65 101.03
CA PRO Z 51 3.26 18.78 102.48
C PRO Z 51 1.84 19.05 102.98
N GLY Z 52 1.49 18.42 104.09
CA GLY Z 52 0.19 18.67 104.77
C GLY Z 52 -0.98 18.04 104.03
N THR Z 53 -0.75 17.02 103.22
CA THR Z 53 -1.83 16.36 102.46
C THR Z 53 -1.96 14.93 102.96
N GLY Z 54 -3.11 14.33 102.67
CA GLY Z 54 -3.39 12.94 103.03
C GLY Z 54 -4.24 12.32 101.95
N ARG Z 55 -3.93 11.10 101.59
CA ARG Z 55 -4.62 10.36 100.50
C ARG Z 55 -4.90 8.96 100.97
N ARG Z 56 -6.04 8.42 100.55
CA ARG Z 56 -6.40 7.02 100.81
C ARG Z 56 -5.85 6.29 99.60
N ILE Z 57 -5.10 5.22 99.81
CA ILE Z 57 -4.38 4.54 98.70
C ILE Z 57 -4.68 3.04 98.84
N HIS Z 58 -4.85 2.36 97.73
CA HIS Z 58 -5.20 0.91 97.77
C HIS Z 58 -3.88 0.16 97.68
N SER Z 59 -3.41 -0.38 98.79
CA SER Z 59 -2.26 -1.31 98.82
C SER Z 59 -2.78 -2.68 99.22
N TYR Z 60 -1.88 -3.62 99.53
CA TYR Z 60 -2.21 -5.02 99.91
C TYR Z 60 -1.50 -5.39 101.19
N ARG Z 61 -2.02 -6.38 101.89
CA ARG Z 61 -1.42 -6.85 103.15
C ARG Z 61 0.01 -7.31 102.89
N GLY Z 62 0.92 -6.98 103.79
CA GLY Z 62 2.30 -7.49 103.71
C GLY Z 62 3.16 -6.68 102.74
N HIS Z 63 2.53 -5.76 101.97
CA HIS Z 63 3.28 -4.89 101.05
C HIS Z 63 4.12 -3.92 101.90
N LEU Z 64 5.40 -3.81 101.56
CA LEU Z 64 6.36 -3.00 102.35
C LEU Z 64 6.58 -1.66 101.64
N TRP Z 65 6.43 -0.55 102.35
CA TRP Z 65 6.61 0.82 101.82
C TRP Z 65 7.75 1.56 102.56
N LEU Z 66 8.17 2.67 101.95
CA LEU Z 66 9.24 3.53 102.49
C LEU Z 66 8.99 4.96 102.01
N PHE Z 67 9.28 5.98 102.78
CA PHE Z 67 9.00 7.38 102.35
C PHE Z 67 10.26 8.25 102.39
N ARG Z 68 10.35 9.22 101.48
CA ARG Z 68 11.53 10.11 101.33
C ARG Z 68 11.16 11.46 100.72
N ASP Z 69 12.01 12.45 100.96
CA ASP Z 69 11.92 13.81 100.37
C ASP Z 69 12.11 13.68 98.86
N ALA Z 70 11.04 13.85 98.09
CA ALA Z 70 11.03 13.64 96.62
C ALA Z 70 12.22 14.36 95.98
N GLY Z 71 12.53 15.58 96.44
CA GLY Z 71 13.68 16.36 95.96
C GLY Z 71 15.01 15.75 96.38
N THR Z 72 15.35 15.83 97.66
CA THR Z 72 16.73 15.59 98.16
C THR Z 72 17.02 14.10 98.35
N HIS Z 73 15.98 13.26 98.34
CA HIS Z 73 16.03 11.80 98.68
C HIS Z 73 16.42 11.60 100.16
N ASP Z 74 16.29 12.66 100.97
CA ASP Z 74 16.48 12.63 102.45
C ASP Z 74 15.53 11.60 103.07
N GLY Z 75 15.97 10.96 104.16
CA GLY Z 75 15.19 9.93 104.89
C GLY Z 75 14.06 10.55 105.71
N LEU Z 76 12.86 9.98 105.61
CA LEU Z 76 11.71 10.35 106.45
C LEU Z 76 11.32 9.16 107.31
N LEU Z 77 10.29 9.34 108.14
CA LEU Z 77 9.82 8.31 109.10
C LEU Z 77 8.32 8.12 108.87
N VAL Z 78 7.84 6.89 109.11
CA VAL Z 78 6.38 6.59 109.03
C VAL Z 78 6.00 5.84 110.31
N ASN Z 79 5.16 6.46 111.14
CA ASN Z 79 4.74 5.89 112.44
C ASN Z 79 6.03 5.71 113.24
N GLN Z 80 6.87 6.75 113.27
CA GLN Z 80 8.11 6.80 114.09
C GLN Z 80 9.07 5.68 113.76
N THR Z 81 8.95 5.05 112.60
CA THR Z 81 9.95 4.04 112.15
C THR Z 81 10.24 4.29 110.67
N GLU Z 82 11.09 3.45 110.07
CA GLU Z 82 11.68 3.65 108.73
C GLU Z 82 10.85 2.91 107.66
N LEU Z 83 10.25 1.77 108.01
CA LEU Z 83 9.42 0.98 107.05
C LEU Z 83 7.98 0.97 107.52
N PHE Z 84 7.05 0.94 106.56
CA PHE Z 84 5.61 0.80 106.85
C PHE Z 84 5.11 -0.44 106.11
N VAL Z 85 4.46 -1.36 106.83
CA VAL Z 85 3.85 -2.57 106.22
C VAL Z 85 2.42 -2.62 106.72
N PRO Z 86 1.42 -2.40 105.85
CA PRO Z 86 0.03 -2.38 106.31
C PRO Z 86 -0.37 -3.69 106.96
N SER Z 87 -1.01 -3.53 108.12
CA SER Z 87 -1.50 -4.66 108.93
C SER Z 87 -2.78 -5.16 108.27
N LEU Z 88 -3.26 -6.33 108.67
CA LEU Z 88 -4.60 -6.76 108.25
C LEU Z 88 -5.63 -5.70 108.60
N ASN Z 89 -6.42 -5.28 107.63
CA ASN Z 89 -7.53 -4.33 107.91
C ASN Z 89 -8.51 -5.02 108.82
N VAL Z 90 -8.99 -4.29 109.81
CA VAL Z 90 -9.91 -4.88 110.81
C VAL Z 90 -11.24 -4.20 110.65
N ASP Z 91 -12.31 -4.93 110.39
CA ASP Z 91 -13.67 -4.35 110.40
C ASP Z 91 -13.75 -3.14 109.48
N GLY Z 92 -13.13 -3.26 108.30
CA GLY Z 92 -13.19 -2.16 107.33
C GLY Z 92 -12.70 -0.84 107.94
N GLN Z 93 -11.66 -0.96 108.77
CA GLN Z 93 -10.97 0.25 109.28
C GLN Z 93 -9.72 0.44 108.42
N PRO Z 94 -9.51 1.65 107.87
CA PRO Z 94 -8.29 1.95 107.15
C PRO Z 94 -7.09 2.08 108.11
N ILE Z 95 -5.94 1.58 107.67
CA ILE Z 95 -4.65 1.72 108.40
C ILE Z 95 -4.19 3.15 108.17
N PHE Z 96 -3.33 3.69 109.03
CA PHE Z 96 -2.84 5.08 108.90
C PHE Z 96 -1.31 5.07 108.89
N ALA Z 97 -0.73 5.70 107.88
CA ALA Z 97 0.73 5.89 107.72
C ALA Z 97 1.02 7.37 107.93
N ASN Z 98 1.57 7.70 109.09
CA ASN Z 98 1.88 9.10 109.49
C ASN Z 98 3.34 9.38 109.10
N ILE Z 99 3.54 10.21 108.09
CA ILE Z 99 4.90 10.45 107.52
C ILE Z 99 5.43 11.76 108.10
N THR Z 100 6.61 11.74 108.71
CA THR Z 100 7.15 12.94 109.37
C THR Z 100 8.65 13.05 109.17
N LEU Z 101 9.17 14.25 109.42
CA LEU Z 101 10.61 14.48 109.58
C LEU Z 101 11.10 13.61 110.73
N PRO Z 102 12.30 13.04 110.62
CA PRO Z 102 13.04 12.61 111.80
C PRO Z 102 13.80 13.81 112.37
N VAL Z 103 14.37 13.64 113.54
CA VAL Z 103 15.28 14.65 114.13
C VAL Z 103 16.67 14.40 113.54
N TYR Z 104 17.00 15.05 112.43
CA TYR Z 104 18.31 14.89 111.75
C TYR Z 104 19.38 15.42 112.71
N THR Z 105 20.56 14.80 112.69
CA THR Z 105 21.77 15.35 113.35
C THR Z 105 22.01 16.74 112.78
N LEU Z 106 22.55 17.66 113.57
CA LEU Z 106 22.80 19.06 113.13
C LEU Z 106 23.66 19.04 111.86
N LYS Z 107 24.67 18.20 111.84
CA LYS Z 107 25.58 17.97 110.69
C LYS Z 107 24.75 17.62 109.46
N GLU Z 108 24.08 16.46 109.48
CA GLU Z 108 23.30 15.96 108.32
C GLU Z 108 22.35 17.07 107.89
N ARG Z 109 21.74 17.78 108.85
CA ARG Z 109 20.77 18.85 108.52
C ARG Z 109 21.49 19.98 107.77
N CYS Z 110 22.67 20.37 108.24
CA CYS Z 110 23.50 21.43 107.58
C CYS Z 110 23.83 21.00 106.15
N LEU Z 111 24.34 19.79 106.00
CA LEU Z 111 24.64 19.20 104.66
C LEU Z 111 23.42 19.43 103.76
N GLN Z 112 22.25 18.98 104.22
CA GLN Z 112 20.96 19.17 103.50
C GLN Z 112 20.86 20.60 102.97
N VAL Z 113 21.15 21.60 103.80
CA VAL Z 113 20.89 23.02 103.46
C VAL Z 113 21.92 23.46 102.42
N VAL Z 114 23.20 23.16 102.68
CA VAL Z 114 24.33 23.49 101.77
C VAL Z 114 24.04 22.86 100.40
N ARG Z 115 23.83 21.54 100.38
CA ARG Z 115 23.42 20.77 99.18
C ARG Z 115 22.28 21.48 98.42
N SER Z 116 21.34 22.09 99.12
CA SER Z 116 20.13 22.72 98.53
C SER Z 116 20.45 24.09 97.93
N LEU Z 117 21.57 24.71 98.33
CA LEU Z 117 21.94 26.10 97.96
C LEU Z 117 23.02 26.12 96.86
N VAL Z 118 23.93 25.14 96.88
CA VAL Z 118 25.14 25.07 96.01
C VAL Z 118 24.99 23.92 95.01
N LYS Z 119 25.28 24.17 93.73
CA LYS Z 119 25.20 23.16 92.63
C LYS Z 119 26.29 22.13 92.86
N PRO Z 120 26.02 20.83 92.59
CA PRO Z 120 26.93 19.76 93.00
C PRO Z 120 28.36 19.90 92.48
N GLU Z 121 28.49 20.48 91.27
CA GLU Z 121 29.78 20.75 90.59
C GLU Z 121 30.56 21.85 91.32
N ASN Z 122 29.92 22.57 92.25
CA ASN Z 122 30.56 23.70 92.97
C ASN Z 122 30.90 23.32 94.41
N TYR Z 123 30.45 22.15 94.87
CA TYR Z 123 30.80 21.66 96.23
C TYR Z 123 32.30 21.89 96.45
N ARG Z 124 33.06 21.72 95.36
CA ARG Z 124 34.55 21.82 95.37
C ARG Z 124 35.02 23.27 95.53
N ARG Z 125 34.17 24.28 95.35
CA ARG Z 125 34.57 25.70 95.49
C ARG Z 125 34.47 26.18 96.94
N LEU Z 126 33.80 25.43 97.81
CA LEU Z 126 33.55 25.83 99.22
C LEU Z 126 34.86 25.75 100.02
N ASP Z 127 35.14 26.78 100.81
CA ASP Z 127 36.34 26.90 101.70
C ASP Z 127 36.17 25.99 102.92
N ILE Z 128 36.11 24.70 102.71
CA ILE Z 128 35.84 23.71 103.81
C ILE Z 128 36.89 22.58 103.70
N VAL Z 129 36.93 21.75 104.72
CA VAL Z 129 37.87 20.60 104.79
C VAL Z 129 37.51 19.57 103.71
N ARG Z 130 38.45 18.76 103.26
CA ARG Z 130 38.23 17.73 102.22
C ARG Z 130 37.17 16.75 102.71
N SER Z 131 37.18 16.37 103.98
CA SER Z 131 36.22 15.39 104.52
C SER Z 131 34.79 15.92 104.27
N LEU Z 132 34.59 17.20 104.53
CA LEU Z 132 33.24 17.82 104.38
C LEU Z 132 32.81 17.74 102.91
N TYR Z 133 33.74 17.95 101.98
CA TYR Z 133 33.44 17.89 100.53
C TYR Z 133 32.79 16.52 100.23
N GLU Z 134 33.42 15.46 100.71
CA GLU Z 134 32.99 14.07 100.45
C GLU Z 134 31.61 13.91 101.07
N ASP Z 135 31.38 14.42 102.28
CA ASP Z 135 30.10 14.30 103.01
C ASP Z 135 28.97 14.93 102.17
N LEU Z 136 29.23 16.12 101.64
CA LEU Z 136 28.30 16.86 100.74
C LEU Z 136 28.00 15.97 99.54
N GLU Z 137 29.03 15.38 98.96
CA GLU Z 137 28.95 14.62 97.68
C GLU Z 137 28.13 13.35 97.94
N ASP Z 138 28.25 12.77 99.13
CA ASP Z 138 27.50 11.55 99.52
C ASP Z 138 26.01 11.89 99.66
N HIS Z 139 25.31 12.08 98.56
CA HIS Z 139 23.85 12.32 98.57
C HIS Z 139 23.18 11.13 99.25
N PRO Z 140 22.10 11.36 100.03
CA PRO Z 140 21.35 10.25 100.63
C PRO Z 140 20.74 9.42 99.51
N ASN Z 141 20.41 8.14 99.80
CA ASN Z 141 20.06 7.20 98.72
C ASN Z 141 19.27 6.01 99.27
N VAL Z 142 18.08 5.76 98.68
CA VAL Z 142 17.15 4.67 99.04
C VAL Z 142 17.91 3.34 99.11
N GLN Z 143 18.73 3.05 98.08
CA GLN Z 143 19.37 1.72 97.91
C GLN Z 143 20.40 1.50 99.04
N LYS Z 144 21.29 2.46 99.24
CA LYS Z 144 22.31 2.43 100.33
C LYS Z 144 21.59 2.13 101.65
N ASP Z 145 20.47 2.82 101.90
CA ASP Z 145 19.70 2.73 103.17
C ASP Z 145 19.03 1.35 103.26
N LEU Z 146 18.54 0.81 102.14
CA LEU Z 146 17.92 -0.54 102.10
C LEU Z 146 18.98 -1.59 102.49
N GLU Z 147 20.19 -1.46 101.94
CA GLU Z 147 21.33 -2.37 102.24
C GLU Z 147 21.61 -2.35 103.74
N ARG Z 148 21.70 -1.15 104.32
CA ARG Z 148 21.93 -0.93 105.78
C ARG Z 148 20.82 -1.64 106.57
N LEU Z 149 19.55 -1.47 106.18
CA LEU Z 149 18.38 -2.02 106.91
C LEU Z 149 18.44 -3.56 106.91
N THR Z 150 18.95 -4.16 105.83
CA THR Z 150 19.12 -5.62 105.72
C THR Z 150 20.13 -6.10 106.78
N GLN Z 151 21.30 -5.47 106.84
CA GLN Z 151 22.40 -5.86 107.77
C GLN Z 151 21.91 -5.66 109.21
N GLU Z 152 20.97 -4.74 109.43
CA GLU Z 152 20.37 -4.44 110.76
C GLU Z 152 19.34 -5.52 111.11
N ARG Z 153 18.87 -6.30 110.11
CA ARG Z 153 17.89 -7.40 110.32
C ARG Z 153 18.61 -8.75 110.36
N ILE Z 154 19.80 -8.85 109.77
CA ILE Z 154 20.69 -10.05 109.82
C ILE Z 154 21.45 -10.01 111.16
N ALA Z 155 21.51 -8.83 111.81
CA ALA Z 155 22.20 -8.62 113.11
C ALA Z 155 21.23 -8.90 114.27
N HIS Z 156 19.91 -8.81 114.03
CA HIS Z 156 18.84 -9.07 115.00
C HIS Z 156 18.38 -10.53 114.89
N GLN Z 157 19.21 -11.38 114.26
CA GLN Z 157 19.05 -12.87 114.31
C GLN Z 157 20.17 -13.50 115.14
N ARG Z 158 20.14 -13.23 116.45
CA ARG Z 158 21.19 -13.57 117.43
C ARG Z 158 20.61 -13.50 118.84
N MET AA 1 25.07 23.07 -70.62
CA MET AA 1 26.54 22.76 -70.46
C MET AA 1 27.21 23.17 -71.77
N TYR AA 2 27.91 24.30 -71.85
CA TYR AA 2 28.13 25.04 -73.14
C TYR AA 2 29.61 25.01 -73.49
N VAL AA 3 29.93 25.36 -74.74
CA VAL AA 3 31.32 25.39 -75.27
C VAL AA 3 31.51 26.62 -76.15
N LYS AA 4 32.73 27.14 -76.17
CA LYS AA 4 33.10 28.42 -76.83
C LYS AA 4 33.99 28.11 -78.04
N LEU AA 5 33.48 28.37 -79.25
CA LEU AA 5 34.26 28.35 -80.51
C LEU AA 5 34.64 29.80 -80.87
N ILE AA 6 35.90 30.04 -81.17
CA ILE AA 6 36.45 31.40 -81.44
C ILE AA 6 37.01 31.46 -82.86
N SER AA 7 36.48 32.37 -83.67
CA SER AA 7 36.85 32.54 -85.11
C SER AA 7 38.17 33.29 -85.21
N SER AA 8 38.77 33.28 -86.41
CA SER AA 8 40.05 33.94 -86.76
C SER AA 8 39.98 35.42 -86.34
N ASP AA 9 38.94 36.13 -86.78
CA ASP AA 9 38.81 37.59 -86.47
C ASP AA 9 38.56 37.78 -84.97
N GLY AA 10 38.18 36.70 -84.27
CA GLY AA 10 38.08 36.72 -82.80
C GLY AA 10 36.67 36.87 -82.27
N HIS AA 11 35.64 36.56 -83.04
CA HIS AA 11 34.24 36.42 -82.52
C HIS AA 11 34.20 35.17 -81.62
N GLU AA 12 33.42 35.24 -80.55
CA GLU AA 12 33.16 34.10 -79.63
C GLU AA 12 31.77 33.54 -79.95
N PHE AA 13 31.66 32.22 -80.10
CA PHE AA 13 30.39 31.50 -80.36
C PHE AA 13 30.16 30.49 -79.22
N ILE AA 14 29.16 30.76 -78.38
CA ILE AA 14 28.80 29.86 -77.26
C ILE AA 14 27.67 28.96 -77.75
N VAL AA 15 27.93 27.65 -77.86
CA VAL AA 15 26.93 26.63 -78.31
C VAL AA 15 26.96 25.47 -77.30
N LYS AA 16 25.86 24.74 -77.14
CA LYS AA 16 25.82 23.53 -76.27
C LYS AA 16 26.97 22.60 -76.64
N ARG AA 17 27.55 21.91 -75.67
CA ARG AA 17 28.68 20.96 -75.89
C ARG AA 17 28.23 19.89 -76.89
N GLU AA 18 27.06 19.30 -76.67
CA GLU AA 18 26.48 18.21 -77.50
C GLU AA 18 26.36 18.69 -78.95
N HIS AA 19 25.92 19.93 -79.16
CA HIS AA 19 25.79 20.55 -80.50
C HIS AA 19 27.14 20.57 -81.20
N ALA AA 20 28.18 20.98 -80.49
CA ALA AA 20 29.56 21.09 -81.02
C ALA AA 20 30.08 19.70 -81.40
N LEU AA 21 29.86 18.69 -80.55
CA LEU AA 21 30.41 17.31 -80.70
C LEU AA 21 29.96 16.72 -82.04
N THR AA 22 28.97 17.29 -82.71
CA THR AA 22 28.53 16.85 -84.07
C THR AA 22 29.75 16.89 -84.99
N SER AA 23 30.80 17.58 -84.58
CA SER AA 23 32.05 17.68 -85.39
C SER AA 23 33.06 16.69 -84.83
N GLY AA 24 33.50 15.72 -85.62
CA GLY AA 24 34.51 14.73 -85.15
C GLY AA 24 35.77 15.43 -84.66
N THR AA 25 36.20 16.44 -85.41
CA THR AA 25 37.45 17.19 -85.11
C THR AA 25 37.30 17.82 -83.72
N ILE AA 26 36.14 18.43 -83.46
CA ILE AA 26 35.90 19.12 -82.16
C ILE AA 26 35.82 18.03 -81.07
N LYS AA 27 35.06 16.97 -81.33
CA LYS AA 27 34.93 15.79 -80.43
C LYS AA 27 36.32 15.37 -79.98
N ALA AA 28 37.26 15.24 -80.92
CA ALA AA 28 38.65 14.81 -80.66
C ALA AA 28 39.32 15.82 -79.72
N MET AA 29 39.23 17.11 -80.05
CA MET AA 29 39.93 18.21 -79.33
C MET AA 29 39.40 18.33 -77.89
N LEU AA 30 38.12 18.07 -77.68
CA LEU AA 30 37.47 18.18 -76.34
C LEU AA 30 37.66 16.88 -75.55
N SER AA 31 37.41 15.75 -76.18
CA SER AA 31 37.39 14.40 -75.58
C SER AA 31 38.81 13.94 -75.26
N GLY AA 32 39.83 14.48 -75.93
CA GLY AA 32 41.24 14.25 -75.59
C GLY AA 32 41.65 15.01 -74.32
N PRO AA 33 42.71 14.59 -73.60
CA PRO AA 33 43.18 15.28 -72.40
C PRO AA 33 43.60 16.74 -72.65
N GLY AA 34 44.02 17.03 -73.88
CA GLY AA 34 44.23 18.41 -74.39
C GLY AA 34 45.20 19.16 -73.50
N GLN AA 35 44.73 20.22 -72.83
CA GLN AA 35 45.56 21.09 -71.95
C GLN AA 35 44.70 21.62 -70.79
N ASN AA 39 39.33 18.24 -65.90
CA ASN AA 39 37.89 18.00 -66.08
C ASN AA 39 37.58 18.01 -67.58
N GLU AA 40 36.85 19.02 -68.07
CA GLU AA 40 36.45 19.18 -69.50
C GLU AA 40 36.87 20.55 -70.03
N THR AA 41 37.22 20.63 -71.31
CA THR AA 41 37.66 21.88 -72.02
C THR AA 41 36.44 22.73 -72.39
N ASN AA 42 36.57 24.05 -72.39
CA ASN AA 42 35.46 24.97 -72.78
C ASN AA 42 35.76 25.59 -74.15
N GLU AA 43 37.01 26.00 -74.38
CA GLU AA 43 37.39 26.85 -75.55
C GLU AA 43 37.99 25.98 -76.64
N VAL AA 44 37.78 26.38 -77.89
CA VAL AA 44 38.57 25.91 -79.07
C VAL AA 44 38.73 27.11 -80.02
N ASN AA 45 39.92 27.27 -80.60
CA ASN AA 45 40.29 28.43 -81.46
C ASN AA 45 40.47 27.92 -82.90
N PHE AA 46 39.83 28.57 -83.86
CA PHE AA 46 39.96 28.27 -85.31
C PHE AA 46 40.67 29.43 -86.00
N ARG AA 47 41.97 29.24 -86.23
CA ARG AA 47 42.99 30.17 -86.73
C ARG AA 47 42.61 30.64 -88.15
N GLU AA 48 41.99 29.73 -88.92
CA GLU AA 48 41.86 29.89 -90.40
C GLU AA 48 40.38 30.03 -90.77
N ILE AA 49 39.47 30.04 -89.79
CA ILE AA 49 38.00 30.09 -90.05
C ILE AA 49 37.48 31.46 -89.63
N PRO AA 50 36.97 32.27 -90.57
CA PRO AA 50 36.38 33.56 -90.22
C PRO AA 50 35.00 33.37 -89.57
N SER AA 51 34.46 34.44 -88.98
CA SER AA 51 33.16 34.43 -88.26
C SER AA 51 32.00 34.07 -89.19
N HIS AA 52 31.88 34.72 -90.35
CA HIS AA 52 30.71 34.52 -91.24
C HIS AA 52 30.62 33.03 -91.56
N VAL AA 53 31.73 32.31 -91.44
CA VAL AA 53 31.77 30.83 -91.71
C VAL AA 53 31.45 30.09 -90.41
N LEU AA 54 32.21 30.34 -89.35
CA LEU AA 54 32.05 29.58 -88.08
C LEU AA 54 30.64 29.79 -87.52
N SER AA 55 30.06 30.99 -87.72
CA SER AA 55 28.65 31.29 -87.38
C SER AA 55 27.76 30.25 -88.03
N LYS AA 56 27.89 30.06 -89.35
CA LYS AA 56 27.07 29.12 -90.13
C LYS AA 56 27.37 27.69 -89.72
N VAL AA 57 28.61 27.37 -89.37
CA VAL AA 57 28.98 26.00 -88.92
C VAL AA 57 28.14 25.66 -87.69
N CYS AA 58 27.98 26.63 -86.77
CA CYS AA 58 27.15 26.46 -85.55
C CYS AA 58 25.70 26.24 -85.97
N MET AA 59 25.16 27.14 -86.79
CA MET AA 59 23.78 27.04 -87.34
C MET AA 59 23.54 25.60 -87.83
N TYR AA 60 24.53 24.96 -88.43
CA TYR AA 60 24.38 23.55 -88.88
C TYR AA 60 24.22 22.67 -87.65
N PHE AA 61 25.08 22.80 -86.64
CA PHE AA 61 24.96 22.01 -85.38
C PHE AA 61 23.52 22.09 -84.87
N THR AA 62 23.00 23.31 -84.71
CA THR AA 62 21.59 23.60 -84.33
C THR AA 62 20.66 22.73 -85.16
N TYR AA 63 20.75 22.85 -86.49
CA TYR AA 63 19.95 22.14 -87.53
C TYR AA 63 20.09 20.62 -87.34
N LYS AA 64 21.32 20.10 -87.41
CA LYS AA 64 21.57 18.64 -87.37
C LYS AA 64 20.95 18.07 -86.10
N VAL AA 65 21.28 18.66 -84.95
CA VAL AA 65 20.82 18.16 -83.62
C VAL AA 65 19.29 18.10 -83.65
N ARG AA 66 18.66 19.16 -84.13
CA ARG AA 66 17.19 19.34 -84.05
C ARG AA 66 16.49 18.34 -84.98
N TYR AA 67 16.94 18.21 -86.22
CA TYR AA 67 16.16 17.54 -87.29
C TYR AA 67 16.60 16.08 -87.49
N THR AA 68 17.73 15.64 -86.95
CA THR AA 68 18.04 14.19 -86.86
C THR AA 68 16.97 13.58 -85.98
N ASN AA 69 16.38 12.45 -86.36
CA ASN AA 69 15.34 11.72 -85.57
C ASN AA 69 14.03 12.50 -85.58
N SER AA 70 13.80 13.43 -86.50
CA SER AA 70 12.49 14.06 -86.75
C SER AA 70 11.81 13.27 -87.88
N SER AA 71 10.61 12.74 -87.64
CA SER AA 71 10.02 11.71 -88.54
C SER AA 71 9.34 12.35 -89.77
N THR AA 72 8.55 13.40 -89.58
CA THR AA 72 7.57 13.85 -90.62
C THR AA 72 8.27 14.55 -91.79
N GLU AA 73 9.04 15.62 -91.58
CA GLU AA 73 9.53 16.48 -92.69
C GLU AA 73 10.73 17.29 -92.21
N ILE AA 74 11.79 17.32 -93.01
CA ILE AA 74 13.03 18.10 -92.75
C ILE AA 74 13.15 19.17 -93.84
N PRO AA 75 13.54 20.40 -93.47
CA PRO AA 75 13.73 21.48 -94.44
C PRO AA 75 15.18 21.59 -94.91
N GLU AA 76 15.38 22.16 -96.11
CA GLU AA 76 16.70 22.35 -96.75
C GLU AA 76 17.60 23.20 -95.84
N PHE AA 77 18.84 22.78 -95.58
CA PHE AA 77 19.85 23.62 -94.90
C PHE AA 77 20.44 24.58 -95.91
N PRO AA 78 20.08 25.88 -95.90
CA PRO AA 78 20.42 26.76 -97.01
C PRO AA 78 21.90 27.16 -96.89
N ILE AA 79 22.59 27.36 -98.01
CA ILE AA 79 23.98 27.91 -98.05
C ILE AA 79 24.05 28.89 -99.23
N ALA AA 80 24.32 30.17 -98.96
CA ALA AA 80 24.43 31.21 -100.01
C ALA AA 80 25.70 30.98 -100.81
N PRO AA 81 25.67 31.21 -102.14
CA PRO AA 81 26.85 31.08 -102.99
C PRO AA 81 28.12 31.71 -102.39
N GLU AA 82 27.99 32.93 -101.85
CA GLU AA 82 29.11 33.77 -101.37
C GLU AA 82 29.93 33.01 -100.32
N ILE AA 83 29.28 32.12 -99.57
CA ILE AA 83 29.89 31.46 -98.38
C ILE AA 83 30.22 29.99 -98.70
N ALA AA 84 29.70 29.46 -99.80
CA ALA AA 84 29.66 28.01 -100.10
C ALA AA 84 31.06 27.37 -100.00
N LEU AA 85 32.05 27.97 -100.66
CA LEU AA 85 33.40 27.40 -100.81
C LEU AA 85 34.09 27.34 -99.43
N GLU AA 86 34.13 28.46 -98.73
CA GLU AA 86 34.80 28.61 -97.42
C GLU AA 86 34.14 27.66 -96.41
N LEU AA 87 32.82 27.49 -96.50
CA LEU AA 87 32.05 26.58 -95.62
C LEU AA 87 32.48 25.15 -95.92
N LEU AA 88 32.56 24.79 -97.21
CA LEU AA 88 33.00 23.44 -97.68
C LEU AA 88 34.38 23.15 -97.07
N MET AA 89 35.28 24.13 -97.14
CA MET AA 89 36.63 24.00 -96.54
C MET AA 89 36.46 23.71 -95.04
N ALA AA 90 35.81 24.64 -94.33
CA ALA AA 90 35.56 24.54 -92.86
C ALA AA 90 34.91 23.19 -92.56
N ALA AA 91 33.85 22.86 -93.30
CA ALA AA 91 33.10 21.59 -93.13
C ALA AA 91 34.08 20.41 -93.15
N ASN AA 92 34.97 20.35 -94.15
CA ASN AA 92 35.89 19.20 -94.31
C ASN AA 92 36.82 19.16 -93.12
N PHE AA 93 37.38 20.30 -92.71
CA PHE AA 93 38.33 20.37 -91.57
C PHE AA 93 37.61 19.86 -90.31
N LEU AA 94 36.37 20.27 -90.12
CA LEU AA 94 35.58 19.94 -88.90
C LEU AA 94 35.10 18.49 -88.93
N ASP AA 95 34.83 17.91 -90.10
CA ASP AA 95 34.31 16.52 -90.18
C ASP AA 95 32.81 16.52 -89.87
N CYS AA 96 32.19 17.68 -89.76
CA CYS AA 96 30.73 17.78 -89.52
C CYS AA 96 30.01 17.42 -90.81
N MET BA 1 5.44 26.08 -79.27
CA MET BA 1 6.39 26.11 -80.43
C MET BA 1 7.77 26.58 -79.95
N ASP BA 2 8.83 26.11 -80.60
CA ASP BA 2 10.23 26.45 -80.26
C ASP BA 2 10.73 27.60 -81.13
N VAL BA 3 11.62 28.43 -80.58
CA VAL BA 3 12.32 29.51 -81.32
C VAL BA 3 13.82 29.29 -81.13
N PHE BA 4 14.58 29.46 -82.21
CA PHE BA 4 16.06 29.33 -82.23
C PHE BA 4 16.66 30.73 -82.34
N LEU BA 5 17.62 31.02 -81.45
CA LEU BA 5 18.07 32.39 -81.16
C LEU BA 5 19.59 32.47 -81.22
N MET BA 6 20.07 33.64 -81.64
CA MET BA 6 21.46 34.10 -81.37
C MET BA 6 21.35 35.32 -80.44
N ILE BA 7 21.77 35.18 -79.20
CA ILE BA 7 21.89 36.31 -78.24
C ILE BA 7 23.31 36.85 -78.38
N ARG BA 8 23.44 38.07 -78.89
CA ARG BA 8 24.76 38.61 -79.27
C ARG BA 8 25.04 39.96 -78.61
N ARG BA 9 26.19 40.06 -77.98
CA ARG BA 9 26.69 41.32 -77.41
C ARG BA 9 28.10 41.44 -77.92
N HIS BA 10 28.47 42.57 -78.53
CA HIS BA 10 29.85 42.79 -79.01
C HIS BA 10 30.29 41.60 -79.90
N LYS BA 11 31.42 40.99 -79.57
CA LYS BA 11 31.94 39.86 -80.35
C LYS BA 11 31.52 38.54 -79.75
N THR BA 12 30.64 38.55 -78.76
CA THR BA 12 30.12 37.31 -78.16
C THR BA 12 28.78 36.95 -78.81
N THR BA 13 28.58 35.66 -79.09
CA THR BA 13 27.35 35.13 -79.72
C THR BA 13 26.98 33.82 -79.02
N ILE BA 14 25.81 33.79 -78.37
CA ILE BA 14 25.27 32.57 -77.70
C ILE BA 14 24.18 32.00 -78.61
N PHE BA 15 24.31 30.71 -78.95
CA PHE BA 15 23.30 29.93 -79.70
C PHE BA 15 22.47 29.13 -78.70
N THR BA 16 21.18 29.39 -78.64
CA THR BA 16 20.26 28.62 -77.76
C THR BA 16 18.83 28.69 -78.29
N ASP BA 17 18.00 27.77 -77.81
CA ASP BA 17 16.56 27.65 -78.16
C ASP BA 17 15.79 28.00 -76.88
N ALA BA 18 14.49 28.25 -77.02
CA ALA BA 18 13.57 28.68 -75.96
C ALA BA 18 12.16 28.56 -76.54
N LYS BA 19 11.16 28.50 -75.67
CA LYS BA 19 9.76 28.35 -76.11
C LYS BA 19 9.22 29.74 -76.44
N GLU BA 20 8.31 29.82 -77.41
CA GLU BA 20 7.50 31.03 -77.69
C GLU BA 20 6.89 31.52 -76.36
N SER BA 21 6.42 30.57 -75.53
CA SER BA 21 5.68 30.80 -74.26
C SER BA 21 6.63 31.24 -73.13
N SER BA 22 7.91 30.86 -73.20
CA SER BA 22 8.97 31.31 -72.24
C SER BA 22 9.10 32.83 -72.28
N THR BA 23 9.71 33.42 -71.25
CA THR BA 23 9.70 34.89 -71.00
C THR BA 23 11.09 35.48 -71.16
N VAL BA 24 11.15 36.77 -71.48
CA VAL BA 24 12.40 37.57 -71.62
C VAL BA 24 13.24 37.37 -70.36
N PHE BA 25 12.62 37.28 -69.19
CA PHE BA 25 13.34 37.10 -67.91
C PHE BA 25 14.08 35.75 -67.93
N GLU BA 26 13.36 34.67 -68.25
CA GLU BA 26 13.93 33.30 -68.30
C GLU BA 26 15.16 33.29 -69.22
N LEU BA 27 15.12 34.08 -70.29
CA LEU BA 27 16.23 34.19 -71.28
C LEU BA 27 17.43 34.87 -70.61
N LYS BA 28 17.18 35.96 -69.87
CA LYS BA 28 18.22 36.68 -69.10
C LYS BA 28 18.92 35.70 -68.15
N ARG BA 29 18.14 34.78 -67.55
CA ARG BA 29 18.65 33.78 -66.59
C ARG BA 29 19.59 32.82 -67.31
N ILE BA 30 19.24 32.41 -68.53
CA ILE BA 30 20.09 31.50 -69.35
C ILE BA 30 21.43 32.20 -69.60
N VAL BA 31 21.39 33.50 -69.96
CA VAL BA 31 22.58 34.36 -70.21
C VAL BA 31 23.40 34.45 -68.92
N GLU BA 32 22.73 34.68 -67.79
CA GLU BA 32 23.35 34.71 -66.44
C GLU BA 32 24.17 33.42 -66.26
N GLY BA 33 23.56 32.28 -66.54
CA GLY BA 33 24.18 30.95 -66.43
C GLY BA 33 25.47 30.83 -67.22
N ILE BA 34 25.60 31.57 -68.33
CA ILE BA 34 26.74 31.42 -69.29
C ILE BA 34 27.76 32.54 -69.04
N LEU BA 35 27.31 33.79 -69.01
CA LEU BA 35 28.18 35.00 -68.96
C LEU BA 35 28.32 35.52 -67.53
N LYS BA 36 27.67 34.87 -66.57
CA LYS BA 36 27.85 35.10 -65.10
C LYS BA 36 27.54 36.57 -64.78
N ARG BA 37 26.38 37.06 -65.23
CA ARG BA 37 25.92 38.45 -64.95
C ARG BA 37 24.40 38.40 -64.78
N PRO BA 38 23.87 38.82 -63.60
CA PRO BA 38 22.44 38.67 -63.30
C PRO BA 38 21.48 39.42 -64.23
N PRO BA 39 20.19 39.02 -64.25
CA PRO BA 39 19.16 39.69 -65.06
C PRO BA 39 19.00 41.21 -64.87
N ASP BA 40 19.40 41.74 -63.70
CA ASP BA 40 19.32 43.19 -63.38
C ASP BA 40 20.51 43.95 -63.98
N GLU BA 41 21.53 43.24 -64.51
CA GLU BA 41 22.70 43.86 -65.18
C GLU BA 41 22.57 43.70 -66.71
N GLN BA 42 21.52 43.03 -67.18
CA GLN BA 42 21.33 42.79 -68.64
C GLN BA 42 20.11 43.53 -69.16
N ARG BA 43 20.21 44.03 -70.40
CA ARG BA 43 19.07 44.48 -71.23
C ARG BA 43 19.06 43.66 -72.52
N LEU BA 44 17.90 43.10 -72.89
CA LEU BA 44 17.75 42.27 -74.10
C LEU BA 44 16.89 43.03 -75.11
N TYR BA 45 17.39 43.18 -76.34
CA TYR BA 45 16.71 43.91 -77.42
C TYR BA 45 16.36 42.96 -78.57
N LYS BA 46 15.22 43.18 -79.18
CA LYS BA 46 14.85 42.59 -80.47
C LYS BA 46 15.01 43.78 -81.39
N ASP BA 47 15.94 43.72 -82.32
CA ASP BA 47 16.31 44.89 -83.16
C ASP BA 47 16.66 46.02 -82.21
N ASP BA 48 15.99 47.17 -82.31
CA ASP BA 48 16.34 48.34 -81.47
C ASP BA 48 15.39 48.52 -80.29
N GLN BA 49 14.39 47.64 -80.10
CA GLN BA 49 13.37 47.83 -79.06
C GLN BA 49 13.73 47.01 -77.82
N LEU BA 50 13.62 47.61 -76.64
CA LEU BA 50 13.92 46.92 -75.36
C LEU BA 50 12.78 45.94 -75.08
N LEU BA 51 13.11 44.77 -74.53
CA LEU BA 51 12.14 43.72 -74.15
C LEU BA 51 11.95 43.73 -72.63
N ASP BA 52 10.68 43.84 -72.20
CA ASP BA 52 10.30 43.81 -70.76
C ASP BA 52 10.42 42.38 -70.25
N ASP BA 53 11.03 42.21 -69.08
CA ASP BA 53 11.31 40.89 -68.45
C ASP BA 53 10.05 40.04 -68.39
N GLY BA 54 8.86 40.67 -68.32
CA GLY BA 54 7.58 39.97 -68.03
C GLY BA 54 6.88 39.42 -69.27
N LYS BA 55 7.22 39.93 -70.46
CA LYS BA 55 6.59 39.51 -71.74
C LYS BA 55 7.16 38.14 -72.17
N THR BA 56 6.34 37.34 -72.84
CA THR BA 56 6.77 36.08 -73.53
C THR BA 56 7.47 36.45 -74.83
N LEU BA 57 8.53 35.74 -75.19
CA LEU BA 57 9.22 35.87 -76.51
C LEU BA 57 8.19 36.00 -77.65
N GLY BA 58 7.11 35.23 -77.59
CA GLY BA 58 5.97 35.32 -78.52
C GLY BA 58 5.47 36.75 -78.65
N GLU BA 59 5.16 37.37 -77.52
CA GLU BA 59 4.58 38.75 -77.42
C GLU BA 59 5.61 39.77 -77.91
N CYS BA 60 6.91 39.50 -77.73
CA CYS BA 60 8.04 40.38 -78.19
C CYS BA 60 8.11 40.39 -79.71
N GLY BA 61 7.68 39.32 -80.38
CA GLY BA 61 7.62 39.21 -81.85
C GLY BA 61 8.29 37.95 -82.39
N PHE BA 62 9.09 37.25 -81.58
CA PHE BA 62 9.80 36.00 -81.98
C PHE BA 62 8.77 34.89 -82.25
N THR BA 63 8.85 34.26 -83.43
CA THR BA 63 7.96 33.14 -83.80
C THR BA 63 8.82 31.98 -84.33
N SER BA 64 8.28 30.77 -84.30
CA SER BA 64 8.95 29.54 -84.81
C SER BA 64 9.33 29.72 -86.28
N GLN BA 65 8.51 30.45 -87.05
CA GLN BA 65 8.63 30.56 -88.52
C GLN BA 65 9.69 31.59 -88.91
N THR BA 66 10.19 32.42 -87.97
CA THR BA 66 11.24 33.44 -88.23
C THR BA 66 12.47 33.20 -87.33
N ALA BA 67 12.41 32.19 -86.46
CA ALA BA 67 13.51 31.78 -85.56
C ALA BA 67 13.79 30.28 -85.76
N ARG BA 68 14.09 29.89 -86.99
CA ARG BA 68 14.38 28.49 -87.38
C ARG BA 68 15.84 28.17 -87.03
N PRO BA 69 16.18 26.88 -86.80
CA PRO BA 69 17.51 26.50 -86.31
C PRO BA 69 18.69 27.01 -87.16
N GLN BA 70 18.50 27.05 -88.48
CA GLN BA 70 19.55 27.44 -89.47
C GLN BA 70 19.42 28.92 -89.86
N ALA BA 71 18.38 29.59 -89.38
CA ALA BA 71 18.15 31.04 -89.55
C ALA BA 71 17.73 31.64 -88.22
N PRO BA 72 18.56 31.52 -87.16
CA PRO BA 72 18.16 31.94 -85.83
C PRO BA 72 17.86 33.44 -85.83
N ALA BA 73 16.84 33.83 -85.06
CA ALA BA 73 16.50 35.23 -84.75
C ALA BA 73 17.57 35.77 -83.79
N THR BA 74 17.95 37.03 -83.96
CA THR BA 74 19.04 37.68 -83.18
C THR BA 74 18.43 38.54 -82.07
N VAL BA 75 18.69 38.18 -80.81
CA VAL BA 75 18.37 39.03 -79.61
C VAL BA 75 19.65 39.77 -79.23
N GLY BA 76 19.60 41.11 -79.21
CA GLY BA 76 20.74 41.96 -78.82
C GLY BA 76 20.87 42.04 -77.30
N LEU BA 77 22.11 42.10 -76.80
CA LEU BA 77 22.39 42.08 -75.35
C LEU BA 77 23.26 43.29 -74.98
N ALA BA 78 22.93 43.92 -73.86
CA ALA BA 78 23.68 45.05 -73.29
C ALA BA 78 23.88 44.79 -71.80
N PHE BA 79 25.09 45.08 -71.31
CA PHE BA 79 25.43 44.95 -69.88
C PHE BA 79 25.44 46.34 -69.25
N ARG BA 80 25.37 46.38 -67.92
CA ARG BA 80 25.36 47.65 -67.20
C ARG BA 80 26.77 47.97 -66.67
N ALA BA 81 27.09 49.24 -66.70
CA ALA BA 81 28.08 49.87 -65.81
C ALA BA 81 27.40 50.32 -64.49
N ASP BA 82 28.13 51.03 -63.65
CA ASP BA 82 27.76 51.19 -62.23
C ASP BA 82 26.39 51.85 -62.15
N ASP BA 83 26.14 52.89 -62.95
CA ASP BA 83 24.85 53.62 -62.96
C ASP BA 83 24.13 53.59 -64.32
N THR BA 84 24.83 53.36 -65.41
CA THR BA 84 24.23 53.41 -66.77
C THR BA 84 24.48 52.11 -67.54
N PHE BA 85 23.64 51.83 -68.53
CA PHE BA 85 23.79 50.69 -69.46
C PHE BA 85 24.58 51.14 -70.68
N GLU BA 86 25.52 50.30 -71.12
CA GLU BA 86 26.23 50.51 -72.40
C GLU BA 86 25.19 50.52 -73.53
N ALA BA 87 25.51 51.19 -74.63
CA ALA BA 87 24.72 51.13 -75.88
C ALA BA 87 24.72 49.69 -76.38
N LEU BA 88 23.62 49.27 -77.00
CA LEU BA 88 23.56 47.95 -77.68
C LEU BA 88 24.55 47.99 -78.84
N CYS BA 89 25.60 47.19 -78.79
CA CYS BA 89 26.64 47.12 -79.83
C CYS BA 89 26.87 45.65 -80.22
N ILE BA 90 26.53 45.27 -81.45
CA ILE BA 90 26.73 43.90 -82.00
C ILE BA 90 27.72 44.00 -83.17
N GLU BA 91 28.99 43.73 -82.90
CA GLU BA 91 30.09 43.80 -83.90
C GLU BA 91 29.78 42.82 -85.02
N PRO BA 92 29.69 43.27 -86.29
CA PRO BA 92 29.28 42.38 -87.37
C PRO BA 92 30.29 41.27 -87.68
N PHE BA 93 29.79 40.18 -88.26
CA PHE BA 93 30.62 39.02 -88.67
C PHE BA 93 31.42 39.39 -89.93
N SER BA 94 32.52 38.69 -90.17
CA SER BA 94 33.47 39.01 -91.28
C SER BA 94 32.76 38.93 -92.63
N SER BA 95 33.10 39.80 -93.57
CA SER BA 95 32.56 39.78 -94.95
C SER BA 95 33.15 38.63 -95.77
N PRO BA 96 32.37 38.01 -96.68
CA PRO BA 96 32.84 36.91 -97.50
C PRO BA 96 33.54 37.42 -98.75
N PRO BA 97 34.56 36.69 -99.25
CA PRO BA 97 35.34 37.14 -100.41
C PRO BA 97 34.47 37.16 -101.67
N GLU BA 98 34.76 38.11 -102.57
CA GLU BA 98 33.97 38.37 -103.81
C GLU BA 98 33.64 37.03 -104.47
N LEU BA 99 32.42 36.86 -104.98
CA LEU BA 99 31.96 35.58 -105.55
C LEU BA 99 32.84 35.23 -106.75
N PRO BA 100 33.57 34.10 -106.74
CA PRO BA 100 34.41 33.71 -107.88
C PRO BA 100 33.62 33.64 -109.20
N ASP BA 101 34.23 34.04 -110.32
CA ASP BA 101 33.52 34.23 -111.61
C ASP BA 101 32.88 32.91 -112.03
N VAL BA 102 33.39 31.78 -111.57
CA VAL BA 102 32.86 30.45 -111.99
C VAL BA 102 31.40 30.31 -111.53
N MET BA 103 31.04 30.87 -110.37
CA MET BA 103 29.70 30.70 -109.75
C MET BA 103 28.75 31.83 -110.14
N LYS BA 104 29.11 32.70 -111.09
CA LYS BA 104 28.30 33.91 -111.44
C LYS BA 104 27.36 33.57 -112.60
N LEU CA 12 -19.61 44.04 45.04
CA LEU CA 12 -18.59 43.26 45.81
C LEU CA 12 -18.72 41.76 45.49
N THR CA 13 -19.95 41.23 45.40
CA THR CA 13 -20.24 39.80 45.09
C THR CA 13 -19.75 39.46 43.67
N LYS CA 14 -19.90 40.39 42.72
CA LYS CA 14 -19.43 40.22 41.31
C LYS CA 14 -17.90 40.13 41.31
N GLN CA 15 -17.24 40.99 42.09
CA GLN CA 15 -15.76 41.03 42.25
C GLN CA 15 -15.27 39.77 42.97
N MET CA 16 -15.97 39.33 44.02
CA MET CA 16 -15.60 38.13 44.83
C MET CA 16 -15.69 36.86 43.98
N ASN CA 17 -16.65 36.80 43.05
CA ASN CA 17 -16.86 35.64 42.14
C ASN CA 17 -15.76 35.63 41.06
N ALA CA 18 -15.41 36.79 40.50
CA ALA CA 18 -14.35 36.96 39.49
C ALA CA 18 -13.00 36.44 40.04
N ILE CA 19 -12.70 36.72 41.31
CA ILE CA 19 -11.43 36.32 41.98
C ILE CA 19 -11.44 34.81 42.26
N ILE CA 20 -12.53 34.27 42.83
CA ILE CA 20 -12.63 32.84 43.24
C ILE CA 20 -12.73 31.96 41.97
N ASP CA 21 -13.43 32.41 40.93
CA ASP CA 21 -13.60 31.65 39.66
C ASP CA 21 -12.31 31.65 38.84
N THR CA 22 -11.52 32.74 38.86
CA THR CA 22 -10.20 32.83 38.16
C THR CA 22 -9.21 31.83 38.77
N VAL CA 23 -9.19 31.68 40.10
CA VAL CA 23 -8.27 30.76 40.84
C VAL CA 23 -8.62 29.31 40.49
N ILE CA 24 -9.92 29.00 40.39
CA ILE CA 24 -10.45 27.63 40.07
C ILE CA 24 -10.16 27.30 38.60
N ASN CA 25 -10.56 28.19 37.68
CA ASN CA 25 -10.45 28.01 36.20
C ASN CA 25 -8.98 28.01 35.76
N TYR CA 26 -8.07 28.51 36.62
CA TYR CA 26 -6.62 28.68 36.32
C TYR CA 26 -5.99 27.32 36.01
N LYS CA 27 -5.44 27.19 34.79
CA LYS CA 27 -4.64 26.02 34.32
C LYS CA 27 -3.17 26.48 34.21
N ASP CA 28 -2.23 25.59 34.56
CA ASP CA 28 -0.76 25.84 34.43
C ASP CA 28 -0.35 25.61 32.97
N SER CA 29 0.95 25.63 32.67
CA SER CA 29 1.52 25.68 31.30
C SER CA 29 1.64 24.28 30.68
N SER CA 30 1.00 23.25 31.26
CA SER CA 30 0.81 21.90 30.66
C SER CA 30 -0.67 21.64 30.37
N GLY CA 31 -1.57 22.58 30.72
CA GLY CA 31 -3.01 22.54 30.41
C GLY CA 31 -3.86 21.98 31.55
N ARG CA 32 -3.23 21.47 32.62
CA ARG CA 32 -3.90 20.82 33.78
C ARG CA 32 -4.41 21.89 34.75
N GLN CA 33 -5.65 21.73 35.23
CA GLN CA 33 -6.30 22.60 36.25
C GLN CA 33 -5.80 22.21 37.64
N LEU CA 34 -5.31 23.18 38.43
CA LEU CA 34 -4.71 22.95 39.78
C LEU CA 34 -5.81 22.77 40.83
N SER CA 35 -6.92 23.53 40.72
CA SER CA 35 -7.96 23.69 41.77
C SER CA 35 -8.76 22.39 42.02
N GLU CA 36 -8.92 21.49 41.03
CA GLU CA 36 -10.07 20.52 41.03
C GLU CA 36 -10.07 19.65 42.29
N VAL CA 37 -8.87 19.33 42.80
CA VAL CA 37 -8.68 18.48 44.00
C VAL CA 37 -8.90 19.30 45.26
N PHE CA 38 -8.69 20.60 45.21
CA PHE CA 38 -8.96 21.53 46.36
C PHE CA 38 -10.44 21.96 46.31
N ILE CA 39 -11.14 21.73 45.19
CA ILE CA 39 -12.55 22.19 44.98
C ILE CA 39 -13.45 21.54 46.03
N GLN CA 40 -13.26 20.25 46.31
CA GLN CA 40 -14.04 19.53 47.36
C GLN CA 40 -13.14 18.72 48.31
N LEU CA 41 -13.41 18.88 49.61
CA LEU CA 41 -12.69 18.18 50.69
C LEU CA 41 -13.15 16.72 50.71
N PRO CA 42 -12.27 15.78 51.12
CA PRO CA 42 -12.66 14.37 51.26
C PRO CA 42 -13.54 14.16 52.49
N SER CA 43 -14.30 13.06 52.55
CA SER CA 43 -15.06 12.65 53.75
C SER CA 43 -14.08 12.14 54.82
N ARG CA 44 -14.47 12.16 56.10
CA ARG CA 44 -13.60 11.70 57.22
C ARG CA 44 -13.45 10.17 57.13
N LYS CA 45 -14.54 9.47 56.79
CA LYS CA 45 -14.54 8.02 56.49
C LYS CA 45 -13.39 7.70 55.52
N GLU CA 46 -13.29 8.45 54.43
CA GLU CA 46 -12.21 8.32 53.41
C GLU CA 46 -10.84 8.56 54.08
N LEU CA 47 -10.60 9.77 54.59
CA LEU CA 47 -9.28 10.22 55.10
C LEU CA 47 -9.40 10.78 56.51
N PRO CA 48 -9.33 9.92 57.55
CA PRO CA 48 -9.40 10.35 58.95
C PRO CA 48 -8.19 11.18 59.44
N GLU CA 49 -7.06 11.11 58.73
CA GLU CA 49 -5.78 11.77 59.10
C GLU CA 49 -5.90 13.28 58.90
N TYR CA 50 -6.57 13.75 57.83
CA TYR CA 50 -6.69 15.19 57.53
C TYR CA 50 -7.50 15.84 58.66
N TYR CA 51 -8.52 15.18 59.16
CA TYR CA 51 -9.48 15.73 60.15
C TYR CA 51 -8.97 15.56 61.59
N GLU CA 52 -7.84 14.86 61.78
CA GLU CA 52 -7.12 14.75 63.06
C GLU CA 52 -5.98 15.79 63.11
N LEU CA 53 -5.40 16.15 61.97
CA LEU CA 53 -4.18 17.00 61.84
C LEU CA 53 -4.54 18.44 61.44
N ILE CA 54 -5.56 18.64 60.61
CA ILE CA 54 -6.03 19.99 60.16
C ILE CA 54 -7.18 20.47 61.06
N ARG CA 55 -7.03 21.67 61.63
CA ARG CA 55 -7.92 22.25 62.67
C ARG CA 55 -9.24 22.72 62.05
N LYS CA 56 -9.17 23.57 61.01
CA LYS CA 56 -10.34 24.28 60.41
C LYS CA 56 -10.45 23.91 58.93
N PRO CA 57 -10.98 22.70 58.61
CA PRO CA 57 -11.13 22.25 57.22
C PRO CA 57 -12.11 23.10 56.40
N VAL CA 58 -11.64 23.62 55.26
CA VAL CA 58 -12.45 24.44 54.31
C VAL CA 58 -11.98 24.13 52.89
N ASP CA 59 -12.91 24.08 51.93
CA ASP CA 59 -12.62 23.81 50.50
C ASP CA 59 -12.97 25.03 49.63
N PHE CA 60 -13.01 24.84 48.30
CA PHE CA 60 -13.31 25.92 47.32
C PHE CA 60 -14.82 26.04 47.08
N LYS CA 61 -15.63 25.02 47.43
CA LYS CA 61 -17.11 25.07 47.35
C LYS CA 61 -17.69 25.64 48.65
N LYS CA 62 -17.01 25.45 49.77
CA LYS CA 62 -17.34 26.05 51.10
C LYS CA 62 -17.00 27.55 51.11
N ILE CA 63 -16.20 28.03 50.15
CA ILE CA 63 -15.87 29.48 49.94
C ILE CA 63 -16.92 30.10 49.02
N LYS CA 64 -17.39 29.38 48.00
CA LYS CA 64 -18.52 29.80 47.11
C LYS CA 64 -19.82 29.85 47.93
N GLU CA 65 -19.98 28.92 48.89
CA GLU CA 65 -21.12 28.84 49.84
C GLU CA 65 -21.15 30.10 50.71
N ARG CA 66 -19.99 30.53 51.21
CA ARG CA 66 -19.84 31.69 52.15
C ARG CA 66 -19.81 33.02 51.38
N ILE CA 67 -19.70 32.99 50.05
CA ILE CA 67 -19.82 34.18 49.15
C ILE CA 67 -21.31 34.47 48.89
N ARG CA 68 -22.15 33.44 48.83
CA ARG CA 68 -23.63 33.54 48.65
C ARG CA 68 -24.30 33.91 49.98
N ASN CA 69 -23.81 33.37 51.10
CA ASN CA 69 -24.34 33.60 52.47
C ASN CA 69 -23.84 34.94 53.04
N HIS CA 70 -22.85 35.55 52.38
CA HIS CA 70 -22.28 36.89 52.72
C HIS CA 70 -21.62 36.86 54.10
N LYS CA 71 -20.91 35.77 54.44
CA LYS CA 71 -20.17 35.60 55.72
C LYS CA 71 -18.88 36.44 55.68
N TYR CA 72 -18.23 36.52 54.51
CA TYR CA 72 -17.03 37.36 54.25
C TYR CA 72 -17.49 38.82 54.02
N ARG CA 73 -17.00 39.75 54.84
CA ARG CA 73 -17.46 41.16 54.87
C ARG CA 73 -16.63 42.01 53.92
N SER CA 74 -15.36 41.66 53.70
CA SER CA 74 -14.42 42.37 52.79
C SER CA 74 -13.69 41.34 51.90
N LEU CA 75 -12.83 41.83 51.00
CA LEU CA 75 -11.96 40.99 50.12
C LEU CA 75 -10.74 40.50 50.92
N GLY CA 76 -10.52 41.02 52.12
CA GLY CA 76 -9.47 40.57 53.06
C GLY CA 76 -9.91 39.40 53.93
N ASP CA 77 -11.22 39.16 54.02
CA ASP CA 77 -11.83 38.03 54.79
C ASP CA 77 -11.97 36.80 53.89
N LEU CA 78 -12.22 37.01 52.58
CA LEU CA 78 -12.21 35.96 51.53
C LEU CA 78 -10.78 35.41 51.38
N GLU CA 79 -9.76 36.28 51.47
CA GLU CA 79 -8.32 35.94 51.33
C GLU CA 79 -7.84 35.14 52.55
N LYS CA 80 -8.30 35.50 53.75
CA LYS CA 80 -7.88 34.92 55.06
C LYS CA 80 -8.17 33.41 55.10
N ASP CA 81 -9.23 32.94 54.40
CA ASP CA 81 -9.70 31.53 54.40
C ASP CA 81 -9.25 30.77 53.14
N VAL CA 82 -8.81 31.47 52.08
CA VAL CA 82 -8.13 30.86 50.90
C VAL CA 82 -6.67 30.54 51.27
N MET CA 83 -6.05 31.39 52.11
CA MET CA 83 -4.70 31.16 52.68
C MET CA 83 -4.77 30.02 53.72
N LEU CA 84 -5.91 29.88 54.42
CA LEU CA 84 -6.13 28.88 55.51
C LEU CA 84 -6.19 27.47 54.92
N LEU CA 85 -6.93 27.25 53.82
CA LEU CA 85 -7.04 25.91 53.17
C LEU CA 85 -5.75 25.60 52.40
N CYS CA 86 -5.17 26.59 51.70
CA CYS CA 86 -3.91 26.44 50.93
C CYS CA 86 -2.77 26.12 51.91
N HIS CA 87 -2.82 26.68 53.13
CA HIS CA 87 -1.88 26.38 54.24
C HIS CA 87 -2.27 25.07 54.96
N ASN CA 88 -3.56 24.75 55.04
CA ASN CA 88 -4.06 23.47 55.61
C ASN CA 88 -3.54 22.31 54.74
N ALA CA 89 -3.53 22.50 53.42
CA ALA CA 89 -3.07 21.46 52.45
C ALA CA 89 -1.57 21.25 52.66
N GLN CA 90 -0.81 22.35 52.72
CA GLN CA 90 0.66 22.32 52.83
C GLN CA 90 1.10 21.51 54.05
N THR CA 91 0.45 21.65 55.21
CA THR CA 91 0.91 20.90 56.43
C THR CA 91 0.73 19.39 56.21
N PHE CA 92 -0.50 19.00 55.88
CA PHE CA 92 -0.93 17.60 55.77
C PHE CA 92 -0.22 16.87 54.62
N ASN CA 93 -0.03 17.58 53.51
CA ASN CA 93 0.76 17.09 52.36
C ASN CA 93 2.23 17.43 52.52
N LEU CA 94 3.08 16.86 51.68
CA LEU CA 94 4.55 17.02 51.78
C LEU CA 94 4.98 18.32 51.12
N GLU CA 95 6.19 18.78 51.44
CA GLU CA 95 6.85 19.93 50.80
C GLU CA 95 6.88 19.78 49.27
N GLY CA 96 7.33 18.65 48.74
CA GLY CA 96 7.53 18.53 47.29
C GLY CA 96 6.30 17.95 46.61
N SER CA 97 5.20 17.74 47.32
CA SER CA 97 4.05 16.99 46.75
C SER CA 97 3.39 17.84 45.67
N GLN CA 98 2.72 17.19 44.71
CA GLN CA 98 2.04 17.88 43.58
C GLN CA 98 0.97 18.79 44.14
N ILE CA 99 0.29 18.38 45.20
CA ILE CA 99 -0.80 19.12 45.89
C ILE CA 99 -0.21 20.31 46.69
N TYR CA 100 0.98 20.14 47.24
CA TYR CA 100 1.67 21.14 48.10
C TYR CA 100 2.00 22.39 47.28
N GLU CA 101 2.68 22.21 46.15
CA GLU CA 101 3.23 23.31 45.31
C GLU CA 101 2.12 24.02 44.52
N ASP CA 102 0.94 23.40 44.38
CA ASP CA 102 -0.23 24.00 43.70
C ASP CA 102 -1.01 24.91 44.65
N SER CA 103 -1.02 24.59 45.95
CA SER CA 103 -1.56 25.47 47.02
C SER CA 103 -0.61 26.67 47.25
N ILE CA 104 0.66 26.53 46.86
CA ILE CA 104 1.69 27.62 46.79
C ILE CA 104 1.41 28.50 45.56
N VAL CA 105 0.98 27.90 44.45
CA VAL CA 105 0.59 28.58 43.18
C VAL CA 105 -0.82 29.18 43.31
N LEU CA 106 -1.76 28.48 43.97
CA LEU CA 106 -3.16 28.96 44.17
C LEU CA 106 -3.21 30.19 45.10
N GLN CA 107 -2.21 30.34 45.97
CA GLN CA 107 -2.03 31.55 46.83
C GLN CA 107 -1.43 32.70 46.01
N SER CA 108 -0.60 32.37 45.01
CA SER CA 108 0.10 33.32 44.10
C SER CA 108 -0.82 33.77 42.96
N VAL CA 109 -1.81 32.94 42.59
CA VAL CA 109 -2.81 33.22 41.52
C VAL CA 109 -4.04 33.92 42.14
N PHE CA 110 -4.28 33.75 43.44
CA PHE CA 110 -5.34 34.47 44.20
C PHE CA 110 -4.86 35.90 44.53
N LYS CA 111 -3.56 36.06 44.81
CA LYS CA 111 -2.93 37.36 45.19
C LYS CA 111 -2.70 38.24 43.95
N SER CA 112 -2.74 37.67 42.74
CA SER CA 112 -2.66 38.40 41.44
C SER CA 112 -4.06 38.63 40.87
N ALA CA 113 -5.03 37.76 41.21
CA ALA CA 113 -6.44 37.83 40.76
C ALA CA 113 -7.21 38.89 41.56
N ARG CA 114 -6.94 39.02 42.87
CA ARG CA 114 -7.54 40.07 43.74
C ARG CA 114 -6.94 41.44 43.39
N GLN CA 115 -5.69 41.46 42.93
CA GLN CA 115 -4.91 42.71 42.66
C GLN CA 115 -5.32 43.31 41.30
N LYS CA 116 -5.96 42.51 40.43
CA LYS CA 116 -6.43 42.94 39.08
C LYS CA 116 -7.88 43.44 39.15
N ILE CA 117 -8.76 42.73 39.89
CA ILE CA 117 -10.22 43.00 39.96
C ILE CA 117 -10.50 44.17 40.92
N ALA CA 118 -9.87 44.18 42.11
CA ALA CA 118 -10.14 45.14 43.21
C ALA CA 118 -9.55 46.52 42.91
N LYS CA 119 -8.57 46.63 42.00
CA LYS CA 119 -7.93 47.91 41.60
C LYS CA 119 -7.56 47.90 40.11
N GLU CA 120 -8.54 48.16 39.24
CA GLU CA 120 -8.37 48.44 37.78
C GLU CA 120 -9.64 49.10 37.24
N VAL DA 10 9.03 16.83 37.58
CA VAL DA 10 10.06 15.82 37.97
C VAL DA 10 9.39 14.45 38.04
N LEU DA 11 10.00 13.47 38.71
CA LEU DA 11 9.48 12.09 38.78
C LEU DA 11 8.46 12.02 39.92
N ARG DA 12 7.28 12.45 39.60
CA ARG DA 12 6.25 13.01 40.52
C ARG DA 12 5.41 11.91 41.15
N SER DA 13 5.03 10.86 40.44
CA SER DA 13 4.11 9.81 40.92
C SER DA 13 2.83 10.46 41.48
N VAL DA 14 2.03 11.07 40.61
CA VAL DA 14 0.96 12.05 40.96
C VAL DA 14 -0.23 11.33 41.61
N ASN DA 15 -0.78 11.88 42.67
CA ASN DA 15 -1.98 11.33 43.33
C ASN DA 15 -3.09 11.28 42.30
N SER DA 16 -3.69 10.11 42.10
CA SER DA 16 -4.87 9.95 41.21
C SER DA 16 -6.20 9.68 41.94
N ARG DA 17 -6.23 8.78 42.94
CA ARG DA 17 -7.50 8.35 43.61
C ARG DA 17 -8.30 7.39 42.71
N GLU DA 18 -7.83 7.16 41.51
CA GLU DA 18 -8.38 6.19 40.54
C GLU DA 18 -7.43 5.00 40.48
N PRO DA 19 -7.89 3.82 40.98
CA PRO DA 19 -7.08 2.61 40.97
C PRO DA 19 -6.73 2.15 39.56
N SER DA 20 -5.55 1.57 39.41
CA SER DA 20 -5.09 0.97 38.14
C SER DA 20 -4.51 -0.42 38.45
N GLN DA 21 -5.25 -1.49 38.20
CA GLN DA 21 -4.73 -2.87 38.37
C GLN DA 21 -3.58 -3.08 37.38
N VAL DA 22 -2.48 -3.66 37.85
CA VAL DA 22 -1.23 -3.85 37.04
C VAL DA 22 -0.76 -5.29 37.26
N ILE DA 23 -0.04 -5.85 36.30
CA ILE DA 23 0.61 -7.18 36.44
C ILE DA 23 2.12 -7.00 36.34
N PHE DA 24 2.82 -7.12 37.47
CA PHE DA 24 4.30 -7.12 37.48
C PHE DA 24 4.76 -8.51 37.07
N CYS DA 25 5.39 -8.61 35.90
CA CYS DA 25 5.91 -9.90 35.36
C CYS DA 25 7.43 -9.82 35.32
N ASN DA 26 8.10 -10.62 36.13
CA ASN DA 26 9.58 -10.63 36.20
C ASN DA 26 10.08 -11.68 35.22
N ARG DA 27 10.50 -11.22 34.05
CA ARG DA 27 11.11 -12.06 33.00
C ARG DA 27 12.60 -11.78 32.96
N SER DA 28 13.19 -11.41 34.08
CA SER DA 28 14.66 -11.34 34.24
C SER DA 28 15.10 -12.59 34.99
N PRO DA 29 16.38 -12.96 34.93
CA PRO DA 29 16.88 -14.10 35.70
C PRO DA 29 17.13 -13.73 37.17
N ARG DA 30 16.91 -12.47 37.51
CA ARG DA 30 17.29 -11.87 38.81
C ARG DA 30 16.06 -11.71 39.70
N VAL DA 31 16.30 -11.57 41.01
CA VAL DA 31 15.26 -11.13 41.97
C VAL DA 31 15.04 -9.64 41.73
N VAL DA 32 13.80 -9.23 41.55
CA VAL DA 32 13.46 -7.84 41.10
C VAL DA 32 12.93 -7.07 42.30
N LEU DA 33 13.46 -5.88 42.53
CA LEU DA 33 12.95 -4.93 43.54
C LEU DA 33 12.12 -3.87 42.82
N PRO DA 34 10.78 -3.95 42.91
CA PRO DA 34 9.93 -2.87 42.44
C PRO DA 34 10.14 -1.65 43.36
N VAL DA 35 10.29 -0.48 42.75
CA VAL DA 35 10.57 0.80 43.45
C VAL DA 35 9.52 1.82 43.02
N TRP DA 36 8.58 2.13 43.91
CA TRP DA 36 7.53 3.14 43.66
C TRP DA 36 8.05 4.52 44.05
N LEU DA 37 8.07 5.47 43.11
CA LEU DA 37 8.32 6.89 43.45
C LEU DA 37 7.04 7.44 44.09
N ASN DA 38 7.19 7.96 45.32
CA ASN DA 38 6.10 8.56 46.13
C ASN DA 38 5.81 9.96 45.58
N PHE DA 39 4.89 10.70 46.22
CA PHE DA 39 4.40 11.99 45.70
C PHE DA 39 5.50 13.04 45.82
N ASP DA 40 6.34 12.93 46.85
CA ASP DA 40 7.49 13.84 47.03
C ASP DA 40 8.59 13.46 46.03
N GLY DA 41 8.51 12.23 45.50
CA GLY DA 41 9.47 11.72 44.51
C GLY DA 41 10.63 11.02 45.19
N GLU DA 42 10.38 10.39 46.33
CA GLU DA 42 11.39 9.60 47.06
C GLU DA 42 11.17 8.12 46.74
N PRO DA 43 12.20 7.40 46.25
CA PRO DA 43 12.09 5.97 46.00
C PRO DA 43 11.57 5.22 47.23
N GLN DA 44 10.62 4.31 47.05
CA GLN DA 44 10.07 3.44 48.10
C GLN DA 44 10.22 1.99 47.70
N PRO DA 45 11.15 1.23 48.32
CA PRO DA 45 11.22 -0.21 48.12
C PRO DA 45 9.89 -0.93 48.40
N TYR DA 46 9.55 -1.88 47.53
CA TYR DA 46 8.35 -2.75 47.65
C TYR DA 46 8.80 -4.21 47.62
N PRO DA 47 7.89 -5.15 47.96
CA PRO DA 47 8.23 -6.57 48.03
C PRO DA 47 8.87 -7.12 46.75
N THR DA 48 9.87 -7.99 46.87
CA THR DA 48 10.66 -8.48 45.71
C THR DA 48 9.87 -9.55 44.94
N LEU DA 49 10.09 -9.58 43.62
CA LEU DA 49 9.57 -10.62 42.69
C LEU DA 49 10.67 -11.62 42.39
N PRO DA 50 10.49 -12.92 42.71
CA PRO DA 50 11.45 -13.94 42.31
C PRO DA 50 11.49 -14.05 40.80
N PRO DA 51 12.61 -14.53 40.21
CA PRO DA 51 12.72 -14.65 38.76
C PRO DA 51 11.59 -15.56 38.24
N GLY DA 52 10.99 -15.16 37.11
CA GLY DA 52 9.98 -15.95 36.41
C GLY DA 52 8.65 -15.96 37.14
N THR DA 53 8.35 -14.93 37.91
CA THR DA 53 7.07 -14.85 38.64
C THR DA 53 6.28 -13.65 38.14
N GLY DA 54 4.99 -13.64 38.41
CA GLY DA 54 4.12 -12.55 37.92
C GLY DA 54 2.93 -12.41 38.81
N ARG DA 55 2.62 -11.20 39.28
CA ARG DA 55 1.53 -11.01 40.26
C ARG DA 55 0.73 -9.77 39.87
N ARG DA 56 -0.54 -9.79 40.22
CA ARG DA 56 -1.44 -8.63 40.06
C ARG DA 56 -1.21 -7.73 41.27
N ILE DA 57 -1.00 -6.44 41.06
CA ILE DA 57 -0.71 -5.51 42.18
C ILE DA 57 -1.67 -4.33 42.03
N HIS DA 58 -2.10 -3.75 43.15
CA HIS DA 58 -2.98 -2.56 43.11
C HIS DA 58 -2.10 -1.32 43.14
N SER DA 59 -2.09 -0.58 42.04
CA SER DA 59 -1.45 0.75 41.95
C SER DA 59 -2.53 1.74 41.52
N TYR DA 60 -2.15 2.98 41.33
CA TYR DA 60 -3.12 4.03 40.93
C TYR DA 60 -2.65 4.66 39.63
N ARG DA 61 -3.57 5.29 38.91
CA ARG DA 61 -3.22 5.91 37.61
C ARG DA 61 -2.18 7.01 37.86
N GLY DA 62 -1.19 7.12 36.98
CA GLY DA 62 -0.19 8.20 37.04
C GLY DA 62 0.93 7.90 38.01
N HIS DA 63 0.80 6.86 38.83
CA HIS DA 63 1.87 6.46 39.77
C HIS DA 63 3.08 5.98 38.97
N LEU DA 64 4.26 6.44 39.33
CA LEU DA 64 5.51 6.16 38.59
C LEU DA 64 6.29 5.06 39.32
N TRP DA 65 6.67 4.00 38.61
CA TRP DA 65 7.47 2.87 39.16
C TRP DA 65 8.82 2.74 38.46
N LEU DA 66 9.69 1.93 39.07
CA LEU DA 66 11.05 1.65 38.58
C LEU DA 66 11.44 0.26 39.09
N PHE DA 67 12.22 -0.52 38.36
CA PHE DA 67 12.58 -1.89 38.80
C PHE DA 67 14.09 -2.09 38.79
N ARG DA 68 14.58 -2.92 39.72
CA ARG DA 68 16.04 -3.17 39.90
C ARG DA 68 16.34 -4.54 40.52
N ASP DA 69 17.55 -5.03 40.30
CA ASP DA 69 18.08 -6.27 40.91
C ASP DA 69 18.16 -6.04 42.43
N ALA DA 70 17.27 -6.67 43.20
CA ALA DA 70 17.14 -6.47 44.65
C ALA DA 70 18.51 -6.54 45.32
N GLY DA 71 19.37 -7.49 44.90
CA GLY DA 71 20.73 -7.66 45.41
C GLY DA 71 21.66 -6.53 45.00
N THR DA 72 22.01 -6.46 43.72
CA THR DA 72 23.13 -5.63 43.21
C THR DA 72 22.70 -4.17 43.00
N HIS DA 73 21.39 -3.89 42.99
CA HIS DA 73 20.78 -2.58 42.64
C HIS DA 73 21.04 -2.24 41.16
N ASP DA 74 21.43 -3.25 40.35
CA ASP DA 74 21.61 -3.14 38.88
C ASP DA 74 20.30 -2.66 38.23
N GLY DA 75 20.42 -1.90 37.13
CA GLY DA 75 19.28 -1.35 36.39
C GLY DA 75 18.58 -2.41 35.55
N LEU DA 76 17.25 -2.44 35.63
CA LEU DA 76 16.41 -3.31 34.77
C LEU DA 76 15.55 -2.43 33.87
N LEU DA 77 14.74 -3.06 33.02
CA LEU DA 77 13.83 -2.38 32.08
C LEU DA 77 12.40 -2.89 32.30
N VAL DA 78 11.43 -2.03 32.04
CA VAL DA 78 9.99 -2.43 32.08
C VAL DA 78 9.36 -1.94 30.76
N ASN DA 79 8.93 -2.88 29.93
CA ASN DA 79 8.33 -2.58 28.61
C ASN DA 79 9.40 -1.80 27.82
N GLN DA 80 10.63 -2.33 27.82
CA GLN DA 80 11.79 -1.83 27.05
C GLN DA 80 12.15 -0.39 27.42
N THR DA 81 11.68 0.12 28.54
CA THR DA 81 12.09 1.46 29.03
C THR DA 81 12.43 1.39 30.51
N GLU DA 82 12.79 2.54 31.11
CA GLU DA 82 13.35 2.64 32.47
C GLU DA 82 12.24 2.91 33.50
N LEU DA 83 11.20 3.64 33.11
CA LEU DA 83 10.08 4.00 34.03
C LEU DA 83 8.81 3.33 33.53
N PHE DA 84 7.95 2.93 34.47
CA PHE DA 84 6.60 2.39 34.16
C PHE DA 84 5.57 3.28 34.85
N VAL DA 85 4.60 3.78 34.11
CA VAL DA 85 3.47 4.57 34.68
C VAL DA 85 2.20 3.94 34.16
N PRO DA 86 1.38 3.30 35.02
CA PRO DA 86 0.17 2.65 34.54
C PRO DA 86 -0.79 3.65 33.89
N SER DA 87 -1.28 3.29 32.70
CA SER DA 87 -2.33 4.08 32.02
C SER DA 87 -3.65 3.83 32.76
N LEU DA 88 -4.66 4.66 32.59
CA LEU DA 88 -5.95 4.32 33.23
C LEU DA 88 -6.46 3.05 32.56
N ASN DA 89 -6.97 2.10 33.34
CA ASN DA 89 -7.42 0.81 32.75
C ASN DA 89 -8.57 1.06 31.80
N VAL DA 90 -8.56 0.36 30.68
CA VAL DA 90 -9.69 0.44 29.71
C VAL DA 90 -10.57 -0.79 29.92
N ASP DA 91 -11.82 -0.55 30.28
CA ASP DA 91 -12.84 -1.60 30.50
C ASP DA 91 -12.37 -2.62 31.55
N GLY DA 92 -11.59 -2.19 32.55
CA GLY DA 92 -11.16 -3.06 33.66
C GLY DA 92 -10.01 -3.98 33.31
N GLN DA 93 -9.54 -3.94 32.07
CA GLN DA 93 -8.45 -4.79 31.59
C GLN DA 93 -7.19 -4.39 32.35
N PRO DA 94 -6.43 -5.34 32.91
CA PRO DA 94 -5.23 -5.03 33.68
C PRO DA 94 -4.09 -4.63 32.75
N ILE DA 95 -3.30 -3.66 33.19
CA ILE DA 95 -2.09 -3.19 32.46
C ILE DA 95 -0.99 -4.21 32.74
N PHE DA 96 0.03 -4.29 31.89
CA PHE DA 96 1.10 -5.30 32.05
C PHE DA 96 2.45 -4.60 32.10
N ALA DA 97 3.23 -4.89 33.13
CA ALA DA 97 4.61 -4.39 33.30
C ALA DA 97 5.57 -5.57 33.12
N ASN DA 98 6.23 -5.62 31.97
CA ASN DA 98 7.15 -6.73 31.61
C ASN DA 98 8.56 -6.30 32.00
N ILE DA 99 9.12 -6.92 33.02
CA ILE DA 99 10.42 -6.51 33.60
C ILE DA 99 11.50 -7.43 33.06
N THR DA 100 12.54 -6.87 32.46
CA THR DA 100 13.58 -7.70 31.79
C THR DA 100 14.97 -7.13 32.03
N LEU DA 101 15.98 -7.96 31.83
CA LEU DA 101 17.37 -7.52 31.70
C LEU DA 101 17.42 -6.53 30.55
N PRO DA 102 18.25 -5.48 30.67
CA PRO DA 102 18.73 -4.77 29.49
C PRO DA 102 19.96 -5.50 28.95
N VAL DA 103 20.41 -5.10 27.77
CA VAL DA 103 21.70 -5.59 27.21
C VAL DA 103 22.79 -4.72 27.82
N TYR DA 104 23.35 -5.14 28.96
CA TYR DA 104 24.44 -4.40 29.63
C TYR DA 104 25.65 -4.41 28.70
N THR DA 105 26.44 -3.32 28.72
CA THR DA 105 27.77 -3.31 28.06
C THR DA 105 28.60 -4.43 28.68
N LEU DA 106 29.52 -5.01 27.91
CA LEU DA 106 30.39 -6.11 28.39
C LEU DA 106 31.11 -5.66 29.65
N LYS DA 107 31.61 -4.43 29.66
CA LYS DA 107 32.29 -3.82 30.83
C LYS DA 107 31.36 -3.88 32.04
N GLU DA 108 30.24 -3.17 31.98
CA GLU DA 108 29.30 -3.07 33.12
C GLU DA 108 28.96 -4.49 33.57
N ARG DA 109 28.76 -5.41 32.61
CA ARG DA 109 28.39 -6.81 32.95
C ARG DA 109 29.54 -7.46 33.72
N CYS DA 110 30.77 -7.27 33.28
CA CYS DA 110 31.98 -7.82 33.97
C CYS DA 110 32.05 -7.27 35.39
N LEU DA 111 31.95 -5.95 35.53
CA LEU DA 111 31.91 -5.27 36.86
C LEU DA 111 30.93 -6.03 37.74
N GLN DA 112 29.69 -6.18 37.27
CA GLN DA 112 28.61 -6.92 38.00
C GLN DA 112 29.18 -8.23 38.55
N VAL DA 113 29.91 -9.00 37.75
CA VAL DA 113 30.33 -10.38 38.11
C VAL DA 113 31.43 -10.27 39.16
N VAL DA 114 32.44 -9.42 38.91
CA VAL DA 114 33.58 -9.17 39.82
C VAL DA 114 33.02 -8.72 41.18
N ARG DA 115 32.22 -7.66 41.17
CA ARG DA 115 31.51 -7.12 42.36
C ARG DA 115 30.81 -8.26 43.11
N SER DA 116 30.25 -9.26 42.43
CA SER DA 116 29.46 -10.35 43.04
C SER DA 116 30.37 -11.42 43.66
N LEU DA 117 31.65 -11.45 43.28
CA LEU DA 117 32.61 -12.50 43.70
C LEU DA 117 33.56 -11.98 44.80
N VAL DA 118 33.91 -10.69 44.75
CA VAL DA 118 34.94 -10.04 45.61
C VAL DA 118 34.26 -9.08 46.60
N LYS DA 119 34.62 -9.15 47.89
CA LYS DA 119 34.08 -8.26 48.95
C LYS DA 119 34.58 -6.84 48.70
N PRO DA 120 33.75 -5.80 48.93
CA PRO DA 120 34.07 -4.44 48.49
C PRO DA 120 35.41 -3.91 49.03
N GLU DA 121 35.77 -4.34 50.25
CA GLU DA 121 37.02 -3.97 50.95
C GLU DA 121 38.22 -4.63 50.27
N ASN DA 122 38.00 -5.58 49.36
CA ASN DA 122 39.09 -6.33 48.68
C ASN DA 122 39.26 -5.85 47.25
N TYR DA 123 38.33 -5.04 46.72
CA TYR DA 123 38.45 -4.46 45.36
C TYR DA 123 39.89 -3.95 45.21
N ARG DA 124 40.43 -3.40 46.31
CA ARG DA 124 41.77 -2.77 46.35
C ARG DA 124 42.89 -3.81 46.09
N ARG DA 125 42.62 -5.11 46.30
CA ARG DA 125 43.64 -6.18 46.27
C ARG DA 125 43.76 -6.77 44.87
N LEU DA 126 42.79 -6.50 43.99
CA LEU DA 126 42.75 -7.06 42.61
C LEU DA 126 43.84 -6.40 41.77
N ASP DA 127 44.63 -7.19 41.04
CA ASP DA 127 45.76 -6.71 40.20
C ASP DA 127 45.19 -6.14 38.89
N ILE DA 128 44.42 -5.07 39.00
CA ILE DA 128 43.77 -4.36 37.86
C ILE DA 128 44.12 -2.88 37.98
N VAL DA 129 43.78 -2.11 36.95
CA VAL DA 129 44.06 -0.64 36.93
C VAL DA 129 43.19 0.07 37.98
N ARG DA 130 43.66 1.20 38.52
CA ARG DA 130 42.91 1.90 39.58
C ARG DA 130 41.57 2.38 39.00
N SER DA 131 41.54 2.79 37.75
CA SER DA 131 40.31 3.26 37.10
C SER DA 131 39.25 2.15 37.19
N LEU DA 132 39.65 0.93 36.92
CA LEU DA 132 38.69 -0.20 37.00
C LEU DA 132 38.22 -0.34 38.45
N TYR DA 133 39.14 -0.21 39.39
CA TYR DA 133 38.81 -0.28 40.83
C TYR DA 133 37.76 0.81 41.13
N GLU DA 134 37.95 2.02 40.65
CA GLU DA 134 36.97 3.12 40.88
C GLU DA 134 35.61 2.69 40.29
N ASP DA 135 35.61 2.12 39.08
CA ASP DA 135 34.36 1.66 38.38
C ASP DA 135 33.68 0.60 39.27
N LEU DA 136 34.44 -0.34 39.82
CA LEU DA 136 33.92 -1.37 40.75
C LEU DA 136 33.27 -0.67 41.94
N GLU DA 137 33.92 0.35 42.48
CA GLU DA 137 33.49 1.07 43.71
C GLU DA 137 32.20 1.83 43.41
N ASP DA 138 32.05 2.37 42.18
CA ASP DA 138 30.80 3.06 41.80
C ASP DA 138 29.66 2.03 41.64
N HIS DA 139 29.11 1.53 42.73
CA HIS DA 139 27.99 0.58 42.69
C HIS DA 139 26.79 1.30 42.07
N PRO DA 140 25.96 0.59 41.27
CA PRO DA 140 24.73 1.18 40.73
C PRO DA 140 23.83 1.66 41.88
N ASN DA 141 22.95 2.61 41.60
CA ASN DA 141 22.17 3.30 42.67
C ASN DA 141 20.95 3.99 42.07
N VAL DA 142 19.77 3.68 42.63
CA VAL DA 142 18.43 4.22 42.25
C VAL DA 142 18.51 5.75 42.16
N GLN DA 143 19.07 6.39 43.20
CA GLN DA 143 19.03 7.87 43.35
C GLN DA 143 19.87 8.51 42.24
N LYS DA 144 21.12 8.06 42.08
CA LYS DA 144 22.02 8.55 41.00
C LYS DA 144 21.28 8.48 39.66
N ASP DA 145 20.63 7.36 39.40
CA ASP DA 145 19.92 7.08 38.12
C ASP DA 145 18.70 7.99 37.99
N LEU DA 146 17.98 8.26 39.09
CA LEU DA 146 16.81 9.18 39.10
C LEU DA 146 17.29 10.59 38.71
N GLU DA 147 18.41 11.04 39.28
CA GLU DA 147 19.02 12.36 38.98
C GLU DA 147 19.31 12.46 37.48
N ARG DA 148 19.96 11.44 36.93
CA ARG DA 148 20.30 11.32 35.49
C ARG DA 148 19.01 11.41 34.65
N LEU DA 149 17.94 10.71 35.02
CA LEU DA 149 16.65 10.67 34.27
C LEU DA 149 16.00 12.07 34.24
N THR DA 150 16.17 12.85 35.28
CA THR DA 150 15.70 14.26 35.34
C THR DA 150 16.44 15.11 34.29
N GLN DA 151 17.77 15.04 34.26
CA GLN DA 151 18.61 15.81 33.29
C GLN DA 151 18.30 15.35 31.85
N GLU DA 152 17.82 14.12 31.67
CA GLU DA 152 17.38 13.57 30.36
C GLU DA 152 15.98 14.12 30.01
N ARG DA 153 15.26 14.67 30.96
CA ARG DA 153 13.93 15.33 30.78
C ARG DA 153 14.10 16.85 30.65
N ILE DA 154 15.15 17.42 31.22
CA ILE DA 154 15.54 18.86 31.06
C ILE DA 154 16.25 19.04 29.71
N ALA DA 155 16.72 17.94 29.12
CA ALA DA 155 17.42 17.90 27.81
C ALA DA 155 16.42 17.72 26.66
N HIS DA 156 15.22 17.19 26.95
CA HIS DA 156 14.06 17.05 26.04
C HIS DA 156 13.21 18.34 26.07
N GLN DA 157 13.47 19.23 27.03
CA GLN DA 157 12.96 20.62 27.11
C GLN DA 157 13.82 21.54 26.23
N MET EA 1 30.43 -8.27 4.78
CA MET EA 1 31.77 -8.87 4.92
C MET EA 1 32.00 -9.36 6.37
N TYR EA 2 33.13 -10.03 6.54
CA TYR EA 2 33.63 -10.59 7.83
C TYR EA 2 34.94 -9.87 8.19
N VAL EA 3 35.41 -10.05 9.42
CA VAL EA 3 36.65 -9.44 9.95
C VAL EA 3 37.39 -10.44 10.83
N LYS EA 4 38.72 -10.36 10.86
CA LYS EA 4 39.62 -11.31 11.55
C LYS EA 4 40.24 -10.63 12.78
N LEU EA 5 39.89 -11.09 13.98
CA LEU EA 5 40.50 -10.65 15.25
C LEU EA 5 41.49 -11.75 15.67
N ILE EA 6 42.73 -11.39 15.99
CA ILE EA 6 43.83 -12.35 16.28
C ILE EA 6 44.33 -12.14 17.72
N SER EA 7 44.25 -13.20 18.53
CA SER EA 7 44.63 -13.18 19.96
C SER EA 7 46.15 -13.24 20.10
N SER EA 8 46.64 -12.94 21.30
CA SER EA 8 48.08 -12.96 21.68
C SER EA 8 48.71 -14.29 21.29
N ASP EA 9 48.10 -15.40 21.71
CA ASP EA 9 48.62 -16.77 21.43
C ASP EA 9 48.55 -17.04 19.93
N GLY EA 10 47.74 -16.27 19.20
CA GLY EA 10 47.73 -16.32 17.72
C GLY EA 10 46.54 -17.11 17.16
N HIS EA 11 45.46 -17.31 17.93
CA HIS EA 11 44.17 -17.82 17.40
C HIS EA 11 43.59 -16.74 16.47
N GLU EA 12 42.95 -17.17 15.39
CA GLU EA 12 42.21 -16.26 14.46
C GLU EA 12 40.72 -16.42 14.75
N PHE EA 13 40.01 -15.30 14.89
CA PHE EA 13 38.54 -15.27 15.09
C PHE EA 13 37.90 -14.48 13.94
N ILE EA 14 37.17 -15.18 13.06
CA ILE EA 14 36.46 -14.55 11.93
C ILE EA 14 35.02 -14.28 12.37
N VAL EA 15 34.65 -13.00 12.51
CA VAL EA 15 33.30 -12.57 12.96
C VAL EA 15 32.79 -11.52 11.97
N LYS EA 16 31.47 -11.42 11.81
CA LYS EA 16 30.83 -10.41 10.92
C LYS EA 16 31.37 -9.03 11.31
N ARG EA 17 31.53 -8.15 10.31
CA ARG EA 17 32.10 -6.79 10.52
C ARG EA 17 31.23 -6.04 11.53
N GLU EA 18 29.92 -6.06 11.31
CA GLU EA 18 28.92 -5.33 12.14
C GLU EA 18 29.04 -5.79 13.59
N HIS EA 19 29.21 -7.10 13.81
CA HIS EA 19 29.38 -7.70 15.16
C HIS EA 19 30.59 -7.07 15.85
N ALA EA 20 31.70 -6.98 15.15
CA ALA EA 20 32.98 -6.46 15.68
C ALA EA 20 32.82 -4.97 16.03
N LEU EA 21 32.16 -4.19 15.16
CA LEU EA 21 32.03 -2.71 15.29
C LEU EA 21 31.39 -2.34 16.63
N THR EA 22 30.74 -3.29 17.31
CA THR EA 22 30.18 -3.07 18.67
C THR EA 22 31.27 -2.50 19.56
N SER EA 23 32.53 -2.67 19.16
CA SER EA 23 33.68 -2.20 19.96
C SER EA 23 34.16 -0.87 19.38
N GLY EA 24 34.10 0.22 20.14
CA GLY EA 24 34.56 1.53 19.65
C GLY EA 24 36.02 1.46 19.23
N THR EA 25 36.84 0.76 20.01
CA THR EA 25 38.30 0.63 19.75
C THR EA 25 38.46 -0.02 18.37
N ILE EA 26 37.69 -1.07 18.09
CA ILE EA 26 37.82 -1.82 16.80
C ILE EA 26 37.32 -0.89 15.69
N LYS EA 27 36.16 -0.26 15.89
CA LYS EA 27 35.56 0.71 14.95
C LYS EA 27 36.64 1.71 14.51
N ALA EA 28 37.38 2.25 15.49
CA ALA EA 28 38.46 3.24 15.27
C ALA EA 28 39.55 2.61 14.39
N MET EA 29 40.03 1.41 14.76
CA MET EA 29 41.18 0.72 14.12
C MET EA 29 40.83 0.36 12.67
N LEU EA 30 39.56 0.04 12.39
CA LEU EA 30 39.11 -0.37 11.04
C LEU EA 30 38.79 0.88 10.20
N SER EA 31 38.07 1.85 10.76
CA SER EA 31 37.61 3.04 10.01
C SER EA 31 38.76 4.04 9.87
N GLY EA 32 39.93 3.80 10.50
CA GLY EA 32 41.12 4.67 10.40
C GLY EA 32 41.94 4.47 9.13
N PRO EA 33 42.02 5.48 8.24
CA PRO EA 33 42.85 5.42 7.03
C PRO EA 33 44.32 5.66 7.43
N GLU EA 38 44.29 -2.82 1.54
CA GLU EA 38 43.30 -1.78 1.20
C GLU EA 38 42.73 -1.14 2.47
N ASN EA 39 41.90 -0.09 2.32
CA ASN EA 39 41.26 0.62 3.47
C ASN EA 39 40.23 -0.29 4.14
N GLU EA 40 40.04 -0.09 5.44
CA GLU EA 40 39.19 -0.94 6.33
C GLU EA 40 39.64 -2.39 6.15
N THR EA 41 40.89 -2.70 6.52
CA THR EA 41 41.57 -3.99 6.25
C THR EA 41 41.00 -5.08 7.19
N ASN EA 42 41.10 -6.33 6.81
CA ASN EA 42 40.31 -7.43 7.43
C ASN EA 42 40.84 -7.75 8.82
N GLU EA 43 42.15 -7.66 9.05
CA GLU EA 43 42.82 -8.20 10.26
C GLU EA 43 43.04 -7.10 11.29
N VAL EA 44 42.96 -7.46 12.57
CA VAL EA 44 43.39 -6.61 13.72
C VAL EA 44 43.99 -7.54 14.78
N ASN EA 45 45.12 -7.15 15.38
CA ASN EA 45 45.96 -8.02 16.25
C ASN EA 45 45.94 -7.47 17.67
N PHE EA 46 45.64 -8.31 18.66
CA PHE EA 46 45.62 -7.93 20.10
C PHE EA 46 46.74 -8.69 20.80
N ARG EA 47 47.89 -8.04 21.00
CA ARG EA 47 49.10 -8.73 21.56
C ARG EA 47 48.92 -9.02 23.04
N GLU EA 48 47.97 -8.37 23.71
CA GLU EA 48 47.78 -8.47 25.19
C GLU EA 48 46.49 -9.22 25.56
N ILE EA 49 45.70 -9.66 24.57
CA ILE EA 49 44.43 -10.38 24.83
C ILE EA 49 44.60 -11.85 24.45
N PRO EA 50 44.52 -12.79 25.41
CA PRO EA 50 44.58 -14.21 25.09
C PRO EA 50 43.29 -14.72 24.42
N SER EA 51 43.33 -15.91 23.84
CA SER EA 51 42.18 -16.51 23.11
C SER EA 51 40.98 -16.73 24.04
N HIS EA 52 41.17 -17.35 25.21
CA HIS EA 52 40.02 -17.72 26.07
C HIS EA 52 39.24 -16.45 26.38
N VAL EA 53 39.89 -15.29 26.27
CA VAL EA 53 39.23 -13.97 26.51
C VAL EA 53 38.62 -13.47 25.20
N LEU EA 54 39.41 -13.35 24.14
CA LEU EA 54 38.94 -12.75 22.86
C LEU EA 54 37.80 -13.61 22.28
N SER EA 55 37.85 -14.93 22.49
CA SER EA 55 36.75 -15.86 22.13
C SER EA 55 35.46 -15.37 22.78
N LYS EA 56 35.48 -15.13 24.09
CA LYS EA 56 34.29 -14.70 24.86
C LYS EA 56 33.89 -13.28 24.43
N VAL EA 57 34.85 -12.41 24.10
CA VAL EA 57 34.54 -11.03 23.65
C VAL EA 57 33.66 -11.14 22.39
N CYS EA 58 33.98 -12.05 21.48
CA CYS EA 58 33.19 -12.31 20.25
C CYS EA 58 31.80 -12.77 20.65
N MET EA 59 31.72 -13.83 21.46
CA MET EA 59 30.44 -14.37 21.99
C MET EA 59 29.56 -13.22 22.47
N TYR EA 60 30.13 -12.19 23.10
CA TYR EA 60 29.34 -11.01 23.54
C TYR EA 60 28.80 -10.31 22.28
N PHE EA 61 29.64 -10.03 21.28
CA PHE EA 61 29.20 -9.38 20.03
C PHE EA 61 27.97 -10.11 19.50
N THR EA 62 28.07 -11.44 19.34
CA THR EA 62 26.96 -12.34 18.94
C THR EA 62 25.72 -12.00 19.76
N TYR EA 63 25.84 -12.06 21.08
CA TYR EA 63 24.78 -11.79 22.10
C TYR EA 63 24.21 -10.38 21.90
N LYS EA 64 25.05 -9.36 21.98
CA LYS EA 64 24.60 -7.94 21.93
C LYS EA 64 23.80 -7.74 20.64
N VAL EA 65 24.39 -8.12 19.50
CA VAL EA 65 23.78 -7.90 18.17
C VAL EA 65 22.40 -8.56 18.16
N ARG EA 66 22.32 -9.79 18.66
CA ARG EA 66 21.11 -10.63 18.57
C ARG EA 66 20.01 -10.07 19.46
N TYR EA 67 20.31 -9.73 20.71
CA TYR EA 67 19.28 -9.48 21.75
C TYR EA 67 18.99 -8.00 21.93
N THR EA 68 19.80 -7.08 21.41
CA THR EA 68 19.41 -5.65 21.30
C THR EA 68 18.17 -5.59 20.42
N ASN EA 69 17.14 -4.86 20.84
CA ASN EA 69 15.86 -4.70 20.10
C ASN EA 69 15.08 -6.02 20.05
N SER EA 70 15.28 -6.90 21.02
CA SER EA 70 14.40 -8.07 21.29
C SER EA 70 13.36 -7.65 22.34
N SER EA 71 12.07 -7.75 22.02
CA SER EA 71 10.98 -7.04 22.74
C SER EA 71 10.65 -7.72 24.08
N THR EA 72 10.55 -9.04 24.09
CA THR EA 72 10.34 -9.83 25.34
C THR EA 72 11.70 -10.17 25.96
N GLU EA 73 11.71 -11.13 26.88
CA GLU EA 73 12.83 -11.43 27.78
C GLU EA 73 14.14 -11.65 27.01
N ILE EA 74 15.21 -11.14 27.60
CA ILE EA 74 16.64 -11.38 27.23
C ILE EA 74 17.29 -12.21 28.32
N PRO EA 75 18.20 -13.15 27.97
CA PRO EA 75 18.85 -14.01 28.96
C PRO EA 75 20.21 -13.44 29.42
N GLU EA 76 20.62 -13.82 30.64
CA GLU EA 76 21.86 -13.33 31.29
C GLU EA 76 23.06 -13.72 30.42
N PHE EA 77 23.96 -12.77 30.15
CA PHE EA 77 25.26 -13.08 29.49
C PHE EA 77 26.22 -13.65 30.53
N PRO EA 78 26.49 -14.96 30.52
CA PRO EA 78 27.21 -15.59 31.62
C PRO EA 78 28.70 -15.27 31.50
N ILE EA 79 29.38 -15.11 32.64
CA ILE EA 79 30.86 -14.94 32.74
C ILE EA 79 31.34 -15.77 33.93
N ALA EA 80 32.17 -16.78 33.70
CA ALA EA 80 32.71 -17.64 34.77
C ALA EA 80 33.72 -16.85 35.58
N PRO EA 81 33.76 -17.06 36.92
CA PRO EA 81 34.75 -16.40 37.78
C PRO EA 81 36.17 -16.40 37.21
N GLU EA 82 36.61 -17.55 36.69
CA GLU EA 82 38.00 -17.80 36.24
C GLU EA 82 38.41 -16.77 35.19
N ILE EA 83 37.45 -16.27 34.41
CA ILE EA 83 37.73 -15.40 33.22
C ILE EA 83 37.36 -13.95 33.52
N ALA EA 84 36.62 -13.70 34.61
CA ALA EA 84 35.92 -12.42 34.88
C ALA EA 84 36.87 -11.23 34.79
N LEU EA 85 38.02 -11.30 35.47
CA LEU EA 85 38.95 -10.15 35.61
C LEU EA 85 39.55 -9.79 34.25
N GLU EA 86 40.13 -10.78 33.57
CA GLU EA 86 40.80 -10.59 32.25
C GLU EA 86 39.80 -10.07 31.22
N LEU EA 87 38.55 -10.54 31.30
CA LEU EA 87 37.46 -10.10 30.41
C LEU EA 87 37.17 -8.62 30.69
N LEU EA 88 37.04 -8.26 31.96
CA LEU EA 88 36.81 -6.86 32.40
C LEU EA 88 37.89 -5.96 31.82
N MET EA 89 39.15 -6.41 31.92
CA MET EA 89 40.30 -5.67 31.35
C MET EA 89 40.04 -5.51 29.84
N ALA EA 90 39.92 -6.63 29.13
CA ALA EA 90 39.69 -6.67 27.66
C ALA EA 90 38.49 -5.80 27.31
N ALA EA 91 37.38 -5.97 28.03
CA ALA EA 91 36.14 -5.20 27.82
C ALA EA 91 36.46 -3.69 27.82
N ASN EA 92 37.19 -3.22 28.84
CA ASN EA 92 37.48 -1.79 29.00
C ASN EA 92 38.34 -1.33 27.82
N PHE EA 93 39.36 -2.09 27.47
CA PHE EA 93 40.28 -1.74 26.36
C PHE EA 93 39.46 -1.61 25.06
N LEU EA 94 38.55 -2.55 24.85
CA LEU EA 94 37.75 -2.61 23.60
C LEU EA 94 36.68 -1.53 23.56
N ASP EA 95 36.12 -1.13 24.71
CA ASP EA 95 35.02 -0.12 24.74
C ASP EA 95 33.70 -0.80 24.39
N CYS EA 96 33.69 -2.13 24.30
CA CYS EA 96 32.48 -2.90 23.93
C CYS EA 96 31.54 -2.90 25.13
N MET FA 1 14.21 -21.85 13.31
CA MET FA 1 14.79 -21.19 14.52
C MET FA 1 16.30 -21.02 14.30
N ASP FA 2 16.93 -20.05 14.98
CA ASP FA 2 18.37 -19.73 14.77
C ASP FA 2 19.25 -20.58 15.68
N VAL FA 3 20.40 -20.98 15.14
CA VAL FA 3 21.47 -21.73 15.86
C VAL FA 3 22.74 -20.89 15.70
N PHE FA 4 23.48 -20.70 16.80
CA PHE FA 4 24.73 -19.92 16.84
C PHE FA 4 25.90 -20.88 16.97
N LEU FA 5 26.90 -20.70 16.11
CA LEU FA 5 27.93 -21.71 15.85
C LEU FA 5 29.32 -21.08 15.94
N MET FA 6 30.27 -21.90 16.38
CA MET FA 6 31.72 -21.69 16.14
C MET FA 6 32.19 -22.83 15.22
N ILE FA 7 32.53 -22.51 13.98
CA ILE FA 7 33.17 -23.47 13.03
C ILE FA 7 34.68 -23.31 13.21
N ARG FA 8 35.33 -24.34 13.73
CA ARG FA 8 36.75 -24.21 14.14
C ARG FA 8 37.62 -25.28 13.49
N ARG FA 9 38.70 -24.85 12.86
CA ARG FA 9 39.73 -25.75 12.33
C ARG FA 9 41.04 -25.21 12.83
N HIS FA 10 41.87 -26.03 13.46
CA HIS FA 10 43.20 -25.60 13.95
C HIS FA 10 43.06 -24.34 14.80
N LYS FA 11 43.79 -23.28 14.45
CA LYS FA 11 43.74 -22.03 15.22
C LYS FA 11 42.76 -21.04 14.58
N THR FA 12 41.97 -21.48 13.62
CA THR FA 12 40.91 -20.62 13.05
C THR FA 12 39.58 -20.92 13.75
N THR FA 13 38.82 -19.86 14.01
CA THR FA 13 37.47 -19.94 14.61
C THR FA 13 36.55 -18.94 13.90
N ILE FA 14 35.52 -19.44 13.24
CA ILE FA 14 34.50 -18.60 12.52
C ILE FA 14 33.24 -18.59 13.38
N PHE FA 15 32.77 -17.38 13.71
CA PHE FA 15 31.49 -17.15 14.44
C PHE FA 15 30.41 -16.81 13.43
N THR FA 16 29.36 -17.62 13.34
CA THR FA 16 28.22 -17.37 12.44
C THR FA 16 26.97 -18.09 12.95
N ASP FA 17 25.83 -17.65 12.43
CA ASP FA 17 24.48 -18.20 12.72
C ASP FA 17 23.99 -18.90 11.45
N ALA FA 18 22.95 -19.69 11.60
CA ALA FA 18 22.35 -20.52 10.53
C ALA FA 18 21.02 -21.04 11.08
N LYS FA 19 20.12 -21.43 10.19
CA LYS FA 19 18.80 -21.94 10.60
C LYS FA 19 18.94 -23.43 10.94
N GLU FA 20 18.14 -23.90 11.89
CA GLU FA 20 17.96 -25.35 12.17
C GLU FA 20 17.66 -26.05 10.85
N SER FA 21 16.83 -25.43 9.99
CA SER FA 21 16.31 -25.98 8.71
C SER FA 21 17.39 -25.95 7.62
N SER FA 22 18.36 -25.04 7.69
CA SER FA 22 19.53 -24.95 6.77
C SER FA 22 20.33 -26.25 6.85
N THR FA 23 21.16 -26.52 5.83
CA THR FA 23 21.83 -27.83 5.61
C THR FA 23 23.34 -27.71 5.81
N VAL FA 24 23.97 -28.84 6.15
CA VAL FA 24 25.44 -28.99 6.32
C VAL FA 24 26.14 -28.43 5.08
N PHE FA 25 25.56 -28.64 3.89
CA PHE FA 25 26.16 -28.16 2.62
C PHE FA 25 26.19 -26.63 2.62
N GLU FA 26 25.05 -25.99 2.91
CA GLU FA 26 24.94 -24.51 2.94
C GLU FA 26 26.02 -23.93 3.85
N LEU FA 27 26.32 -24.64 4.96
CA LEU FA 27 27.32 -24.21 5.96
C LEU FA 27 28.71 -24.29 5.32
N LYS FA 28 29.01 -25.37 4.61
CA LYS FA 28 30.29 -25.55 3.87
C LYS FA 28 30.48 -24.37 2.89
N ARG FA 29 29.39 -23.93 2.26
CA ARG FA 29 29.41 -22.81 1.28
C ARG FA 29 29.78 -21.52 2.00
N ILE FA 30 29.26 -21.30 3.21
CA ILE FA 30 29.58 -20.09 4.02
C ILE FA 30 31.09 -20.10 4.30
N VAL FA 31 31.62 -21.27 4.68
CA VAL FA 31 33.08 -21.48 4.97
C VAL FA 31 33.88 -21.20 3.69
N GLU FA 32 33.41 -21.74 2.56
CA GLU FA 32 34.00 -21.49 1.21
C GLU FA 32 34.16 -19.98 1.02
N GLY FA 33 33.08 -19.23 1.28
CA GLY FA 33 33.04 -17.76 1.15
C GLY FA 33 34.13 -17.06 1.96
N ILE FA 34 34.54 -17.65 3.09
CA ILE FA 34 35.47 -17.00 4.06
C ILE FA 34 36.89 -17.54 3.85
N LEU FA 35 37.05 -18.86 3.83
CA LEU FA 35 38.38 -19.54 3.83
C LEU FA 35 38.77 -19.96 2.41
N LYS FA 36 37.92 -19.69 1.42
CA LYS FA 36 38.21 -19.83 -0.03
C LYS FA 36 38.60 -21.28 -0.34
N ARG FA 37 37.77 -22.24 0.09
CA ARG FA 37 37.97 -23.69 -0.17
C ARG FA 37 36.62 -24.35 -0.35
N PRO FA 38 36.36 -24.98 -1.52
CA PRO FA 38 35.03 -25.51 -1.83
C PRO FA 38 34.47 -26.58 -0.91
N PRO FA 39 33.14 -26.82 -0.93
CA PRO FA 39 32.49 -27.85 -0.12
C PRO FA 39 33.04 -29.28 -0.27
N ASP FA 40 33.65 -29.60 -1.41
CA ASP FA 40 34.22 -30.95 -1.69
C ASP FA 40 35.64 -31.05 -1.11
N GLU FA 41 36.22 -29.97 -0.60
CA GLU FA 41 37.54 -29.98 0.10
C GLU FA 41 37.33 -29.87 1.62
N GLN FA 42 36.07 -29.78 2.07
CA GLN FA 42 35.73 -29.61 3.50
C GLN FA 42 35.03 -30.86 4.03
N ARG FA 43 35.33 -31.21 5.29
CA ARG FA 43 34.53 -32.12 6.12
C ARG FA 43 34.11 -31.37 7.38
N LEU FA 44 32.82 -31.40 7.71
CA LEU FA 44 32.28 -30.72 8.92
C LEU FA 44 31.85 -31.78 9.94
N TYR FA 45 32.33 -31.65 11.17
CA TYR FA 45 32.04 -32.62 12.26
C TYR FA 45 31.25 -31.91 13.36
N LYS FA 46 30.33 -32.64 13.98
CA LYS FA 46 29.71 -32.26 15.24
C LYS FA 46 30.38 -33.22 16.20
N ASP FA 47 31.15 -32.70 17.13
CA ASP FA 47 32.02 -33.55 17.99
C ASP FA 47 32.88 -34.40 17.05
N ASP FA 48 32.84 -35.72 17.19
CA ASP FA 48 33.70 -36.61 16.37
C ASP FA 48 32.96 -37.24 15.20
N GLN FA 49 31.70 -36.92 14.97
CA GLN FA 49 30.89 -37.58 13.92
C GLN FA 49 30.84 -36.71 12.66
N LEU FA 50 31.08 -37.32 11.49
CA LEU FA 50 31.05 -36.62 10.19
C LEU FA 50 29.59 -36.29 9.84
N LEU FA 51 29.37 -35.12 9.26
CA LEU FA 51 28.01 -34.62 8.93
C LEU FA 51 27.81 -34.69 7.41
N ASP FA 52 26.76 -35.38 6.96
CA ASP FA 52 26.42 -35.51 5.52
C ASP FA 52 25.90 -34.18 4.99
N ASP FA 53 26.40 -33.75 3.82
CA ASP FA 53 26.07 -32.45 3.17
C ASP FA 53 24.55 -32.27 3.08
N GLY FA 54 23.79 -33.36 2.99
CA GLY FA 54 22.34 -33.32 2.66
C GLY FA 54 21.43 -33.12 3.87
N LYS FA 55 21.92 -33.42 5.08
CA LYS FA 55 21.13 -33.33 6.32
C LYS FA 55 21.01 -31.87 6.76
N THR FA 56 19.90 -31.52 7.41
CA THR FA 56 19.69 -30.20 8.07
C THR FA 56 20.46 -30.21 9.40
N LEU FA 57 21.07 -29.08 9.76
CA LEU FA 57 21.72 -28.87 11.09
C LEU FA 57 20.84 -29.46 12.21
N GLY FA 58 19.52 -29.25 12.13
CA GLY FA 58 18.53 -29.84 13.04
C GLY FA 58 18.73 -31.33 13.19
N GLU FA 59 18.75 -32.05 12.07
CA GLU FA 59 18.86 -33.52 12.00
C GLU FA 59 20.23 -33.98 12.52
N CYS FA 60 21.27 -33.16 12.35
CA CYS FA 60 22.65 -33.43 12.82
C CYS FA 60 22.72 -33.39 14.35
N GLY FA 61 21.83 -32.62 14.98
CA GLY FA 61 21.72 -32.53 16.46
C GLY FA 61 21.76 -31.10 16.98
N PHE FA 62 22.17 -30.13 16.17
CA PHE FA 62 22.22 -28.69 16.55
C PHE FA 62 20.80 -28.16 16.77
N THR FA 63 20.54 -27.56 17.94
CA THR FA 63 19.23 -26.95 18.25
C THR FA 63 19.45 -25.55 18.82
N SER FA 64 18.42 -24.70 18.74
CA SER FA 64 18.44 -23.30 19.25
C SER FA 64 18.82 -23.28 20.74
N GLN FA 65 18.40 -24.30 21.49
CA GLN FA 65 18.50 -24.35 22.96
C GLN FA 65 19.90 -24.78 23.40
N THR FA 66 20.75 -25.28 22.50
CA THR FA 66 22.15 -25.72 22.80
C THR FA 66 23.15 -24.96 21.93
N ALA FA 67 22.67 -24.09 21.04
CA ALA FA 67 23.48 -23.22 20.15
C ALA FA 67 23.04 -21.77 20.34
N ARG FA 68 23.10 -21.28 21.58
CA ARG FA 68 22.70 -19.89 21.95
C ARG FA 68 23.87 -18.95 21.60
N PRO FA 69 23.60 -17.65 21.37
CA PRO FA 69 24.63 -16.71 20.90
C PRO FA 69 25.87 -16.62 21.79
N GLN FA 70 25.68 -16.73 23.10
CA GLN FA 70 26.74 -16.60 24.15
C GLN FA 70 27.28 -17.97 24.56
N ALA FA 71 26.69 -19.06 24.06
CA ALA FA 71 27.17 -20.45 24.24
C ALA FA 71 27.10 -21.17 22.89
N PRO FA 72 27.83 -20.68 21.86
CA PRO FA 72 27.70 -21.23 20.53
C PRO FA 72 28.11 -22.71 20.53
N ALA FA 73 27.39 -23.53 19.76
CA ALA FA 73 27.75 -24.94 19.45
C ALA FA 73 28.96 -24.93 18.52
N THR FA 74 29.89 -25.88 18.71
CA THR FA 74 31.16 -25.96 17.96
C THR FA 74 31.02 -27.01 16.84
N VAL FA 75 31.12 -26.59 15.59
CA VAL FA 75 31.24 -27.48 14.40
C VAL FA 75 32.73 -27.56 14.03
N GLY FA 76 33.28 -28.77 14.03
CA GLY FA 76 34.70 -29.02 13.68
C GLY FA 76 34.87 -29.04 12.16
N LEU FA 77 36.01 -28.54 11.67
CA LEU FA 77 36.29 -28.40 10.22
C LEU FA 77 37.61 -29.10 9.89
N ALA FA 78 37.63 -29.80 8.76
CA ALA FA 78 38.83 -30.48 8.23
C ALA FA 78 38.92 -30.17 6.73
N PHE FA 79 40.12 -29.86 6.26
CA PHE FA 79 40.40 -29.59 4.83
C PHE FA 79 41.08 -30.80 4.21
N ARG FA 80 41.05 -30.85 2.89
CA ARG FA 80 41.60 -32.00 2.14
C ARG FA 80 43.01 -31.69 1.63
N ALA FA 81 43.94 -32.59 1.88
CA ALA FA 81 45.27 -32.54 1.24
C ALA FA 81 45.28 -33.67 0.20
N ASP FA 82 45.21 -33.30 -1.07
CA ASP FA 82 45.35 -34.28 -2.18
C ASP FA 82 44.30 -35.39 -2.04
N ASP FA 83 44.73 -36.64 -2.00
CA ASP FA 83 43.84 -37.82 -1.97
C ASP FA 83 43.26 -38.08 -0.57
N THR FA 84 43.80 -37.48 0.48
CA THR FA 84 43.42 -37.75 1.87
C THR FA 84 43.00 -36.45 2.58
N PHE FA 85 42.18 -36.57 3.62
CA PHE FA 85 41.75 -35.45 4.48
C PHE FA 85 42.65 -35.39 5.71
N GLU FA 86 43.01 -34.19 6.16
CA GLU FA 86 43.68 -34.01 7.47
C GLU FA 86 42.73 -34.52 8.57
N ALA FA 87 43.30 -34.95 9.70
CA ALA FA 87 42.55 -35.27 10.92
C ALA FA 87 41.83 -34.01 11.39
N LEU FA 88 40.65 -34.15 11.99
CA LEU FA 88 39.97 -33.03 12.68
C LEU FA 88 40.86 -32.63 13.86
N CYS FA 89 41.42 -31.42 13.82
CA CYS FA 89 42.32 -30.89 14.86
C CYS FA 89 41.87 -29.47 15.23
N ILE FA 90 41.37 -29.28 16.44
CA ILE FA 90 40.92 -27.96 16.97
C ILE FA 90 41.83 -27.57 18.14
N GLU FA 91 42.84 -26.76 17.86
CA GLU FA 91 43.86 -26.32 18.84
C GLU FA 91 43.14 -25.55 19.95
N PRO FA 92 43.26 -25.97 21.23
CA PRO FA 92 42.49 -25.38 22.30
C PRO FA 92 42.85 -23.92 22.60
N PHE FA 93 41.89 -23.18 23.14
CA PHE FA 93 42.05 -21.76 23.56
C PHE FA 93 42.91 -21.71 24.83
N SER FA 94 43.53 -20.56 25.07
CA SER FA 94 44.47 -20.37 26.22
C SER FA 94 43.76 -20.63 27.55
N SER FA 95 44.44 -21.24 28.52
CA SER FA 95 43.91 -21.44 29.89
C SER FA 95 43.94 -20.12 30.68
N PRO FA 96 42.96 -19.90 31.57
CA PRO FA 96 42.94 -18.73 32.45
C PRO FA 96 43.81 -18.97 33.69
N PRO FA 97 44.39 -17.92 34.27
CA PRO FA 97 45.21 -18.04 35.47
C PRO FA 97 44.37 -18.52 36.66
N GLU FA 98 44.99 -19.28 37.57
CA GLU FA 98 44.38 -19.78 38.83
C GLU FA 98 43.57 -18.65 39.47
N LEU FA 99 42.39 -18.96 40.01
CA LEU FA 99 41.43 -17.94 40.52
C LEU FA 99 42.11 -17.13 41.62
N PRO FA 100 42.27 -15.80 41.44
CA PRO FA 100 42.88 -14.96 42.47
C PRO FA 100 42.18 -15.07 43.85
N ASP FA 101 42.95 -15.00 44.92
CA ASP FA 101 42.63 -15.49 46.28
C ASP FA 101 41.27 -14.97 46.74
N VAL FA 102 40.86 -13.78 46.33
CA VAL FA 102 39.63 -13.14 46.91
C VAL FA 102 38.40 -13.98 46.52
N MET FA 103 38.43 -14.55 45.31
CA MET FA 103 37.24 -15.20 44.68
C MET FA 103 37.23 -16.70 44.98
N LEU GA 12 -48.96 -6.24 79.03
CA LEU GA 12 -48.25 -5.43 80.07
C LEU GA 12 -46.77 -5.82 80.14
N THR GA 13 -46.46 -7.12 80.07
CA THR GA 13 -45.06 -7.66 80.11
C THR GA 13 -44.27 -7.18 78.88
N LYS GA 14 -44.91 -7.10 77.72
CA LYS GA 14 -44.29 -6.60 76.45
C LYS GA 14 -43.94 -5.12 76.62
N GLN GA 15 -44.86 -4.35 77.22
CA GLN GA 15 -44.68 -2.90 77.51
C GLN GA 15 -43.60 -2.70 78.58
N MET GA 16 -43.58 -3.53 79.63
CA MET GA 16 -42.62 -3.43 80.75
C MET GA 16 -41.19 -3.72 80.25
N ASN GA 17 -41.05 -4.63 79.28
CA ASN GA 17 -39.74 -5.01 78.68
C ASN GA 17 -39.24 -3.89 77.77
N ALA GA 18 -40.12 -3.29 76.97
CA ALA GA 18 -39.82 -2.16 76.06
C ALA GA 18 -39.24 -0.98 76.86
N ILE GA 19 -39.81 -0.68 78.02
CA ILE GA 19 -39.39 0.46 78.91
C ILE GA 19 -38.04 0.13 79.57
N ILE GA 20 -37.88 -1.07 80.15
CA ILE GA 20 -36.65 -1.46 80.90
C ILE GA 20 -35.49 -1.67 79.91
N ASP GA 21 -35.75 -2.22 78.71
CA ASP GA 21 -34.71 -2.48 77.69
C ASP GA 21 -34.26 -1.16 77.03
N THR GA 22 -35.15 -0.19 76.84
CA THR GA 22 -34.82 1.16 76.28
C THR GA 22 -33.86 1.90 77.23
N VAL GA 23 -34.10 1.84 78.54
CA VAL GA 23 -33.27 2.53 79.59
C VAL GA 23 -31.85 1.91 79.60
N ILE GA 24 -31.75 0.59 79.45
CA ILE GA 24 -30.46 -0.19 79.46
C ILE GA 24 -29.70 0.11 78.16
N ASN GA 25 -30.35 -0.07 77.01
CA ASN GA 25 -29.75 0.08 75.66
C ASN GA 25 -29.37 1.55 75.38
N TYR GA 26 -29.93 2.49 76.16
CA TYR GA 26 -29.76 3.95 75.97
C TYR GA 26 -28.28 4.34 76.08
N LYS GA 27 -27.75 4.92 74.98
CA LYS GA 27 -26.39 5.50 74.88
C LYS GA 27 -26.49 7.03 74.85
N ASP GA 28 -25.54 7.72 75.51
CA ASP GA 28 -25.40 9.19 75.52
C ASP GA 28 -24.80 9.64 74.18
N SER GA 29 -24.53 10.95 74.04
CA SER GA 29 -24.14 11.62 72.77
C SER GA 29 -22.62 11.51 72.51
N SER GA 30 -21.90 10.66 73.25
CA SER GA 30 -20.49 10.25 73.00
C SER GA 30 -20.41 8.76 72.64
N GLY GA 31 -21.55 8.07 72.57
CA GLY GA 31 -21.67 6.64 72.20
C GLY GA 31 -21.75 5.72 73.43
N ARG GA 32 -21.61 6.28 74.63
CA ARG GA 32 -21.43 5.63 75.95
C ARG GA 32 -22.70 4.99 76.46
N GLN GA 33 -22.76 3.70 76.83
CA GLN GA 33 -23.93 3.06 77.47
C GLN GA 33 -23.85 3.35 78.98
N LEU GA 34 -24.93 3.91 79.58
CA LEU GA 34 -24.93 4.41 80.98
C LEU GA 34 -25.19 3.25 81.95
N SER GA 35 -26.04 2.30 81.55
CA SER GA 35 -26.57 1.20 82.40
C SER GA 35 -25.49 0.15 82.71
N GLU GA 36 -24.35 0.19 82.00
CA GLU GA 36 -23.19 -0.75 82.14
C GLU GA 36 -22.81 -0.94 83.62
N VAL GA 37 -22.89 0.11 84.43
CA VAL GA 37 -22.55 0.11 85.88
C VAL GA 37 -23.74 -0.45 86.68
N PHE GA 38 -24.97 -0.18 86.22
CA PHE GA 38 -26.23 -0.50 86.93
C PHE GA 38 -26.69 -1.93 86.63
N ILE GA 39 -26.10 -2.60 85.62
CA ILE GA 39 -26.55 -3.94 85.14
C ILE GA 39 -26.48 -4.95 86.30
N GLN GA 40 -25.40 -4.95 87.09
CA GLN GA 40 -25.21 -5.88 88.24
C GLN GA 40 -24.64 -5.13 89.43
N LEU GA 41 -25.30 -5.22 90.59
CA LEU GA 41 -24.81 -4.70 91.89
C LEU GA 41 -23.52 -5.42 92.26
N PRO GA 42 -22.59 -4.75 92.98
CA PRO GA 42 -21.37 -5.40 93.45
C PRO GA 42 -21.66 -6.36 94.61
N SER GA 43 -20.76 -7.31 94.88
CA SER GA 43 -20.82 -8.20 96.07
C SER GA 43 -20.45 -7.39 97.32
N ARG GA 44 -20.89 -7.83 98.50
CA ARG GA 44 -20.59 -7.14 99.79
C ARG GA 44 -19.10 -7.30 100.09
N LYS GA 45 -18.54 -8.49 99.83
CA LYS GA 45 -17.08 -8.77 99.91
C LYS GA 45 -16.30 -7.66 99.19
N GLU GA 46 -16.71 -7.34 97.96
CA GLU GA 46 -16.11 -6.25 97.13
C GLU GA 46 -16.26 -4.91 97.86
N LEU GA 47 -17.50 -4.45 98.06
CA LEU GA 47 -17.78 -3.09 98.61
C LEU GA 47 -18.74 -3.20 99.79
N PRO GA 48 -18.20 -3.36 101.03
CA PRO GA 48 -19.03 -3.38 102.24
C PRO GA 48 -19.71 -2.04 102.60
N GLU GA 49 -19.20 -0.93 102.07
CA GLU GA 49 -19.66 0.44 102.39
C GLU GA 49 -21.02 0.71 101.72
N TYR GA 50 -21.19 0.26 100.46
CA TYR GA 50 -22.44 0.54 99.72
C TYR GA 50 -23.57 -0.21 100.43
N TYR GA 51 -23.28 -1.44 100.85
CA TYR GA 51 -24.27 -2.38 101.43
C TYR GA 51 -24.74 -1.87 102.81
N GLU GA 52 -23.89 -1.11 103.51
CA GLU GA 52 -24.20 -0.63 104.88
C GLU GA 52 -24.94 0.72 104.81
N LEU GA 53 -24.66 1.55 103.80
CA LEU GA 53 -25.40 2.83 103.60
C LEU GA 53 -26.70 2.64 102.83
N ILE GA 54 -26.78 1.69 101.89
CA ILE GA 54 -28.03 1.46 101.10
C ILE GA 54 -28.95 0.42 101.76
N ARG GA 55 -30.20 0.82 102.00
CA ARG GA 55 -31.22 0.05 102.77
C ARG GA 55 -31.75 -1.12 101.94
N LYS GA 56 -32.24 -0.83 100.72
CA LYS GA 56 -32.94 -1.77 99.82
C LYS GA 56 -32.17 -1.86 98.49
N PRO GA 57 -31.05 -2.62 98.45
CA PRO GA 57 -30.26 -2.78 97.22
C PRO GA 57 -31.00 -3.50 96.09
N VAL GA 58 -31.07 -2.87 94.91
CA VAL GA 58 -31.72 -3.44 93.70
C VAL GA 58 -30.94 -2.95 92.47
N ASP GA 59 -30.77 -3.82 91.45
CA ASP GA 59 -30.08 -3.49 90.17
C ASP GA 59 -31.07 -3.56 88.99
N PHE GA 60 -30.57 -3.57 87.75
CA PHE GA 60 -31.39 -3.62 86.51
C PHE GA 60 -31.68 -5.07 86.09
N LYS GA 61 -30.94 -6.06 86.60
CA LYS GA 61 -31.21 -7.51 86.37
C LYS GA 61 -32.20 -8.04 87.42
N LYS GA 62 -32.20 -7.46 88.63
CA LYS GA 62 -33.18 -7.74 89.72
C LYS GA 62 -34.54 -7.12 89.39
N ILE GA 63 -34.60 -6.21 88.42
CA ILE GA 63 -35.88 -5.61 87.89
C ILE GA 63 -36.40 -6.48 86.74
N LYS GA 64 -35.52 -7.02 85.89
CA LYS GA 64 -35.87 -8.01 84.82
C LYS GA 64 -36.35 -9.31 85.48
N GLU GA 65 -35.76 -9.69 86.61
CA GLU GA 65 -36.14 -10.86 87.44
C GLU GA 65 -37.58 -10.70 87.95
N ARG GA 66 -37.93 -9.51 88.43
CA ARG GA 66 -39.24 -9.18 89.04
C ARG GA 66 -40.29 -8.87 87.96
N ILE GA 67 -39.88 -8.70 86.70
CA ILE GA 67 -40.78 -8.55 85.51
C ILE GA 67 -41.24 -9.93 85.04
N ARG GA 68 -40.38 -10.96 85.17
CA ARG GA 68 -40.69 -12.38 84.82
C ARG GA 68 -41.52 -13.03 85.94
N ASN GA 69 -41.23 -12.70 87.21
CA ASN GA 69 -41.92 -13.24 88.41
C ASN GA 69 -43.25 -12.52 88.65
N HIS GA 70 -43.49 -11.40 87.96
CA HIS GA 70 -44.75 -10.61 87.98
C HIS GA 70 -44.99 -10.03 89.38
N LYS GA 71 -43.93 -9.57 90.05
CA LYS GA 71 -44.01 -8.94 91.40
C LYS GA 71 -44.56 -7.52 91.29
N TYR GA 72 -44.20 -6.81 90.21
CA TYR GA 72 -44.72 -5.45 89.86
C TYR GA 72 -46.11 -5.61 89.22
N ARG GA 73 -47.14 -4.99 89.80
CA ARG GA 73 -48.56 -5.18 89.43
C ARG GA 73 -48.97 -4.15 88.36
N SER GA 74 -48.35 -2.96 88.37
CA SER GA 74 -48.61 -1.86 87.41
C SER GA 74 -47.28 -1.30 86.90
N LEU GA 75 -47.35 -0.31 85.99
CA LEU GA 75 -46.16 0.42 85.45
C LEU GA 75 -45.70 1.47 86.47
N GLY GA 76 -46.49 1.74 87.52
CA GLY GA 76 -46.14 2.64 88.63
C GLY GA 76 -45.35 1.94 89.73
N ASP GA 77 -45.37 0.59 89.75
CA ASP GA 77 -44.62 -0.26 90.72
C ASP GA 77 -43.23 -0.58 90.16
N LEU GA 78 -43.11 -0.72 88.83
CA LEU GA 78 -41.83 -0.85 88.09
C LEU GA 78 -41.02 0.45 88.23
N GLU GA 79 -41.70 1.61 88.20
CA GLU GA 79 -41.09 2.96 88.30
C GLU GA 79 -40.59 3.23 89.72
N LYS GA 80 -41.35 2.77 90.73
CA LYS GA 80 -41.09 3.01 92.19
C LYS GA 80 -39.73 2.44 92.60
N ASP GA 81 -39.27 1.35 91.95
CA ASP GA 81 -38.01 0.62 92.26
C ASP GA 81 -36.86 0.98 91.30
N VAL GA 82 -37.16 1.61 90.15
CA VAL GA 82 -36.14 2.21 89.23
C VAL GA 82 -35.70 3.56 89.83
N MET GA 83 -36.62 4.29 90.47
CA MET GA 83 -36.33 5.53 91.23
C MET GA 83 -35.56 5.19 92.51
N LEU GA 84 -35.82 4.01 93.09
CA LEU GA 84 -35.21 3.56 94.38
C LEU GA 84 -33.72 3.25 94.18
N LEU GA 85 -33.34 2.54 93.11
CA LEU GA 85 -31.90 2.21 92.82
C LEU GA 85 -31.18 3.46 92.29
N CYS GA 86 -31.84 4.24 91.43
CA CYS GA 86 -31.26 5.49 90.85
C CYS GA 86 -31.04 6.50 91.99
N HIS GA 87 -31.91 6.49 93.01
CA HIS GA 87 -31.77 7.31 94.26
C HIS GA 87 -30.80 6.64 95.25
N ASN GA 88 -30.75 5.30 95.28
CA ASN GA 88 -29.77 4.54 96.10
C ASN GA 88 -28.35 4.87 95.62
N ALA GA 89 -28.16 5.01 94.32
CA ALA GA 89 -26.87 5.41 93.71
C ALA GA 89 -26.49 6.82 94.17
N GLN GA 90 -27.41 7.77 93.96
CA GLN GA 90 -27.23 9.20 94.27
C GLN GA 90 -26.84 9.40 95.74
N THR GA 91 -27.40 8.60 96.64
CA THR GA 91 -27.14 8.67 98.10
C THR GA 91 -25.65 8.55 98.41
N PHE GA 92 -24.99 7.47 97.97
CA PHE GA 92 -23.55 7.30 98.35
C PHE GA 92 -22.62 7.99 97.37
N ASN GA 93 -22.79 7.76 96.08
CA ASN GA 93 -21.83 8.37 95.09
C ASN GA 93 -22.23 9.83 94.80
N LEU GA 94 -21.29 10.78 94.86
CA LEU GA 94 -21.66 12.19 95.13
C LEU GA 94 -22.10 12.91 93.86
N GLU GA 95 -22.64 14.11 94.03
CA GLU GA 95 -23.20 14.90 92.91
C GLU GA 95 -22.08 15.18 91.92
N GLY GA 96 -22.35 14.99 90.63
CA GLY GA 96 -21.34 15.25 89.57
C GLY GA 96 -20.45 14.06 89.35
N SER GA 97 -20.57 12.99 90.15
CA SER GA 97 -19.87 11.71 89.89
C SER GA 97 -20.50 11.08 88.63
N GLN GA 98 -19.76 10.25 87.90
CA GLN GA 98 -20.17 9.85 86.52
C GLN GA 98 -21.49 9.09 86.61
N ILE GA 99 -21.62 8.16 87.56
CA ILE GA 99 -22.85 7.35 87.74
C ILE GA 99 -23.86 8.13 88.57
N TYR GA 100 -23.50 9.16 89.34
CA TYR GA 100 -24.52 10.03 90.01
C TYR GA 100 -25.42 10.68 88.95
N GLU GA 101 -24.82 11.36 87.98
CA GLU GA 101 -25.52 12.15 86.94
C GLU GA 101 -26.16 11.22 85.90
N ASP GA 102 -25.74 9.94 85.81
CA ASP GA 102 -26.32 8.93 84.90
C ASP GA 102 -27.59 8.31 85.52
N SER GA 103 -27.65 8.19 86.83
CA SER GA 103 -28.87 7.80 87.59
C SER GA 103 -29.89 8.94 87.58
N ILE GA 104 -29.44 10.18 87.35
CA ILE GA 104 -30.27 11.40 87.10
C ILE GA 104 -30.81 11.35 85.66
N VAL GA 105 -30.01 10.85 84.72
CA VAL GA 105 -30.37 10.66 83.28
C VAL GA 105 -31.20 9.39 83.12
N LEU GA 106 -30.90 8.32 83.84
CA LEU GA 106 -31.64 7.02 83.77
C LEU GA 106 -33.06 7.16 84.35
N GLN GA 107 -33.29 8.13 85.23
CA GLN GA 107 -34.63 8.51 85.76
C GLN GA 107 -35.38 9.34 84.72
N SER GA 108 -34.67 10.15 83.94
CA SER GA 108 -35.18 11.06 82.88
C SER GA 108 -35.45 10.30 81.58
N VAL GA 109 -34.73 9.19 81.33
CA VAL GA 109 -34.87 8.30 80.14
C VAL GA 109 -35.91 7.21 80.43
N PHE GA 110 -36.15 6.88 81.70
CA PHE GA 110 -37.23 5.94 82.14
C PHE GA 110 -38.58 6.67 82.13
N LYS GA 111 -38.59 7.96 82.48
CA LYS GA 111 -39.82 8.82 82.57
C LYS GA 111 -40.26 9.28 81.18
N SER GA 112 -39.41 9.19 80.15
CA SER GA 112 -39.73 9.47 78.73
C SER GA 112 -40.02 8.16 77.98
N ALA GA 113 -39.46 7.03 78.44
CA ALA GA 113 -39.64 5.68 77.85
C ALA GA 113 -41.00 5.11 78.25
N ARG GA 114 -41.43 5.32 79.51
CA ARG GA 114 -42.77 4.89 80.01
C ARG GA 114 -43.87 5.76 79.39
N GLN GA 115 -43.55 7.02 79.07
CA GLN GA 115 -44.52 8.03 78.55
C GLN GA 115 -44.78 7.81 77.06
N LYS GA 116 -43.90 7.07 76.36
CA LYS GA 116 -44.03 6.76 74.91
C LYS GA 116 -44.76 5.43 74.71
N ILE GA 117 -44.44 4.41 75.51
CA ILE GA 117 -44.98 3.02 75.37
C ILE GA 117 -46.39 2.94 75.95
N ALA GA 118 -46.63 3.49 77.15
CA ALA GA 118 -47.88 3.35 77.93
C ALA GA 118 -49.01 4.21 77.35
N LYS GA 119 -48.69 5.23 76.55
CA LYS GA 119 -49.69 6.13 75.89
C LYS GA 119 -49.19 6.57 74.51
N GLU GA 120 -49.37 5.72 73.49
CA GLU GA 120 -49.19 6.03 72.05
C GLU GA 120 -49.87 4.93 71.21
N PRO HA 9 -18.65 16.30 82.99
CA PRO HA 9 -17.27 15.95 82.62
C PRO HA 9 -17.22 15.04 81.39
N VAL HA 10 -17.05 15.64 80.22
CA VAL HA 10 -17.02 14.91 78.93
C VAL HA 10 -15.85 13.90 78.95
N LEU HA 11 -14.70 14.32 79.44
CA LEU HA 11 -13.47 13.49 79.48
C LEU HA 11 -13.36 12.74 80.81
N ARG HA 12 -13.71 11.46 80.78
CA ARG HA 12 -13.67 10.57 81.96
C ARG HA 12 -13.56 9.12 81.52
N SER HA 13 -13.02 8.27 82.39
CA SER HA 13 -13.03 6.80 82.20
C SER HA 13 -14.48 6.33 82.15
N VAL HA 14 -14.69 5.11 81.67
CA VAL HA 14 -16.04 4.47 81.59
C VAL HA 14 -15.96 3.16 82.37
N ASN HA 15 -16.82 2.98 83.37
CA ASN HA 15 -16.89 1.72 84.14
C ASN HA 15 -17.20 0.60 83.15
N SER HA 16 -16.36 -0.42 83.06
CA SER HA 16 -16.47 -1.39 81.93
C SER HA 16 -16.56 -2.83 82.44
N ARG HA 17 -15.73 -3.19 83.41
CA ARG HA 17 -15.66 -4.56 84.00
C ARG HA 17 -14.93 -5.50 83.05
N GLU HA 18 -14.45 -5.00 81.91
CA GLU HA 18 -13.63 -5.80 80.96
C GLU HA 18 -12.18 -5.36 81.06
N PRO HA 19 -11.28 -6.20 81.61
CA PRO HA 19 -9.87 -5.85 81.75
C PRO HA 19 -9.18 -5.68 80.39
N SER HA 20 -8.23 -4.76 80.31
CA SER HA 20 -7.44 -4.50 79.09
C SER HA 20 -5.96 -4.41 79.46
N GLN HA 21 -5.17 -5.45 79.20
CA GLN HA 21 -3.69 -5.39 79.39
C GLN HA 21 -3.11 -4.35 78.43
N VAL HA 22 -2.21 -3.51 78.93
CA VAL HA 22 -1.61 -2.38 78.17
C VAL HA 22 -0.10 -2.39 78.41
N ILE HA 23 0.68 -1.85 77.48
CA ILE HA 23 2.15 -1.67 77.64
C ILE HA 23 2.42 -0.16 77.56
N PHE HA 24 2.76 0.45 78.69
CA PHE HA 24 3.25 1.84 78.72
C PHE HA 24 4.72 1.81 78.32
N CYS HA 25 5.04 2.38 77.16
CA CYS HA 25 6.43 2.47 76.65
C CYS HA 25 6.85 3.93 76.65
N ASN HA 26 7.81 4.29 77.49
CA ASN HA 26 8.30 5.68 77.61
C ASN HA 26 9.47 5.84 76.65
N ARG HA 27 9.19 6.44 75.50
CA ARG HA 27 10.21 6.78 74.48
C ARG HA 27 10.39 8.29 74.48
N SER HA 28 10.28 8.91 75.65
CA SER HA 28 10.75 10.30 75.89
C SER HA 28 12.05 10.21 76.67
N PRO HA 29 12.87 11.28 76.69
CA PRO HA 29 14.11 11.29 77.46
C PRO HA 29 13.82 11.57 78.94
N ARG HA 30 12.55 11.85 79.27
CA ARG HA 30 12.19 12.32 80.64
C ARG HA 30 11.46 11.23 81.42
N VAL HA 31 11.35 11.43 82.73
CA VAL HA 31 10.56 10.56 83.62
C VAL HA 31 9.09 10.87 83.35
N VAL HA 32 8.28 9.84 83.11
CA VAL HA 32 6.87 10.03 82.66
C VAL HA 32 5.92 9.73 83.82
N LEU HA 33 4.97 10.61 84.07
CA LEU HA 33 3.87 10.41 85.05
C LEU HA 33 2.62 9.99 84.30
N PRO HA 34 2.24 8.71 84.33
CA PRO HA 34 0.94 8.29 83.81
C PRO HA 34 -0.15 8.84 84.71
N VAL HA 35 -1.19 9.40 84.12
CA VAL HA 35 -2.33 10.07 84.83
C VAL HA 35 -3.62 9.43 84.32
N TRP HA 36 -4.26 8.61 85.17
CA TRP HA 36 -5.56 7.98 84.84
C TRP HA 36 -6.70 8.92 85.21
N LEU HA 37 -7.54 9.28 84.25
CA LEU HA 37 -8.81 9.99 84.55
C LEU HA 37 -9.77 8.95 85.14
N ASN HA 38 -10.28 9.27 86.33
CA ASN HA 38 -11.27 8.55 87.15
C ASN HA 38 -12.64 8.64 86.45
N PHE HA 39 -13.67 7.98 86.97
CA PHE HA 39 -15.02 7.98 86.36
C PHE HA 39 -15.64 9.38 86.48
N ASP HA 40 -15.31 10.11 87.54
CA ASP HA 40 -15.79 11.51 87.73
C ASP HA 40 -15.00 12.42 86.78
N GLY HA 41 -13.85 11.95 86.31
CA GLY HA 41 -12.96 12.70 85.41
C GLY HA 41 -11.97 13.53 86.21
N GLU HA 42 -11.54 13.02 87.36
CA GLU HA 42 -10.49 13.67 88.19
C GLU HA 42 -9.16 12.99 87.91
N PRO HA 43 -8.11 13.74 87.51
CA PRO HA 43 -6.78 13.16 87.30
C PRO HA 43 -6.29 12.38 88.52
N GLN HA 44 -5.76 11.17 88.32
CA GLN HA 44 -5.18 10.31 89.39
C GLN HA 44 -3.74 9.96 89.04
N PRO HA 45 -2.73 10.55 89.72
CA PRO HA 45 -1.34 10.17 89.50
C PRO HA 45 -1.08 8.67 89.73
N TYR HA 46 -0.27 8.08 88.86
CA TYR HA 46 0.20 6.67 88.94
C TYR HA 46 1.72 6.62 88.95
N PRO HA 47 2.31 5.46 89.29
CA PRO HA 47 3.76 5.32 89.39
C PRO HA 47 4.52 5.74 88.12
N THR HA 48 5.67 6.38 88.27
CA THR HA 48 6.42 7.01 87.14
C THR HA 48 7.18 5.95 86.35
N LEU HA 49 7.32 6.17 85.06
CA LEU HA 49 8.10 5.36 84.09
C LEU HA 49 9.43 6.05 83.82
N PRO HA 50 10.58 5.40 84.13
CA PRO HA 50 11.88 5.97 83.79
C PRO HA 50 12.03 6.05 82.27
N PRO HA 51 12.89 6.97 81.77
CA PRO HA 51 13.08 7.09 80.33
C PRO HA 51 13.57 5.76 79.76
N GLY HA 52 13.03 5.42 78.58
CA GLY HA 52 13.48 4.28 77.78
C GLY HA 52 13.04 2.96 78.38
N THR HA 53 11.98 2.94 79.18
CA THR HA 53 11.49 1.69 79.79
C THR HA 53 10.07 1.45 79.32
N GLY HA 54 9.61 0.22 79.51
CA GLY HA 54 8.25 -0.20 79.15
C GLY HA 54 7.75 -1.21 80.13
N ARG HA 55 6.51 -1.08 80.62
CA ARG HA 55 5.95 -2.11 81.53
C ARG HA 55 4.52 -2.45 81.09
N ARG HA 56 4.14 -3.67 81.39
CA ARG HA 56 2.76 -4.16 81.22
C ARG HA 56 1.97 -3.69 82.43
N ILE HA 57 0.80 -3.10 82.23
CA ILE HA 57 -0.03 -2.57 83.34
C ILE HA 57 -1.44 -3.11 83.13
N HIS HA 58 -2.16 -3.37 84.21
CA HIS HA 58 -3.58 -3.82 84.11
C HIS HA 58 -4.48 -2.58 84.18
N SER HA 59 -5.16 -2.29 83.08
CA SER HA 59 -6.22 -1.25 83.03
C SER HA 59 -7.51 -1.91 82.51
N TYR HA 60 -8.55 -1.13 82.25
CA TYR HA 60 -9.84 -1.67 81.75
C TYR HA 60 -10.22 -0.96 80.46
N ARG HA 61 -11.07 -1.61 79.68
CA ARG HA 61 -11.53 -1.04 78.39
C ARG HA 61 -12.25 0.28 78.65
N GLY HA 62 -12.01 1.28 77.81
CA GLY HA 62 -12.73 2.56 77.89
C GLY HA 62 -12.09 3.51 78.90
N HIS HA 63 -11.18 3.01 79.73
CA HIS HA 63 -10.46 3.86 80.71
C HIS HA 63 -9.61 4.88 79.93
N LEU HA 64 -9.66 6.12 80.34
CA LEU HA 64 -8.95 7.24 79.65
C LEU HA 64 -7.67 7.57 80.42
N TRP HA 65 -6.53 7.61 79.75
CA TRP HA 65 -5.21 7.96 80.35
C TRP HA 65 -4.61 9.21 79.71
N LEU HA 66 -3.59 9.75 80.37
CA LEU HA 66 -2.87 10.96 79.94
C LEU HA 66 -1.44 10.85 80.50
N PHE HA 67 -0.42 11.33 79.80
CA PHE HA 67 0.99 11.20 80.27
C PHE HA 67 1.68 12.56 80.33
N ARG HA 68 2.62 12.72 81.29
CA ARG HA 68 3.29 14.02 81.54
C ARG HA 68 4.66 13.83 82.19
N ASP HA 69 5.54 14.83 82.03
CA ASP HA 69 6.86 14.90 82.68
C ASP HA 69 6.66 14.97 84.20
N ALA HA 70 6.97 13.88 84.90
CA ALA HA 70 6.73 13.75 86.36
C ALA HA 70 7.29 14.96 87.10
N GLY HA 71 8.49 15.40 86.73
CA GLY HA 71 9.26 16.45 87.42
C GLY HA 71 8.62 17.81 87.24
N THR HA 72 8.63 18.34 86.00
CA THR HA 72 7.90 19.55 85.59
C THR HA 72 6.67 18.93 84.91
N HIS HA 73 5.47 19.46 85.03
CA HIS HA 73 4.25 18.69 84.58
C HIS HA 73 4.02 19.01 83.10
N ASP HA 74 5.09 19.07 82.30
CA ASP HA 74 5.06 19.34 80.84
C ASP HA 74 4.20 18.29 80.13
N GLY HA 75 3.51 18.68 79.06
CA GLY HA 75 2.64 17.79 78.26
C GLY HA 75 3.43 16.81 77.39
N LEU HA 76 3.05 15.55 77.38
CA LEU HA 76 3.60 14.50 76.47
C LEU HA 76 2.50 14.02 75.52
N LEU HA 77 2.84 13.08 74.64
CA LEU HA 77 1.92 12.50 73.63
C LEU HA 77 1.95 10.99 73.74
N VAL HA 78 0.85 10.32 73.41
CA VAL HA 78 0.76 8.84 73.42
C VAL HA 78 0.12 8.40 72.09
N ASN HA 79 0.87 7.69 71.26
CA ASN HA 79 0.41 7.23 69.93
C ASN HA 79 0.03 8.50 69.15
N GLN HA 80 0.93 9.48 69.15
CA GLN HA 80 0.84 10.72 68.33
C GLN HA 80 -0.38 11.55 68.74
N THR HA 81 -1.03 11.27 69.88
CA THR HA 81 -2.19 12.08 70.33
C THR HA 81 -2.05 12.34 71.83
N GLU HA 82 -3.02 13.04 72.43
CA GLU HA 82 -2.92 13.63 73.79
C GLU HA 82 -3.56 12.68 74.81
N LEU HA 83 -4.59 11.94 74.42
CA LEU HA 83 -5.29 10.97 75.31
C LEU HA 83 -5.08 9.56 74.77
N PHE HA 84 -5.01 8.58 75.68
CA PHE HA 84 -4.93 7.14 75.33
C PHE HA 84 -6.12 6.43 75.96
N VAL HA 85 -6.87 5.67 75.18
CA VAL HA 85 -7.99 4.84 75.70
C VAL HA 85 -7.79 3.43 75.18
N PRO HA 86 -7.49 2.45 76.04
CA PRO HA 86 -7.25 1.09 75.57
C PRO HA 86 -8.45 0.49 74.86
N SER HA 87 -8.20 -0.11 73.72
CA SER HA 87 -9.18 -0.94 72.98
C SER HA 87 -9.41 -2.25 73.75
N LEU HA 88 -10.47 -2.98 73.46
CA LEU HA 88 -10.63 -4.30 74.15
C LEU HA 88 -9.51 -5.21 73.66
N ASN HA 89 -8.84 -5.91 74.57
CA ASN HA 89 -7.73 -6.82 74.16
C ASN HA 89 -8.27 -7.94 73.27
N VAL HA 90 -7.52 -8.23 72.23
CA VAL HA 90 -7.94 -9.29 71.28
C VAL HA 90 -7.01 -10.48 71.42
N ASP HA 91 -7.55 -11.63 71.79
CA ASP HA 91 -6.79 -12.90 71.86
C ASP HA 91 -5.57 -12.79 72.78
N GLY HA 92 -5.69 -12.02 73.85
CA GLY HA 92 -4.61 -11.89 74.85
C GLY HA 92 -3.52 -10.91 74.46
N GLN HA 93 -3.53 -10.42 73.24
CA GLN HA 93 -2.49 -9.52 72.72
C GLN HA 93 -2.62 -8.21 73.48
N PRO HA 94 -1.50 -7.67 74.02
CA PRO HA 94 -1.55 -6.45 74.79
C PRO HA 94 -1.63 -5.24 73.86
N ILE HA 95 -2.35 -4.22 74.28
CA ILE HA 95 -2.40 -2.91 73.57
C ILE HA 95 -1.11 -2.16 73.88
N PHE HA 96 -0.71 -1.21 73.04
CA PHE HA 96 0.59 -0.52 73.22
C PHE HA 96 0.37 0.99 73.28
N ALA HA 97 0.88 1.62 74.33
CA ALA HA 97 0.86 3.09 74.51
C ALA HA 97 2.29 3.61 74.36
N ASN HA 98 2.57 4.24 73.23
CA ASN HA 98 3.91 4.77 72.89
C ASN HA 98 3.97 6.24 73.33
N ILE HA 99 4.72 6.54 74.36
CA ILE HA 99 4.75 7.90 74.99
C ILE HA 99 5.97 8.64 74.46
N THR HA 100 5.77 9.84 73.92
CA THR HA 100 6.86 10.59 73.26
C THR HA 100 6.76 12.08 73.54
N LEU HA 101 7.86 12.79 73.32
CA LEU HA 101 7.86 14.26 73.23
C LEU HA 101 6.84 14.70 72.19
N PRO HA 102 6.11 15.79 72.43
CA PRO HA 102 5.50 16.54 71.34
C PRO HA 102 6.51 17.52 70.75
N VAL HA 103 6.13 18.19 69.67
CA VAL HA 103 6.84 19.38 69.15
C VAL HA 103 6.35 20.57 69.98
N TYR HA 104 7.06 20.90 71.06
CA TYR HA 104 6.71 22.10 71.87
C TYR HA 104 6.87 23.36 71.01
N THR HA 105 6.05 24.37 71.25
CA THR HA 105 6.25 25.73 70.69
C THR HA 105 7.64 26.19 71.14
N LEU HA 106 8.34 27.00 70.34
CA LEU HA 106 9.69 27.51 70.69
C LEU HA 106 9.60 28.22 72.04
N LYS HA 107 8.55 29.03 72.23
CA LYS HA 107 8.32 29.79 73.48
C LYS HA 107 8.24 28.79 74.64
N GLU HA 108 7.22 27.92 74.63
CA GLU HA 108 7.00 26.96 75.73
C GLU HA 108 8.30 26.20 76.00
N ARG HA 109 9.01 25.83 74.94
CA ARG HA 109 10.28 25.06 75.09
C ARG HA 109 11.30 25.91 75.83
N CYS HA 110 11.43 27.19 75.44
CA CYS HA 110 12.37 28.14 76.09
C CYS HA 110 12.02 28.27 77.57
N LEU HA 111 10.74 28.53 77.86
CA LEU HA 111 10.24 28.63 79.25
C LEU HA 111 10.77 27.41 80.02
N GLN HA 112 10.49 26.20 79.51
CA GLN HA 112 10.96 24.94 80.12
C GLN HA 112 12.42 25.07 80.55
N VAL HA 113 13.28 25.58 79.65
CA VAL HA 113 14.75 25.55 79.88
C VAL HA 113 15.10 26.59 80.94
N VAL HA 114 14.56 27.81 80.78
CA VAL HA 114 14.79 28.95 81.71
C VAL HA 114 14.33 28.51 83.11
N ARG HA 115 13.08 28.05 83.22
CA ARG HA 115 12.51 27.51 84.47
C ARG HA 115 13.46 26.48 85.10
N SER HA 116 14.15 25.67 84.29
CA SER HA 116 15.02 24.57 84.79
C SER HA 116 16.37 25.12 85.28
N LEU HA 117 16.75 26.33 84.89
CA LEU HA 117 18.10 26.92 85.15
C LEU HA 117 18.03 27.97 86.25
N VAL HA 118 16.92 28.71 86.35
CA VAL HA 118 16.73 29.90 87.24
C VAL HA 118 15.74 29.53 88.35
N LYS HA 119 16.09 29.86 89.60
CA LYS HA 119 15.24 29.62 90.78
C LYS HA 119 14.01 30.53 90.69
N PRO HA 120 12.81 30.05 91.09
CA PRO HA 120 11.57 30.76 90.79
C PRO HA 120 11.54 32.19 91.37
N GLU HA 121 12.21 32.40 92.50
CA GLU HA 121 12.36 33.71 93.19
C GLU HA 121 13.22 34.66 92.35
N ASN HA 122 13.94 34.17 91.34
CA ASN HA 122 14.85 34.99 90.51
C ASN HA 122 14.24 35.29 89.15
N TYR HA 123 13.13 34.65 88.78
CA TYR HA 123 12.41 34.95 87.52
C TYR HA 123 12.28 36.49 87.45
N ARG HA 124 12.11 37.14 88.60
CA ARG HA 124 11.92 38.61 88.62
C ARG HA 124 13.19 39.38 88.31
N ARG HA 125 14.35 38.74 88.31
CA ARG HA 125 15.66 39.39 88.05
C ARG HA 125 15.99 39.43 86.54
N LEU HA 126 15.28 38.64 85.75
CA LEU HA 126 15.50 38.52 84.29
C LEU HA 126 14.96 39.79 83.62
N ASP HA 127 15.73 40.40 82.72
CA ASP HA 127 15.34 41.59 81.92
C ASP HA 127 14.40 41.15 80.80
N ILE HA 128 13.20 40.69 81.19
CA ILE HA 128 12.15 40.25 80.24
C ILE HA 128 10.87 41.04 80.55
N VAL HA 129 9.89 40.92 79.66
CA VAL HA 129 8.58 41.62 79.84
C VAL HA 129 7.82 40.99 81.03
N ARG HA 130 6.93 41.73 81.67
CA ARG HA 130 6.10 41.20 82.77
C ARG HA 130 5.27 40.01 82.25
N SER HA 131 4.76 40.09 81.04
CA SER HA 131 3.92 39.00 80.49
C SER HA 131 4.77 37.72 80.49
N LEU HA 132 6.02 37.82 80.07
CA LEU HA 132 6.91 36.63 80.05
C LEU HA 132 7.10 36.16 81.48
N TYR HA 133 7.28 37.07 82.41
CA TYR HA 133 7.46 36.73 83.84
C TYR HA 133 6.25 35.90 84.28
N GLU HA 134 5.05 36.36 83.96
CA GLU HA 134 3.81 35.61 84.33
C GLU HA 134 3.88 34.21 83.69
N ASP HA 135 4.24 34.12 82.41
CA ASP HA 135 4.34 32.84 81.67
C ASP HA 135 5.34 31.91 82.38
N LEU HA 136 6.49 32.43 82.80
CA LEU HA 136 7.51 31.66 83.56
C LEU HA 136 6.86 31.11 84.83
N GLU HA 137 6.11 31.96 85.52
CA GLU HA 137 5.49 31.62 86.83
C GLU HA 137 4.42 30.54 86.62
N ASP HA 138 3.68 30.63 85.52
CA ASP HA 138 2.56 29.71 85.19
C ASP HA 138 3.13 28.36 84.80
N HIS HA 139 3.49 27.52 85.75
CA HIS HA 139 3.96 26.14 85.44
C HIS HA 139 2.82 25.38 84.76
N PRO HA 140 3.09 24.52 83.77
CA PRO HA 140 2.05 23.71 83.12
C PRO HA 140 1.32 22.87 84.16
N ASN HA 141 0.09 22.45 83.86
CA ASN HA 141 -0.76 21.72 84.83
C ASN HA 141 -1.85 20.93 84.05
N VAL HA 142 -2.01 19.67 84.47
CA VAL HA 142 -2.97 18.66 83.97
C VAL HA 142 -4.36 19.29 83.84
N GLN HA 143 -4.83 20.00 84.87
CA GLN HA 143 -6.24 20.50 84.95
C GLN HA 143 -6.46 21.56 83.87
N LYS HA 144 -5.58 22.56 83.81
CA LYS HA 144 -5.64 23.64 82.78
C LYS HA 144 -5.73 22.97 81.40
N ASP HA 145 -4.90 21.97 81.15
CA ASP HA 145 -4.78 21.27 79.84
C ASP HA 145 -6.07 20.46 79.59
N LEU HA 146 -6.66 19.85 80.62
CA LEU HA 146 -7.94 19.10 80.51
C LEU HA 146 -9.04 20.06 80.07
N GLU HA 147 -9.10 21.25 80.68
CA GLU HA 147 -10.10 22.30 80.36
C GLU HA 147 -9.97 22.66 78.87
N ARG HA 148 -8.74 22.91 78.42
CA ARG HA 148 -8.42 23.22 76.99
C ARG HA 148 -8.91 22.09 76.09
N LEU HA 149 -8.64 20.83 76.44
CA LEU HA 149 -9.00 19.64 75.63
C LEU HA 149 -10.53 19.53 75.48
N THR HA 150 -11.28 19.92 76.50
CA THR HA 150 -12.77 19.96 76.46
C THR HA 150 -13.24 20.96 75.40
N GLN HA 151 -12.71 22.19 75.43
CA GLN HA 151 -13.09 23.27 74.47
C GLN HA 151 -12.70 22.85 73.05
N GLU HA 152 -11.67 22.00 72.91
CA GLU HA 152 -11.19 21.46 71.61
C GLU HA 152 -12.13 20.34 71.15
N ARG HA 153 -12.95 19.78 72.04
CA ARG HA 153 -13.92 18.70 71.74
C ARG HA 153 -15.34 19.26 71.62
N ILE HA 154 -15.60 20.51 72.04
CA ILE HA 154 -16.95 21.13 71.89
C ILE HA 154 -17.18 21.56 70.42
N ALA HA 155 -16.10 21.65 69.63
CA ALA HA 155 -16.14 21.99 68.19
C ALA HA 155 -16.35 20.74 67.32
N HIS HA 156 -15.99 19.57 67.81
CA HIS HA 156 -16.07 18.26 67.11
C HIS HA 156 -17.39 17.56 67.45
N GLN HA 157 -17.99 17.86 68.59
CA GLN HA 157 -19.30 17.29 69.04
C GLN HA 157 -20.28 18.46 69.19
N MET IA 1 10.18 28.38 47.19
CA MET IA 1 9.63 29.58 47.92
C MET IA 1 10.53 29.94 49.11
N TYR IA 2 11.57 30.75 48.94
CA TYR IA 2 12.49 31.10 50.05
C TYR IA 2 12.28 32.56 50.47
N VAL IA 3 12.70 32.86 51.70
CA VAL IA 3 12.43 34.19 52.35
C VAL IA 3 13.68 34.58 53.16
N LYS IA 4 13.92 35.89 53.28
CA LYS IA 4 15.17 36.45 53.85
C LYS IA 4 14.83 37.13 55.19
N LEU IA 5 15.33 36.57 56.30
CA LEU IA 5 15.23 37.18 57.65
C LEU IA 5 16.59 37.81 57.96
N ILE IA 6 16.60 39.07 58.41
CA ILE IA 6 17.84 39.88 58.61
C ILE IA 6 17.93 40.30 60.08
N SER IA 7 19.01 39.90 60.75
CA SER IA 7 19.25 40.15 62.19
C SER IA 7 19.72 41.59 62.42
N SER IA 8 19.69 42.04 63.67
CA SER IA 8 20.14 43.39 64.12
C SER IA 8 21.55 43.67 63.59
N ASP IA 9 22.49 42.77 63.83
CA ASP IA 9 23.91 42.92 63.43
C ASP IA 9 24.00 42.79 61.91
N GLY IA 10 22.93 42.41 61.21
CA GLY IA 10 22.84 42.48 59.75
C GLY IA 10 23.18 41.19 59.00
N HIS IA 11 23.18 40.04 59.68
CA HIS IA 11 23.28 38.72 59.03
C HIS IA 11 22.00 38.47 58.24
N GLU IA 12 22.12 37.81 57.09
CA GLU IA 12 20.97 37.42 56.24
C GLU IA 12 20.75 35.93 56.42
N PHE IA 13 19.49 35.52 56.65
CA PHE IA 13 19.08 34.11 56.79
C PHE IA 13 18.05 33.80 55.70
N ILE IA 14 18.42 32.94 54.75
CA ILE IA 14 17.49 32.48 53.67
C ILE IA 14 16.88 31.15 54.13
N VAL IA 15 15.57 31.14 54.41
CA VAL IA 15 14.81 29.94 54.88
C VAL IA 15 13.55 29.81 54.04
N LYS IA 16 13.00 28.61 53.87
CA LYS IA 16 11.73 28.41 53.12
C LYS IA 16 10.66 29.34 53.71
N ARG IA 17 9.79 29.90 52.87
CA ARG IA 17 8.74 30.84 53.32
C ARG IA 17 7.82 30.11 54.30
N GLU IA 18 7.41 28.90 53.96
CA GLU IA 18 6.49 28.05 54.77
C GLU IA 18 7.09 27.82 56.16
N HIS IA 19 8.40 27.58 56.24
CA HIS IA 19 9.15 27.39 57.52
C HIS IA 19 8.98 28.65 58.39
N ALA IA 20 9.15 29.83 57.79
CA ALA IA 20 9.05 31.13 58.49
C ALA IA 20 7.63 31.33 59.02
N LEU IA 21 6.62 31.04 58.20
CA LEU IA 21 5.19 31.32 58.50
C LEU IA 21 4.78 30.62 59.82
N THR IA 22 5.56 29.65 60.30
CA THR IA 22 5.26 28.97 61.57
C THR IA 22 5.19 30.04 62.67
N SER IA 23 5.67 31.25 62.40
CA SER IA 23 5.64 32.35 63.38
C SER IA 23 4.44 33.23 63.08
N GLY IA 24 3.49 33.37 64.01
CA GLY IA 24 2.27 34.17 63.75
C GLY IA 24 2.65 35.60 63.40
N THR IA 25 3.63 36.15 64.11
CA THR IA 25 4.03 37.56 63.93
C THR IA 25 4.61 37.72 62.53
N ILE IA 26 5.41 36.76 62.07
CA ILE IA 26 6.00 36.83 60.69
C ILE IA 26 4.85 36.68 59.70
N LYS IA 27 3.97 35.70 59.90
CA LYS IA 27 2.78 35.43 59.06
C LYS IA 27 2.06 36.76 58.85
N ALA IA 28 1.81 37.50 59.93
CA ALA IA 28 1.11 38.80 59.90
C ALA IA 28 1.88 39.80 59.01
N MET IA 29 3.19 39.93 59.26
CA MET IA 29 4.06 40.94 58.59
C MET IA 29 4.18 40.63 57.09
N LEU IA 30 4.17 39.36 56.72
CA LEU IA 30 4.38 38.88 55.33
C LEU IA 30 3.04 38.88 54.60
N SER IA 31 1.95 38.42 55.23
CA SER IA 31 0.61 38.31 54.60
C SER IA 31 -0.01 39.66 54.19
N GLY IA 32 -0.51 39.71 52.95
CA GLY IA 32 -1.29 40.83 52.44
C GLY IA 32 -0.52 41.61 51.38
N PRO IA 33 -1.19 42.61 50.73
CA PRO IA 33 -0.58 43.46 49.71
C PRO IA 33 0.52 44.38 50.26
N THR IA 41 6.11 40.74 50.48
CA THR IA 41 7.56 41.09 50.67
C THR IA 41 8.31 39.84 51.11
N ASN IA 42 9.56 39.65 50.63
CA ASN IA 42 10.38 38.44 50.85
C ASN IA 42 11.54 38.70 51.84
N GLU IA 43 11.93 39.97 52.05
CA GLU IA 43 12.80 40.41 53.17
C GLU IA 43 11.95 40.82 54.37
N VAL IA 44 12.44 40.56 55.57
CA VAL IA 44 11.94 41.14 56.85
C VAL IA 44 13.14 41.39 57.77
N ASN IA 45 13.13 42.53 58.47
CA ASN IA 45 14.25 43.03 59.28
C ASN IA 45 13.84 43.00 60.75
N PHE IA 46 14.69 42.40 61.61
CA PHE IA 46 14.51 42.40 63.09
C PHE IA 46 15.58 43.25 63.74
N ARG IA 47 15.20 44.48 64.10
CA ARG IA 47 16.05 45.51 64.73
C ARG IA 47 16.55 45.04 66.11
N GLU IA 48 15.81 44.17 66.77
CA GLU IA 48 15.91 43.79 68.19
C GLU IA 48 16.59 42.41 68.38
N ILE IA 49 16.71 41.64 67.29
CA ILE IA 49 17.10 40.20 67.37
C ILE IA 49 18.51 40.04 66.81
N PRO IA 50 19.50 39.65 67.63
CA PRO IA 50 20.84 39.36 67.11
C PRO IA 50 20.89 38.04 66.32
N SER IA 51 21.97 37.83 65.58
CA SER IA 51 22.17 36.65 64.69
C SER IA 51 22.15 35.34 65.49
N HIS IA 52 22.94 35.23 66.56
CA HIS IA 52 23.10 33.95 67.29
C HIS IA 52 21.72 33.50 67.75
N VAL IA 53 20.78 34.44 67.84
CA VAL IA 53 19.37 34.13 68.25
C VAL IA 53 18.57 33.79 67.00
N LEU IA 54 18.52 34.70 66.01
CA LEU IA 54 17.66 34.51 64.82
C LEU IA 54 18.08 33.24 64.07
N SER IA 55 19.38 32.92 64.06
CA SER IA 55 19.91 31.65 63.52
C SER IA 55 19.15 30.48 64.16
N LYS IA 56 19.12 30.45 65.50
CA LYS IA 56 18.48 29.34 66.26
C LYS IA 56 16.97 29.37 66.05
N VAL IA 57 16.37 30.55 65.91
CA VAL IA 57 14.90 30.67 65.66
C VAL IA 57 14.58 29.91 64.37
N CYS IA 58 15.42 30.06 63.34
CA CYS IA 58 15.27 29.35 62.05
C CYS IA 58 15.38 27.85 62.29
N MET IA 59 16.48 27.42 62.93
CA MET IA 59 16.71 26.00 63.29
C MET IA 59 15.44 25.41 63.91
N TYR IA 60 14.69 26.17 64.71
CA TYR IA 60 13.41 25.69 65.28
C TYR IA 60 12.42 25.47 64.13
N PHE IA 61 12.26 26.44 63.22
CA PHE IA 61 11.34 26.30 62.07
C PHE IA 61 11.63 24.97 61.35
N THR IA 62 12.91 24.74 61.01
CA THR IA 62 13.41 23.48 60.40
C THR IA 62 12.86 22.29 61.20
N TYR IA 63 13.13 22.27 62.51
CA TYR IA 63 12.73 21.23 63.50
C TYR IA 63 11.20 21.06 63.47
N LYS IA 64 10.46 22.13 63.75
CA LYS IA 64 8.98 22.07 63.89
C LYS IA 64 8.41 21.47 62.60
N VAL IA 65 8.77 22.04 61.46
CA VAL IA 65 8.21 21.64 60.15
C VAL IA 65 8.47 20.15 59.96
N ARG IA 66 9.69 19.70 60.25
CA ARG IA 66 10.15 18.32 59.96
C ARG IA 66 9.44 17.32 60.88
N TYR IA 67 9.36 17.59 62.18
CA TYR IA 67 8.97 16.57 63.18
C TYR IA 67 7.49 16.63 63.55
N THR IA 68 6.77 17.70 63.22
CA THR IA 68 5.31 17.72 63.45
C THR IA 68 4.69 16.60 62.62
N ASN IA 69 3.82 15.79 63.23
CA ASN IA 69 3.07 14.70 62.55
C ASN IA 69 3.99 13.57 62.09
N SER IA 70 5.22 13.46 62.58
CA SER IA 70 6.18 12.44 62.14
C SER IA 70 6.11 11.26 63.11
N SER IA 71 5.92 10.05 62.60
CA SER IA 71 5.80 8.80 63.39
C SER IA 71 7.13 8.40 64.06
N THR IA 72 8.26 8.72 63.44
CA THR IA 72 9.59 8.57 64.08
C THR IA 72 9.64 9.41 65.36
N GLU IA 73 10.05 8.78 66.46
CA GLU IA 73 9.95 9.38 67.82
C GLU IA 73 10.72 10.70 67.79
N ILE IA 74 10.24 11.73 68.49
CA ILE IA 74 10.69 13.13 68.31
C ILE IA 74 11.85 13.38 69.26
N PRO IA 75 12.93 14.05 68.81
CA PRO IA 75 14.05 14.39 69.68
C PRO IA 75 13.88 15.78 70.31
N GLU IA 76 14.42 15.96 71.52
CA GLU IA 76 14.30 17.22 72.30
C GLU IA 76 14.99 18.33 71.51
N PHE IA 77 14.33 19.49 71.35
CA PHE IA 77 14.94 20.69 70.69
C PHE IA 77 15.88 21.36 71.68
N PRO IA 78 17.22 21.22 71.51
CA PRO IA 78 18.15 21.60 72.55
C PRO IA 78 18.31 23.13 72.54
N ILE IA 79 18.51 23.73 73.72
CA ILE IA 79 18.79 25.19 73.89
C ILE IA 79 19.90 25.33 74.93
N ALA IA 80 21.06 25.87 74.55
CA ALA IA 80 22.19 26.10 75.48
C ALA IA 80 21.84 27.24 76.43
N PRO IA 81 22.24 27.16 77.71
CA PRO IA 81 22.02 28.24 78.66
C PRO IA 81 22.33 29.64 78.11
N GLU IA 82 23.46 29.78 77.42
CA GLU IA 82 24.01 31.07 76.94
C GLU IA 82 22.98 31.79 76.07
N ILE IA 83 22.12 31.04 75.37
CA ILE IA 83 21.18 31.60 74.36
C ILE IA 83 19.74 31.63 74.92
N ALA IA 84 19.48 30.92 76.02
CA ALA IA 84 18.13 30.57 76.50
C ALA IA 84 17.23 31.80 76.64
N LEU IA 85 17.72 32.82 77.33
CA LEU IA 85 16.93 34.01 77.74
C LEU IA 85 16.55 34.80 76.49
N GLU IA 86 17.54 35.15 75.67
CA GLU IA 86 17.36 35.97 74.45
C GLU IA 86 16.45 35.24 73.46
N LEU IA 87 16.55 33.91 73.40
CA LEU IA 87 15.70 33.06 72.54
C LEU IA 87 14.26 33.17 73.05
N LEU IA 88 14.06 33.03 74.36
CA LEU IA 88 12.72 33.14 75.01
C LEU IA 88 12.11 34.49 74.62
N MET IA 89 12.90 35.56 74.71
CA MET IA 89 12.44 36.91 74.32
C MET IA 89 12.01 36.84 72.85
N ALA IA 90 12.94 36.49 71.96
CA ALA IA 90 12.71 36.38 70.49
C ALA IA 90 11.49 35.50 70.24
N ALA IA 91 11.44 34.33 70.87
CA ALA IA 91 10.32 33.36 70.73
C ALA IA 91 9.00 34.08 70.99
N ASN IA 92 8.90 34.81 72.10
CA ASN IA 92 7.64 35.46 72.50
C ASN IA 92 7.26 36.51 71.46
N PHE IA 93 8.23 37.32 71.03
CA PHE IA 93 8.00 38.39 70.03
C PHE IA 93 7.47 37.74 68.73
N LEU IA 94 8.07 36.64 68.32
CA LEU IA 94 7.73 35.96 67.06
C LEU IA 94 6.39 35.21 67.18
N ASP IA 95 6.04 34.68 68.33
CA ASP IA 95 4.80 33.87 68.49
C ASP IA 95 5.05 32.46 67.94
N CYS IA 96 6.31 32.10 67.69
CA CYS IA 96 6.72 30.70 67.41
C CYS IA 96 6.17 29.70 68.45
N ASP JA 2 18.09 11.50 55.86
CA ASP JA 2 18.20 12.90 55.36
C ASP JA 2 19.25 13.68 56.16
N VAL JA 3 19.87 14.65 55.49
CA VAL JA 3 20.93 15.54 56.05
C VAL JA 3 20.48 16.99 55.92
N PHE JA 4 20.63 17.74 57.00
CA PHE JA 4 20.18 19.15 57.11
C PHE JA 4 21.44 20.02 57.14
N LEU JA 5 21.46 21.07 56.31
CA LEU JA 5 22.71 21.82 56.04
C LEU JA 5 22.48 23.33 56.18
N MET JA 6 23.50 24.03 56.65
CA MET JA 6 23.56 25.51 56.61
C MET JA 6 24.74 25.90 55.73
N ILE JA 7 24.45 26.43 54.55
CA ILE JA 7 25.47 26.91 53.59
C ILE JA 7 25.64 28.39 53.85
N ARG JA 8 26.81 28.85 54.29
CA ARG JA 8 27.02 30.31 54.51
C ARG JA 8 28.08 30.94 53.57
N ARG JA 9 27.69 32.08 53.03
CA ARG JA 9 28.60 33.17 52.55
C ARG JA 9 28.95 34.13 53.70
N HIS JA 10 29.68 35.19 53.43
CA HIS JA 10 30.19 36.12 54.46
C HIS JA 10 29.03 36.63 55.32
N LYS JA 11 27.97 37.14 54.68
CA LYS JA 11 26.89 37.79 55.46
C LYS JA 11 25.64 36.91 55.37
N THR JA 12 25.56 35.94 54.46
CA THR JA 12 24.29 35.30 54.08
C THR JA 12 24.30 33.86 54.57
N THR JA 13 23.13 33.30 54.88
CA THR JA 13 23.00 31.93 55.42
C THR JA 13 21.81 31.22 54.77
N ILE JA 14 22.05 30.09 54.09
CA ILE JA 14 20.96 29.28 53.48
C ILE JA 14 20.74 28.04 54.38
N PHE JA 15 19.52 27.86 54.85
CA PHE JA 15 19.03 26.64 55.53
C PHE JA 15 18.28 25.83 54.48
N THR JA 16 18.71 24.59 54.21
CA THR JA 16 17.99 23.79 53.17
C THR JA 16 18.01 22.31 53.48
N ASP JA 17 17.21 21.58 52.69
CA ASP JA 17 17.05 20.11 52.68
C ASP JA 17 18.20 19.46 51.90
N ALA JA 18 18.48 18.20 52.22
CA ALA JA 18 19.53 17.44 51.49
C ALA JA 18 19.28 15.95 51.69
N LYS JA 19 19.68 15.15 50.71
CA LYS JA 19 19.67 13.67 50.90
C LYS JA 19 21.13 13.23 51.08
N GLU JA 20 21.36 12.27 51.97
CA GLU JA 20 22.68 11.64 52.18
C GLU JA 20 23.20 11.16 50.82
N SER JA 21 22.29 10.61 49.99
CA SER JA 21 22.61 9.95 48.68
C SER JA 21 22.89 11.00 47.60
N SER JA 22 22.29 12.19 47.72
CA SER JA 22 22.49 13.32 46.77
C SER JA 22 23.97 13.73 46.81
N THR JA 23 24.42 14.40 45.76
CA THR JA 23 25.86 14.74 45.52
C THR JA 23 26.09 16.24 45.60
N VAL JA 24 27.33 16.64 45.89
CA VAL JA 24 27.77 18.07 46.01
C VAL JA 24 27.32 18.83 44.77
N PHE JA 25 27.37 18.20 43.58
CA PHE JA 25 26.95 18.88 42.31
C PHE JA 25 25.46 19.28 42.40
N GLU JA 26 24.63 18.27 42.71
CA GLU JA 26 23.16 18.46 42.80
C GLU JA 26 22.84 19.61 43.76
N LEU JA 27 23.63 19.73 44.83
CA LEU JA 27 23.44 20.75 45.89
C LEU JA 27 23.75 22.12 45.30
N LYS JA 28 24.85 22.25 44.54
CA LYS JA 28 25.23 23.52 43.86
C LYS JA 28 24.06 23.98 42.99
N ARG JA 29 23.40 23.01 42.31
CA ARG JA 29 22.30 23.31 41.37
C ARG JA 29 21.09 23.84 42.16
N ILE JA 30 20.82 23.27 43.33
CA ILE JA 30 19.70 23.74 44.22
C ILE JA 30 19.97 25.20 44.58
N VAL JA 31 21.22 25.53 44.95
CA VAL JA 31 21.66 26.90 45.33
C VAL JA 31 21.48 27.82 44.12
N GLU JA 32 21.92 27.35 42.94
CA GLU JA 32 21.76 28.09 41.67
C GLU JA 32 20.29 28.49 41.52
N GLY JA 33 19.38 27.52 41.71
CA GLY JA 33 17.93 27.72 41.59
C GLY JA 33 17.41 28.84 42.47
N ILE JA 34 18.04 29.04 43.63
CA ILE JA 34 17.51 29.92 44.72
C ILE JA 34 18.23 31.25 44.73
N LEU JA 35 19.56 31.25 44.61
CA LEU JA 35 20.46 32.43 44.65
C LEU JA 35 20.71 32.97 43.23
N LYS JA 36 20.20 32.30 42.16
CA LYS JA 36 20.12 32.88 40.80
C LYS JA 36 21.52 33.22 40.31
N ARG JA 37 22.47 32.30 40.40
CA ARG JA 37 23.86 32.40 39.93
C ARG JA 37 24.29 31.00 39.48
N PRO JA 38 24.76 30.85 38.22
CA PRO JA 38 24.97 29.54 37.61
C PRO JA 38 25.94 28.58 38.30
N PRO JA 39 25.73 27.26 38.14
CA PRO JA 39 26.29 26.27 39.06
C PRO JA 39 27.82 26.25 39.18
N ASP JA 40 28.53 26.71 38.15
CA ASP JA 40 29.99 26.57 37.99
C ASP JA 40 30.73 27.65 38.80
N GLU JA 41 30.06 28.68 39.34
CA GLU JA 41 30.77 29.95 39.72
C GLU JA 41 31.07 29.98 41.23
N GLN JA 42 30.46 29.06 42.00
CA GLN JA 42 30.76 28.96 43.45
C GLN JA 42 31.42 27.63 43.75
N ARG JA 43 32.39 27.62 44.68
CA ARG JA 43 33.08 26.42 45.19
C ARG JA 43 32.72 26.26 46.70
N LEU JA 44 32.58 25.00 47.12
CA LEU JA 44 31.98 24.63 48.42
C LEU JA 44 33.04 24.07 49.36
N TYR JA 45 32.92 24.44 50.62
CA TYR JA 45 33.87 24.05 51.69
C TYR JA 45 33.14 23.23 52.74
N LYS JA 46 33.76 22.15 53.20
CA LYS JA 46 33.28 21.37 54.34
C LYS JA 46 34.22 21.81 55.44
N ASP JA 47 33.71 22.51 56.41
CA ASP JA 47 34.53 23.13 57.48
C ASP JA 47 35.75 23.83 56.90
N ASP JA 48 35.68 24.52 55.75
CA ASP JA 48 36.77 25.35 55.17
C ASP JA 48 37.80 24.55 54.34
N GLN JA 49 37.43 23.37 53.87
CA GLN JA 49 38.31 22.48 53.06
C GLN JA 49 37.63 22.37 51.70
N LEU JA 50 38.32 22.02 50.62
CA LEU JA 50 37.72 21.93 49.27
C LEU JA 50 36.86 20.68 49.16
N LEU JA 51 35.69 20.78 48.54
CA LEU JA 51 34.69 19.68 48.47
C LEU JA 51 34.65 19.11 47.06
N ASP JA 52 34.67 17.79 46.92
CA ASP JA 52 34.79 17.04 45.64
C ASP JA 52 33.47 17.17 44.84
N ASP JA 53 33.60 17.55 43.56
CA ASP JA 53 32.45 18.18 42.84
C ASP JA 53 31.32 17.15 42.74
N GLY JA 54 31.60 15.85 42.83
CA GLY JA 54 30.63 14.79 42.52
C GLY JA 54 30.58 13.72 43.58
N LYS JA 55 31.13 13.91 44.78
CA LYS JA 55 30.96 12.93 45.90
C LYS JA 55 29.57 13.10 46.54
N THR JA 56 29.00 12.02 47.08
CA THR JA 56 27.70 12.05 47.83
C THR JA 56 27.92 12.63 49.21
N LEU JA 57 27.02 13.51 49.69
CA LEU JA 57 27.10 14.11 51.03
C LEU JA 57 27.46 13.07 52.07
N GLY JA 58 26.93 11.84 51.96
CA GLY JA 58 27.31 10.72 52.84
C GLY JA 58 28.84 10.58 52.93
N GLU JA 59 29.48 10.45 51.76
CA GLU JA 59 30.94 10.21 51.62
C GLU JA 59 31.72 11.44 52.10
N CYS JA 60 31.16 12.64 51.97
CA CYS JA 60 31.78 13.92 52.42
C CYS JA 60 31.84 13.97 53.95
N GLY JA 61 30.92 13.27 54.64
CA GLY JA 61 30.91 13.18 56.11
C GLY JA 61 29.56 13.52 56.72
N PHE JA 62 28.65 14.17 55.97
CA PHE JA 62 27.29 14.52 56.45
C PHE JA 62 26.48 13.23 56.69
N THR JA 63 25.98 13.04 57.92
CA THR JA 63 25.28 11.83 58.39
C THR JA 63 24.07 12.33 59.20
N SER JA 64 23.17 11.41 59.57
CA SER JA 64 22.02 11.67 60.48
C SER JA 64 22.52 12.30 61.80
N GLN JA 65 23.69 11.85 62.28
CA GLN JA 65 24.17 12.18 63.65
C GLN JA 65 24.86 13.55 63.66
N THR JA 66 25.15 14.13 62.49
CA THR JA 66 25.99 15.35 62.34
C THR JA 66 25.20 16.43 61.59
N ALA JA 67 23.97 16.12 61.11
CA ALA JA 67 23.25 17.08 60.23
C ALA JA 67 21.75 17.02 60.50
N ARG JA 68 21.36 17.18 61.77
CA ARG JA 68 19.95 17.12 62.24
C ARG JA 68 19.26 18.45 61.94
N PRO JA 69 17.92 18.48 61.76
CA PRO JA 69 17.20 19.68 61.36
C PRO JA 69 17.44 20.91 62.23
N GLN JA 70 17.59 20.70 63.54
CA GLN JA 70 17.74 21.78 64.57
C GLN JA 70 19.23 22.04 64.87
N ALA JA 71 20.13 21.20 64.33
CA ALA JA 71 21.59 21.37 64.44
C ALA JA 71 22.21 21.10 63.07
N PRO JA 72 21.83 21.92 62.04
CA PRO JA 72 22.29 21.64 60.68
C PRO JA 72 23.81 21.73 60.61
N ALA JA 73 24.42 20.86 59.82
CA ALA JA 73 25.88 20.81 59.54
C ALA JA 73 26.22 21.99 58.63
N THR JA 74 27.33 22.67 58.88
CA THR JA 74 27.58 24.05 58.35
C THR JA 74 28.64 23.93 57.27
N VAL JA 75 28.31 24.24 56.02
CA VAL JA 75 29.31 24.13 54.92
C VAL JA 75 29.42 25.47 54.17
N GLY JA 76 30.66 25.82 53.84
CA GLY JA 76 31.08 27.13 53.30
C GLY JA 76 30.75 27.25 51.83
N LEU JA 77 30.42 28.46 51.37
CA LEU JA 77 30.15 28.78 49.94
C LEU JA 77 31.05 29.92 49.48
N ALA JA 78 31.51 29.89 48.23
CA ALA JA 78 32.40 30.92 47.65
C ALA JA 78 31.84 31.47 46.35
N PHE JA 79 31.94 32.78 46.18
CA PHE JA 79 31.64 33.49 44.90
C PHE JA 79 32.96 33.79 44.18
N ARG JA 80 33.29 33.07 43.11
CA ARG JA 80 34.49 33.43 42.29
C ARG JA 80 34.05 34.15 41.02
N ALA JA 81 34.47 35.40 40.79
CA ALA JA 81 33.91 36.22 39.71
C ALA JA 81 35.05 36.56 38.77
N ASP JA 82 34.94 36.21 37.48
CA ASP JA 82 35.91 36.65 36.45
C ASP JA 82 37.32 36.20 36.88
N ASP JA 83 37.43 34.98 37.36
CA ASP JA 83 38.72 34.35 37.76
C ASP JA 83 39.16 34.79 39.15
N THR JA 84 38.32 35.42 39.96
CA THR JA 84 38.66 35.78 41.36
C THR JA 84 38.61 34.58 42.29
N PHE JA 85 39.66 34.37 43.07
CA PHE JA 85 39.72 33.28 44.08
C PHE JA 85 39.46 33.94 45.41
N GLU JA 86 38.42 33.51 46.15
CA GLU JA 86 38.12 34.16 47.46
C GLU JA 86 38.58 33.20 48.54
N ALA JA 87 39.46 33.63 49.44
CA ALA JA 87 39.74 32.90 50.70
C ALA JA 87 38.45 32.89 51.53
N LEU JA 88 38.21 31.83 52.29
CA LEU JA 88 36.96 31.70 53.07
C LEU JA 88 36.94 32.82 54.11
N CYS JA 89 36.01 33.74 53.98
CA CYS JA 89 35.80 34.81 54.98
C CYS JA 89 34.72 34.31 55.95
N ILE JA 90 35.12 33.94 57.17
CA ILE JA 90 34.14 33.33 58.10
C ILE JA 90 33.62 34.45 59.00
N GLU JA 91 32.52 35.08 58.58
CA GLU JA 91 31.88 36.09 59.47
C GLU JA 91 31.24 35.29 60.59
N PRO JA 92 31.56 35.54 61.88
CA PRO JA 92 30.78 34.94 62.97
C PRO JA 92 29.33 35.44 62.99
N PHE JA 93 28.42 34.66 63.58
CA PHE JA 93 27.10 35.15 64.07
C PHE JA 93 27.32 36.02 65.31
N SER JA 94 26.29 36.75 65.74
CA SER JA 94 26.33 37.59 66.97
C SER JA 94 26.67 36.76 68.21
N SER JA 95 27.51 37.29 69.12
CA SER JA 95 27.93 36.55 70.33
C SER JA 95 26.87 36.71 71.41
N PRO JA 96 26.65 35.69 72.27
CA PRO JA 96 25.80 35.84 73.45
C PRO JA 96 26.57 36.47 74.60
N PRO JA 97 25.90 37.24 75.48
CA PRO JA 97 26.56 37.81 76.66
C PRO JA 97 27.03 36.71 77.61
N GLU JA 98 28.11 36.96 78.33
CA GLU JA 98 28.66 36.06 79.38
C GLU JA 98 27.50 35.53 80.24
N LEU JA 99 27.55 34.25 80.62
CA LEU JA 99 26.43 33.53 81.27
C LEU JA 99 25.99 34.28 82.53
N PRO JA 100 24.74 34.78 82.60
CA PRO JA 100 24.24 35.49 83.78
C PRO JA 100 24.38 34.67 85.06
N ASP JA 101 24.66 35.29 86.19
CA ASP JA 101 24.89 34.59 87.48
C ASP JA 101 23.62 33.79 87.83
N VAL JA 102 22.46 34.25 87.36
CA VAL JA 102 21.18 33.61 87.77
C VAL JA 102 21.11 32.19 87.19
N MET JA 103 21.68 31.96 86.03
CA MET JA 103 21.58 30.64 85.32
C MET JA 103 22.70 29.69 85.78
N LYS JA 104 23.80 30.27 86.27
CA LYS JA 104 24.92 29.54 86.91
C LYS JA 104 24.83 29.74 88.42
N LEU KA 12 -47.69 -11.06 60.58
CA LEU KA 12 -46.72 -11.77 59.70
C LEU KA 12 -45.43 -10.96 59.57
N THR KA 13 -45.51 -9.63 59.39
CA THR KA 13 -44.36 -8.70 59.25
C THR KA 13 -43.52 -8.70 60.55
N LYS KA 14 -44.18 -8.76 61.71
CA LYS KA 14 -43.52 -8.81 63.04
C LYS KA 14 -42.72 -10.12 63.14
N GLN KA 15 -43.33 -11.23 62.71
CA GLN KA 15 -42.71 -12.58 62.69
C GLN KA 15 -41.55 -12.63 61.67
N MET KA 16 -41.73 -12.03 60.49
CA MET KA 16 -40.70 -12.03 59.39
C MET KA 16 -39.48 -11.23 59.83
N ASN KA 17 -39.67 -10.16 60.62
CA ASN KA 17 -38.57 -9.29 61.14
C ASN KA 17 -37.80 -10.03 62.25
N ALA KA 18 -38.52 -10.71 63.15
CA ALA KA 18 -37.94 -11.52 64.26
C ALA KA 18 -36.99 -12.59 63.70
N ILE KA 19 -37.37 -13.25 62.59
CA ILE KA 19 -36.58 -14.34 61.94
C ILE KA 19 -35.35 -13.73 61.24
N ILE KA 20 -35.53 -12.68 60.44
CA ILE KA 20 -34.42 -12.06 59.63
C ILE KA 20 -33.45 -11.33 60.56
N ASP KA 21 -33.93 -10.69 61.63
CA ASP KA 21 -33.07 -9.93 62.60
C ASP KA 21 -32.28 -10.91 63.48
N THR KA 22 -32.86 -12.07 63.86
CA THR KA 22 -32.15 -13.12 64.66
C THR KA 22 -30.97 -13.69 63.86
N VAL KA 23 -31.13 -13.94 62.55
CA VAL KA 23 -30.08 -14.51 61.66
C VAL KA 23 -28.93 -13.51 61.53
N ILE KA 24 -29.24 -12.21 61.42
CA ILE KA 24 -28.24 -11.10 61.26
C ILE KA 24 -27.49 -10.90 62.59
N ASN KA 25 -28.23 -10.73 63.70
CA ASN KA 25 -27.69 -10.45 65.05
C ASN KA 25 -26.91 -11.65 65.59
N TYR KA 26 -27.11 -12.84 65.01
CA TYR KA 26 -26.51 -14.12 65.47
C TYR KA 26 -24.98 -14.04 65.42
N LYS KA 27 -24.34 -14.22 66.59
CA LYS KA 27 -22.88 -14.33 66.77
C LYS KA 27 -22.54 -15.79 67.11
N ASP KA 28 -21.42 -16.30 66.59
CA ASP KA 28 -20.91 -17.67 66.89
C ASP KA 28 -20.21 -17.65 68.25
N SER KA 29 -19.55 -18.75 68.63
CA SER KA 29 -19.04 -19.00 70.01
C SER KA 29 -17.65 -18.38 70.23
N SER KA 30 -17.19 -17.50 69.33
CA SER KA 30 -16.00 -16.62 69.52
C SER KA 30 -16.41 -15.14 69.61
N GLY KA 31 -17.71 -14.84 69.47
CA GLY KA 31 -18.28 -13.48 69.65
C GLY KA 31 -18.47 -12.73 68.35
N ARG KA 32 -17.95 -13.26 67.23
CA ARG KA 32 -17.98 -12.59 65.89
C ARG KA 32 -19.34 -12.79 65.22
N GLN KA 33 -19.89 -11.72 64.64
CA GLN KA 33 -21.17 -11.71 63.87
C GLN KA 33 -20.89 -12.22 62.44
N LEU KA 34 -21.67 -13.21 61.97
CA LEU KA 34 -21.45 -13.92 60.67
C LEU KA 34 -22.00 -13.09 59.50
N SER KA 35 -23.12 -12.42 59.71
CA SER KA 35 -23.90 -11.71 58.65
C SER KA 35 -23.18 -10.45 58.14
N GLU KA 36 -22.15 -9.99 58.87
CA GLU KA 36 -21.35 -8.77 58.58
C GLU KA 36 -20.94 -8.68 57.10
N VAL KA 37 -20.61 -9.83 56.48
CA VAL KA 37 -20.13 -9.91 55.07
C VAL KA 37 -21.36 -9.96 54.14
N PHE KA 38 -22.47 -10.53 54.62
CA PHE KA 38 -23.71 -10.75 53.82
C PHE KA 38 -24.65 -9.54 53.88
N ILE KA 39 -24.41 -8.57 54.77
CA ILE KA 39 -25.30 -7.39 55.00
C ILE KA 39 -25.48 -6.62 53.68
N GLN KA 40 -24.39 -6.40 52.94
CA GLN KA 40 -24.42 -5.63 51.66
C GLN KA 40 -23.60 -6.36 50.59
N LEU KA 41 -24.22 -6.68 49.45
CA LEU KA 41 -23.52 -7.26 48.28
C LEU KA 41 -22.49 -6.26 47.78
N PRO KA 42 -21.37 -6.73 47.18
CA PRO KA 42 -20.36 -5.83 46.61
C PRO KA 42 -20.87 -5.23 45.29
N SER KA 43 -20.28 -4.12 44.85
CA SER KA 43 -20.55 -3.52 43.51
C SER KA 43 -19.89 -4.40 42.43
N ARG KA 44 -20.39 -4.34 41.19
CA ARG KA 44 -19.84 -5.14 40.06
C ARG KA 44 -18.45 -4.59 39.71
N LYS KA 45 -18.29 -3.27 39.73
CA LYS KA 45 -16.98 -2.57 39.58
C LYS KA 45 -15.94 -3.26 40.48
N GLU KA 46 -16.27 -3.45 41.76
CA GLU KA 46 -15.42 -4.13 42.77
C GLU KA 46 -15.14 -5.58 42.31
N LEU KA 47 -16.17 -6.41 42.21
CA LEU KA 47 -16.01 -7.87 41.93
C LEU KA 47 -16.92 -8.28 40.77
N PRO KA 48 -16.41 -8.18 39.52
CA PRO KA 48 -17.16 -8.60 38.33
C PRO KA 48 -17.44 -10.11 38.22
N GLU KA 49 -16.69 -10.96 38.95
CA GLU KA 49 -16.85 -12.44 38.90
C GLU KA 49 -18.14 -12.89 39.59
N TYR KA 50 -18.52 -12.25 40.68
CA TYR KA 50 -19.73 -12.60 41.47
C TYR KA 50 -20.96 -12.42 40.58
N TYR KA 51 -20.93 -11.46 39.65
CA TYR KA 51 -22.08 -11.06 38.81
C TYR KA 51 -22.02 -11.73 37.43
N GLU KA 52 -20.96 -12.46 37.12
CA GLU KA 52 -20.81 -13.33 35.92
C GLU KA 52 -21.18 -14.78 36.29
N LEU KA 53 -20.96 -15.18 37.55
CA LEU KA 53 -21.11 -16.59 38.03
C LEU KA 53 -22.41 -16.77 38.82
N ILE KA 54 -22.88 -15.76 39.58
CA ILE KA 54 -24.17 -15.80 40.32
C ILE KA 54 -25.30 -15.20 39.47
N ARG KA 55 -26.38 -15.97 39.31
CA ARG KA 55 -27.53 -15.69 38.41
C ARG KA 55 -28.41 -14.60 39.02
N LYS KA 56 -28.86 -14.81 40.26
CA LYS KA 56 -29.85 -13.96 40.98
C LYS KA 56 -29.22 -13.44 42.27
N PRO KA 57 -28.37 -12.38 42.18
CA PRO KA 57 -27.73 -11.78 43.36
C PRO KA 57 -28.72 -11.12 44.34
N VAL KA 58 -28.67 -11.54 45.61
CA VAL KA 58 -29.54 -11.01 46.70
C VAL KA 58 -28.72 -10.99 48.00
N ASP KA 59 -28.90 -9.96 48.84
CA ASP KA 59 -28.21 -9.81 50.15
C ASP KA 59 -29.23 -9.84 51.29
N PHE KA 60 -28.83 -9.42 52.50
CA PHE KA 60 -29.70 -9.40 53.71
C PHE KA 60 -30.45 -8.07 53.84
N LYS KA 61 -30.03 -7.01 53.13
CA LYS KA 61 -30.72 -5.70 53.09
C LYS KA 61 -31.78 -5.71 51.97
N LYS KA 62 -31.53 -6.48 50.89
CA LYS KA 62 -32.49 -6.71 49.78
C LYS KA 62 -33.64 -7.63 50.23
N ILE KA 63 -33.47 -8.34 51.36
CA ILE KA 63 -34.52 -9.19 52.00
C ILE KA 63 -35.35 -8.32 52.97
N LYS KA 64 -34.72 -7.40 53.69
CA LYS KA 64 -35.41 -6.40 54.55
C LYS KA 64 -36.23 -5.44 53.68
N GLU KA 65 -35.72 -5.11 52.49
CA GLU KA 65 -36.38 -4.26 51.45
C GLU KA 65 -37.68 -4.95 50.99
N ARG KA 66 -37.62 -6.26 50.74
CA ARG KA 66 -38.75 -7.07 50.19
C ARG KA 66 -39.71 -7.50 51.32
N ILE KA 67 -39.34 -7.30 52.59
CA ILE KA 67 -40.22 -7.52 53.79
C ILE KA 67 -41.11 -6.28 53.99
N ARG KA 68 -40.60 -5.08 53.68
CA ARG KA 68 -41.33 -3.79 53.75
C ARG KA 68 -42.26 -3.62 52.53
N ASN KA 69 -41.80 -4.07 51.35
CA ASN KA 69 -42.55 -3.98 50.06
C ASN KA 69 -43.59 -5.10 49.97
N HIS KA 70 -43.52 -6.10 50.85
CA HIS KA 70 -44.49 -7.24 50.96
C HIS KA 70 -44.46 -8.10 49.69
N LYS KA 71 -43.27 -8.33 49.12
CA LYS KA 71 -43.07 -9.18 47.91
C LYS KA 71 -43.18 -10.65 48.30
N TYR KA 72 -42.69 -11.02 49.49
CA TYR KA 72 -42.80 -12.38 50.08
C TYR KA 72 -44.21 -12.55 50.69
N ARG KA 73 -44.95 -13.54 50.22
CA ARG KA 73 -46.40 -13.73 50.55
C ARG KA 73 -46.54 -14.64 51.79
N SER KA 74 -45.59 -15.56 52.00
CA SER KA 74 -45.56 -16.50 53.16
C SER KA 74 -44.16 -16.53 53.76
N LEU KA 75 -43.98 -17.31 54.83
CA LEU KA 75 -42.66 -17.54 55.50
C LEU KA 75 -41.83 -18.56 54.71
N GLY KA 76 -42.45 -19.24 53.72
CA GLY KA 76 -41.78 -20.17 52.78
C GLY KA 76 -41.18 -19.45 51.58
N ASP KA 77 -41.60 -18.21 51.31
CA ASP KA 77 -41.10 -17.36 50.19
C ASP KA 77 -39.90 -16.52 50.70
N LEU KA 78 -39.90 -16.13 51.98
CA LEU KA 78 -38.77 -15.48 52.69
C LEU KA 78 -37.60 -16.46 52.78
N GLU KA 79 -37.89 -17.74 53.04
CA GLU KA 79 -36.89 -18.85 53.19
C GLU KA 79 -36.27 -19.19 51.83
N LYS KA 80 -37.06 -19.19 50.75
CA LYS KA 80 -36.65 -19.57 49.37
C LYS KA 80 -35.51 -18.68 48.86
N ASP KA 81 -35.44 -17.41 49.32
CA ASP KA 81 -34.45 -16.39 48.86
C ASP KA 81 -33.30 -16.21 49.88
N VAL KA 82 -33.47 -16.68 51.12
CA VAL KA 82 -32.37 -16.77 52.14
C VAL KA 82 -31.51 -18.01 51.81
N MET KA 83 -32.13 -19.07 51.32
CA MET KA 83 -31.46 -20.29 50.80
C MET KA 83 -30.77 -19.96 49.48
N LEU KA 84 -31.30 -19.03 48.68
CA LEU KA 84 -30.77 -18.64 47.34
C LEU KA 84 -29.45 -17.87 47.48
N LEU KA 85 -29.35 -16.92 48.43
CA LEU KA 85 -28.09 -16.15 48.67
C LEU KA 85 -27.06 -17.03 49.39
N CYS KA 86 -27.52 -17.81 50.38
CA CYS KA 86 -26.66 -18.73 51.16
C CYS KA 86 -26.12 -19.82 50.24
N HIS KA 87 -26.88 -20.22 49.23
CA HIS KA 87 -26.47 -21.18 48.14
C HIS KA 87 -25.70 -20.43 47.05
N ASN KA 88 -26.01 -19.16 46.78
CA ASN KA 88 -25.21 -18.29 45.86
C ASN KA 88 -23.78 -18.18 46.42
N ALA KA 89 -23.61 -18.20 47.76
CA ALA KA 89 -22.32 -18.65 48.36
C ALA KA 89 -21.99 -20.11 47.95
N GLN KA 90 -22.84 -21.10 48.23
CA GLN KA 90 -22.38 -22.52 48.31
C GLN KA 90 -21.96 -23.01 46.93
N THR KA 91 -22.70 -22.69 45.88
CA THR KA 91 -22.37 -23.11 44.49
C THR KA 91 -21.05 -22.44 44.07
N PHE KA 92 -21.03 -21.12 44.16
CA PHE KA 92 -19.92 -20.27 43.67
C PHE KA 92 -18.70 -20.37 44.60
N ASN KA 93 -18.89 -20.34 45.92
CA ASN KA 93 -17.80 -20.01 46.86
C ASN KA 93 -16.96 -21.23 47.22
N LEU KA 94 -15.81 -20.97 47.82
CA LEU KA 94 -14.84 -22.02 48.20
C LEU KA 94 -15.45 -22.85 49.32
N GLU KA 95 -15.53 -24.17 49.18
CA GLU KA 95 -15.92 -25.03 50.33
C GLU KA 95 -14.88 -24.85 51.43
N GLY KA 96 -15.31 -24.67 52.67
CA GLY KA 96 -14.41 -24.52 53.82
C GLY KA 96 -13.91 -23.10 53.98
N SER KA 97 -14.31 -22.18 53.09
CA SER KA 97 -13.94 -20.75 53.20
C SER KA 97 -14.69 -20.15 54.40
N GLN KA 98 -14.26 -18.97 54.87
CA GLN KA 98 -14.88 -18.26 56.01
C GLN KA 98 -16.34 -17.96 55.67
N ILE KA 99 -16.63 -17.50 54.45
CA ILE KA 99 -18.01 -17.08 54.04
C ILE KA 99 -18.85 -18.33 53.77
N TYR KA 100 -18.25 -19.38 53.21
CA TYR KA 100 -18.98 -20.59 52.76
C TYR KA 100 -19.61 -21.29 53.96
N GLU KA 101 -18.84 -21.54 55.03
CA GLU KA 101 -19.40 -22.24 56.23
C GLU KA 101 -20.41 -21.35 56.98
N ASP KA 102 -20.30 -20.04 56.85
CA ASP KA 102 -21.20 -19.07 57.54
C ASP KA 102 -22.59 -19.18 56.90
N SER KA 103 -22.65 -19.32 55.58
CA SER KA 103 -23.89 -19.47 54.78
C SER KA 103 -24.49 -20.87 55.02
N ILE KA 104 -23.67 -21.84 55.47
CA ILE KA 104 -24.10 -23.19 55.94
C ILE KA 104 -24.72 -23.06 57.35
N VAL KA 105 -24.17 -22.16 58.17
CA VAL KA 105 -24.65 -21.86 59.56
C VAL KA 105 -25.84 -20.91 59.49
N LEU KA 106 -25.84 -19.93 58.57
CA LEU KA 106 -26.94 -18.93 58.40
C LEU KA 106 -28.22 -19.62 57.88
N GLN KA 107 -28.09 -20.75 57.18
CA GLN KA 107 -29.23 -21.61 56.74
C GLN KA 107 -29.74 -22.45 57.91
N SER KA 108 -28.85 -22.83 58.83
CA SER KA 108 -29.12 -23.67 60.03
C SER KA 108 -29.69 -22.80 61.17
N VAL KA 109 -29.36 -21.50 61.20
CA VAL KA 109 -29.84 -20.51 62.22
C VAL KA 109 -31.14 -19.86 61.72
N PHE KA 110 -31.41 -19.84 60.40
CA PHE KA 110 -32.68 -19.38 59.81
C PHE KA 110 -33.75 -20.48 59.95
N LYS KA 111 -33.35 -21.75 59.84
CA LYS KA 111 -34.25 -22.94 59.91
C LYS KA 111 -34.62 -23.26 61.36
N SER KA 112 -33.88 -22.74 62.35
CA SER KA 112 -34.19 -22.85 63.80
C SER KA 112 -34.92 -21.58 64.30
N ALA KA 113 -34.69 -20.44 63.64
CA ALA KA 113 -35.30 -19.12 63.97
C ALA KA 113 -36.75 -19.07 63.45
N ARG KA 114 -37.03 -19.62 62.27
CA ARG KA 114 -38.40 -19.72 61.68
C ARG KA 114 -39.22 -20.76 62.45
N GLN KA 115 -38.55 -21.80 63.00
CA GLN KA 115 -39.20 -22.94 63.70
C GLN KA 115 -39.60 -22.56 65.13
N LYS KA 116 -39.03 -21.47 65.67
CA LYS KA 116 -39.32 -20.96 67.05
C LYS KA 116 -40.44 -19.90 67.00
N ILE KA 117 -40.39 -18.99 66.02
CA ILE KA 117 -41.33 -17.83 65.90
C ILE KA 117 -42.68 -18.29 65.30
N ALA KA 118 -42.65 -19.09 64.23
CA ALA KA 118 -43.84 -19.47 63.43
C ALA KA 118 -44.70 -20.51 64.17
N LYS KA 119 -44.13 -21.24 65.14
CA LYS KA 119 -44.85 -22.26 65.95
C LYS KA 119 -44.33 -22.28 67.39
N GLU KA 120 -44.82 -21.35 68.22
CA GLU KA 120 -44.63 -21.34 69.71
C GLU KA 120 -45.62 -20.33 70.32
N PRO LA 9 -9.04 -22.47 57.11
CA PRO LA 9 -8.06 -21.43 57.43
C PRO LA 9 -8.38 -20.68 58.73
N VAL LA 10 -7.75 -21.12 59.82
CA VAL LA 10 -7.98 -20.54 61.16
C VAL LA 10 -7.48 -19.08 61.15
N LEU LA 11 -6.26 -18.85 60.68
CA LEU LA 11 -5.56 -17.54 60.85
C LEU LA 11 -5.78 -16.70 59.60
N ARG LA 12 -6.74 -15.78 59.64
CA ARG LA 12 -7.10 -14.97 58.45
C ARG LA 12 -7.71 -13.63 58.87
N SER LA 13 -7.54 -12.61 58.04
CA SER LA 13 -8.21 -11.29 58.21
C SER LA 13 -9.73 -11.52 58.16
N VAL LA 14 -10.50 -10.54 58.61
CA VAL LA 14 -12.00 -10.55 58.50
C VAL LA 14 -12.43 -9.28 57.75
N ASN LA 15 -13.19 -9.44 56.67
CA ASN LA 15 -13.67 -8.27 55.89
C ASN LA 15 -14.56 -7.46 56.83
N SER LA 16 -14.27 -6.19 57.03
CA SER LA 16 -14.93 -5.39 58.09
C SER LA 16 -15.62 -4.14 57.52
N ARG LA 17 -14.99 -3.45 56.57
CA ARG LA 17 -15.52 -2.19 55.95
C ARG LA 17 -15.30 -1.02 56.90
N GLU LA 18 -14.72 -1.25 58.08
CA GLU LA 18 -14.38 -0.19 59.05
C GLU LA 18 -12.88 0.04 59.04
N PRO LA 19 -12.42 1.20 58.55
CA PRO LA 19 -10.99 1.52 58.52
C PRO LA 19 -10.40 1.64 59.93
N SER LA 20 -9.14 1.23 60.07
CA SER LA 20 -8.41 1.34 61.36
C SER LA 20 -7.01 1.91 61.10
N GLN LA 21 -6.78 3.19 61.38
CA GLN LA 21 -5.43 3.79 61.29
C GLN LA 21 -4.48 3.06 62.25
N VAL LA 22 -3.29 2.74 61.77
CA VAL LA 22 -2.27 1.98 62.57
C VAL LA 22 -0.92 2.67 62.39
N ILE LA 23 -0.03 2.54 63.36
CA ILE LA 23 1.38 3.03 63.25
C ILE LA 23 2.31 1.81 63.35
N PHE LA 24 2.93 1.43 62.23
CA PHE LA 24 3.98 0.39 62.23
C PHE LA 24 5.27 1.07 62.67
N CYS LA 25 5.78 0.72 63.85
CA CYS LA 25 7.03 1.27 64.40
C CYS LA 25 8.07 0.15 64.46
N ASN LA 26 9.13 0.28 63.66
CA ASN LA 26 10.19 -0.74 63.59
C ASN LA 26 11.27 -0.38 64.59
N ARG LA 27 11.23 -1.04 65.74
CA ARG LA 27 12.27 -0.92 66.79
C ARG LA 27 13.10 -2.20 66.80
N SER LA 28 13.32 -2.78 65.63
CA SER LA 28 14.36 -3.81 65.42
C SER LA 28 15.52 -3.15 64.69
N PRO LA 29 16.73 -3.73 64.72
CA PRO LA 29 17.87 -3.20 63.98
C PRO LA 29 17.80 -3.56 62.49
N ARG LA 30 16.79 -4.36 62.12
CA ARG LA 30 16.66 -4.96 60.78
C ARG LA 30 15.62 -4.23 59.94
N VAL LA 31 15.68 -4.44 58.63
CA VAL LA 31 14.61 -4.01 57.69
C VAL LA 31 13.43 -4.96 57.90
N VAL LA 32 12.24 -4.42 58.11
CA VAL LA 32 11.05 -5.21 58.51
C VAL LA 32 10.12 -5.37 57.31
N LEU LA 33 9.69 -6.59 57.03
CA LEU LA 33 8.66 -6.89 56.00
C LEU LA 33 7.33 -7.11 56.70
N PRO LA 34 6.41 -6.13 56.64
CA PRO LA 34 5.04 -6.35 57.11
C PRO LA 34 4.35 -7.33 56.15
N VAL LA 35 3.65 -8.30 56.71
CA VAL LA 35 2.96 -9.40 55.97
C VAL LA 35 1.49 -9.42 56.41
N TRP LA 36 0.59 -8.97 55.54
CA TRP LA 36 -0.87 -8.99 55.79
C TRP LA 36 -1.45 -10.36 55.40
N LEU LA 37 -2.07 -11.06 56.34
CA LEU LA 37 -2.88 -12.25 56.00
C LEU LA 37 -4.19 -11.77 55.40
N ASN LA 38 -4.47 -12.26 54.19
CA ASN LA 38 -5.69 -12.04 53.37
C ASN LA 38 -6.86 -12.76 54.01
N PHE LA 39 -8.07 -12.65 53.48
CA PHE LA 39 -9.28 -13.31 54.05
C PHE LA 39 -9.16 -14.82 53.86
N ASP LA 40 -8.50 -15.26 52.81
CA ASP LA 40 -8.22 -16.70 52.56
C ASP LA 40 -7.13 -17.18 53.53
N GLY LA 41 -6.36 -16.23 54.08
CA GLY LA 41 -5.28 -16.49 55.03
C GLY LA 41 -3.97 -16.79 54.31
N GLU LA 42 -3.75 -16.18 53.14
CA GLU LA 42 -2.50 -16.29 52.37
C GLU LA 42 -1.64 -15.06 52.66
N PRO LA 43 -0.38 -15.24 53.08
CA PRO LA 43 0.54 -14.12 53.31
C PRO LA 43 0.62 -13.19 52.09
N GLN LA 44 0.55 -11.88 52.32
CA GLN LA 44 0.69 -10.83 51.28
C GLN LA 44 1.82 -9.87 51.69
N PRO LA 45 3.00 -9.95 51.06
CA PRO LA 45 4.07 -9.00 51.36
C PRO LA 45 3.67 -7.55 51.11
N TYR LA 46 4.07 -6.65 52.01
CA TYR LA 46 3.85 -5.19 51.92
C TYR LA 46 5.18 -4.45 51.98
N PRO LA 47 5.20 -3.14 51.64
CA PRO LA 47 6.43 -2.35 51.61
C PRO LA 47 7.24 -2.41 52.92
N THR LA 48 8.56 -2.47 52.82
CA THR LA 48 9.46 -2.70 53.98
C THR LA 48 9.65 -1.40 54.78
N LEU LA 49 9.82 -1.56 56.08
CA LEU LA 49 10.12 -0.47 57.06
C LEU LA 49 11.60 -0.50 57.40
N PRO LA 50 12.37 0.58 57.12
CA PRO LA 50 13.76 0.66 57.53
C PRO LA 50 13.87 0.64 59.04
N PRO LA 51 15.02 0.19 59.60
CA PRO LA 51 15.20 0.15 61.04
C PRO LA 51 14.99 1.55 61.64
N GLY LA 52 14.31 1.59 62.78
CA GLY LA 52 14.21 2.79 63.62
C GLY LA 52 13.27 3.79 63.04
N THR LA 53 12.32 3.43 62.16
CA THR LA 53 11.32 4.43 61.72
C THR LA 53 9.94 3.92 62.04
N GLY LA 54 8.95 4.77 61.76
CA GLY LA 54 7.54 4.46 61.86
C GLY LA 54 6.78 5.04 60.68
N ARG LA 55 5.68 4.40 60.34
CA ARG LA 55 4.73 4.92 59.34
C ARG LA 55 3.30 4.78 59.85
N ARG LA 56 2.45 5.74 59.51
CA ARG LA 56 1.00 5.57 59.66
C ARG LA 56 0.52 4.82 58.43
N ILE LA 57 -0.26 3.76 58.61
CA ILE LA 57 -0.71 2.93 57.46
C ILE LA 57 -2.22 2.77 57.60
N HIS LA 58 -2.94 2.74 56.49
CA HIS LA 58 -4.41 2.57 56.53
C HIS LA 58 -4.70 1.08 56.41
N SER LA 59 -5.15 0.45 57.47
CA SER LA 59 -5.65 -0.94 57.46
C SER LA 59 -7.10 -0.94 57.90
N TYR LA 60 -7.70 -2.10 58.12
CA TYR LA 60 -9.11 -2.20 58.52
C TYR LA 60 -9.20 -3.02 59.82
N ARG LA 61 -10.29 -2.83 60.54
CA ARG LA 61 -10.48 -3.53 61.83
C ARG LA 61 -10.51 -5.04 61.57
N GLY LA 62 -9.90 -5.83 62.45
CA GLY LA 62 -9.98 -7.31 62.36
C GLY LA 62 -8.96 -7.86 61.38
N HIS LA 63 -8.30 -7.01 60.61
CA HIS LA 63 -7.24 -7.46 59.67
C HIS LA 63 -6.06 -7.97 60.49
N LEU LA 64 -5.54 -9.13 60.13
CA LEU LA 64 -4.45 -9.81 60.87
C LEU LA 64 -3.13 -9.58 60.14
N TRP LA 65 -2.11 -9.08 60.84
CA TRP LA 65 -0.75 -8.82 60.29
C TRP LA 65 0.33 -9.66 60.97
N LEU LA 66 1.51 -9.69 60.36
CA LEU LA 66 2.68 -10.44 60.84
C LEU LA 66 3.94 -9.72 60.33
N PHE LA 67 5.04 -9.69 61.08
CA PHE LA 67 6.26 -8.95 60.67
C PHE LA 67 7.48 -9.86 60.63
N ARG LA 68 8.43 -9.57 59.74
CA ARG LA 68 9.65 -10.40 59.53
C ARG LA 68 10.82 -9.61 58.95
N ASP LA 69 12.02 -10.11 59.17
CA ASP LA 69 13.28 -9.54 58.61
C ASP LA 69 13.22 -9.71 57.09
N ALA LA 70 13.02 -8.61 56.35
CA ALA LA 70 12.82 -8.61 54.89
C ALA LA 70 13.92 -9.45 54.21
N GLY LA 71 15.17 -9.35 54.68
CA GLY LA 71 16.30 -10.13 54.16
C GLY LA 71 16.20 -11.60 54.50
N THR LA 72 16.37 -11.96 55.76
CA THR LA 72 16.61 -13.36 56.20
C THR LA 72 15.29 -14.14 56.33
N HIS LA 73 14.15 -13.44 56.35
CA HIS LA 73 12.79 -13.99 56.64
C HIS LA 73 12.72 -14.52 58.09
N ASP LA 74 13.65 -14.10 58.94
CA ASP LA 74 13.66 -14.37 60.40
C ASP LA 74 12.37 -13.83 61.03
N GLY LA 75 11.88 -14.50 62.08
CA GLY LA 75 10.68 -14.10 62.85
C GLY LA 75 10.88 -12.88 63.72
N LEU LA 76 9.97 -11.93 63.69
CA LEU LA 76 9.94 -10.76 64.60
C LEU LA 76 8.71 -10.83 65.51
N LEU LA 77 8.56 -9.83 66.38
CA LEU LA 77 7.43 -9.74 67.34
C LEU LA 77 6.76 -8.37 67.19
N VAL LA 78 5.47 -8.29 67.46
CA VAL LA 78 4.72 -7.01 67.44
C VAL LA 78 3.90 -6.95 68.74
N ASN LA 79 4.22 -5.98 69.60
CA ASN LA 79 3.54 -5.81 70.92
C ASN LA 79 3.76 -7.13 71.67
N GLN LA 80 5.01 -7.59 71.70
CA GLN LA 80 5.48 -8.76 72.48
C GLN LA 80 4.75 -10.03 72.06
N THR LA 81 4.08 -10.06 70.91
CA THR LA 81 3.45 -11.31 70.40
C THR LA 81 3.77 -11.44 68.91
N GLU LA 82 3.25 -12.49 68.26
CA GLU LA 82 3.62 -12.89 66.88
C GLU LA 82 2.64 -12.28 65.87
N LEU LA 83 1.37 -12.13 66.23
CA LEU LA 83 0.33 -11.58 65.33
C LEU LA 83 -0.15 -10.24 65.88
N PHE LA 84 -0.50 -9.31 64.97
CA PHE LA 84 -1.07 -7.99 65.31
C PHE LA 84 -2.42 -7.86 64.62
N VAL LA 85 -3.47 -7.52 65.37
CA VAL LA 85 -4.81 -7.29 64.79
C VAL LA 85 -5.29 -5.94 65.29
N PRO LA 86 -5.44 -4.92 64.44
CA PRO LA 86 -5.88 -3.60 64.91
C PRO LA 86 -7.26 -3.64 65.53
N SER LA 87 -7.37 -3.04 66.71
CA SER LA 87 -8.66 -2.85 67.40
C SER LA 87 -9.44 -1.76 66.69
N LEU LA 88 -10.72 -1.61 66.97
CA LEU LA 88 -11.48 -0.45 66.48
C LEU LA 88 -10.81 0.81 67.02
N ASN LA 89 -10.68 1.83 66.17
CA ASN LA 89 -10.10 3.12 66.63
C ASN LA 89 -11.01 3.72 67.69
N VAL LA 90 -10.42 4.27 68.75
CA VAL LA 90 -11.26 4.91 69.79
C VAL LA 90 -11.09 6.40 69.64
N ASP LA 91 -12.17 7.11 69.28
CA ASP LA 91 -12.10 8.58 69.12
C ASP LA 91 -10.95 9.02 68.19
N GLY LA 92 -10.74 8.28 67.11
CA GLY LA 92 -9.80 8.65 66.05
C GLY LA 92 -8.34 8.41 66.40
N GLN LA 93 -8.06 7.82 67.55
CA GLN LA 93 -6.69 7.59 68.03
C GLN LA 93 -6.12 6.49 67.17
N PRO LA 94 -4.88 6.63 66.66
CA PRO LA 94 -4.26 5.55 65.91
C PRO LA 94 -3.75 4.46 66.85
N ILE LA 95 -3.91 3.22 66.43
CA ILE LA 95 -3.39 2.03 67.17
C ILE LA 95 -1.90 1.94 66.89
N PHE LA 96 -1.14 1.28 67.73
CA PHE LA 96 0.34 1.24 67.60
C PHE LA 96 0.81 -0.21 67.53
N ALA LA 97 1.59 -0.53 66.50
CA ALA LA 97 2.26 -1.83 66.32
C ALA LA 97 3.76 -1.65 66.54
N ASN LA 98 4.24 -2.09 67.69
CA ASN LA 98 5.67 -1.97 68.09
C ASN LA 98 6.40 -3.24 67.68
N ILE LA 99 7.24 -3.16 66.66
CA ILE LA 99 7.90 -4.35 66.05
C ILE LA 99 9.31 -4.47 66.63
N THR LA 100 9.66 -5.63 67.18
CA THR LA 100 10.94 -5.81 67.90
C THR LA 100 11.54 -7.18 67.62
N LEU LA 101 12.83 -7.31 67.88
CA LEU LA 101 13.50 -8.64 67.97
C LEU LA 101 12.77 -9.47 69.01
N PRO LA 102 12.61 -10.78 68.77
CA PRO LA 102 12.38 -11.72 69.86
C PRO LA 102 13.73 -12.12 70.46
N VAL LA 103 13.67 -12.84 71.58
CA VAL LA 103 14.84 -13.55 72.15
C VAL LA 103 14.98 -14.86 71.38
N TYR LA 104 15.78 -14.88 70.32
CA TYR LA 104 16.01 -16.11 69.53
C TYR LA 104 16.71 -17.14 70.42
N THR LA 105 16.43 -18.43 70.20
CA THR LA 105 17.22 -19.55 70.77
C THR LA 105 18.68 -19.34 70.36
N LEU LA 106 19.63 -19.74 71.20
CA LEU LA 106 21.07 -19.59 70.90
C LEU LA 106 21.38 -20.24 69.55
N LYS LA 107 20.82 -21.45 69.34
CA LYS LA 107 20.99 -22.22 68.10
C LYS LA 107 20.51 -21.36 66.93
N GLU LA 108 19.22 -21.06 66.89
CA GLU LA 108 18.61 -20.32 65.76
C GLU LA 108 19.44 -19.04 65.52
N ARG LA 109 19.86 -18.38 66.60
CA ARG LA 109 20.63 -17.12 66.48
C ARG LA 109 21.96 -17.41 65.79
N CYS LA 110 22.65 -18.48 66.19
CA CYS LA 110 23.94 -18.89 65.59
C CYS LA 110 23.74 -19.17 64.10
N LEU LA 111 22.74 -19.99 63.78
CA LEU LA 111 22.38 -20.31 62.38
C LEU LA 111 22.30 -18.99 61.61
N GLN LA 112 21.49 -18.05 62.08
CA GLN LA 112 21.35 -16.70 61.47
C GLN LA 112 22.73 -16.17 61.08
N VAL LA 113 23.70 -16.21 62.00
CA VAL LA 113 25.01 -15.53 61.82
C VAL LA 113 25.82 -16.31 60.79
N VAL LA 114 25.89 -17.64 60.96
CA VAL LA 114 26.63 -18.57 60.05
C VAL LA 114 26.06 -18.38 58.64
N ARG LA 115 24.75 -18.54 58.48
CA ARG LA 115 24.03 -18.31 57.20
C ARG LA 115 24.44 -16.97 56.58
N SER LA 116 24.67 -15.94 57.38
CA SER LA 116 24.97 -14.56 56.90
C SER LA 116 26.44 -14.44 56.46
N LEU LA 117 27.31 -15.36 56.88
CA LEU LA 117 28.78 -15.27 56.67
C LEU LA 117 29.23 -16.25 55.58
N VAL LA 118 28.56 -17.40 55.46
CA VAL LA 118 28.96 -18.55 54.58
C VAL LA 118 27.94 -18.67 53.45
N LYS LA 119 28.43 -18.80 52.21
CA LYS LA 119 27.59 -18.97 50.99
C LYS LA 119 26.93 -20.35 51.08
N PRO LA 120 25.65 -20.49 50.66
CA PRO LA 120 24.89 -21.71 50.93
C PRO LA 120 25.56 -22.98 50.37
N GLU LA 121 26.27 -22.83 49.24
CA GLU LA 121 27.05 -23.90 48.57
C GLU LA 121 28.24 -24.34 49.43
N ASN LA 122 28.61 -23.59 50.47
CA ASN LA 122 29.79 -23.86 51.32
C ASN LA 122 29.35 -24.41 52.68
N TYR LA 123 28.06 -24.40 52.99
CA TYR LA 123 27.52 -25.05 54.22
C TYR LA 123 28.16 -26.44 54.31
N ARG LA 124 28.37 -27.08 53.15
CA ARG LA 124 29.03 -28.39 52.94
C ARG LA 124 30.44 -28.45 53.56
N ARG LA 125 31.13 -27.32 53.66
CA ARG LA 125 32.57 -27.26 54.02
C ARG LA 125 32.75 -27.17 55.53
N LEU LA 126 31.69 -26.83 56.27
CA LEU LA 126 31.73 -26.64 57.74
C LEU LA 126 31.83 -28.03 58.40
N ASP LA 127 32.76 -28.20 59.35
CA ASP LA 127 33.00 -29.50 60.05
C ASP LA 127 31.91 -29.68 61.12
N ILE LA 128 30.66 -29.81 60.69
CA ILE LA 128 29.50 -29.91 61.61
C ILE LA 128 28.71 -31.18 61.29
N VAL LA 129 27.77 -31.52 62.17
CA VAL LA 129 26.92 -32.72 61.97
C VAL LA 129 25.97 -32.48 60.78
N ARG LA 130 25.50 -33.54 60.14
CA ARG LA 130 24.53 -33.44 59.02
C ARG LA 130 23.28 -32.75 59.53
N SER LA 131 22.82 -33.04 60.74
CA SER LA 131 21.58 -32.44 61.26
C SER LA 131 21.74 -30.92 61.24
N LEU LA 132 22.90 -30.45 61.68
CA LEU LA 132 23.14 -28.98 61.72
C LEU LA 132 23.13 -28.46 60.28
N TYR LA 133 23.74 -29.21 59.36
CA TYR LA 133 23.79 -28.82 57.93
C TYR LA 133 22.35 -28.64 57.45
N GLU LA 134 21.49 -29.60 57.75
CA GLU LA 134 20.06 -29.51 57.31
C GLU LA 134 19.46 -28.24 57.92
N ASP LA 135 19.68 -27.99 59.21
CA ASP LA 135 19.15 -26.80 59.93
C ASP LA 135 19.64 -25.52 59.24
N LEU LA 136 20.91 -25.44 58.87
CA LEU LA 136 21.49 -24.30 58.12
C LEU LA 136 20.71 -24.11 56.82
N GLU LA 137 20.45 -25.20 56.12
CA GLU LA 137 19.80 -25.18 54.78
C GLU LA 137 18.34 -24.73 54.95
N ASP LA 138 17.69 -25.16 56.02
CA ASP LA 138 16.26 -24.89 56.30
C ASP LA 138 16.12 -23.41 56.68
N HIS LA 139 16.10 -22.52 55.69
CA HIS LA 139 15.89 -21.08 55.94
C HIS LA 139 14.53 -20.89 56.60
N PRO LA 140 14.39 -19.92 57.53
CA PRO LA 140 13.09 -19.64 58.14
C PRO LA 140 12.09 -19.23 57.05
N ASN LA 141 10.81 -19.35 57.33
CA ASN LA 141 9.74 -19.22 56.31
C ASN LA 141 8.40 -18.92 56.99
N VAL LA 142 7.74 -17.86 56.53
CA VAL LA 142 6.42 -17.38 57.04
C VAL LA 142 5.41 -18.53 57.04
N GLN LA 143 5.34 -19.33 55.98
CA GLN LA 143 4.29 -20.37 55.81
C GLN LA 143 4.51 -21.48 56.85
N LYS LA 144 5.73 -22.01 56.93
CA LYS LA 144 6.10 -23.03 57.95
C LYS LA 144 5.67 -22.54 59.34
N ASP LA 145 5.99 -21.28 59.64
CA ASP LA 145 5.72 -20.64 60.96
C ASP LA 145 4.21 -20.45 61.16
N LEU LA 146 3.46 -20.14 60.11
CA LEU LA 146 1.98 -20.01 60.17
C LEU LA 146 1.38 -21.37 60.54
N GLU LA 147 1.87 -22.45 59.92
CA GLU LA 147 1.41 -23.84 60.19
C GLU LA 147 1.64 -24.14 61.68
N ARG LA 148 2.83 -23.85 62.18
CA ARG LA 148 3.23 -24.02 63.60
C ARG LA 148 2.27 -23.23 64.51
N LEU LA 149 1.97 -21.98 64.18
CA LEU LA 149 1.11 -21.06 64.99
C LEU LA 149 -0.31 -21.63 65.08
N THR LA 150 -0.80 -22.29 64.02
CA THR LA 150 -2.13 -22.95 64.00
C THR LA 150 -2.15 -24.08 65.05
N GLN LA 151 -1.15 -24.98 65.02
CA GLN LA 151 -1.08 -26.14 65.94
C GLN LA 151 -0.94 -25.64 67.38
N GLU LA 152 -0.35 -24.45 67.57
CA GLU LA 152 -0.16 -23.81 68.90
C GLU LA 152 -1.48 -23.19 69.37
N ARG LA 153 -2.44 -22.99 68.45
CA ARG LA 153 -3.79 -22.46 68.77
C ARG LA 153 -4.79 -23.61 68.87
N ILE LA 154 -4.54 -24.68 68.10
CA ILE LA 154 -5.32 -25.95 68.08
C ILE LA 154 -4.80 -26.85 69.20
N MET MA 1 21.25 -20.29 94.72
CA MET MA 1 21.40 -21.59 94.05
C MET MA 1 22.25 -21.38 92.81
N TYR MA 2 23.54 -21.73 92.82
CA TYR MA 2 24.47 -21.57 91.67
C TYR MA 2 24.93 -22.96 91.19
N VAL MA 3 25.50 -23.04 90.00
CA VAL MA 3 25.91 -24.33 89.35
C VAL MA 3 27.22 -24.11 88.59
N LYS MA 4 28.05 -25.15 88.50
CA LYS MA 4 29.43 -25.07 87.94
C LYS MA 4 29.48 -25.80 86.60
N LEU MA 5 29.71 -25.07 85.51
CA LEU MA 5 29.95 -25.64 84.16
C LEU MA 5 31.46 -25.58 83.90
N ILE MA 6 32.07 -26.68 83.49
CA ILE MA 6 33.55 -26.81 83.30
C ILE MA 6 33.86 -27.13 81.84
N SER MA 7 34.66 -26.28 81.20
CA SER MA 7 35.03 -26.38 79.76
C SER MA 7 36.11 -27.43 79.57
N SER MA 8 36.34 -27.83 78.31
CA SER MA 8 37.36 -28.83 77.88
C SER MA 8 38.72 -28.47 78.46
N ASP MA 9 39.17 -27.23 78.26
CA ASP MA 9 40.49 -26.74 78.74
C ASP MA 9 40.50 -26.72 80.27
N GLY MA 10 39.32 -26.74 80.89
CA GLY MA 10 39.21 -26.87 82.36
C GLY MA 10 38.92 -25.56 83.08
N HIS MA 11 38.41 -24.53 82.40
CA HIS MA 11 37.88 -23.31 83.05
C HIS MA 11 36.60 -23.69 83.80
N GLU MA 12 36.36 -23.07 84.96
CA GLU MA 12 35.13 -23.25 85.76
C GLU MA 12 34.25 -22.02 85.56
N PHE MA 13 32.97 -22.23 85.30
CA PHE MA 13 31.95 -21.16 85.14
C PHE MA 13 30.86 -21.37 86.19
N ILE MA 14 30.77 -20.46 87.17
CA ILE MA 14 29.71 -20.50 88.20
C ILE MA 14 28.57 -19.59 87.76
N VAL MA 15 27.41 -20.15 87.42
CA VAL MA 15 26.21 -19.41 86.92
C VAL MA 15 24.99 -19.88 87.71
N LYS MA 16 23.95 -19.05 87.85
CA LYS MA 16 22.71 -19.45 88.55
C LYS MA 16 22.19 -20.75 87.94
N ARG MA 17 21.62 -21.64 88.75
CA ARG MA 17 21.12 -22.96 88.31
C ARG MA 17 20.03 -22.73 87.26
N GLU MA 18 19.10 -21.82 87.54
CA GLU MA 18 17.93 -21.49 86.68
C GLU MA 18 18.45 -21.01 85.32
N HIS MA 19 19.50 -20.20 85.30
CA HIS MA 19 20.14 -19.70 84.04
C HIS MA 19 20.61 -20.89 83.20
N ALA MA 20 21.27 -21.86 83.83
CA ALA MA 20 21.82 -23.06 83.15
C ALA MA 20 20.68 -23.90 82.56
N LEU MA 21 19.61 -24.10 83.34
CA LEU MA 21 18.47 -24.99 82.97
C LEU MA 21 17.87 -24.57 81.62
N THR MA 22 18.14 -23.36 81.14
CA THR MA 22 17.67 -22.88 79.82
C THR MA 22 18.13 -23.89 78.77
N SER MA 23 19.11 -24.72 79.10
CA SER MA 23 19.62 -25.75 78.16
C SER MA 23 18.94 -27.08 78.47
N GLY MA 24 18.17 -27.63 77.54
CA GLY MA 24 17.49 -28.92 77.76
C GLY MA 24 18.49 -30.02 78.07
N THR MA 25 19.63 -30.00 77.41
CA THR MA 25 20.68 -31.05 77.59
C THR MA 25 21.24 -30.93 79.00
N ILE MA 26 21.43 -29.72 79.53
CA ILE MA 26 21.90 -29.53 80.93
C ILE MA 26 20.79 -30.00 81.86
N LYS MA 27 19.55 -29.58 81.62
CA LYS MA 27 18.35 -30.00 82.39
C LYS MA 27 18.39 -31.53 82.53
N ALA MA 28 18.62 -32.25 81.44
CA ALA MA 28 18.69 -33.72 81.38
C ALA MA 28 19.82 -34.22 82.30
N MET MA 29 21.02 -33.66 82.15
CA MET MA 29 22.25 -34.10 82.85
C MET MA 29 22.11 -33.88 84.35
N LEU MA 30 21.41 -32.83 84.77
CA LEU MA 30 21.26 -32.47 86.20
C LEU MA 30 20.06 -33.23 86.79
N SER MA 31 18.90 -33.25 86.10
CA SER MA 31 17.60 -33.45 86.84
C SER MA 31 17.32 -34.95 87.00
N GLY MA 32 17.19 -35.42 88.25
CA GLY MA 32 16.80 -36.81 88.56
C GLY MA 32 17.40 -37.31 89.86
N THR MA 41 22.94 -33.36 90.67
CA THR MA 41 24.26 -32.89 90.13
C THR MA 41 24.38 -31.38 90.37
N ASN MA 42 25.56 -30.88 90.76
CA ASN MA 42 25.85 -29.43 90.92
C ASN MA 42 26.89 -29.01 89.87
N GLU MA 43 27.83 -29.89 89.56
CA GLU MA 43 28.88 -29.72 88.52
C GLU MA 43 28.41 -30.40 87.25
N VAL MA 44 28.83 -29.90 86.08
CA VAL MA 44 28.73 -30.62 84.78
C VAL MA 44 29.98 -30.30 83.96
N ASN MA 45 30.53 -31.32 83.30
CA ASN MA 45 31.80 -31.25 82.54
C ASN MA 45 31.50 -31.40 81.05
N PHE MA 46 31.99 -30.48 80.22
CA PHE MA 46 31.85 -30.51 78.74
C PHE MA 46 33.21 -30.77 78.11
N ARG MA 47 33.43 -32.03 77.72
CA ARG MA 47 34.69 -32.57 77.17
C ARG MA 47 34.98 -31.92 75.82
N GLU MA 48 33.95 -31.47 75.08
CA GLU MA 48 34.08 -31.05 73.67
C GLU MA 48 33.89 -29.54 73.51
N ILE MA 49 33.63 -28.80 74.59
CA ILE MA 49 33.32 -27.34 74.52
C ILE MA 49 34.48 -26.57 75.13
N PRO MA 50 35.20 -25.75 74.34
CA PRO MA 50 36.25 -24.90 74.89
C PRO MA 50 35.67 -23.71 75.68
N SER MA 51 36.52 -23.02 76.45
CA SER MA 51 36.11 -21.91 77.33
C SER MA 51 35.53 -20.73 76.53
N HIS MA 52 36.21 -20.26 75.50
CA HIS MA 52 35.80 -19.05 74.76
C HIS MA 52 34.37 -19.28 74.26
N VAL MA 53 33.97 -20.55 74.13
CA VAL MA 53 32.60 -20.91 73.67
C VAL MA 53 31.68 -21.00 74.89
N LEU MA 54 32.01 -21.82 75.88
CA LEU MA 54 31.13 -22.07 77.06
C LEU MA 54 30.90 -20.76 77.81
N SER MA 55 31.91 -19.88 77.84
CA SER MA 55 31.79 -18.51 78.40
C SER MA 55 30.60 -17.81 77.72
N LYS MA 56 30.59 -17.78 76.38
CA LYS MA 56 29.55 -17.10 75.59
C LYS MA 56 28.21 -17.83 75.75
N VAL MA 57 28.22 -19.15 75.89
CA VAL MA 57 26.96 -19.93 76.10
C VAL MA 57 26.29 -19.41 77.37
N CYS MA 58 27.06 -19.16 78.43
CA CYS MA 58 26.57 -18.58 79.71
C CYS MA 58 25.98 -17.20 79.43
N MET MA 59 26.77 -16.32 78.81
CA MET MA 59 26.32 -14.95 78.44
C MET MA 59 24.95 -15.03 77.78
N TYR MA 60 24.67 -16.05 76.97
CA TYR MA 60 23.33 -16.22 76.35
C TYR MA 60 22.32 -16.49 77.48
N PHE MA 61 22.60 -17.42 78.38
CA PHE MA 61 21.69 -17.73 79.52
C PHE MA 61 21.30 -16.41 80.22
N THR MA 62 22.31 -15.61 80.59
CA THR MA 62 22.15 -14.25 81.19
C THR MA 62 21.13 -13.47 80.36
N TYR MA 63 21.39 -13.33 79.05
CA TYR MA 63 20.57 -12.60 78.03
C TYR MA 63 19.15 -13.17 78.02
N LYS MA 64 19.01 -14.47 77.74
CA LYS MA 64 17.68 -15.12 77.56
C LYS MA 64 16.86 -14.86 78.82
N VAL MA 65 17.41 -15.18 79.98
CA VAL MA 65 16.69 -15.09 81.29
C VAL MA 65 16.20 -13.65 81.44
N ARG MA 66 17.07 -12.68 81.17
CA ARG MA 66 16.80 -11.26 81.44
C ARG MA 66 15.73 -10.72 80.48
N TYR MA 67 15.84 -10.99 79.19
CA TYR MA 67 15.05 -10.28 78.15
C TYR MA 67 13.82 -11.06 77.71
N THR MA 68 13.66 -12.35 78.06
CA THR MA 68 12.39 -13.06 77.83
C THR MA 68 11.32 -12.32 78.63
N ASN MA 69 10.16 -12.04 78.01
CA ASN MA 69 9.00 -11.37 78.66
C ASN MA 69 9.33 -9.92 79.01
N SER MA 70 10.25 -9.29 78.28
CA SER MA 70 10.54 -7.84 78.46
C SER MA 70 9.66 -7.01 77.52
N SER MA 71 8.96 -6.01 78.05
CA SER MA 71 8.25 -4.97 77.27
C SER MA 71 9.24 -3.98 76.64
N THR MA 72 10.28 -3.62 77.38
CA THR MA 72 11.49 -2.91 76.89
C THR MA 72 12.07 -3.65 75.67
N GLU MA 73 12.28 -2.93 74.58
CA GLU MA 73 12.68 -3.52 73.28
C GLU MA 73 13.94 -4.36 73.48
N ILE MA 74 14.04 -5.50 72.81
CA ILE MA 74 15.12 -6.49 73.04
C ILE MA 74 16.27 -6.20 72.09
N PRO MA 75 17.53 -6.26 72.57
CA PRO MA 75 18.69 -6.00 71.73
C PRO MA 75 19.26 -7.30 71.13
N GLU MA 76 19.90 -7.18 69.96
CA GLU MA 76 20.46 -8.33 69.21
C GLU MA 76 21.54 -9.01 70.06
N PHE MA 77 21.49 -10.33 70.21
CA PHE MA 77 22.56 -11.10 70.90
C PHE MA 77 23.74 -11.26 69.95
N PRO MA 78 24.85 -10.52 70.15
CA PRO MA 78 25.90 -10.44 69.13
C PRO MA 78 26.73 -11.73 69.17
N ILE MA 79 27.21 -12.16 67.99
CA ILE MA 79 28.15 -13.32 67.83
C ILE MA 79 29.20 -12.92 66.80
N ALA MA 80 30.47 -12.85 67.21
CA ALA MA 80 31.59 -12.49 66.31
C ALA MA 80 31.84 -13.64 65.36
N PRO MA 81 32.19 -13.36 64.08
CA PRO MA 81 32.53 -14.41 63.12
C PRO MA 81 33.48 -15.48 63.67
N GLU MA 82 34.51 -15.07 64.39
CA GLU MA 82 35.62 -15.94 64.89
C GLU MA 82 35.04 -17.07 65.74
N ILE MA 83 33.91 -16.83 66.41
CA ILE MA 83 33.35 -17.79 67.41
C ILE MA 83 32.12 -18.50 66.83
N ALA MA 84 31.56 -18.00 65.72
CA ALA MA 84 30.22 -18.33 65.20
C ALA MA 84 30.03 -19.84 65.06
N LEU MA 85 30.95 -20.51 64.38
CA LEU MA 85 30.79 -21.95 64.01
C LEU MA 85 30.82 -22.81 65.25
N GLU MA 86 31.85 -22.66 66.09
CA GLU MA 86 32.03 -23.45 67.34
C GLU MA 86 30.84 -23.22 68.28
N LEU MA 87 30.33 -22.00 68.32
CA LEU MA 87 29.16 -21.63 69.15
C LEU MA 87 27.94 -22.38 68.61
N LEU MA 88 27.74 -22.35 67.30
CA LEU MA 88 26.63 -23.07 66.61
C LEU MA 88 26.69 -24.55 66.98
N MET MA 89 27.88 -25.13 66.95
CA MET MA 89 28.09 -26.55 67.37
C MET MA 89 27.62 -26.68 68.82
N ALA MA 90 28.24 -25.93 69.74
CA ALA MA 90 27.91 -25.93 71.18
C ALA MA 90 26.41 -25.71 71.37
N ALA MA 91 25.86 -24.69 70.72
CA ALA MA 91 24.42 -24.35 70.76
C ALA MA 91 23.59 -25.59 70.43
N ASN MA 92 23.91 -26.28 69.34
CA ASN MA 92 23.11 -27.46 68.88
C ASN MA 92 23.20 -28.55 69.96
N PHE MA 93 24.41 -28.80 70.45
CA PHE MA 93 24.67 -29.86 71.45
C PHE MA 93 23.86 -29.55 72.71
N LEU MA 94 23.81 -28.29 73.11
CA LEU MA 94 22.96 -27.82 74.24
C LEU MA 94 21.54 -27.69 73.68
N ASP MA 95 20.46 -27.77 74.46
CA ASP MA 95 19.13 -27.84 73.81
C ASP MA 95 18.76 -26.43 73.35
N CYS MA 96 19.31 -25.41 73.98
CA CYS MA 96 19.01 -23.99 73.65
C CYS MA 96 19.19 -23.67 72.14
N MET NA 1 17.91 0.22 86.03
CA MET NA 1 19.36 0.38 85.64
C MET NA 1 20.20 -0.74 86.27
N ASP NA 2 20.32 -1.90 85.62
CA ASP NA 2 21.07 -3.08 86.11
C ASP NA 2 22.46 -3.11 85.49
N VAL NA 3 23.43 -3.72 86.17
CA VAL NA 3 24.78 -4.03 85.61
C VAL NA 3 25.05 -5.51 85.77
N PHE NA 4 25.61 -6.14 84.73
CA PHE NA 4 25.90 -7.59 84.68
C PHE NA 4 27.42 -7.82 84.77
N LEU NA 5 27.89 -8.78 85.57
CA LEU NA 5 29.34 -8.84 85.89
C LEU NA 5 29.94 -10.22 85.67
N MET NA 6 31.19 -10.26 85.20
CA MET NA 6 31.96 -11.54 85.15
C MET NA 6 33.20 -11.40 86.05
N ILE NA 7 33.17 -12.05 87.22
CA ILE NA 7 34.32 -12.04 88.16
C ILE NA 7 35.17 -13.26 87.85
N ARG NA 8 36.41 -13.10 87.43
CA ARG NA 8 37.33 -14.26 87.30
C ARG NA 8 38.53 -14.27 88.26
N ARG NA 9 38.66 -15.37 88.97
CA ARG NA 9 39.83 -15.67 89.79
C ARG NA 9 40.38 -17.00 89.30
N HIS NA 10 41.65 -17.04 88.94
CA HIS NA 10 42.28 -18.24 88.33
C HIS NA 10 41.45 -18.74 87.15
N LYS NA 11 41.07 -20.01 87.22
CA LYS NA 11 40.28 -20.65 86.15
C LYS NA 11 38.79 -20.60 86.49
N THR NA 12 38.41 -19.91 87.57
CA THR NA 12 36.99 -19.80 87.95
C THR NA 12 36.41 -18.49 87.41
N THR NA 13 35.19 -18.54 86.90
CA THR NA 13 34.49 -17.34 86.36
C THR NA 13 33.04 -17.32 86.84
N ILE NA 14 32.67 -16.28 87.59
CA ILE NA 14 31.33 -16.09 88.19
C ILE NA 14 30.54 -15.09 87.34
N PHE NA 15 29.39 -15.53 86.82
CA PHE NA 15 28.42 -14.72 86.08
C PHE NA 15 27.30 -14.40 87.07
N THR NA 16 27.08 -13.12 87.35
CA THR NA 16 25.96 -12.73 88.26
C THR NA 16 25.45 -11.32 87.93
N ASP NA 17 24.30 -11.00 88.53
CA ASP NA 17 23.49 -9.79 88.31
C ASP NA 17 23.77 -8.81 89.47
N ALA NA 18 23.50 -7.53 89.26
CA ALA NA 18 23.89 -6.47 90.21
C ALA NA 18 23.09 -5.22 89.92
N LYS NA 19 22.96 -4.32 90.89
CA LYS NA 19 22.31 -3.00 90.66
C LYS NA 19 23.39 -1.96 90.36
N GLU NA 20 23.11 -1.01 89.47
CA GLU NA 20 24.05 0.11 89.17
C GLU NA 20 24.36 0.83 90.48
N SER NA 21 23.33 1.05 91.30
CA SER NA 21 23.41 1.86 92.56
C SER NA 21 23.99 1.02 93.70
N SER NA 22 23.87 -0.31 93.62
CA SER NA 22 24.43 -1.27 94.60
C SER NA 22 25.93 -1.05 94.75
N THR NA 23 26.47 -1.33 95.94
CA THR NA 23 27.84 -0.89 96.29
C THR NA 23 28.81 -2.06 96.09
N VAL NA 24 30.05 -1.71 95.75
CA VAL NA 24 31.19 -2.66 95.56
C VAL NA 24 31.30 -3.51 96.81
N PHE NA 25 31.02 -2.96 98.01
CA PHE NA 25 31.11 -3.70 99.29
C PHE NA 25 30.08 -4.83 99.28
N GLU NA 26 28.82 -4.53 98.96
CA GLU NA 26 27.73 -5.54 98.96
C GLU NA 26 28.17 -6.74 98.07
N LEU NA 27 28.84 -6.41 96.96
CA LEU NA 27 29.25 -7.37 95.91
C LEU NA 27 30.35 -8.26 96.47
N LYS NA 28 31.32 -7.69 97.20
CA LYS NA 28 32.41 -8.47 97.86
C LYS NA 28 31.79 -9.58 98.73
N ARG NA 29 30.65 -9.26 99.37
CA ARG NA 29 29.90 -10.21 100.19
C ARG NA 29 29.30 -11.32 99.34
N ILE NA 30 28.92 -11.10 98.10
CA ILE NA 30 28.49 -12.16 97.14
C ILE NA 30 29.55 -13.26 97.07
N VAL NA 31 30.84 -12.92 96.95
CA VAL NA 31 31.96 -13.91 96.96
C VAL NA 31 31.98 -14.65 98.31
N GLU NA 32 31.87 -13.90 99.39
CA GLU NA 32 31.62 -14.44 100.76
C GLU NA 32 30.39 -15.35 100.67
N GLY NA 33 30.46 -16.55 101.22
CA GLY NA 33 29.30 -17.45 101.27
C GLY NA 33 29.03 -18.09 99.93
N ILE NA 34 29.08 -17.42 98.76
CA ILE NA 34 28.94 -18.16 97.47
C ILE NA 34 30.28 -18.84 97.10
N LEU NA 35 31.37 -18.14 97.23
CA LEU NA 35 32.76 -18.69 97.26
C LEU NA 35 33.19 -18.98 98.70
N LYS NA 36 32.37 -18.68 99.71
CA LYS NA 36 32.54 -19.17 101.11
C LYS NA 36 33.90 -18.73 101.66
N ARG NA 37 34.18 -17.43 101.58
CA ARG NA 37 35.44 -16.82 102.10
C ARG NA 37 35.14 -15.49 102.77
N PRO NA 38 35.64 -15.21 103.99
CA PRO NA 38 35.21 -14.03 104.74
C PRO NA 38 35.35 -12.68 104.02
N PRO NA 39 34.28 -11.84 104.09
CA PRO NA 39 34.10 -10.73 103.13
C PRO NA 39 35.20 -9.66 103.20
N ASP NA 40 35.76 -9.40 104.38
CA ASP NA 40 36.55 -8.17 104.67
C ASP NA 40 38.00 -8.33 104.20
N GLU NA 41 38.42 -9.55 103.86
CA GLU NA 41 39.76 -9.87 103.28
C GLU NA 41 39.60 -10.19 101.81
N GLN NA 42 38.58 -9.63 101.17
CA GLN NA 42 38.36 -9.66 99.70
C GLN NA 42 38.61 -8.23 99.17
N ARG NA 43 39.84 -7.96 98.77
CA ARG NA 43 40.14 -6.84 97.84
C ARG NA 43 39.91 -7.44 96.44
N LEU NA 44 39.27 -6.71 95.58
CA LEU NA 44 39.13 -7.09 94.14
C LEU NA 44 39.60 -5.89 93.35
N TYR NA 45 40.53 -6.11 92.42
CA TYR NA 45 41.20 -5.03 91.66
C TYR NA 45 40.79 -5.08 90.19
N LYS NA 46 40.52 -3.92 89.60
CA LYS NA 46 39.92 -3.98 88.24
C LYS NA 46 40.93 -4.70 87.36
N ASP NA 47 42.17 -4.34 87.58
CA ASP NA 47 43.32 -5.02 86.96
C ASP NA 47 43.99 -5.41 88.26
N ASP NA 48 44.67 -4.43 88.79
CA ASP NA 48 45.26 -4.47 90.14
C ASP NA 48 44.90 -3.12 90.72
N GLN NA 49 43.93 -2.43 90.12
CA GLN NA 49 43.53 -1.07 90.55
C GLN NA 49 42.72 -1.14 91.85
N LEU NA 50 43.23 -0.55 92.93
CA LEU NA 50 42.80 -0.90 94.31
C LEU NA 50 41.41 -0.32 94.57
N LEU NA 51 40.52 -1.07 95.19
CA LEU NA 51 39.07 -0.72 95.22
C LEU NA 51 38.71 -0.50 96.67
N ASP NA 52 38.10 0.65 97.00
CA ASP NA 52 37.47 0.93 98.32
C ASP NA 52 36.17 0.12 98.41
N ASP NA 53 35.95 -0.56 99.54
CA ASP NA 53 34.78 -1.46 99.73
C ASP NA 53 33.48 -0.66 99.50
N GLY NA 54 33.47 0.67 99.58
CA GLY NA 54 32.24 1.44 99.80
C GLY NA 54 31.64 2.08 98.58
N LYS NA 55 32.26 1.99 97.39
CA LYS NA 55 31.89 2.89 96.24
C LYS NA 55 30.64 2.36 95.51
N THR NA 56 29.87 3.24 94.89
CA THR NA 56 28.69 2.98 94.04
C THR NA 56 29.10 2.32 92.71
N LEU NA 57 28.35 1.30 92.28
CA LEU NA 57 28.66 0.60 91.01
C LEU NA 57 28.50 1.51 89.81
N GLY NA 58 27.52 2.39 89.76
CA GLY NA 58 27.38 3.35 88.63
C GLY NA 58 28.65 4.18 88.45
N GLU NA 59 29.06 4.81 89.55
CA GLU NA 59 30.25 5.72 89.59
C GLU NA 59 31.53 4.89 89.42
N CYS NA 60 31.52 3.64 89.89
CA CYS NA 60 32.65 2.67 89.78
C CYS NA 60 32.83 2.25 88.31
N GLY NA 61 31.77 2.28 87.52
CA GLY NA 61 31.69 1.78 86.15
C GLY NA 61 30.36 1.10 85.95
N PHE NA 62 30.28 0.02 85.17
CA PHE NA 62 29.04 -0.76 84.93
C PHE NA 62 27.92 0.11 84.31
N THR NA 63 28.32 0.91 83.34
CA THR NA 63 27.39 1.80 82.57
C THR NA 63 26.30 0.93 81.96
N SER NA 64 25.10 1.48 81.73
CA SER NA 64 23.97 0.77 81.06
C SER NA 64 24.42 0.29 79.67
N GLN NA 65 25.25 1.10 78.99
CA GLN NA 65 25.87 0.79 77.68
C GLN NA 65 27.20 0.06 77.87
N THR NA 66 27.50 -0.46 79.05
CA THR NA 66 28.67 -1.35 79.36
C THR NA 66 28.08 -2.36 80.34
N ALA NA 67 28.85 -3.32 80.84
CA ALA NA 67 28.41 -4.39 81.77
C ALA NA 67 26.97 -4.84 81.46
N ARG NA 68 26.70 -5.09 80.18
CA ARG NA 68 25.42 -5.56 79.61
C ARG NA 68 25.22 -7.04 79.91
N PRO NA 69 23.98 -7.55 79.97
CA PRO NA 69 23.73 -8.96 80.32
C PRO NA 69 24.46 -10.00 79.46
N GLN NA 70 24.56 -9.69 78.18
CA GLN NA 70 25.08 -10.47 77.03
C GLN NA 70 26.59 -10.23 76.86
N ALA NA 71 27.10 -9.14 77.44
CA ALA NA 71 28.52 -8.74 77.37
C ALA NA 71 28.97 -8.30 78.75
N PRO NA 72 28.93 -9.21 79.76
CA PRO NA 72 29.16 -8.79 81.14
C PRO NA 72 30.58 -8.24 81.30
N ALA NA 73 30.71 -7.16 82.07
CA ALA NA 73 32.00 -6.44 82.27
C ALA NA 73 32.83 -7.27 83.25
N THR NA 74 34.14 -7.37 83.01
CA THR NA 74 34.99 -8.43 83.62
C THR NA 74 35.85 -7.80 84.71
N VAL NA 75 35.67 -8.22 85.97
CA VAL NA 75 36.75 -7.88 86.98
C VAL NA 75 37.23 -9.05 87.81
N ALA NA 78 41.60 -10.80 94.48
CA ALA NA 78 42.70 -11.64 94.98
C ALA NA 78 42.12 -12.75 95.86
N PHE NA 79 42.68 -13.96 95.75
CA PHE NA 79 42.44 -15.10 96.69
C PHE NA 79 43.57 -15.12 97.73
N ARG NA 80 43.25 -14.60 98.91
CA ARG NA 80 44.22 -14.34 99.98
C ARG NA 80 44.35 -15.54 100.92
N ALA NA 81 45.58 -15.91 101.24
CA ALA NA 81 45.85 -16.90 102.29
C ALA NA 81 46.18 -16.21 103.62
N ASP NA 82 46.48 -16.99 104.65
CA ASP NA 82 46.88 -16.45 105.97
C ASP NA 82 48.09 -15.53 105.79
N ASP NA 83 49.05 -15.92 104.94
CA ASP NA 83 50.33 -15.18 104.83
C ASP NA 83 50.19 -13.89 103.99
N THR NA 84 49.47 -13.90 102.89
CA THR NA 84 49.43 -12.75 101.97
C THR NA 84 48.38 -12.94 100.88
N PHE NA 85 48.15 -11.88 100.11
CA PHE NA 85 47.30 -11.85 98.89
C PHE NA 85 48.18 -12.19 97.68
N GLU NA 86 47.85 -13.25 96.97
CA GLU NA 86 48.60 -13.59 95.73
C GLU NA 86 48.28 -12.52 94.71
N ALA NA 87 49.13 -12.37 93.70
CA ALA NA 87 48.89 -11.57 92.49
C ALA NA 87 47.61 -12.06 91.79
N LEU NA 88 46.85 -11.13 91.23
CA LEU NA 88 45.55 -11.49 90.63
C LEU NA 88 45.85 -12.32 89.39
N CYS NA 89 45.46 -13.59 89.41
CA CYS NA 89 45.73 -14.52 88.29
C CYS NA 89 44.43 -14.77 87.54
N ILE NA 90 44.30 -14.25 86.32
CA ILE NA 90 43.08 -14.41 85.47
C ILE NA 90 43.51 -15.20 84.22
N GLU NA 91 43.35 -16.52 84.25
CA GLU NA 91 43.79 -17.42 83.16
C GLU NA 91 42.96 -17.06 81.95
N PRO NA 92 43.56 -16.74 80.78
CA PRO NA 92 42.78 -16.42 79.58
C PRO NA 92 41.91 -17.59 79.08
N PHE NA 93 40.75 -17.26 78.49
CA PHE NA 93 39.85 -18.28 77.90
C PHE NA 93 40.45 -18.83 76.61
N SER NA 94 40.03 -20.01 76.19
CA SER NA 94 40.62 -20.70 75.01
C SER NA 94 40.45 -19.85 73.75
N SER NA 95 41.48 -19.75 72.90
CA SER NA 95 41.48 -18.79 71.75
C SER NA 95 40.76 -19.45 70.61
N PRO NA 96 40.08 -18.68 69.72
CA PRO NA 96 39.40 -19.26 68.56
C PRO NA 96 40.38 -19.48 67.42
N PRO NA 97 40.18 -20.55 66.61
CA PRO NA 97 41.05 -20.82 65.48
C PRO NA 97 40.92 -19.72 64.42
N GLU NA 98 42.00 -19.47 63.68
CA GLU NA 98 42.09 -18.47 62.59
C GLU NA 98 40.80 -18.52 61.76
N LEU NA 99 40.31 -17.34 61.37
CA LEU NA 99 38.98 -17.19 60.71
C LEU NA 99 38.93 -18.05 59.45
N PRO NA 100 38.03 -19.05 59.36
CA PRO NA 100 37.95 -19.93 58.20
C PRO NA 100 37.74 -19.15 56.89
N ASP NA 101 38.32 -19.61 55.80
CA ASP NA 101 38.33 -18.94 54.48
C ASP NA 101 36.87 -18.68 54.05
N VAL NA 102 35.97 -19.59 54.46
CA VAL NA 102 34.59 -19.58 53.92
C VAL NA 102 33.86 -18.36 54.47
N MET NA 103 34.22 -17.84 55.64
CA MET NA 103 33.53 -16.68 56.26
C MET NA 103 34.21 -15.34 55.93
N LYS NA 104 35.12 -15.30 54.96
CA LYS NA 104 35.77 -14.04 54.50
C LYS NA 104 34.96 -13.43 53.36
#